data_6KXS
#
_entry.id   6KXS
#
_cell.length_a   1.00
_cell.length_b   1.00
_cell.length_c   1.00
_cell.angle_alpha   90.00
_cell.angle_beta   90.00
_cell.angle_gamma   90.00
#
_symmetry.space_group_name_H-M   'P 1'
#
loop_
_entity.id
_entity.type
_entity.pdbx_description
1 polymer 'Immunoglobulin heavy constant mu'
2 polymer 'Immunoglobulin J chain'
3 polymer 'Polymeric immunoglobulin receptor'
4 branched 2-acetamido-2-deoxy-beta-D-glucopyranose-(1-4)-2-acetamido-2-deoxy-beta-D-glucopyranose
5 non-polymer 2-acetamido-2-deoxy-beta-D-glucopyranose
#
loop_
_entity_poly.entity_id
_entity_poly.type
_entity_poly.pdbx_seq_one_letter_code
_entity_poly.pdbx_strand_id
1 'polypeptide(L)'
;ASAWSHPQFEKGGGSGGGSGGSAWSHPQFEKIDTTIAELPPKVSVFVPPRDGFFGNPRKSKLICQATGFSPRQIQVSWLR
EGKQVGSGVTTDQVQAEAKESGPTTYKVTSTLTIKESDWLGQSMFTCRVDHRGLTFQQNASSMCVPDQDTAIRVFAIPPS
FASIFLTKSTKLTCLVTDLTTYDSVTISWTRQNGEAVKTHTNISESHPNATFSAVGEASICEDDWNSGERFTCTVTHTDL
PSPLKQTISRPKGVALHRPDVYLLPPAREQLNLRESATITCLVTGFSPADVFVQWMQRGQPLSPEKYVTSAPMPEPQAPG
RYFAHSILTVSEEEWNTGETYTCVVAHEALPNRVTERTVDKSTGKPTLYNVSLVMSDTAGTCY
;
A,B,C,D,E,F,G,H,K,L
2 'polypeptide(L)'
;EDERIVLVDNKCKCARITSRIIRSSEDPNEDIVERNIRIIVPLNNRENISDPTSPLRTRFVYHLSDLCKKCDPTEVELDN
QIVTATQSNICDEDSATETCYTYDRNKCYTAVVPLVYGGETKMVETALTPDACYPD
;
J
3 'polypeptide(L)'
;KSPIFGPEEVNSVEGNSVSITCYYPPTSVNRHTRKYWCRQGARGGCITLISSEGYVSSKYAGRANLTNFPENGTFVVNIA
QLSQDDSGRYKCGLGINSRGLSFDVSLEVSQGPGLLNDTKVYTVDLGRTVTINCPFKTENAQKRKSLYKQIGLYPVLVID
SSGYVNPNYTGRIRLDIQGTGQLLFSVVINQLRLSDAGQYLCQAGDDSNSNKKNADLQVLKPEPELVYEDLRGSVTFHCA
LGPEVANVAKFLCRQSSGENCDVVVNTLGKRAPAFEGRILLNPQDKDGSFSVVITGLRKEDAGRYLCGAHSDGQLQEGSP
IQAWQLFVNEESTIPRSPTVVKGVAGGSVAVLCPYNRKESKSIKYWCLWEGAQNGRCPLLVDSEGWVKAQYEGRLSLLEE
PGNGTFTVILNQLTSRDAGFYWCLTNGDTLWRTTVEIKIIEGEPNLKVPGNVTAVLGETLKVPCHFPCKFSSYEKYWCKW
NNTGCQALPSQDEGPSKAFVNCDENSRLVSLTLNLVTRADEGWYWCGVKQGHFYGETAAVYVAVEERHHHHHHHH
;
P
#
loop_
_chem_comp.id
_chem_comp.type
_chem_comp.name
_chem_comp.formula
NAG D-saccharide, beta linking 2-acetamido-2-deoxy-beta-D-glucopyranose 'C8 H15 N O6'
#
# COMPACT_ATOMS: atom_id res chain seq x y z
N ILE A 152 -35.91 -59.61 29.93
CA ILE A 152 -35.29 -60.71 29.19
C ILE A 152 -35.19 -60.26 27.74
N ARG A 153 -34.22 -59.37 27.49
CA ARG A 153 -34.00 -58.78 26.19
C ARG A 153 -32.80 -59.45 25.51
N VAL A 154 -32.39 -58.89 24.38
CA VAL A 154 -31.27 -59.40 23.62
C VAL A 154 -30.65 -58.25 22.83
N PHE A 155 -29.34 -58.23 22.75
CA PHE A 155 -28.59 -57.30 21.93
C PHE A 155 -27.73 -58.07 20.94
N ALA A 156 -27.54 -57.53 19.75
CA ALA A 156 -26.70 -58.14 18.74
C ALA A 156 -25.66 -57.14 18.26
N ILE A 157 -24.38 -57.53 18.32
CA ILE A 157 -23.24 -56.66 18.10
C ILE A 157 -22.49 -57.11 16.86
N PRO A 158 -22.76 -56.51 15.69
CA PRO A 158 -21.96 -56.79 14.52
C PRO A 158 -20.63 -56.07 14.63
N PRO A 159 -19.61 -56.48 13.86
CA PRO A 159 -18.31 -55.83 14.03
C PRO A 159 -18.25 -54.45 13.40
N SER A 160 -17.65 -53.51 14.12
CA SER A 160 -17.38 -52.21 13.55
C SER A 160 -16.24 -52.32 12.56
N PHE A 161 -16.12 -51.32 11.68
CA PHE A 161 -14.97 -51.29 10.77
C PHE A 161 -13.70 -51.02 11.55
N ALA A 162 -13.78 -50.26 12.62
CA ALA A 162 -12.57 -50.02 13.38
C ALA A 162 -12.30 -51.10 14.40
N SER A 163 -12.97 -52.22 14.30
CA SER A 163 -12.54 -53.46 14.91
C SER A 163 -12.03 -54.47 13.90
N ILE A 164 -12.55 -54.42 12.68
CA ILE A 164 -11.97 -55.15 11.57
C ILE A 164 -10.57 -54.64 11.27
N PHE A 165 -10.46 -53.35 10.92
CA PHE A 165 -9.19 -52.79 10.45
C PHE A 165 -8.16 -52.72 11.55
N LEU A 166 -8.57 -52.56 12.78
CA LEU A 166 -7.63 -52.21 13.82
C LEU A 166 -7.15 -53.38 14.62
N THR A 167 -7.85 -54.52 14.59
CA THR A 167 -7.36 -55.73 15.22
C THR A 167 -7.29 -56.94 14.30
N LYS A 168 -7.77 -56.84 13.05
CA LYS A 168 -7.73 -57.91 12.04
C LYS A 168 -8.46 -59.17 12.53
N SER A 169 -9.55 -58.94 13.24
CA SER A 169 -10.22 -59.95 14.04
C SER A 169 -11.73 -59.83 13.90
N THR A 170 -12.26 -59.94 12.68
CA THR A 170 -13.67 -59.64 12.41
C THR A 170 -14.63 -60.65 13.04
N LYS A 171 -14.63 -60.65 14.37
CA LYS A 171 -15.50 -61.46 15.20
C LYS A 171 -16.77 -60.68 15.52
N LEU A 172 -17.84 -61.40 15.72
CA LEU A 172 -19.16 -60.79 15.88
C LEU A 172 -19.86 -61.48 17.03
N THR A 173 -20.59 -60.70 17.83
CA THR A 173 -21.17 -61.25 19.03
C THR A 173 -22.65 -60.90 19.11
N CYS A 174 -23.34 -61.55 20.03
CA CYS A 174 -24.62 -61.05 20.50
C CYS A 174 -24.72 -61.31 21.99
N LEU A 175 -25.00 -60.26 22.74
CA LEU A 175 -25.07 -60.29 24.19
C LEU A 175 -26.50 -60.45 24.62
N VAL A 176 -26.72 -61.31 25.61
CA VAL A 176 -28.03 -61.46 26.21
C VAL A 176 -27.97 -60.89 27.61
N THR A 177 -28.74 -59.83 27.84
CA THR A 177 -28.92 -59.22 29.13
C THR A 177 -30.42 -59.00 29.33
N ASP A 178 -30.77 -58.45 30.49
CA ASP A 178 -32.11 -58.23 31.08
C ASP A 178 -32.71 -59.56 31.54
N LEU A 179 -32.07 -60.70 31.25
CA LEU A 179 -32.71 -61.97 31.52
C LEU A 179 -32.59 -62.30 33.00
N THR A 180 -33.38 -63.29 33.39
CA THR A 180 -33.33 -63.87 34.71
C THR A 180 -32.06 -64.69 34.85
N THR A 181 -31.53 -64.71 36.06
CA THR A 181 -30.25 -65.36 36.35
C THR A 181 -30.46 -66.86 36.39
N TYR A 182 -30.59 -67.45 35.20
CA TYR A 182 -30.75 -68.88 35.03
C TYR A 182 -29.52 -69.38 34.26
N ASP A 183 -29.55 -70.67 33.91
CA ASP A 183 -28.49 -71.30 33.13
C ASP A 183 -29.14 -72.00 31.94
N SER A 184 -28.39 -72.93 31.35
CA SER A 184 -28.69 -73.58 30.07
C SER A 184 -28.73 -72.54 28.96
N VAL A 185 -27.58 -71.89 28.78
CA VAL A 185 -27.38 -70.94 27.71
C VAL A 185 -26.81 -71.67 26.50
N THR A 186 -27.44 -71.46 25.34
CA THR A 186 -26.93 -71.92 24.05
C THR A 186 -27.17 -70.78 23.07
N ILE A 187 -26.08 -70.14 22.66
CA ILE A 187 -26.14 -68.96 21.80
C ILE A 187 -25.41 -69.34 20.52
N SER A 188 -26.13 -69.89 19.55
CA SER A 188 -25.51 -70.47 18.36
C SER A 188 -25.61 -69.50 17.20
N TRP A 189 -24.49 -69.27 16.53
CA TRP A 189 -24.45 -68.41 15.37
C TRP A 189 -24.63 -69.25 14.11
N THR A 190 -25.63 -68.91 13.31
CA THR A 190 -26.00 -69.66 12.13
C THR A 190 -26.09 -68.74 10.92
N ARG A 191 -25.68 -69.24 9.76
CA ARG A 191 -25.67 -68.46 8.55
C ARG A 191 -27.08 -68.40 7.94
N GLN A 192 -27.14 -67.94 6.69
CA GLN A 192 -28.42 -67.88 5.99
C GLN A 192 -28.89 -69.26 5.57
N ASN A 193 -27.97 -70.19 5.34
CA ASN A 193 -28.29 -71.56 4.98
C ASN A 193 -28.44 -72.45 6.21
N GLY A 194 -28.71 -71.86 7.38
CA GLY A 194 -28.84 -72.59 8.61
C GLY A 194 -27.57 -73.15 9.21
N GLU A 195 -26.48 -73.24 8.43
CA GLU A 195 -25.30 -73.97 8.86
C GLU A 195 -24.58 -73.28 10.01
N ALA A 196 -23.83 -74.07 10.75
CA ALA A 196 -23.19 -73.62 11.97
C ALA A 196 -21.80 -73.04 11.68
N VAL A 197 -21.31 -72.26 12.64
CA VAL A 197 -19.99 -71.66 12.56
C VAL A 197 -19.23 -72.14 13.79
N LYS A 198 -17.99 -71.64 13.97
CA LYS A 198 -17.20 -71.97 15.16
C LYS A 198 -17.87 -71.47 16.44
N THR A 199 -17.48 -72.08 17.55
CA THR A 199 -18.07 -71.83 18.86
C THR A 199 -17.44 -70.59 19.50
N HIS A 200 -17.60 -70.46 20.81
CA HIS A 200 -17.16 -69.31 21.56
C HIS A 200 -16.67 -69.76 22.92
N THR A 201 -16.21 -68.79 23.72
CA THR A 201 -15.89 -69.02 25.12
C THR A 201 -16.22 -67.74 25.88
N ASN A 202 -15.90 -67.73 27.17
CA ASN A 202 -16.01 -66.58 28.09
C ASN A 202 -17.45 -66.06 28.17
N ILE A 203 -18.34 -67.01 28.46
CA ILE A 203 -19.71 -66.65 28.80
C ILE A 203 -19.74 -66.09 30.21
N SER A 204 -20.16 -64.84 30.34
CA SER A 204 -19.85 -64.07 31.53
C SER A 204 -20.77 -64.42 32.68
N GLU A 205 -20.76 -63.57 33.70
CA GLU A 205 -21.40 -63.82 34.99
C GLU A 205 -22.76 -63.11 34.99
N SER A 206 -23.51 -63.31 36.06
CA SER A 206 -24.67 -62.48 36.32
C SER A 206 -24.23 -61.16 36.92
N HIS A 207 -25.19 -60.30 37.20
CA HIS A 207 -24.77 -59.01 37.72
C HIS A 207 -24.77 -59.06 39.23
N PRO A 208 -24.05 -58.12 39.87
CA PRO A 208 -24.38 -57.77 41.25
C PRO A 208 -25.85 -57.40 41.43
N ASN A 209 -26.41 -56.73 40.44
CA ASN A 209 -27.76 -56.22 40.25
C ASN A 209 -28.74 -57.26 39.75
N ALA A 210 -28.28 -58.51 39.73
CA ALA A 210 -29.12 -59.71 39.57
C ALA A 210 -29.81 -59.75 38.21
N THR A 211 -29.11 -59.30 37.17
CA THR A 211 -29.56 -59.52 35.80
C THR A 211 -28.40 -60.07 34.98
N PHE A 212 -28.61 -61.24 34.41
CA PHE A 212 -27.51 -62.01 33.84
C PHE A 212 -27.02 -61.34 32.55
N SER A 213 -25.73 -61.51 32.29
CA SER A 213 -25.06 -60.94 31.13
C SER A 213 -24.19 -62.00 30.49
N ALA A 214 -24.48 -62.31 29.22
CA ALA A 214 -23.69 -63.31 28.52
C ALA A 214 -23.40 -62.81 27.12
N VAL A 215 -22.37 -63.37 26.50
CA VAL A 215 -21.81 -62.85 25.26
C VAL A 215 -21.54 -64.02 24.31
N GLY A 216 -22.24 -64.05 23.18
CA GLY A 216 -22.11 -65.16 22.25
C GLY A 216 -21.37 -64.79 20.99
N GLU A 217 -20.15 -65.30 20.87
CA GLU A 217 -19.13 -64.86 19.93
C GLU A 217 -18.99 -65.84 18.76
N ALA A 218 -18.52 -65.32 17.63
CA ALA A 218 -18.06 -66.15 16.52
C ALA A 218 -17.05 -65.36 15.74
N SER A 219 -16.21 -66.02 14.95
CA SER A 219 -15.26 -65.35 14.08
C SER A 219 -15.52 -65.80 12.64
N ILE A 220 -15.60 -64.84 11.72
CA ILE A 220 -15.89 -65.11 10.32
C ILE A 220 -14.65 -64.60 9.58
N CYS A 221 -14.67 -64.58 8.26
CA CYS A 221 -13.67 -63.93 7.43
C CYS A 221 -14.23 -62.62 6.88
N GLU A 222 -13.33 -61.78 6.37
CA GLU A 222 -13.71 -60.43 5.93
C GLU A 222 -14.51 -60.46 4.65
N ASP A 223 -14.13 -61.33 3.71
CA ASP A 223 -14.80 -61.39 2.42
C ASP A 223 -16.21 -61.96 2.56
N ASP A 224 -16.43 -62.79 3.60
CA ASP A 224 -17.77 -63.29 3.87
C ASP A 224 -18.67 -62.16 4.36
N TRP A 225 -18.11 -61.30 5.21
CA TRP A 225 -18.89 -60.25 5.84
C TRP A 225 -19.24 -59.16 4.84
N ASN A 226 -18.30 -58.81 3.95
CA ASN A 226 -18.58 -57.74 3.01
C ASN A 226 -19.58 -58.12 1.93
N SER A 227 -19.86 -59.40 1.75
CA SER A 227 -20.80 -59.81 0.72
C SER A 227 -22.25 -59.79 1.17
N GLY A 228 -22.54 -59.27 2.37
CA GLY A 228 -23.91 -59.12 2.81
C GLY A 228 -24.62 -60.40 3.15
N GLU A 229 -23.92 -61.42 3.64
CA GLU A 229 -24.56 -62.65 4.08
C GLU A 229 -25.38 -62.39 5.34
N ARG A 230 -26.44 -63.15 5.52
CA ARG A 230 -27.29 -63.02 6.70
C ARG A 230 -26.77 -63.92 7.80
N PHE A 231 -26.44 -63.36 8.95
CA PHE A 231 -26.02 -64.14 10.11
C PHE A 231 -27.06 -63.98 11.21
N THR A 232 -27.22 -65.00 12.05
CA THR A 232 -28.33 -65.08 12.99
C THR A 232 -27.91 -65.83 14.24
N CYS A 233 -27.99 -65.19 15.40
CA CYS A 233 -27.75 -65.91 16.65
C CYS A 233 -29.08 -66.35 17.24
N THR A 234 -29.14 -67.62 17.63
CA THR A 234 -30.35 -68.19 18.21
C THR A 234 -30.16 -68.45 19.71
N VAL A 235 -30.99 -67.81 20.50
CA VAL A 235 -30.94 -67.92 21.95
C VAL A 235 -32.00 -68.92 22.42
N THR A 236 -31.54 -69.94 23.14
CA THR A 236 -32.39 -71.06 23.59
C THR A 236 -32.34 -71.00 25.12
N HIS A 237 -33.29 -70.30 25.72
CA HIS A 237 -33.38 -70.19 27.16
C HIS A 237 -34.60 -70.92 27.68
N THR A 238 -34.57 -71.23 28.98
CA THR A 238 -35.72 -71.83 29.64
C THR A 238 -36.87 -70.84 29.80
N ASP A 239 -36.57 -69.53 29.88
CA ASP A 239 -37.61 -68.54 30.07
C ASP A 239 -38.40 -68.31 28.78
N LEU A 240 -37.70 -67.98 27.70
CA LEU A 240 -38.37 -67.73 26.42
C LEU A 240 -38.60 -69.03 25.68
N PRO A 241 -39.84 -69.44 25.45
CA PRO A 241 -40.08 -70.76 24.86
C PRO A 241 -39.80 -70.82 23.36
N SER A 242 -39.56 -69.68 22.71
CA SER A 242 -39.15 -69.67 21.31
C SER A 242 -37.68 -69.27 21.23
N PRO A 243 -36.78 -70.13 20.72
CA PRO A 243 -35.36 -69.78 20.69
C PRO A 243 -35.09 -68.70 19.66
N LEU A 244 -34.90 -67.45 20.11
CA LEU A 244 -35.05 -66.31 19.23
C LEU A 244 -33.87 -66.16 18.29
N LYS A 245 -34.13 -65.49 17.17
CA LYS A 245 -33.11 -65.14 16.19
C LYS A 245 -32.87 -63.65 16.27
N GLN A 246 -31.60 -63.26 16.32
CA GLN A 246 -31.21 -61.88 16.09
C GLN A 246 -30.40 -61.82 14.81
N THR A 247 -30.88 -61.07 13.83
CA THR A 247 -30.33 -61.10 12.48
C THR A 247 -29.39 -59.91 12.27
N ILE A 248 -28.27 -60.18 11.58
CA ILE A 248 -27.15 -59.28 11.42
C ILE A 248 -26.66 -59.37 9.98
N SER A 249 -26.58 -58.22 9.30
CA SER A 249 -26.05 -58.18 7.95
C SER A 249 -25.44 -56.82 7.70
N ARG A 250 -24.29 -56.82 7.03
CA ARG A 250 -23.67 -55.60 6.52
C ARG A 250 -24.38 -55.18 5.25
N PRO A 251 -25.20 -54.15 5.29
CA PRO A 251 -26.13 -53.92 4.17
C PRO A 251 -25.48 -53.38 2.92
N LYS A 252 -25.55 -54.16 1.84
CA LYS A 252 -24.86 -53.82 0.61
C LYS A 252 -25.57 -52.70 -0.12
N GLY A 253 -24.81 -52.03 -1.00
CA GLY A 253 -25.35 -51.01 -1.88
C GLY A 253 -25.20 -49.58 -1.42
N VAL A 254 -24.37 -49.31 -0.41
CA VAL A 254 -24.18 -47.95 0.09
C VAL A 254 -22.83 -47.45 -0.40
N ALA A 255 -22.77 -46.15 -0.67
CA ALA A 255 -21.58 -45.55 -1.22
C ALA A 255 -20.60 -45.24 -0.10
N LEU A 256 -19.36 -44.99 -0.47
CA LEU A 256 -18.34 -44.52 0.45
C LEU A 256 -18.16 -43.03 0.22
N HIS A 257 -18.07 -42.26 1.29
CA HIS A 257 -17.81 -40.84 1.16
C HIS A 257 -16.87 -40.45 2.27
N ARG A 258 -16.21 -39.41 2.08
CA ARG A 258 -15.10 -39.16 2.95
C ARG A 258 -15.48 -38.19 4.04
N PRO A 259 -15.19 -38.47 5.31
CA PRO A 259 -15.56 -37.54 6.38
C PRO A 259 -14.67 -36.31 6.38
N ASP A 260 -15.26 -35.15 6.50
CA ASP A 260 -14.51 -33.91 6.60
C ASP A 260 -14.42 -33.55 8.06
N VAL A 261 -13.24 -33.58 8.66
CA VAL A 261 -13.08 -33.46 10.10
C VAL A 261 -12.70 -32.04 10.44
N TYR A 262 -13.59 -31.23 11.00
CA TYR A 262 -13.23 -29.90 11.44
C TYR A 262 -13.29 -29.83 12.94
N LEU A 263 -12.32 -29.20 13.56
CA LEU A 263 -12.13 -29.29 14.99
C LEU A 263 -12.26 -27.90 15.58
N LEU A 264 -13.30 -27.66 16.37
CA LEU A 264 -13.74 -26.35 16.83
C LEU A 264 -13.23 -26.09 18.23
N PRO A 265 -12.64 -24.92 18.50
CA PRO A 265 -12.04 -24.65 19.79
C PRO A 265 -13.05 -24.02 20.75
N PRO A 266 -12.77 -24.02 22.05
CA PRO A 266 -13.79 -23.60 23.01
C PRO A 266 -14.06 -22.12 23.01
N ALA A 267 -15.33 -21.79 23.28
CA ALA A 267 -15.86 -20.46 23.06
C ALA A 267 -15.22 -19.48 24.01
N ARG A 268 -15.12 -18.21 23.61
CA ARG A 268 -14.44 -17.30 24.51
C ARG A 268 -15.43 -16.72 25.49
N GLU A 269 -16.67 -17.18 25.45
CA GLU A 269 -17.62 -16.98 26.53
C GLU A 269 -17.44 -18.01 27.64
N GLN A 270 -16.76 -19.12 27.36
CA GLN A 270 -16.53 -20.23 28.27
C GLN A 270 -15.19 -20.13 28.96
N LEU A 271 -14.21 -19.52 28.33
CA LEU A 271 -12.95 -19.32 28.99
C LEU A 271 -12.95 -18.04 29.81
N ASN A 272 -14.00 -17.78 30.55
CA ASN A 272 -14.06 -16.59 31.36
C ASN A 272 -14.45 -17.04 32.76
N LEU A 273 -15.12 -18.17 32.81
CA LEU A 273 -15.52 -18.76 34.07
C LEU A 273 -14.35 -19.45 34.76
N ARG A 274 -13.25 -19.67 34.02
CA ARG A 274 -12.02 -20.31 34.49
C ARG A 274 -12.26 -21.70 35.04
N GLU A 275 -13.30 -22.38 34.58
CA GLU A 275 -13.64 -23.69 35.08
C GLU A 275 -13.32 -24.79 34.07
N SER A 276 -13.90 -24.71 32.87
CA SER A 276 -13.70 -25.79 31.91
C SER A 276 -13.78 -25.22 30.51
N ALA A 277 -13.26 -26.00 29.56
CA ALA A 277 -13.24 -25.66 28.14
C ALA A 277 -13.56 -26.92 27.36
N THR A 278 -14.33 -26.81 26.30
CA THR A 278 -14.84 -27.99 25.61
C THR A 278 -14.54 -27.89 24.12
N ILE A 279 -13.74 -28.83 23.61
CA ILE A 279 -13.30 -28.82 22.22
C ILE A 279 -14.11 -29.87 21.46
N THR A 280 -14.65 -29.49 20.31
CA THR A 280 -15.67 -30.32 19.65
C THR A 280 -15.19 -30.76 18.27
N CYS A 281 -14.73 -31.99 18.15
CA CYS A 281 -14.40 -32.53 16.84
C CYS A 281 -15.68 -32.78 16.11
N LEU A 282 -15.74 -32.45 14.81
CA LEU A 282 -16.99 -32.50 14.08
C LEU A 282 -16.74 -33.19 12.74
N VAL A 283 -17.21 -34.43 12.64
CA VAL A 283 -16.90 -35.30 11.53
C VAL A 283 -17.99 -35.25 10.48
N THR A 284 -17.96 -34.27 9.60
CA THR A 284 -19.15 -34.00 8.80
C THR A 284 -19.17 -34.93 7.62
N GLY A 285 -20.37 -35.22 7.16
CA GLY A 285 -20.65 -35.65 5.82
C GLY A 285 -20.13 -36.96 5.32
N PHE A 286 -20.20 -38.05 6.08
CA PHE A 286 -19.63 -39.29 5.58
C PHE A 286 -20.69 -40.33 5.39
N SER A 287 -20.26 -41.49 4.94
CA SER A 287 -21.13 -42.61 4.70
C SER A 287 -20.28 -43.86 4.61
N PRO A 288 -20.70 -44.98 5.18
CA PRO A 288 -21.83 -45.41 5.99
C PRO A 288 -21.63 -44.95 7.42
N ALA A 289 -22.25 -45.58 8.39
CA ALA A 289 -22.07 -45.14 9.77
C ALA A 289 -20.72 -45.54 10.32
N ASP A 290 -20.59 -45.50 11.63
CA ASP A 290 -19.43 -46.02 12.37
C ASP A 290 -18.13 -45.30 12.02
N VAL A 291 -18.05 -44.05 12.42
CA VAL A 291 -16.77 -43.39 12.55
C VAL A 291 -16.26 -43.78 13.91
N PHE A 292 -14.98 -43.58 14.16
CA PHE A 292 -14.33 -43.97 15.40
C PHE A 292 -13.46 -42.79 15.80
N VAL A 293 -14.02 -41.84 16.48
CA VAL A 293 -13.27 -40.68 16.91
C VAL A 293 -12.52 -41.05 18.17
N GLN A 294 -11.27 -40.67 18.26
CA GLN A 294 -10.63 -40.66 19.57
C GLN A 294 -9.67 -39.48 19.62
N TRP A 295 -9.26 -39.11 20.81
CA TRP A 295 -8.50 -37.90 20.95
C TRP A 295 -7.13 -38.24 21.48
N MET A 296 -6.20 -37.31 21.32
CA MET A 296 -4.88 -37.44 21.90
C MET A 296 -4.45 -36.07 22.38
N GLN A 297 -3.76 -36.04 23.51
CA GLN A 297 -3.17 -34.81 24.04
C GLN A 297 -1.67 -34.99 24.09
N ARG A 298 -0.95 -34.18 23.29
CA ARG A 298 0.52 -34.16 23.25
C ARG A 298 1.09 -35.55 22.94
N GLY A 299 0.64 -36.12 21.83
CA GLY A 299 1.13 -37.42 21.40
C GLY A 299 0.76 -38.61 22.26
N GLN A 300 -0.08 -38.44 23.24
CA GLN A 300 -0.48 -39.51 24.10
C GLN A 300 -2.00 -39.64 24.11
N PRO A 301 -2.53 -40.86 24.03
CA PRO A 301 -3.98 -41.04 23.86
C PRO A 301 -4.72 -40.76 25.16
N LEU A 302 -5.74 -39.90 25.08
CA LEU A 302 -6.46 -39.52 26.27
C LEU A 302 -7.37 -40.64 26.69
N SER A 303 -7.80 -40.58 27.94
CA SER A 303 -8.57 -41.66 28.52
C SER A 303 -10.02 -41.53 28.12
N PRO A 304 -10.74 -42.62 27.93
CA PRO A 304 -12.11 -42.53 27.39
C PRO A 304 -13.16 -41.97 28.34
N GLU A 305 -12.75 -41.56 29.53
CA GLU A 305 -13.65 -40.91 30.45
C GLU A 305 -13.81 -39.44 30.18
N LYS A 306 -13.12 -38.92 29.18
CA LYS A 306 -13.05 -37.50 28.98
C LYS A 306 -13.78 -37.01 27.77
N TYR A 307 -13.95 -37.83 26.75
CA TYR A 307 -14.65 -37.41 25.55
C TYR A 307 -15.91 -38.23 25.36
N VAL A 308 -16.89 -37.63 24.71
CA VAL A 308 -18.14 -38.32 24.40
C VAL A 308 -18.37 -38.20 22.91
N THR A 309 -18.14 -39.27 22.17
CA THR A 309 -18.50 -39.25 20.77
C THR A 309 -19.97 -39.59 20.60
N SER A 310 -20.63 -38.83 19.75
CA SER A 310 -22.03 -39.05 19.45
C SER A 310 -22.17 -40.23 18.51
N ALA A 311 -23.38 -40.53 18.13
CA ALA A 311 -23.64 -41.58 17.18
C ALA A 311 -23.99 -40.94 15.85
N PRO A 312 -23.76 -41.62 14.74
CA PRO A 312 -24.06 -41.00 13.46
C PRO A 312 -25.54 -40.84 13.21
N MET A 313 -26.02 -39.61 13.31
CA MET A 313 -27.36 -39.24 12.90
C MET A 313 -27.26 -38.57 11.54
N PRO A 314 -28.17 -38.77 10.62
CA PRO A 314 -27.95 -38.30 9.26
C PRO A 314 -28.09 -36.80 9.14
N GLU A 315 -27.38 -36.25 8.19
CA GLU A 315 -27.13 -34.84 8.13
C GLU A 315 -28.41 -34.17 7.62
N PRO A 316 -28.66 -32.88 7.97
CA PRO A 316 -29.89 -32.21 7.52
C PRO A 316 -30.14 -32.12 6.02
N GLN A 317 -29.26 -31.41 5.30
CA GLN A 317 -29.49 -31.14 3.89
C GLN A 317 -29.07 -32.27 2.99
N ALA A 318 -27.94 -32.90 3.31
CA ALA A 318 -27.39 -33.95 2.47
C ALA A 318 -28.24 -35.19 2.56
N PRO A 319 -28.51 -35.86 1.47
CA PRO A 319 -29.44 -36.97 1.51
C PRO A 319 -28.93 -38.20 2.25
N GLY A 320 -27.81 -38.76 1.83
CA GLY A 320 -27.45 -40.04 2.37
C GLY A 320 -26.13 -40.05 3.08
N ARG A 321 -25.83 -38.98 3.80
CA ARG A 321 -24.52 -38.82 4.40
C ARG A 321 -24.67 -38.44 5.86
N TYR A 322 -23.88 -39.05 6.72
CA TYR A 322 -24.09 -38.92 8.15
C TYR A 322 -23.24 -37.79 8.69
N PHE A 323 -23.07 -37.72 10.01
CA PHE A 323 -22.14 -36.82 10.69
C PHE A 323 -22.09 -37.24 12.15
N ALA A 324 -21.09 -36.74 12.87
CA ALA A 324 -20.90 -37.12 14.25
C ALA A 324 -20.20 -36.00 14.96
N HIS A 325 -19.93 -36.19 16.22
CA HIS A 325 -19.40 -35.16 17.07
C HIS A 325 -18.50 -35.83 18.06
N SER A 326 -17.69 -35.07 18.76
CA SER A 326 -17.03 -35.59 19.94
C SER A 326 -16.58 -34.42 20.77
N ILE A 327 -16.95 -34.36 22.03
CA ILE A 327 -16.52 -33.24 22.86
C ILE A 327 -15.60 -33.75 23.95
N LEU A 328 -14.55 -32.97 24.19
CA LEU A 328 -13.56 -33.26 25.21
C LEU A 328 -13.51 -32.07 26.13
N THR A 329 -13.56 -32.31 27.44
CA THR A 329 -13.57 -31.23 28.43
C THR A 329 -12.22 -31.13 29.10
N VAL A 330 -11.45 -30.14 28.71
CA VAL A 330 -10.15 -29.85 29.31
C VAL A 330 -10.27 -28.61 30.15
N SER A 331 -9.63 -28.65 31.31
CA SER A 331 -9.74 -27.57 32.28
C SER A 331 -9.03 -26.35 31.75
N GLU A 332 -9.58 -25.18 32.07
CA GLU A 332 -9.18 -23.92 31.46
C GLU A 332 -7.75 -23.55 31.75
N GLU A 333 -7.19 -24.09 32.80
CA GLU A 333 -5.77 -23.88 33.01
C GLU A 333 -4.94 -24.73 32.06
N GLU A 334 -5.48 -25.84 31.58
CA GLU A 334 -4.72 -26.72 30.70
C GLU A 334 -4.84 -26.27 29.26
N TRP A 335 -5.70 -25.29 28.99
CA TRP A 335 -5.76 -24.82 27.62
C TRP A 335 -4.99 -23.53 27.48
N ASN A 336 -4.95 -22.71 28.52
CA ASN A 336 -4.24 -21.45 28.45
C ASN A 336 -2.75 -21.61 28.68
N THR A 337 -2.23 -22.83 28.56
CA THR A 337 -0.83 -23.15 28.58
C THR A 337 -0.26 -23.37 27.19
N GLY A 338 -1.08 -23.79 26.24
CA GLY A 338 -0.61 -24.35 24.99
C GLY A 338 -1.42 -25.58 24.68
N GLU A 339 -0.77 -26.74 24.76
CA GLU A 339 -1.41 -28.05 24.79
C GLU A 339 -2.19 -28.33 23.52
N THR A 340 -1.43 -28.65 22.50
CA THR A 340 -1.96 -29.23 21.28
C THR A 340 -2.78 -30.47 21.56
N TYR A 341 -4.04 -30.47 21.10
CA TYR A 341 -4.93 -31.63 21.08
C TYR A 341 -5.19 -32.08 19.66
N THR A 342 -5.19 -33.38 19.43
CA THR A 342 -5.43 -33.94 18.12
C THR A 342 -6.66 -34.83 18.17
N CYS A 343 -7.45 -34.80 17.11
CA CYS A 343 -8.66 -35.60 16.95
C CYS A 343 -8.42 -36.56 15.84
N VAL A 344 -8.27 -37.88 16.12
CA VAL A 344 -8.04 -38.84 15.06
C VAL A 344 -9.35 -39.56 14.79
N VAL A 345 -9.67 -39.75 13.51
CA VAL A 345 -10.87 -40.47 13.12
C VAL A 345 -10.42 -41.59 12.21
N ALA A 346 -11.18 -42.68 12.20
CA ALA A 346 -10.89 -43.83 11.34
C ALA A 346 -12.16 -44.21 10.63
N HIS A 347 -12.11 -44.36 9.31
CA HIS A 347 -13.32 -44.57 8.55
C HIS A 347 -12.95 -45.25 7.24
N GLU A 348 -13.88 -46.00 6.66
CA GLU A 348 -13.54 -46.86 5.52
C GLU A 348 -13.54 -46.13 4.20
N ALA A 349 -13.55 -44.81 4.19
CA ALA A 349 -13.34 -44.10 2.94
C ALA A 349 -12.22 -43.10 3.01
N LEU A 350 -11.52 -43.03 4.10
CA LEU A 350 -10.37 -42.18 4.26
C LEU A 350 -9.17 -42.85 3.61
N PRO A 351 -8.12 -42.08 3.21
CA PRO A 351 -7.03 -42.65 2.43
C PRO A 351 -6.26 -43.81 3.02
N ASN A 352 -5.54 -43.57 4.11
CA ASN A 352 -4.80 -44.59 4.83
C ASN A 352 -5.62 -45.19 5.95
N ARG A 353 -6.93 -45.07 5.83
CA ARG A 353 -8.03 -45.36 6.74
C ARG A 353 -8.13 -44.41 7.93
N VAL A 354 -7.20 -43.50 8.15
CA VAL A 354 -7.17 -42.70 9.37
C VAL A 354 -6.81 -41.29 8.98
N THR A 355 -7.46 -40.29 9.58
CA THR A 355 -6.98 -38.91 9.48
C THR A 355 -6.99 -38.27 10.83
N GLU A 356 -6.41 -37.08 10.93
CA GLU A 356 -6.35 -36.42 12.22
C GLU A 356 -6.20 -34.92 12.06
N ARG A 357 -6.82 -34.17 12.98
CA ARG A 357 -6.65 -32.73 13.03
C ARG A 357 -6.07 -32.35 14.36
N THR A 358 -5.77 -31.07 14.53
CA THR A 358 -5.16 -30.57 15.76
C THR A 358 -5.55 -29.13 16.01
N VAL A 359 -5.49 -28.75 17.28
CA VAL A 359 -5.70 -27.35 17.66
C VAL A 359 -5.01 -27.11 18.98
N ASP A 360 -4.63 -25.86 19.22
CA ASP A 360 -4.10 -25.44 20.49
C ASP A 360 -4.61 -24.04 20.73
N LYS A 361 -4.02 -23.34 21.68
CA LYS A 361 -4.57 -22.02 21.97
C LYS A 361 -4.29 -21.05 20.86
N SER A 362 -3.15 -21.21 20.21
CA SER A 362 -2.59 -20.21 19.33
C SER A 362 -2.98 -20.39 17.88
N THR A 363 -3.18 -21.61 17.42
CA THR A 363 -3.68 -21.81 16.07
C THR A 363 -5.14 -21.44 15.95
N GLY A 364 -6.02 -22.15 16.64
CA GLY A 364 -7.43 -22.10 16.38
C GLY A 364 -8.17 -20.96 17.01
N LYS A 365 -8.86 -20.17 16.18
CA LYS A 365 -9.56 -18.91 16.44
C LYS A 365 -8.77 -18.05 17.40
N PRO A 366 -7.68 -17.43 16.95
CA PRO A 366 -6.91 -16.61 17.87
C PRO A 366 -7.30 -15.16 17.76
N THR A 367 -6.97 -14.46 18.82
CA THR A 367 -7.25 -13.05 18.96
C THR A 367 -6.02 -12.21 18.67
N LEU A 368 -5.06 -12.77 17.95
CA LEU A 368 -3.74 -12.19 17.81
C LEU A 368 -3.05 -12.89 16.66
N TYR A 369 -2.71 -12.20 15.59
CA TYR A 369 -1.97 -12.76 14.48
C TYR A 369 -0.65 -12.08 14.30
N ASN A 370 0.43 -12.79 14.56
CA ASN A 370 1.74 -12.19 14.74
C ASN A 370 2.66 -12.69 13.63
N VAL A 371 2.51 -12.15 12.45
CA VAL A 371 3.37 -12.48 11.33
C VAL A 371 4.69 -11.75 11.51
N SER A 372 5.77 -12.31 10.97
CA SER A 372 7.04 -11.61 11.08
C SER A 372 7.94 -11.80 9.89
N LEU A 373 7.44 -11.66 8.68
CA LEU A 373 8.21 -12.15 7.56
C LEU A 373 9.35 -11.23 7.15
N VAL A 374 10.41 -11.83 6.60
CA VAL A 374 11.62 -11.16 6.16
C VAL A 374 12.03 -11.68 4.79
N MET A 375 12.10 -10.81 3.81
CA MET A 375 12.71 -11.22 2.58
C MET A 375 14.12 -10.72 2.54
N SER A 376 14.96 -11.40 1.79
CA SER A 376 16.38 -11.11 1.86
C SER A 376 16.99 -11.50 0.54
N ASP A 377 18.06 -10.80 0.18
CA ASP A 377 18.75 -10.93 -1.11
C ASP A 377 17.77 -10.88 -2.28
N THR A 378 16.88 -9.91 -2.25
CA THR A 378 15.76 -9.88 -3.18
C THR A 378 16.24 -9.67 -4.62
N ALA A 379 17.40 -9.03 -4.79
CA ALA A 379 18.00 -8.89 -6.12
C ALA A 379 18.50 -10.23 -6.62
N GLY A 380 19.49 -10.79 -5.93
CA GLY A 380 19.99 -12.12 -6.18
C GLY A 380 20.54 -12.32 -7.57
N THR A 381 20.83 -13.55 -7.92
CA THR A 381 21.16 -13.87 -9.31
C THR A 381 20.34 -15.11 -9.60
N CYS A 382 19.18 -14.91 -10.19
CA CYS A 382 18.20 -15.99 -10.31
C CYS A 382 18.09 -16.44 -11.75
N TYR A 383 18.26 -17.75 -11.95
CA TYR A 383 18.01 -18.35 -13.24
C TYR A 383 17.01 -19.46 -12.99
N ILE B 152 -51.97 -57.33 27.57
CA ILE B 152 -53.05 -56.44 27.92
C ILE B 152 -52.54 -55.38 28.89
N ARG B 153 -52.24 -54.19 28.38
CA ARG B 153 -51.60 -53.16 29.17
C ARG B 153 -52.08 -51.79 28.70
N VAL B 154 -51.69 -50.76 29.45
CA VAL B 154 -52.03 -49.38 29.14
C VAL B 154 -50.77 -48.54 29.31
N PHE B 155 -50.40 -47.79 28.28
CA PHE B 155 -49.29 -46.85 28.41
C PHE B 155 -49.81 -45.41 28.38
N ALA B 156 -49.53 -44.66 29.45
CA ALA B 156 -49.85 -43.25 29.50
C ALA B 156 -48.55 -42.45 29.42
N ILE B 157 -48.60 -41.31 28.75
CA ILE B 157 -47.41 -40.50 28.49
C ILE B 157 -47.59 -39.18 29.23
N PRO B 158 -46.62 -38.75 30.03
CA PRO B 158 -46.75 -37.47 30.74
C PRO B 158 -46.39 -36.32 29.83
N PRO B 159 -46.85 -35.10 30.14
CA PRO B 159 -46.50 -33.95 29.31
C PRO B 159 -45.04 -33.56 29.49
N SER B 160 -44.31 -33.53 28.39
CA SER B 160 -42.89 -33.20 28.38
C SER B 160 -42.69 -31.72 28.21
N PHE B 161 -41.57 -31.22 28.74
CA PHE B 161 -41.27 -29.80 28.62
C PHE B 161 -40.93 -29.39 27.19
N ALA B 162 -40.50 -30.32 26.35
CA ALA B 162 -40.35 -29.95 24.94
C ALA B 162 -41.68 -29.94 24.20
N SER B 163 -42.78 -30.24 24.87
CA SER B 163 -44.12 -30.15 24.32
C SER B 163 -44.99 -29.10 24.99
N ILE B 164 -44.85 -28.91 26.31
CA ILE B 164 -45.50 -27.79 26.97
C ILE B 164 -44.92 -26.49 26.48
N PHE B 165 -43.63 -26.46 26.15
CA PHE B 165 -43.06 -25.25 25.58
C PHE B 165 -43.33 -25.09 24.10
N LEU B 166 -43.40 -26.17 23.34
CA LEU B 166 -43.61 -26.01 21.91
C LEU B 166 -45.06 -25.72 21.58
N THR B 167 -46.00 -26.38 22.26
CA THR B 167 -47.41 -26.28 21.90
C THR B 167 -48.23 -25.44 22.85
N LYS B 168 -47.66 -24.99 23.96
CA LYS B 168 -48.27 -24.05 24.93
C LYS B 168 -49.56 -24.60 25.55
N SER B 169 -49.78 -25.90 25.45
CA SER B 169 -51.06 -26.53 25.74
C SER B 169 -50.86 -27.84 26.49
N THR B 170 -50.25 -27.76 27.68
CA THR B 170 -50.06 -28.89 28.58
C THR B 170 -51.27 -29.81 28.67
N LYS B 171 -51.07 -31.06 28.24
CA LYS B 171 -52.11 -32.05 28.08
C LYS B 171 -51.47 -33.42 28.24
N LEU B 172 -52.30 -34.44 28.34
CA LEU B 172 -51.79 -35.77 28.69
C LEU B 172 -52.65 -36.86 28.06
N THR B 173 -51.98 -37.86 27.48
CA THR B 173 -52.59 -38.89 26.65
C THR B 173 -52.62 -40.24 27.35
N CYS B 174 -53.41 -41.15 26.79
CA CYS B 174 -53.55 -42.51 27.34
C CYS B 174 -53.78 -43.49 26.21
N LEU B 175 -52.77 -44.26 25.85
CA LEU B 175 -52.88 -45.29 24.82
C LEU B 175 -52.97 -46.64 25.49
N VAL B 176 -53.60 -47.60 24.81
CA VAL B 176 -53.86 -48.93 25.40
C VAL B 176 -53.29 -50.00 24.48
N THR B 177 -52.41 -50.84 25.02
CA THR B 177 -51.76 -51.88 24.24
C THR B 177 -52.42 -53.23 24.51
N ASP B 178 -52.50 -54.05 23.46
CA ASP B 178 -52.95 -55.45 23.53
C ASP B 178 -54.38 -55.54 24.08
N LEU B 179 -55.26 -54.74 23.50
CA LEU B 179 -56.69 -54.84 23.74
C LEU B 179 -57.42 -54.64 22.43
N THR B 180 -58.41 -55.48 22.17
CA THR B 180 -59.00 -55.62 20.85
C THR B 180 -59.85 -54.40 20.48
N THR B 181 -60.40 -54.44 19.27
CA THR B 181 -60.89 -53.24 18.60
C THR B 181 -62.39 -53.08 18.84
N TYR B 182 -62.76 -53.09 20.12
CA TYR B 182 -64.17 -53.19 20.50
C TYR B 182 -64.69 -51.85 20.98
N ASP B 183 -66.01 -51.79 21.17
CA ASP B 183 -66.70 -50.61 21.62
C ASP B 183 -66.84 -50.67 23.15
N SER B 184 -67.51 -49.66 23.71
CA SER B 184 -67.66 -49.44 25.16
C SER B 184 -66.29 -49.37 25.84
N VAL B 185 -65.56 -48.32 25.51
CA VAL B 185 -64.22 -48.04 26.02
C VAL B 185 -64.33 -47.12 27.23
N THR B 186 -63.52 -47.37 28.25
CA THR B 186 -63.38 -46.47 29.40
C THR B 186 -62.01 -45.80 29.31
N ILE B 187 -62.01 -44.50 29.01
CA ILE B 187 -60.80 -43.66 29.09
C ILE B 187 -61.21 -42.40 29.83
N SER B 188 -60.57 -42.12 30.96
CA SER B 188 -60.93 -40.99 31.79
C SER B 188 -59.66 -40.32 32.30
N TRP B 189 -59.81 -39.06 32.71
CA TRP B 189 -58.74 -38.29 33.32
C TRP B 189 -59.31 -37.53 34.50
N THR B 190 -58.76 -37.75 35.68
CA THR B 190 -59.22 -37.12 36.89
C THR B 190 -58.07 -36.37 37.52
N ARG B 191 -58.39 -35.40 38.37
CA ARG B 191 -57.39 -34.71 39.17
C ARG B 191 -57.06 -35.56 40.40
N GLN B 192 -56.46 -34.95 41.41
CA GLN B 192 -56.31 -35.64 42.69
C GLN B 192 -57.66 -35.87 43.34
N ASN B 193 -58.56 -34.88 43.26
CA ASN B 193 -59.87 -35.00 43.87
C ASN B 193 -60.90 -35.67 42.97
N GLY B 194 -60.54 -35.95 41.71
CA GLY B 194 -61.43 -36.69 40.83
C GLY B 194 -62.44 -35.87 40.07
N GLU B 195 -62.18 -34.59 39.84
CA GLU B 195 -63.16 -33.75 39.19
C GLU B 195 -62.98 -33.84 37.67
N ALA B 196 -63.76 -33.05 36.93
CA ALA B 196 -63.97 -33.22 35.51
C ALA B 196 -62.73 -32.80 34.72
N VAL B 197 -62.82 -32.99 33.39
CA VAL B 197 -61.68 -32.83 32.51
C VAL B 197 -62.17 -32.51 31.10
N LYS B 198 -61.24 -32.09 30.25
CA LYS B 198 -61.46 -31.73 28.85
C LYS B 198 -62.04 -32.91 28.06
N THR B 199 -62.92 -32.60 27.10
CA THR B 199 -63.53 -33.64 26.27
C THR B 199 -62.53 -34.12 25.22
N HIS B 200 -62.10 -35.36 25.39
CA HIS B 200 -61.06 -35.99 24.58
C HIS B 200 -61.70 -36.88 23.52
N THR B 201 -61.27 -36.71 22.28
CA THR B 201 -61.88 -37.38 21.13
C THR B 201 -60.70 -37.82 20.26
N ASN B 202 -60.94 -38.05 18.96
CA ASN B 202 -59.95 -38.46 17.95
C ASN B 202 -59.30 -39.79 18.34
N ILE B 203 -60.18 -40.78 18.53
CA ILE B 203 -59.77 -42.14 18.82
C ILE B 203 -59.03 -42.72 17.62
N SER B 204 -58.03 -43.56 17.90
CA SER B 204 -57.16 -44.08 16.86
C SER B 204 -57.89 -45.16 16.05
N GLU B 205 -57.22 -45.68 15.03
CA GLU B 205 -57.80 -46.62 14.09
C GLU B 205 -57.62 -48.05 14.59
N SER B 206 -58.46 -48.94 14.08
CA SER B 206 -58.37 -50.35 14.43
C SER B 206 -57.13 -50.97 13.78
N HIS B 207 -56.18 -51.40 14.61
CA HIS B 207 -54.93 -51.93 14.13
C HIS B 207 -55.16 -53.33 13.54
N PRO B 208 -54.29 -53.80 12.63
CA PRO B 208 -54.59 -55.06 11.92
C PRO B 208 -54.52 -56.30 12.78
N ASN B 209 -53.74 -56.30 13.87
CA ASN B 209 -53.45 -57.53 14.61
C ASN B 209 -54.37 -57.72 15.82
N ALA B 210 -55.59 -57.19 15.70
CA ALA B 210 -56.63 -57.21 16.76
C ALA B 210 -56.12 -56.58 18.06
N THR B 211 -55.58 -55.37 17.93
CA THR B 211 -55.25 -54.53 19.09
C THR B 211 -55.75 -53.13 18.82
N PHE B 212 -56.01 -52.37 19.88
CA PHE B 212 -56.64 -51.05 19.77
C PHE B 212 -56.15 -50.16 20.91
N SER B 213 -55.81 -48.92 20.57
CA SER B 213 -55.34 -47.93 21.54
C SER B 213 -56.21 -46.69 21.45
N ALA B 214 -57.27 -46.65 22.26
CA ALA B 214 -58.12 -45.47 22.30
C ALA B 214 -57.44 -44.34 23.03
N VAL B 215 -56.93 -43.36 22.28
CA VAL B 215 -56.12 -42.30 22.85
C VAL B 215 -57.00 -41.09 23.12
N GLY B 216 -57.00 -40.64 24.37
CA GLY B 216 -57.69 -39.44 24.77
C GLY B 216 -56.72 -38.39 25.23
N GLU B 217 -56.90 -37.18 24.70
CA GLU B 217 -56.04 -36.05 25.00
C GLU B 217 -56.82 -35.05 25.83
N ALA B 218 -56.35 -34.75 27.04
CA ALA B 218 -57.03 -33.84 27.94
C ALA B 218 -56.03 -32.83 28.49
N SER B 219 -56.45 -31.56 28.56
CA SER B 219 -55.59 -30.47 29.01
C SER B 219 -55.74 -30.23 30.52
N ILE B 220 -55.05 -29.22 31.00
CA ILE B 220 -54.88 -28.95 32.43
C ILE B 220 -54.32 -27.54 32.56
N CYS B 221 -54.64 -26.88 33.69
CA CYS B 221 -54.00 -25.63 34.05
C CYS B 221 -52.49 -25.82 34.24
N GLU B 222 -51.73 -24.73 34.08
CA GLU B 222 -50.30 -24.85 33.78
C GLU B 222 -49.47 -25.23 35.01
N ASP B 223 -49.66 -24.53 36.14
CA ASP B 223 -48.91 -24.85 37.36
C ASP B 223 -49.32 -26.20 37.89
N ASP B 224 -50.60 -26.54 37.70
CA ASP B 224 -51.20 -27.60 38.49
C ASP B 224 -50.75 -28.98 38.01
N TRP B 225 -50.10 -29.06 36.85
CA TRP B 225 -49.39 -30.30 36.54
C TRP B 225 -48.08 -30.36 37.30
N ASN B 226 -47.37 -29.23 37.40
CA ASN B 226 -46.07 -29.21 38.06
C ASN B 226 -46.21 -29.33 39.58
N SER B 227 -47.40 -29.07 40.12
CA SER B 227 -47.58 -29.15 41.56
C SER B 227 -47.66 -30.59 42.04
N GLY B 228 -47.71 -31.55 41.12
CA GLY B 228 -47.59 -32.94 41.49
C GLY B 228 -48.95 -33.56 41.75
N GLU B 229 -49.95 -33.12 41.02
CA GLU B 229 -51.30 -33.65 41.16
C GLU B 229 -51.39 -34.94 40.36
N ARG B 230 -51.82 -36.00 41.02
CA ARG B 230 -51.94 -37.30 40.39
C ARG B 230 -53.14 -37.33 39.45
N PHE B 231 -52.96 -38.00 38.31
CA PHE B 231 -54.05 -38.23 37.36
C PHE B 231 -54.25 -39.73 37.21
N THR B 232 -55.46 -40.12 36.81
CA THR B 232 -55.84 -41.52 36.73
C THR B 232 -56.42 -41.79 35.35
N CYS B 233 -55.80 -42.68 34.59
CA CYS B 233 -56.41 -43.21 33.38
C CYS B 233 -57.04 -44.55 33.73
N THR B 234 -58.36 -44.55 33.89
CA THR B 234 -59.13 -45.72 34.28
C THR B 234 -59.62 -46.43 33.03
N VAL B 235 -59.40 -47.75 32.98
CA VAL B 235 -59.72 -48.56 31.81
C VAL B 235 -60.63 -49.72 32.19
N THR B 236 -61.62 -49.96 31.32
CA THR B 236 -62.56 -51.09 31.36
C THR B 236 -63.02 -51.30 29.91
N HIS B 237 -62.53 -52.39 29.30
CA HIS B 237 -62.83 -52.79 27.93
C HIS B 237 -63.92 -53.86 27.94
N THR B 238 -64.07 -54.57 26.81
CA THR B 238 -64.88 -55.79 26.80
C THR B 238 -64.11 -56.96 27.40
N ASP B 239 -62.89 -57.20 26.93
CA ASP B 239 -62.04 -58.27 27.45
C ASP B 239 -61.61 -58.05 28.90
N LEU B 240 -61.53 -56.81 29.36
CA LEU B 240 -61.24 -56.50 30.76
C LEU B 240 -62.38 -55.67 31.33
N PRO B 241 -63.47 -56.32 31.77
CA PRO B 241 -64.51 -55.59 32.52
C PRO B 241 -64.08 -55.20 33.91
N SER B 242 -62.97 -55.74 34.41
CA SER B 242 -62.33 -55.27 35.62
C SER B 242 -61.50 -54.02 35.31
N PRO B 243 -61.60 -52.98 36.12
CA PRO B 243 -60.94 -51.71 35.78
C PRO B 243 -59.45 -51.75 36.12
N LEU B 244 -58.75 -50.69 35.70
CA LEU B 244 -57.39 -50.43 36.20
C LEU B 244 -57.11 -48.94 36.07
N LYS B 245 -56.38 -48.38 37.03
CA LYS B 245 -56.08 -46.94 37.06
C LYS B 245 -54.58 -46.74 36.84
N GLN B 246 -54.19 -46.42 35.61
CA GLN B 246 -52.81 -46.02 35.33
C GLN B 246 -52.62 -44.60 35.84
N THR B 247 -51.87 -44.46 36.93
CA THR B 247 -51.76 -43.20 37.61
C THR B 247 -50.49 -42.47 37.19
N ILE B 248 -50.52 -41.15 37.34
CA ILE B 248 -49.42 -40.32 36.84
C ILE B 248 -49.24 -39.13 37.79
N SER B 249 -48.02 -38.63 37.85
CA SER B 249 -47.68 -37.50 38.72
C SER B 249 -46.47 -36.80 38.14
N ARG B 250 -46.17 -35.63 38.68
CA ARG B 250 -44.95 -34.93 38.29
C ARG B 250 -43.82 -35.42 39.18
N PRO B 251 -42.73 -35.94 38.63
CA PRO B 251 -41.65 -36.45 39.46
C PRO B 251 -40.84 -35.38 40.17
N LYS B 252 -41.30 -34.99 41.36
CA LYS B 252 -40.51 -34.17 42.27
C LYS B 252 -39.24 -34.92 42.68
N GLY B 253 -38.22 -34.18 43.12
CA GLY B 253 -36.97 -34.82 43.44
C GLY B 253 -35.74 -34.13 42.86
N VAL B 254 -35.09 -34.82 41.91
CA VAL B 254 -33.76 -34.62 41.34
C VAL B 254 -33.42 -33.15 41.11
N ALA B 255 -32.18 -32.77 41.44
CA ALA B 255 -31.68 -31.39 41.45
C ALA B 255 -31.92 -30.66 40.16
N LEU B 256 -31.99 -29.34 40.23
CA LEU B 256 -32.51 -28.52 39.14
C LEU B 256 -31.41 -27.54 38.75
N HIS B 257 -30.47 -28.00 37.94
CA HIS B 257 -29.36 -27.21 37.44
C HIS B 257 -29.69 -26.65 36.08
N ARG B 258 -29.03 -25.56 35.72
CA ARG B 258 -29.47 -24.91 34.52
C ARG B 258 -28.38 -24.99 33.46
N PRO B 259 -28.76 -25.06 32.19
CA PRO B 259 -27.77 -25.16 31.13
C PRO B 259 -26.95 -23.91 31.02
N ASP B 260 -25.76 -24.05 30.47
CA ASP B 260 -25.04 -22.86 30.05
C ASP B 260 -24.62 -23.05 28.61
N VAL B 261 -25.22 -22.26 27.75
CA VAL B 261 -25.30 -22.50 26.33
C VAL B 261 -24.25 -21.68 25.62
N TYR B 262 -23.34 -22.34 24.94
CA TYR B 262 -22.33 -21.67 24.17
C TYR B 262 -22.59 -21.96 22.71
N LEU B 263 -22.66 -20.95 21.91
CA LEU B 263 -22.90 -21.13 20.50
C LEU B 263 -21.59 -20.89 19.77
N LEU B 264 -21.13 -21.89 18.98
CA LEU B 264 -19.85 -21.99 18.31
C LEU B 264 -20.00 -21.77 16.80
N PRO B 265 -19.13 -20.94 16.21
CA PRO B 265 -19.30 -20.55 14.85
C PRO B 265 -18.50 -21.45 13.93
N PRO B 266 -18.73 -21.42 12.62
CA PRO B 266 -18.13 -22.42 11.75
C PRO B 266 -16.63 -22.32 11.64
N ALA B 267 -16.01 -23.47 11.35
CA ALA B 267 -14.56 -23.56 11.28
C ALA B 267 -14.07 -22.81 10.07
N ARG B 268 -12.91 -22.20 10.16
CA ARG B 268 -12.42 -21.43 9.04
C ARG B 268 -11.90 -22.34 7.94
N GLU B 269 -11.71 -23.63 8.21
CA GLU B 269 -11.42 -24.64 7.22
C GLU B 269 -12.63 -25.08 6.45
N GLN B 270 -13.83 -24.71 6.90
CA GLN B 270 -15.11 -25.04 6.30
C GLN B 270 -15.64 -23.92 5.45
N LEU B 271 -15.38 -22.69 5.83
CA LEU B 271 -15.80 -21.59 5.00
C LEU B 271 -14.71 -21.26 3.99
N ASN B 272 -14.20 -22.29 3.37
CA ASN B 272 -13.07 -22.24 2.48
C ASN B 272 -13.41 -22.95 1.18
N LEU B 273 -14.15 -24.02 1.32
CA LEU B 273 -14.78 -24.69 0.20
C LEU B 273 -15.90 -23.86 -0.38
N ARG B 274 -16.42 -22.91 0.40
CA ARG B 274 -17.56 -22.07 0.04
C ARG B 274 -18.76 -22.93 -0.34
N GLU B 275 -19.09 -23.86 0.53
CA GLU B 275 -20.24 -24.72 0.34
C GLU B 275 -21.30 -24.50 1.41
N SER B 276 -20.99 -24.76 2.68
CA SER B 276 -22.01 -24.82 3.72
C SER B 276 -21.35 -24.70 5.08
N ALA B 277 -22.03 -24.03 6.00
CA ALA B 277 -21.49 -23.73 7.31
C ALA B 277 -22.35 -24.43 8.36
N THR B 278 -21.71 -25.06 9.33
CA THR B 278 -22.40 -25.82 10.36
C THR B 278 -22.13 -25.08 11.65
N ILE B 279 -23.13 -24.36 12.13
CA ILE B 279 -23.06 -23.63 13.39
C ILE B 279 -23.61 -24.54 14.48
N THR B 280 -22.96 -24.56 15.63
CA THR B 280 -23.31 -25.58 16.61
C THR B 280 -23.60 -24.99 17.97
N CYS B 281 -24.70 -25.39 18.59
CA CYS B 281 -25.13 -24.86 19.86
C CYS B 281 -24.87 -25.95 20.88
N LEU B 282 -24.01 -25.69 21.87
CA LEU B 282 -23.52 -26.72 22.77
C LEU B 282 -24.10 -26.54 24.16
N VAL B 283 -25.27 -27.09 24.38
CA VAL B 283 -26.06 -26.83 25.58
C VAL B 283 -25.55 -27.61 26.76
N THR B 284 -24.50 -27.19 27.41
CA THR B 284 -23.84 -28.11 28.31
C THR B 284 -24.34 -27.93 29.74
N GLY B 285 -24.03 -28.92 30.57
CA GLY B 285 -23.99 -28.78 31.99
C GLY B 285 -25.29 -28.91 32.76
N PHE B 286 -26.40 -29.27 32.14
CA PHE B 286 -27.66 -29.13 32.82
C PHE B 286 -28.16 -30.42 33.43
N SER B 287 -29.35 -30.34 34.03
CA SER B 287 -30.08 -31.42 34.67
C SER B 287 -31.48 -30.93 34.98
N PRO B 288 -32.52 -31.74 34.80
CA PRO B 288 -32.63 -33.08 34.25
C PRO B 288 -32.60 -33.02 32.74
N ALA B 289 -33.12 -34.04 32.07
CA ALA B 289 -33.17 -34.04 30.61
C ALA B 289 -34.31 -33.14 30.15
N ASP B 290 -34.74 -33.33 28.90
CA ASP B 290 -35.76 -32.52 28.25
C ASP B 290 -35.35 -31.06 28.21
N VAL B 291 -34.29 -30.80 27.45
CA VAL B 291 -33.99 -29.46 26.97
C VAL B 291 -34.71 -29.39 25.65
N PHE B 292 -34.92 -28.19 25.13
CA PHE B 292 -35.56 -28.08 23.83
C PHE B 292 -34.91 -26.92 23.10
N VAL B 293 -34.11 -27.21 22.11
CA VAL B 293 -33.35 -26.22 21.38
C VAL B 293 -34.06 -25.94 20.07
N GLN B 294 -34.21 -24.67 19.73
CA GLN B 294 -34.69 -24.32 18.41
C GLN B 294 -33.97 -23.06 18.00
N TRP B 295 -34.04 -22.73 16.72
CA TRP B 295 -33.17 -21.73 16.14
C TRP B 295 -34.01 -20.68 15.49
N MET B 296 -33.55 -19.43 15.58
CA MET B 296 -34.26 -18.32 14.98
C MET B 296 -33.30 -17.52 14.11
N GLN B 297 -33.75 -17.06 12.97
CA GLN B 297 -32.97 -16.06 12.26
C GLN B 297 -33.72 -14.75 12.24
N ARG B 298 -33.16 -13.74 12.91
CA ARG B 298 -33.61 -12.35 12.99
C ARG B 298 -34.93 -12.17 13.71
N GLY B 299 -35.46 -13.21 14.33
CA GLY B 299 -36.70 -13.07 15.05
C GLY B 299 -37.71 -14.15 14.73
N GLN B 300 -37.77 -14.60 13.52
CA GLN B 300 -38.76 -15.62 13.27
C GLN B 300 -38.09 -16.98 13.16
N PRO B 301 -38.62 -18.01 13.82
CA PRO B 301 -37.90 -19.27 13.89
C PRO B 301 -37.82 -20.02 12.57
N LEU B 302 -36.74 -20.77 12.42
CA LEU B 302 -36.43 -21.51 11.22
C LEU B 302 -37.22 -22.79 11.16
N SER B 303 -37.10 -23.48 10.03
CA SER B 303 -37.69 -24.77 9.84
C SER B 303 -36.98 -25.76 10.74
N PRO B 304 -37.62 -26.86 11.11
CA PRO B 304 -36.91 -27.93 11.80
C PRO B 304 -36.28 -28.93 10.87
N GLU B 305 -36.25 -28.64 9.58
CA GLU B 305 -35.66 -29.50 8.58
C GLU B 305 -34.18 -29.20 8.49
N LYS B 306 -33.76 -28.06 9.04
CA LYS B 306 -32.40 -27.58 8.89
C LYS B 306 -31.50 -27.80 10.09
N TYR B 307 -32.03 -28.03 11.27
CA TYR B 307 -31.18 -28.25 12.43
C TYR B 307 -31.42 -29.64 12.97
N VAL B 308 -30.49 -30.15 13.74
CA VAL B 308 -30.51 -31.54 14.18
C VAL B 308 -30.07 -31.57 15.63
N THR B 309 -31.02 -31.71 16.55
CA THR B 309 -30.69 -31.75 17.96
C THR B 309 -30.43 -33.18 18.34
N SER B 310 -29.37 -33.43 19.10
CA SER B 310 -29.17 -34.77 19.59
C SER B 310 -30.06 -34.96 20.79
N ALA B 311 -30.37 -36.18 21.12
CA ALA B 311 -30.96 -36.44 22.41
C ALA B 311 -29.90 -36.19 23.47
N PRO B 312 -30.30 -35.84 24.70
CA PRO B 312 -29.31 -35.57 25.73
C PRO B 312 -28.52 -36.80 26.13
N MET B 313 -27.22 -36.60 26.30
CA MET B 313 -26.30 -37.65 26.63
C MET B 313 -25.65 -37.27 27.94
N PRO B 314 -25.39 -38.21 28.83
CA PRO B 314 -24.83 -37.84 30.13
C PRO B 314 -23.36 -37.52 30.08
N GLU B 315 -22.95 -36.54 30.86
CA GLU B 315 -21.60 -36.02 30.79
C GLU B 315 -20.70 -36.83 31.69
N PRO B 316 -19.53 -37.26 31.24
CA PRO B 316 -18.76 -38.27 31.98
C PRO B 316 -17.82 -37.77 33.07
N GLN B 317 -17.25 -36.58 32.88
CA GLN B 317 -16.34 -36.01 33.86
C GLN B 317 -17.10 -35.51 35.08
N ALA B 318 -18.19 -34.80 34.83
CA ALA B 318 -19.08 -34.28 35.85
C ALA B 318 -20.05 -35.37 36.29
N PRO B 319 -20.69 -35.22 37.47
CA PRO B 319 -21.73 -36.17 37.89
C PRO B 319 -23.01 -36.05 37.09
N GLY B 320 -24.11 -36.66 37.54
CA GLY B 320 -25.22 -36.98 36.66
C GLY B 320 -25.99 -35.80 36.10
N ARG B 321 -25.30 -35.07 35.22
CA ARG B 321 -25.76 -33.88 34.54
C ARG B 321 -25.55 -34.10 33.05
N TYR B 322 -26.51 -33.76 32.23
CA TYR B 322 -26.44 -34.15 30.84
C TYR B 322 -25.73 -33.09 30.02
N PHE B 323 -25.71 -33.27 28.70
CA PHE B 323 -25.50 -32.17 27.75
C PHE B 323 -26.44 -32.41 26.59
N ALA B 324 -26.23 -31.72 25.50
CA ALA B 324 -26.82 -31.97 24.20
C ALA B 324 -26.04 -31.12 23.24
N HIS B 325 -26.44 -31.11 21.98
CA HIS B 325 -25.90 -30.18 21.02
C HIS B 325 -26.89 -30.11 19.89
N SER B 326 -26.75 -29.09 19.06
CA SER B 326 -27.69 -28.96 17.96
C SER B 326 -27.00 -28.21 16.84
N ILE B 327 -26.88 -28.80 15.70
CA ILE B 327 -26.23 -28.12 14.61
C ILE B 327 -27.27 -27.53 13.70
N LEU B 328 -26.92 -26.44 13.03
CA LEU B 328 -27.72 -25.81 11.99
C LEU B 328 -26.81 -25.62 10.82
N THR B 329 -27.21 -26.09 9.65
CA THR B 329 -26.33 -25.97 8.49
C THR B 329 -26.94 -25.01 7.49
N VAL B 330 -26.30 -23.87 7.39
CA VAL B 330 -26.74 -22.79 6.54
C VAL B 330 -25.90 -22.80 5.28
N SER B 331 -26.37 -22.11 4.25
CA SER B 331 -25.53 -21.87 3.09
C SER B 331 -24.38 -20.96 3.49
N GLU B 332 -23.35 -20.92 2.68
CA GLU B 332 -22.21 -20.12 3.08
C GLU B 332 -22.34 -18.70 2.60
N GLU B 333 -22.93 -18.49 1.42
CA GLU B 333 -23.18 -17.12 1.01
C GLU B 333 -24.18 -16.42 1.88
N GLU B 334 -25.10 -17.15 2.50
CA GLU B 334 -25.96 -16.61 3.52
C GLU B 334 -25.22 -16.25 4.78
N TRP B 335 -24.04 -16.80 5.02
CA TRP B 335 -23.40 -16.49 6.28
C TRP B 335 -22.45 -15.34 6.14
N ASN B 336 -21.80 -15.20 4.99
CA ASN B 336 -20.85 -14.12 4.78
C ASN B 336 -21.53 -12.79 4.58
N THR B 337 -22.85 -12.80 4.42
CA THR B 337 -23.65 -11.61 4.36
C THR B 337 -23.81 -10.94 5.73
N GLY B 338 -23.74 -11.67 6.83
CA GLY B 338 -24.22 -11.11 8.09
C GLY B 338 -24.98 -12.15 8.89
N GLU B 339 -26.30 -11.97 9.04
CA GLU B 339 -27.20 -13.04 9.47
C GLU B 339 -27.03 -13.56 10.89
N THR B 340 -27.80 -12.98 11.81
CA THR B 340 -27.58 -13.14 13.25
C THR B 340 -27.71 -14.58 13.77
N TYR B 341 -28.70 -15.38 13.33
CA TYR B 341 -28.79 -16.81 13.67
C TYR B 341 -28.73 -17.21 15.13
N THR B 342 -29.76 -17.01 15.93
CA THR B 342 -29.68 -17.32 17.34
C THR B 342 -30.25 -18.68 17.73
N CYS B 343 -29.99 -19.09 19.00
CA CYS B 343 -30.20 -20.45 19.50
C CYS B 343 -31.02 -20.41 20.78
N VAL B 344 -32.33 -20.52 20.71
CA VAL B 344 -33.14 -20.43 21.91
C VAL B 344 -33.31 -21.81 22.52
N VAL B 345 -33.00 -21.92 23.80
CA VAL B 345 -32.88 -23.18 24.50
C VAL B 345 -33.81 -23.13 25.71
N ALA B 346 -34.85 -23.96 25.66
CA ALA B 346 -35.90 -24.00 26.67
C ALA B 346 -35.58 -25.08 27.67
N HIS B 347 -35.59 -24.75 28.93
CA HIS B 347 -35.39 -25.70 30.00
C HIS B 347 -36.32 -25.33 31.14
N GLU B 348 -36.50 -26.23 32.09
CA GLU B 348 -37.32 -26.00 33.25
C GLU B 348 -36.47 -25.70 34.47
N ALA B 349 -35.33 -25.06 34.27
CA ALA B 349 -34.52 -24.67 35.41
C ALA B 349 -33.85 -23.34 35.21
N LEU B 350 -34.08 -22.72 34.15
CA LEU B 350 -33.64 -21.38 33.88
C LEU B 350 -34.52 -20.40 34.63
N PRO B 351 -34.13 -19.12 34.77
CA PRO B 351 -35.00 -18.18 35.50
C PRO B 351 -36.32 -17.88 34.80
N ASN B 352 -36.27 -17.48 33.55
CA ASN B 352 -37.49 -17.19 32.81
C ASN B 352 -37.84 -18.28 31.82
N ARG B 353 -37.23 -19.46 31.97
CA ARG B 353 -37.26 -20.69 31.19
C ARG B 353 -36.54 -20.67 29.85
N VAL B 354 -36.00 -19.55 29.36
CA VAL B 354 -35.43 -19.50 28.02
C VAL B 354 -34.13 -18.74 28.04
N THR B 355 -33.07 -19.31 27.48
CA THR B 355 -31.79 -18.67 27.23
C THR B 355 -31.66 -18.46 25.73
N GLU B 356 -30.97 -17.42 25.32
CA GLU B 356 -30.85 -17.13 23.90
C GLU B 356 -29.48 -16.53 23.62
N ARG B 357 -28.62 -17.26 22.89
CA ARG B 357 -27.32 -16.79 22.45
C ARG B 357 -27.34 -16.65 20.94
N THR B 358 -26.32 -15.99 20.40
CA THR B 358 -26.31 -15.57 18.99
C THR B 358 -24.91 -15.48 18.43
N VAL B 359 -24.78 -15.64 17.09
CA VAL B 359 -23.50 -15.49 16.40
C VAL B 359 -23.65 -14.74 15.09
N ASP B 360 -22.99 -13.62 14.98
CA ASP B 360 -22.86 -12.87 13.75
C ASP B 360 -21.73 -13.52 12.96
N LYS B 361 -21.46 -13.04 11.76
CA LYS B 361 -20.25 -13.42 11.05
C LYS B 361 -19.00 -12.96 11.78
N SER B 362 -19.11 -11.85 12.49
CA SER B 362 -17.99 -11.17 13.09
C SER B 362 -17.79 -11.55 14.55
N THR B 363 -17.76 -12.82 14.90
CA THR B 363 -17.69 -13.15 16.32
C THR B 363 -16.46 -13.92 16.71
N GLY B 364 -15.72 -14.46 15.76
CA GLY B 364 -14.51 -15.11 16.14
C GLY B 364 -13.31 -14.26 15.82
N LYS B 365 -13.49 -13.29 14.90
CA LYS B 365 -12.51 -12.53 14.13
C LYS B 365 -11.42 -11.99 15.03
N PRO B 366 -10.15 -11.90 14.56
CA PRO B 366 -9.06 -11.65 15.49
C PRO B 366 -8.98 -10.18 15.87
N THR B 367 -8.43 -9.89 17.04
CA THR B 367 -8.44 -8.52 17.50
C THR B 367 -7.43 -7.69 16.75
N LEU B 368 -6.25 -8.23 16.44
CA LEU B 368 -5.28 -7.50 15.65
C LEU B 368 -4.43 -8.40 14.77
N TYR B 369 -4.24 -7.96 13.53
CA TYR B 369 -3.21 -8.43 12.62
C TYR B 369 -1.93 -7.63 12.81
N ASN B 370 -0.81 -8.30 12.82
CA ASN B 370 0.40 -7.66 13.31
C ASN B 370 1.63 -7.92 12.42
N VAL B 371 1.55 -7.64 11.13
CA VAL B 371 2.62 -8.07 10.22
C VAL B 371 3.86 -7.24 10.46
N SER B 372 5.00 -7.72 9.98
CA SER B 372 6.26 -7.01 10.16
C SER B 372 7.22 -7.36 9.05
N LEU B 373 7.23 -6.60 7.97
CA LEU B 373 7.95 -6.98 6.77
C LEU B 373 9.31 -6.32 6.70
N VAL B 374 10.37 -7.10 6.46
CA VAL B 374 11.76 -6.67 6.61
C VAL B 374 12.53 -6.84 5.30
N MET B 375 11.95 -6.43 4.16
CA MET B 375 12.64 -6.47 2.88
C MET B 375 14.01 -5.84 2.93
N SER B 376 15.01 -6.53 2.42
CA SER B 376 16.38 -6.04 2.51
C SER B 376 17.15 -6.51 1.29
N ASP B 377 18.48 -6.51 1.41
CA ASP B 377 19.36 -6.94 0.32
C ASP B 377 20.63 -7.62 0.83
N THR B 378 20.60 -8.13 2.06
CA THR B 378 21.78 -8.72 2.67
C THR B 378 21.68 -10.23 2.83
N ILE C 152 -67.62 5.40 46.92
CA ILE C 152 -68.14 4.07 46.65
C ILE C 152 -67.83 3.76 45.19
N ARG C 153 -66.56 3.49 44.91
CA ARG C 153 -66.06 3.35 43.55
C ARG C 153 -65.25 2.08 43.41
N VAL C 154 -65.73 1.17 42.58
CA VAL C 154 -65.18 -0.16 42.41
C VAL C 154 -64.48 -0.22 41.06
N PHE C 155 -63.17 -0.45 41.10
CA PHE C 155 -62.40 -0.74 39.91
C PHE C 155 -62.06 -2.23 39.88
N ALA C 156 -62.03 -2.76 38.67
CA ALA C 156 -61.59 -4.13 38.41
C ALA C 156 -60.22 -4.04 37.75
N ILE C 157 -59.17 -4.23 38.54
CA ILE C 157 -57.79 -4.14 38.06
C ILE C 157 -57.53 -5.32 37.15
N PRO C 158 -57.18 -5.09 35.89
CA PRO C 158 -56.76 -6.20 35.06
C PRO C 158 -55.33 -6.58 35.40
N PRO C 159 -54.97 -7.85 35.27
CA PRO C 159 -53.57 -8.23 35.49
C PRO C 159 -52.71 -7.67 34.38
N SER C 160 -51.74 -6.85 34.77
CA SER C 160 -50.75 -6.35 33.83
C SER C 160 -49.85 -7.49 33.40
N PHE C 161 -49.35 -7.42 32.17
CA PHE C 161 -48.43 -8.46 31.75
C PHE C 161 -47.10 -8.39 32.48
N ALA C 162 -46.65 -7.21 32.89
CA ALA C 162 -45.40 -7.10 33.63
C ALA C 162 -45.49 -7.67 35.04
N SER C 163 -46.66 -8.11 35.48
CA SER C 163 -46.85 -8.82 36.73
C SER C 163 -47.11 -10.30 36.55
N ILE C 164 -47.79 -10.71 35.46
CA ILE C 164 -47.84 -12.11 35.08
C ILE C 164 -46.43 -12.63 34.81
N PHE C 165 -45.58 -11.78 34.24
CA PHE C 165 -44.23 -12.26 34.00
C PHE C 165 -43.35 -12.17 35.24
N LEU C 166 -43.47 -11.11 36.03
CA LEU C 166 -42.59 -10.97 37.18
C LEU C 166 -42.94 -11.98 38.28
N THR C 167 -44.23 -12.29 38.42
CA THR C 167 -44.68 -13.08 39.55
C THR C 167 -45.07 -14.50 39.19
N LYS C 168 -45.29 -14.80 37.89
CA LYS C 168 -45.68 -16.11 37.35
C LYS C 168 -47.03 -16.60 37.88
N SER C 169 -47.78 -15.71 38.53
CA SER C 169 -48.89 -16.06 39.41
C SER C 169 -50.01 -15.04 39.23
N THR C 170 -50.54 -14.94 38.00
CA THR C 170 -51.49 -13.89 37.60
C THR C 170 -52.66 -13.69 38.56
N LYS C 171 -52.65 -12.53 39.20
CA LYS C 171 -53.62 -12.14 40.20
C LYS C 171 -54.35 -10.90 39.69
N LEU C 172 -55.66 -10.90 39.84
CA LEU C 172 -56.48 -9.74 39.49
C LEU C 172 -57.25 -9.34 40.74
N THR C 173 -57.47 -8.04 40.89
CA THR C 173 -57.83 -7.48 42.19
C THR C 173 -59.00 -6.51 42.07
N CYS C 174 -60.05 -6.79 42.84
CA CYS C 174 -61.19 -5.88 42.98
C CYS C 174 -60.84 -4.82 44.01
N LEU C 175 -60.76 -3.56 43.57
CA LEU C 175 -60.38 -2.44 44.43
C LEU C 175 -61.60 -1.55 44.62
N VAL C 176 -62.08 -1.46 45.85
CA VAL C 176 -63.23 -0.65 46.19
C VAL C 176 -62.73 0.52 47.05
N THR C 177 -63.13 1.74 46.71
CA THR C 177 -62.73 2.94 47.42
C THR C 177 -63.95 3.70 47.95
N ASP C 178 -63.71 4.48 49.03
CA ASP C 178 -64.66 5.42 49.63
C ASP C 178 -65.92 4.73 50.17
N LEU C 179 -65.80 3.52 50.70
CA LEU C 179 -66.93 2.90 51.38
C LEU C 179 -67.15 3.56 52.72
N THR C 180 -68.39 3.48 53.21
CA THR C 180 -68.71 4.05 54.52
C THR C 180 -68.04 3.25 55.64
N THR C 181 -67.81 3.89 56.78
CA THR C 181 -66.95 3.33 57.83
C THR C 181 -67.70 2.24 58.59
N TYR C 182 -67.58 1.01 58.10
CA TYR C 182 -68.35 -0.10 58.68
C TYR C 182 -67.58 -1.41 58.51
N ASP C 183 -68.31 -2.51 58.68
CA ASP C 183 -67.75 -3.87 58.68
C ASP C 183 -68.71 -4.76 57.92
N SER C 184 -68.54 -6.09 58.07
CA SER C 184 -69.29 -7.15 57.40
C SER C 184 -69.22 -7.01 55.88
N VAL C 185 -67.98 -6.85 55.40
CA VAL C 185 -67.71 -6.63 53.98
C VAL C 185 -67.62 -7.97 53.27
N THR C 186 -68.28 -8.08 52.12
CA THR C 186 -68.32 -9.34 51.37
C THR C 186 -67.96 -9.03 49.93
N ILE C 187 -66.75 -9.41 49.52
CA ILE C 187 -66.27 -9.14 48.17
C ILE C 187 -65.76 -10.44 47.56
N SER C 188 -65.95 -10.58 46.25
CA SER C 188 -65.58 -11.83 45.59
C SER C 188 -65.41 -11.63 44.10
N TRP C 189 -64.74 -12.60 43.47
CA TRP C 189 -64.44 -12.61 42.05
C TRP C 189 -65.10 -13.82 41.42
N THR C 190 -65.72 -13.63 40.25
CA THR C 190 -66.29 -14.73 39.50
C THR C 190 -65.92 -14.61 38.03
N ARG C 191 -66.08 -15.72 37.32
CA ARG C 191 -65.83 -15.77 35.90
C ARG C 191 -66.98 -15.14 35.11
N GLN C 192 -67.03 -15.43 33.81
CA GLN C 192 -68.26 -15.16 33.08
C GLN C 192 -69.35 -16.14 33.46
N ASN C 193 -69.02 -17.41 33.69
CA ASN C 193 -69.98 -18.39 34.17
C ASN C 193 -70.30 -18.25 35.66
N GLY C 194 -69.75 -17.26 36.34
CA GLY C 194 -70.07 -17.03 37.73
C GLY C 194 -69.48 -18.00 38.71
N GLU C 195 -68.49 -18.80 38.28
CA GLU C 195 -67.90 -19.80 39.16
C GLU C 195 -67.03 -19.12 40.21
N ALA C 196 -66.90 -19.80 41.35
CA ALA C 196 -66.25 -19.22 42.49
C ALA C 196 -64.73 -19.20 42.31
N VAL C 197 -64.10 -18.28 43.03
CA VAL C 197 -62.68 -18.30 43.30
C VAL C 197 -62.57 -18.39 44.83
N LYS C 198 -61.38 -18.66 45.33
CA LYS C 198 -61.14 -18.73 46.76
C LYS C 198 -61.36 -17.35 47.41
N THR C 199 -61.44 -17.36 48.73
CA THR C 199 -61.40 -16.11 49.49
C THR C 199 -59.96 -15.65 49.54
N HIS C 200 -59.75 -14.35 49.38
CA HIS C 200 -58.43 -13.75 49.43
C HIS C 200 -58.09 -13.28 50.83
N THR C 201 -56.81 -13.34 51.17
CA THR C 201 -56.30 -12.86 52.44
C THR C 201 -55.93 -11.38 52.29
N ASN C 202 -55.46 -10.78 53.39
CA ASN C 202 -54.85 -9.44 53.44
C ASN C 202 -55.83 -8.37 52.97
N ILE C 203 -56.85 -8.18 53.80
CA ILE C 203 -57.95 -7.26 53.56
C ILE C 203 -57.40 -5.84 53.71
N SER C 204 -58.09 -4.83 53.17
CA SER C 204 -57.65 -3.46 53.30
C SER C 204 -57.89 -2.96 54.73
N GLU C 205 -57.25 -1.85 55.07
CA GLU C 205 -57.51 -1.14 56.31
C GLU C 205 -58.46 0.01 56.02
N SER C 206 -58.88 0.71 57.06
CA SER C 206 -59.74 1.87 56.88
C SER C 206 -58.93 3.00 56.22
N HIS C 207 -59.66 3.91 55.56
CA HIS C 207 -59.02 5.04 54.90
C HIS C 207 -58.30 5.94 55.91
N PRO C 208 -57.15 6.49 55.49
CA PRO C 208 -56.63 7.70 56.18
C PRO C 208 -57.42 8.96 55.86
N ASN C 209 -58.42 8.88 54.97
CA ASN C 209 -59.38 9.95 54.79
C ASN C 209 -60.76 9.59 55.34
N ALA C 210 -60.79 8.91 56.50
CA ALA C 210 -61.97 8.72 57.36
C ALA C 210 -63.10 7.92 56.71
N THR C 211 -62.75 6.95 55.86
CA THR C 211 -63.71 6.09 55.17
C THR C 211 -63.21 4.64 55.07
N PHE C 212 -63.81 3.81 54.22
CA PHE C 212 -63.46 2.39 54.14
C PHE C 212 -63.14 2.01 52.70
N SER C 213 -62.35 0.94 52.54
CA SER C 213 -61.87 0.47 51.24
C SER C 213 -61.67 -1.04 51.29
N ALA C 214 -61.65 -1.67 50.11
CA ALA C 214 -61.56 -3.13 50.03
C ALA C 214 -60.63 -3.54 48.91
N VAL C 215 -59.81 -4.58 49.16
CA VAL C 215 -58.97 -5.18 48.13
C VAL C 215 -59.30 -6.67 48.02
N GLY C 216 -59.33 -7.17 46.80
CA GLY C 216 -59.66 -8.56 46.54
C GLY C 216 -58.74 -9.25 45.55
N GLU C 217 -58.04 -10.30 46.00
CA GLU C 217 -56.88 -10.87 45.30
C GLU C 217 -57.19 -12.28 44.81
N ALA C 218 -57.52 -12.41 43.52
CA ALA C 218 -57.86 -13.71 42.97
C ALA C 218 -56.82 -14.14 41.96
N SER C 219 -56.29 -15.35 42.13
CA SER C 219 -55.27 -15.91 41.25
C SER C 219 -55.95 -16.90 40.30
N ILE C 220 -55.78 -16.68 39.00
CA ILE C 220 -56.49 -17.43 37.98
C ILE C 220 -55.47 -18.20 37.16
N CYS C 221 -55.91 -19.21 36.41
CA CYS C 221 -55.12 -19.73 35.31
C CYS C 221 -55.12 -18.70 34.20
N GLU C 222 -53.97 -18.59 33.53
CA GLU C 222 -53.78 -17.57 32.49
C GLU C 222 -54.65 -17.87 31.28
N ASP C 223 -54.87 -19.16 31.00
CA ASP C 223 -55.71 -19.53 29.88
C ASP C 223 -57.17 -19.17 30.14
N ASP C 224 -57.56 -19.15 31.41
CA ASP C 224 -58.92 -18.75 31.77
C ASP C 224 -59.12 -17.26 31.56
N TRP C 225 -58.12 -16.44 31.87
CA TRP C 225 -58.26 -15.00 31.71
C TRP C 225 -58.13 -14.60 30.24
N ASN C 226 -57.19 -15.20 29.51
CA ASN C 226 -56.98 -14.76 28.14
C ASN C 226 -57.90 -15.48 27.16
N SER C 227 -58.59 -16.53 27.59
CA SER C 227 -59.35 -17.35 26.64
C SER C 227 -60.62 -16.67 26.16
N GLY C 228 -60.98 -15.53 26.72
CA GLY C 228 -62.20 -14.84 26.34
C GLY C 228 -63.24 -14.80 27.44
N GLU C 229 -62.87 -15.12 28.68
CA GLU C 229 -63.80 -15.10 29.79
C GLU C 229 -63.77 -13.76 30.51
N ARG C 230 -64.89 -13.05 30.52
CA ARG C 230 -65.00 -11.83 31.31
C ARG C 230 -65.07 -12.19 32.79
N PHE C 231 -64.71 -11.21 33.64
CA PHE C 231 -64.60 -11.44 35.08
C PHE C 231 -65.39 -10.37 35.82
N THR C 232 -66.20 -10.79 36.80
CA THR C 232 -67.17 -9.93 37.48
C THR C 232 -66.96 -9.98 39.00
N CYS C 233 -66.83 -8.80 39.60
CA CYS C 233 -66.60 -8.67 41.04
C CYS C 233 -67.91 -8.29 41.73
N THR C 234 -68.08 -8.78 42.96
CA THR C 234 -69.22 -8.42 43.79
C THR C 234 -68.75 -7.82 45.11
N VAL C 235 -69.38 -6.73 45.52
CA VAL C 235 -69.05 -5.98 46.74
C VAL C 235 -70.33 -5.80 47.55
N THR C 236 -70.25 -6.03 48.86
CA THR C 236 -71.41 -6.01 49.75
C THR C 236 -71.03 -5.32 51.04
N HIS C 237 -71.77 -4.26 51.37
CA HIS C 237 -71.44 -3.31 52.42
C HIS C 237 -72.74 -2.88 53.11
N THR C 238 -72.64 -1.91 54.01
CA THR C 238 -73.82 -1.45 54.73
C THR C 238 -74.69 -0.57 53.85
N ASP C 239 -74.11 0.48 53.27
CA ASP C 239 -74.86 1.50 52.55
C ASP C 239 -75.30 1.05 51.15
N LEU C 240 -74.88 -0.12 50.70
CA LEU C 240 -75.33 -0.66 49.41
C LEU C 240 -76.72 -1.25 49.60
N PRO C 241 -77.73 -0.79 48.85
CA PRO C 241 -79.06 -1.41 48.94
C PRO C 241 -79.07 -2.78 48.28
N SER C 242 -78.15 -2.97 47.33
CA SER C 242 -77.93 -4.17 46.55
C SER C 242 -76.45 -4.20 46.20
N PRO C 243 -75.85 -5.36 45.94
CA PRO C 243 -74.42 -5.38 45.58
C PRO C 243 -74.17 -4.88 44.17
N LEU C 244 -72.89 -4.60 43.88
CA LEU C 244 -72.45 -4.09 42.59
C LEU C 244 -71.58 -5.15 41.90
N LYS C 245 -71.95 -5.52 40.68
CA LYS C 245 -71.20 -6.47 39.85
C LYS C 245 -70.39 -5.69 38.82
N GLN C 246 -69.07 -5.65 38.99
CA GLN C 246 -68.18 -4.87 38.12
C GLN C 246 -67.42 -5.79 37.17
N THR C 247 -67.47 -5.48 35.88
CA THR C 247 -67.02 -6.38 34.83
C THR C 247 -65.74 -5.90 34.17
N ILE C 248 -64.84 -6.85 33.89
CA ILE C 248 -63.59 -6.59 33.18
C ILE C 248 -63.40 -7.69 32.15
N SER C 249 -62.87 -7.33 30.99
CA SER C 249 -62.48 -8.34 30.00
C SER C 249 -61.13 -7.95 29.42
N ARG C 250 -60.36 -8.98 29.06
CA ARG C 250 -59.06 -8.75 28.44
C ARG C 250 -59.26 -8.10 27.09
N PRO C 251 -58.77 -6.88 26.88
CA PRO C 251 -59.11 -6.14 25.66
C PRO C 251 -58.45 -6.69 24.42
N LYS C 252 -58.93 -7.84 23.96
CA LYS C 252 -58.48 -8.39 22.70
C LYS C 252 -58.98 -7.51 21.55
N GLY C 253 -58.09 -7.19 20.63
CA GLY C 253 -58.46 -6.29 19.54
C GLY C 253 -57.41 -5.23 19.26
N VAL C 254 -56.25 -5.38 19.90
CA VAL C 254 -55.12 -4.49 19.70
C VAL C 254 -54.15 -5.21 18.76
N ALA C 255 -53.56 -4.47 17.84
CA ALA C 255 -52.53 -5.03 16.99
C ALA C 255 -51.30 -5.36 17.83
N LEU C 256 -50.61 -6.43 17.46
CA LEU C 256 -49.44 -6.90 18.18
C LEU C 256 -48.18 -6.70 17.36
N HIS C 257 -47.15 -6.17 18.00
CA HIS C 257 -45.83 -6.00 17.39
C HIS C 257 -44.79 -6.24 18.46
N ARG C 258 -43.56 -6.47 18.01
CA ARG C 258 -42.58 -7.00 18.93
C ARG C 258 -41.42 -6.04 19.16
N PRO C 259 -40.87 -5.99 20.36
CA PRO C 259 -39.78 -5.07 20.64
C PRO C 259 -38.50 -5.49 19.93
N ASP C 260 -37.70 -4.49 19.56
CA ASP C 260 -36.41 -4.72 18.92
C ASP C 260 -35.35 -4.20 19.85
N VAL C 261 -34.93 -5.00 20.82
CA VAL C 261 -34.03 -4.57 21.87
C VAL C 261 -32.64 -4.37 21.29
N TYR C 262 -32.17 -3.13 21.16
CA TYR C 262 -30.77 -2.87 20.85
C TYR C 262 -30.12 -2.38 22.12
N LEU C 263 -29.11 -3.06 22.58
CA LEU C 263 -28.47 -2.69 23.81
C LEU C 263 -27.24 -1.85 23.48
N LEU C 264 -27.25 -0.52 23.87
CA LEU C 264 -26.24 0.47 23.55
C LEU C 264 -25.17 0.53 24.64
N PRO C 265 -23.90 0.60 24.26
CA PRO C 265 -22.83 0.54 25.22
C PRO C 265 -22.35 1.93 25.57
N PRO C 266 -21.62 2.10 26.68
CA PRO C 266 -21.39 3.45 27.18
C PRO C 266 -20.43 4.28 26.36
N ALA C 267 -20.68 5.59 26.36
CA ALA C 267 -19.90 6.52 25.56
C ALA C 267 -18.49 6.66 26.09
N ARG C 268 -17.51 6.79 25.19
CA ARG C 268 -16.12 6.89 25.62
C ARG C 268 -15.82 8.17 26.37
N GLU C 269 -16.64 9.21 26.18
CA GLU C 269 -16.57 10.43 26.97
C GLU C 269 -16.84 10.17 28.43
N GLN C 270 -17.53 9.07 28.75
CA GLN C 270 -17.92 8.70 30.10
C GLN C 270 -16.93 7.83 30.81
N LEU C 271 -16.21 6.96 30.09
CA LEU C 271 -15.18 6.14 30.72
C LEU C 271 -13.81 6.82 30.68
N ASN C 272 -13.80 8.08 30.97
CA ASN C 272 -12.67 8.97 30.99
C ASN C 272 -12.72 9.87 32.19
N LEU C 273 -13.90 10.00 32.80
CA LEU C 273 -14.04 10.63 34.09
C LEU C 273 -13.78 9.63 35.20
N ARG C 274 -13.59 8.36 34.83
CA ARG C 274 -13.15 7.26 35.70
C ARG C 274 -14.17 6.94 36.78
N GLU C 275 -15.45 7.16 36.51
CA GLU C 275 -16.46 6.98 37.55
C GLU C 275 -17.40 5.82 37.30
N SER C 276 -18.21 5.86 36.24
CA SER C 276 -19.35 4.97 36.14
C SER C 276 -19.97 5.07 34.75
N ALA C 277 -20.25 3.93 34.17
CA ALA C 277 -20.87 3.81 32.87
C ALA C 277 -22.36 3.62 33.02
N THR C 278 -23.12 4.01 32.01
CA THR C 278 -24.55 3.66 32.00
C THR C 278 -24.82 2.95 30.68
N ILE C 279 -25.05 1.65 30.75
CA ILE C 279 -25.45 0.88 29.59
C ILE C 279 -26.94 1.00 29.41
N THR C 280 -27.40 1.15 28.18
CA THR C 280 -28.78 1.61 27.98
C THR C 280 -29.50 0.78 26.95
N CYS C 281 -30.63 0.21 27.33
CA CYS C 281 -31.24 -0.89 26.61
C CYS C 281 -32.44 -0.41 25.84
N LEU C 282 -32.24 0.07 24.62
CA LEU C 282 -33.27 0.77 23.89
C LEU C 282 -34.29 -0.23 23.34
N VAL C 283 -35.30 -0.50 24.15
CA VAL C 283 -36.45 -1.25 23.67
C VAL C 283 -37.23 -0.35 22.75
N THR C 284 -37.67 -0.85 21.60
CA THR C 284 -38.29 0.07 20.68
C THR C 284 -39.35 -0.62 19.86
N GLY C 285 -40.00 0.14 19.00
CA GLY C 285 -40.80 -0.38 17.92
C GLY C 285 -42.06 -1.15 18.24
N PHE C 286 -42.45 -1.27 19.49
CA PHE C 286 -43.41 -2.29 19.86
C PHE C 286 -44.77 -1.75 20.17
N SER C 287 -45.75 -2.65 20.17
CA SER C 287 -47.11 -2.32 20.57
C SER C 287 -47.78 -3.56 21.10
N PRO C 288 -48.60 -3.47 22.15
CA PRO C 288 -49.08 -2.41 23.03
C PRO C 288 -48.04 -1.94 24.01
N ALA C 289 -48.50 -1.41 25.13
CA ALA C 289 -47.62 -1.12 26.25
C ALA C 289 -47.25 -2.40 26.99
N ASP C 290 -46.85 -2.27 28.25
CA ASP C 290 -46.69 -3.39 29.17
C ASP C 290 -45.49 -4.24 28.79
N VAL C 291 -44.41 -3.57 28.41
CA VAL C 291 -43.11 -4.19 28.32
C VAL C 291 -42.57 -4.41 29.72
N PHE C 292 -41.62 -5.33 29.84
CA PHE C 292 -40.89 -5.49 31.08
C PHE C 292 -39.43 -5.57 30.69
N VAL C 293 -38.54 -4.99 31.47
CA VAL C 293 -37.12 -4.99 31.17
C VAL C 293 -36.37 -5.30 32.45
N GLN C 294 -35.63 -6.39 32.48
CA GLN C 294 -34.80 -6.59 33.65
C GLN C 294 -33.45 -7.07 33.20
N TRP C 295 -32.47 -6.93 34.09
CA TRP C 295 -31.07 -7.00 33.74
C TRP C 295 -30.44 -8.15 34.49
N MET C 296 -29.70 -8.98 33.77
CA MET C 296 -29.04 -10.12 34.37
C MET C 296 -27.55 -10.01 34.11
N GLN C 297 -26.76 -10.54 35.03
CA GLN C 297 -25.31 -10.59 34.94
C GLN C 297 -24.96 -12.03 35.19
N ARG C 298 -24.63 -12.75 34.13
CA ARG C 298 -24.25 -14.17 34.15
C ARG C 298 -25.39 -15.05 34.66
N GLY C 299 -26.60 -14.73 34.24
CA GLY C 299 -27.76 -15.51 34.61
C GLY C 299 -28.21 -15.42 36.06
N GLN C 300 -27.80 -14.37 36.77
CA GLN C 300 -28.17 -14.15 38.16
C GLN C 300 -28.51 -12.67 38.31
N PRO C 301 -29.79 -12.31 38.37
CA PRO C 301 -30.21 -10.93 38.11
C PRO C 301 -29.75 -9.92 39.13
N LEU C 302 -29.46 -8.71 38.66
CA LEU C 302 -29.09 -7.62 39.52
C LEU C 302 -30.31 -7.14 40.30
N SER C 303 -30.06 -6.46 41.40
CA SER C 303 -31.16 -5.96 42.19
C SER C 303 -31.79 -4.77 41.47
N PRO C 304 -33.12 -4.60 41.59
CA PRO C 304 -33.80 -3.50 40.89
C PRO C 304 -33.48 -2.11 41.40
N GLU C 305 -32.47 -1.92 42.23
CA GLU C 305 -32.02 -0.60 42.58
C GLU C 305 -30.98 -0.09 41.61
N LYS C 306 -30.49 -0.93 40.70
CA LYS C 306 -29.40 -0.53 39.83
C LYS C 306 -29.86 -0.12 38.45
N TYR C 307 -30.95 -0.66 37.94
CA TYR C 307 -31.43 -0.28 36.63
C TYR C 307 -32.72 0.49 36.79
N VAL C 308 -33.00 1.38 35.85
CA VAL C 308 -34.21 2.19 35.94
C VAL C 308 -34.97 2.13 34.63
N THR C 309 -36.07 1.40 34.61
CA THR C 309 -36.83 1.32 33.38
C THR C 309 -37.65 2.58 33.25
N SER C 310 -37.84 3.03 32.03
CA SER C 310 -38.70 4.18 31.78
C SER C 310 -40.16 3.73 31.75
N ALA C 311 -40.99 4.54 31.21
CA ALA C 311 -42.34 4.15 30.95
C ALA C 311 -42.54 4.10 29.44
N PRO C 312 -43.42 3.26 28.96
CA PRO C 312 -43.68 3.21 27.53
C PRO C 312 -44.27 4.49 26.98
N MET C 313 -43.47 5.24 26.24
CA MET C 313 -43.83 6.54 25.70
C MET C 313 -44.06 6.37 24.20
N PRO C 314 -45.02 7.04 23.59
CA PRO C 314 -45.32 6.78 22.17
C PRO C 314 -44.24 7.27 21.23
N GLU C 315 -43.89 6.41 20.28
CA GLU C 315 -42.78 6.66 19.35
C GLU C 315 -43.14 7.84 18.46
N PRO C 316 -42.16 8.65 18.07
CA PRO C 316 -42.49 9.83 17.25
C PRO C 316 -42.99 9.57 15.83
N GLN C 317 -42.21 8.85 15.04
CA GLN C 317 -42.46 8.82 13.60
C GLN C 317 -43.48 7.77 13.22
N ALA C 318 -43.43 6.61 13.88
CA ALA C 318 -44.31 5.52 13.56
C ALA C 318 -45.71 5.79 14.12
N PRO C 319 -46.71 5.02 13.66
CA PRO C 319 -48.04 5.04 14.32
C PRO C 319 -48.06 4.41 15.71
N GLY C 320 -49.26 4.03 16.17
CA GLY C 320 -49.42 3.45 17.49
C GLY C 320 -48.53 2.26 17.74
N ARG C 321 -47.50 2.65 18.48
CA ARG C 321 -46.30 1.89 18.78
C ARG C 321 -45.59 2.67 19.88
N TYR C 322 -44.58 2.09 20.50
CA TYR C 322 -44.01 2.74 21.68
C TYR C 322 -42.50 2.55 21.66
N PHE C 323 -41.85 2.96 22.75
CA PHE C 323 -40.50 2.52 23.06
C PHE C 323 -40.40 2.49 24.57
N ALA C 324 -39.19 2.33 25.07
CA ALA C 324 -38.83 2.51 26.47
C ALA C 324 -37.33 2.62 26.47
N HIS C 325 -36.75 2.81 27.63
CA HIS C 325 -35.33 2.62 27.81
C HIS C 325 -35.18 1.80 29.05
N SER C 326 -33.95 1.51 29.37
CA SER C 326 -33.62 1.15 30.73
C SER C 326 -32.15 1.42 30.90
N ILE C 327 -31.75 2.17 31.87
CA ILE C 327 -30.34 2.39 32.07
C ILE C 327 -29.89 1.47 33.17
N LEU C 328 -28.62 1.12 33.14
CA LEU C 328 -27.97 0.39 34.23
C LEU C 328 -26.65 1.08 34.43
N THR C 329 -26.39 1.58 35.63
CA THR C 329 -25.11 2.24 35.87
C THR C 329 -24.18 1.31 36.63
N VAL C 330 -23.03 1.05 36.03
CA VAL C 330 -22.05 0.14 36.57
C VAL C 330 -20.72 0.85 36.69
N SER C 331 -20.02 0.62 37.79
CA SER C 331 -18.79 1.36 38.05
C SER C 331 -17.70 0.90 37.11
N GLU C 332 -16.70 1.76 36.93
CA GLU C 332 -15.89 1.71 35.71
C GLU C 332 -14.89 0.58 35.72
N GLU C 333 -14.52 0.08 36.87
CA GLU C 333 -13.65 -1.08 36.88
C GLU C 333 -14.41 -2.39 36.72
N GLU C 334 -15.75 -2.38 36.86
CA GLU C 334 -16.53 -3.56 36.52
C GLU C 334 -16.49 -3.81 35.03
N TRP C 335 -16.75 -2.78 34.23
CA TRP C 335 -16.94 -3.01 32.81
C TRP C 335 -15.62 -3.29 32.14
N ASN C 336 -14.52 -2.84 32.72
CA ASN C 336 -13.20 -3.11 32.16
C ASN C 336 -12.58 -4.35 32.77
N THR C 337 -13.35 -5.43 32.79
CA THR C 337 -12.89 -6.73 33.29
C THR C 337 -13.46 -7.82 32.40
N GLY C 338 -14.50 -7.50 31.64
CA GLY C 338 -15.36 -8.51 31.06
C GLY C 338 -16.82 -8.20 31.32
N GLU C 339 -17.50 -9.03 32.13
CA GLU C 339 -18.81 -8.71 32.68
C GLU C 339 -19.94 -8.54 31.66
N THR C 340 -20.60 -9.65 31.32
CA THR C 340 -21.37 -9.74 30.10
C THR C 340 -22.65 -8.89 30.04
N TYR C 341 -23.32 -8.60 31.16
CA TYR C 341 -24.45 -7.63 31.25
C TYR C 341 -25.57 -7.82 30.22
N THR C 342 -26.38 -8.86 30.40
CA THR C 342 -27.49 -9.03 29.47
C THR C 342 -28.76 -8.36 29.96
N CYS C 343 -29.73 -8.21 29.06
CA CYS C 343 -30.88 -7.31 29.26
C CYS C 343 -32.14 -7.97 28.74
N VAL C 344 -32.84 -8.74 29.57
CA VAL C 344 -33.97 -9.53 29.09
C VAL C 344 -35.18 -8.62 29.01
N VAL C 345 -35.98 -8.82 27.98
CA VAL C 345 -37.12 -7.98 27.62
C VAL C 345 -38.32 -8.88 27.44
N ALA C 346 -39.34 -8.64 28.23
CA ALA C 346 -40.46 -9.54 28.38
C ALA C 346 -41.69 -8.86 27.83
N HIS C 347 -42.31 -9.47 26.85
CA HIS C 347 -43.36 -8.80 26.11
C HIS C 347 -44.30 -9.86 25.55
N GLU C 348 -45.59 -9.54 25.51
CA GLU C 348 -46.60 -10.49 25.08
C GLU C 348 -46.89 -10.38 23.59
N ALA C 349 -45.88 -10.12 22.78
CA ALA C 349 -45.96 -10.39 21.36
C ALA C 349 -44.74 -11.11 20.82
N LEU C 350 -43.87 -11.58 21.69
CA LEU C 350 -42.71 -12.35 21.29
C LEU C 350 -43.09 -13.83 21.21
N PRO C 351 -42.29 -14.65 20.53
CA PRO C 351 -42.55 -16.10 20.53
C PRO C 351 -42.55 -16.75 21.91
N ASN C 352 -41.44 -16.71 22.62
CA ASN C 352 -41.35 -17.36 23.91
C ASN C 352 -41.53 -16.41 25.07
N ARG C 353 -42.07 -15.22 24.81
CA ARG C 353 -42.32 -14.08 25.70
C ARG C 353 -41.07 -13.40 26.21
N VAL C 354 -39.85 -13.80 25.84
CA VAL C 354 -38.63 -13.23 26.42
C VAL C 354 -37.59 -13.19 25.33
N THR C 355 -37.00 -12.03 25.06
CA THR C 355 -35.76 -12.01 24.32
C THR C 355 -34.68 -11.41 25.17
N GLU C 356 -33.43 -11.57 24.77
CA GLU C 356 -32.37 -10.94 25.53
C GLU C 356 -31.20 -10.62 24.62
N ARG C 357 -30.46 -9.59 24.98
CA ARG C 357 -29.24 -9.20 24.30
C ARG C 357 -28.18 -8.89 25.33
N THR C 358 -26.93 -8.78 24.88
CA THR C 358 -25.79 -8.73 25.78
C THR C 358 -24.67 -7.88 25.20
N VAL C 359 -23.82 -7.35 26.08
CA VAL C 359 -22.77 -6.45 25.67
C VAL C 359 -21.58 -6.59 26.62
N ASP C 360 -20.42 -6.92 26.09
CA ASP C 360 -19.20 -6.98 26.88
C ASP C 360 -18.41 -5.74 26.57
N LYS C 361 -17.19 -5.67 27.11
CA LYS C 361 -16.26 -4.60 26.76
C LYS C 361 -15.90 -4.62 25.29
N SER C 362 -15.88 -5.80 24.69
CA SER C 362 -15.41 -6.03 23.33
C SER C 362 -16.56 -6.54 22.48
N THR C 363 -17.42 -5.64 22.01
CA THR C 363 -18.59 -6.04 21.25
C THR C 363 -18.58 -5.32 19.91
N GLY C 364 -17.44 -5.39 19.27
CA GLY C 364 -17.09 -4.47 18.22
C GLY C 364 -15.58 -4.39 18.31
N LYS C 365 -15.04 -3.20 18.47
CA LYS C 365 -13.62 -2.87 18.57
C LYS C 365 -12.81 -3.63 17.53
N PRO C 366 -12.80 -3.17 16.30
CA PRO C 366 -12.58 -4.05 15.17
C PRO C 366 -11.14 -4.50 14.99
N THR C 367 -10.87 -5.14 13.86
CA THR C 367 -9.52 -5.54 13.54
C THR C 367 -8.60 -4.34 13.43
N LEU C 368 -7.55 -4.34 14.23
CA LEU C 368 -6.49 -3.35 14.19
C LEU C 368 -5.30 -3.91 13.42
N TYR C 369 -5.05 -3.37 12.24
CA TYR C 369 -3.85 -3.73 11.51
C TYR C 369 -2.68 -2.98 12.08
N ASN C 370 -1.53 -3.59 12.10
CA ASN C 370 -0.39 -3.00 12.77
C ASN C 370 0.89 -3.27 11.97
N VAL C 371 0.88 -2.94 10.68
CA VAL C 371 1.99 -3.08 9.75
C VAL C 371 3.26 -2.40 10.24
N SER C 372 4.43 -2.91 9.87
CA SER C 372 5.66 -2.45 10.49
C SER C 372 6.89 -2.48 9.59
N LEU C 373 6.83 -1.90 8.39
CA LEU C 373 7.83 -2.14 7.34
C LEU C 373 9.24 -1.65 7.66
N VAL C 374 10.24 -2.51 7.47
CA VAL C 374 11.64 -2.15 7.74
C VAL C 374 12.34 -2.21 6.40
N MET C 375 11.67 -1.81 5.35
CA MET C 375 12.20 -1.89 3.99
C MET C 375 13.47 -1.09 3.80
N SER C 376 14.55 -1.83 3.61
CA SER C 376 15.87 -1.31 3.29
C SER C 376 16.10 -1.24 1.81
N ILE D 152 -64.54 23.02 43.93
CA ILE D 152 -63.85 24.29 44.15
C ILE D 152 -62.34 24.08 44.39
N ARG D 153 -61.62 23.98 43.28
CA ARG D 153 -60.17 23.97 43.31
C ARG D 153 -59.67 25.11 42.41
N VAL D 154 -58.60 25.77 42.82
CA VAL D 154 -57.87 26.70 41.96
C VAL D 154 -56.41 26.28 42.00
N PHE D 155 -55.90 25.85 40.85
CA PHE D 155 -54.53 25.42 40.67
C PHE D 155 -53.72 26.56 40.07
N ALA D 156 -52.40 26.44 40.16
CA ALA D 156 -51.50 27.37 39.50
C ALA D 156 -50.46 26.57 38.74
N ILE D 157 -50.46 26.72 37.41
CA ILE D 157 -49.44 26.14 36.55
C ILE D 157 -48.37 27.20 36.33
N PRO D 158 -47.15 27.02 36.86
CA PRO D 158 -46.12 28.03 36.73
C PRO D 158 -45.33 27.83 35.45
N PRO D 159 -44.46 28.77 35.09
CA PRO D 159 -43.53 28.50 34.00
C PRO D 159 -42.24 27.89 34.53
N SER D 160 -41.85 26.77 33.93
CA SER D 160 -40.59 26.11 34.23
C SER D 160 -39.57 26.45 33.15
N PHE D 161 -38.35 25.92 33.32
CA PHE D 161 -37.23 26.19 32.42
C PHE D 161 -37.51 25.78 30.98
N ALA D 162 -38.28 24.72 30.77
CA ALA D 162 -38.62 24.36 29.41
C ALA D 162 -39.55 25.37 28.78
N SER D 163 -40.36 26.04 29.58
CA SER D 163 -41.36 26.97 29.09
C SER D 163 -40.79 28.36 28.88
N ILE D 164 -39.88 28.78 29.76
CA ILE D 164 -39.14 30.01 29.56
C ILE D 164 -38.28 29.90 28.31
N PHE D 165 -37.35 28.94 28.30
CA PHE D 165 -36.26 28.88 27.34
C PHE D 165 -36.74 28.61 25.92
N LEU D 166 -37.90 27.98 25.78
CA LEU D 166 -38.45 27.85 24.44
C LEU D 166 -38.97 29.18 23.94
N THR D 167 -39.36 30.08 24.85
CA THR D 167 -40.12 31.27 24.49
C THR D 167 -39.49 32.59 24.96
N LYS D 168 -38.77 32.58 26.09
CA LYS D 168 -38.17 33.75 26.76
C LYS D 168 -39.20 34.80 27.16
N SER D 169 -40.45 34.40 27.26
CA SER D 169 -41.60 35.25 27.44
C SER D 169 -42.50 34.66 28.50
N THR D 170 -41.95 34.51 29.71
CA THR D 170 -42.57 33.83 30.85
C THR D 170 -44.01 34.24 31.12
N LYS D 171 -44.94 33.33 30.91
CA LYS D 171 -46.36 33.55 31.19
C LYS D 171 -46.80 32.51 32.18
N LEU D 172 -47.41 32.95 33.29
CA LEU D 172 -47.81 32.06 34.36
C LEU D 172 -49.32 31.96 34.38
N THR D 173 -49.85 30.76 34.65
CA THR D 173 -51.25 30.48 34.41
C THR D 173 -51.94 30.05 35.69
N CYS D 174 -53.08 30.66 35.96
CA CYS D 174 -53.95 30.35 37.09
C CYS D 174 -55.16 29.59 36.58
N LEU D 175 -55.28 28.32 36.96
CA LEU D 175 -56.37 27.48 36.47
C LEU D 175 -57.49 27.43 37.50
N VAL D 176 -58.72 27.67 37.05
CA VAL D 176 -59.91 27.61 37.88
C VAL D 176 -60.78 26.47 37.38
N THR D 177 -61.04 25.49 38.25
CA THR D 177 -61.77 24.27 37.91
C THR D 177 -62.79 23.99 39.01
N ASP D 178 -63.65 22.98 38.77
CA ASP D 178 -64.56 22.34 39.74
C ASP D 178 -65.64 23.28 40.28
N LEU D 179 -66.44 23.89 39.40
CA LEU D 179 -67.63 24.66 39.78
C LEU D 179 -68.79 24.34 38.82
N THR D 180 -69.89 25.06 38.96
CA THR D 180 -70.96 25.05 37.97
C THR D 180 -70.75 26.18 36.98
N THR D 181 -71.43 26.08 35.83
CA THR D 181 -71.09 26.86 34.64
C THR D 181 -71.71 28.25 34.71
N TYR D 182 -71.01 29.18 35.36
CA TYR D 182 -71.39 30.58 35.40
C TYR D 182 -70.47 31.38 34.50
N ASP D 183 -70.93 32.56 34.07
CA ASP D 183 -70.22 33.43 33.14
C ASP D 183 -69.77 34.71 33.87
N SER D 184 -68.98 35.52 33.16
CA SER D 184 -68.32 36.73 33.67
C SER D 184 -67.51 36.43 34.93
N VAL D 185 -66.53 35.54 34.75
CA VAL D 185 -65.68 35.07 35.84
C VAL D 185 -64.77 36.22 36.28
N THR D 186 -64.38 36.21 37.55
CA THR D 186 -63.59 37.30 38.11
C THR D 186 -62.33 36.74 38.73
N ILE D 187 -61.23 36.91 38.02
CA ILE D 187 -59.92 36.40 38.42
C ILE D 187 -58.92 37.52 38.19
N SER D 188 -57.81 37.48 38.92
CA SER D 188 -56.80 38.52 38.75
C SER D 188 -55.43 37.96 39.12
N TRP D 189 -54.40 38.52 38.50
CA TRP D 189 -53.03 38.13 38.77
C TRP D 189 -52.31 39.29 39.44
N THR D 190 -51.89 39.09 40.69
CA THR D 190 -51.31 40.16 41.48
C THR D 190 -49.95 39.77 42.02
N ARG D 191 -49.16 40.77 42.33
CA ARG D 191 -47.80 40.62 42.82
C ARG D 191 -47.83 40.49 44.34
N GLN D 192 -46.66 40.62 44.96
CA GLN D 192 -46.59 40.75 46.40
C GLN D 192 -47.10 42.11 46.87
N ASN D 193 -46.97 43.15 46.05
CA ASN D 193 -47.30 44.51 46.46
C ASN D 193 -48.64 44.94 45.88
N GLY D 194 -49.44 43.98 45.45
CA GLY D 194 -50.82 44.26 45.08
C GLY D 194 -51.03 45.00 43.78
N GLU D 195 -50.05 45.06 42.89
CA GLU D 195 -50.25 45.78 41.65
C GLU D 195 -51.00 44.92 40.61
N ALA D 196 -50.98 45.38 39.37
CA ALA D 196 -51.73 44.79 38.26
C ALA D 196 -50.78 44.39 37.15
N VAL D 197 -51.26 43.52 36.26
CA VAL D 197 -50.46 42.92 35.20
C VAL D 197 -51.17 43.04 33.87
N LYS D 198 -50.64 42.33 32.88
CA LYS D 198 -51.32 42.09 31.61
C LYS D 198 -52.68 41.43 31.84
N THR D 199 -53.62 41.72 30.94
CA THR D 199 -54.94 41.12 31.05
C THR D 199 -54.88 39.63 30.73
N HIS D 200 -55.83 38.89 31.30
CA HIS D 200 -55.88 37.44 31.11
C HIS D 200 -56.91 37.13 30.03
N THR D 201 -56.66 37.61 28.82
CA THR D 201 -57.48 37.27 27.67
C THR D 201 -57.25 35.83 27.25
N ASN D 202 -57.92 35.46 26.15
CA ASN D 202 -58.07 34.07 25.70
C ASN D 202 -58.66 33.24 26.83
N ILE D 203 -59.91 33.57 27.17
CA ILE D 203 -60.72 32.66 27.97
C ILE D 203 -61.09 31.47 27.10
N SER D 204 -61.22 30.31 27.72
CA SER D 204 -61.43 29.08 26.95
C SER D 204 -62.92 28.76 26.90
N GLU D 205 -63.28 27.62 26.31
CA GLU D 205 -64.65 27.15 26.43
C GLU D 205 -64.81 26.48 27.79
N SER D 206 -66.06 26.32 28.26
CA SER D 206 -66.39 25.63 29.49
C SER D 206 -66.33 24.12 29.28
N HIS D 207 -66.95 23.39 30.20
CA HIS D 207 -66.87 21.95 29.97
C HIS D 207 -68.23 21.33 29.69
N PRO D 208 -68.36 20.62 28.57
CA PRO D 208 -69.57 19.83 28.29
C PRO D 208 -69.77 18.61 29.20
N ASN D 209 -68.81 18.27 30.06
CA ASN D 209 -69.08 17.34 31.15
C ASN D 209 -69.44 18.08 32.44
N ALA D 210 -69.65 19.41 32.35
CA ALA D 210 -70.07 20.29 33.45
C ALA D 210 -69.05 20.32 34.59
N THR D 211 -67.78 20.58 34.25
CA THR D 211 -66.81 21.08 35.20
C THR D 211 -66.41 22.48 34.75
N PHE D 212 -65.49 23.11 35.49
CA PHE D 212 -65.22 24.53 35.29
C PHE D 212 -63.91 24.74 34.54
N SER D 213 -63.86 25.83 33.78
CA SER D 213 -62.71 26.14 32.91
C SER D 213 -62.53 27.65 32.83
N ALA D 214 -61.46 28.14 33.43
CA ALA D 214 -61.02 29.52 33.26
C ALA D 214 -59.51 29.54 33.50
N VAL D 215 -58.82 30.32 32.66
CA VAL D 215 -57.37 30.48 32.76
C VAL D 215 -57.06 31.93 33.07
N GLY D 216 -55.97 32.15 33.78
CA GLY D 216 -55.50 33.51 33.98
C GLY D 216 -54.02 33.64 33.69
N GLU D 217 -53.65 34.36 32.63
CA GLU D 217 -52.25 34.49 32.27
C GLU D 217 -51.77 35.89 32.60
N ALA D 218 -50.45 36.03 32.64
CA ALA D 218 -49.77 37.30 32.87
C ALA D 218 -48.34 37.17 32.40
N SER D 219 -47.90 38.08 31.56
CA SER D 219 -46.55 38.04 31.03
C SER D 219 -45.62 38.81 31.97
N ILE D 220 -44.71 38.08 32.59
CA ILE D 220 -43.76 38.62 33.54
C ILE D 220 -42.38 38.45 32.92
N CYS D 221 -41.41 39.24 33.37
CA CYS D 221 -40.05 38.99 32.95
C CYS D 221 -39.21 38.52 34.14
N GLU D 222 -38.13 37.81 33.81
CA GLU D 222 -37.69 36.64 34.58
C GLU D 222 -37.26 36.98 36.00
N ASP D 223 -36.73 38.19 36.22
CA ASP D 223 -36.05 38.43 37.48
C ASP D 223 -37.03 38.59 38.65
N ASP D 224 -38.28 38.95 38.35
CA ASP D 224 -39.31 38.95 39.38
C ASP D 224 -39.85 37.56 39.66
N TRP D 225 -39.36 36.55 38.93
CA TRP D 225 -39.75 35.16 39.14
C TRP D 225 -38.66 34.35 39.80
N ASN D 226 -37.43 34.85 39.80
CA ASN D 226 -36.30 34.13 40.38
C ASN D 226 -35.89 34.74 41.71
N SER D 227 -36.06 36.06 41.88
CA SER D 227 -35.65 36.74 43.10
C SER D 227 -36.50 36.37 44.30
N GLY D 228 -37.72 35.88 44.07
CA GLY D 228 -38.55 35.41 45.16
C GLY D 228 -39.79 36.23 45.42
N GLU D 229 -40.33 36.83 44.37
CA GLU D 229 -41.60 37.53 44.51
C GLU D 229 -42.68 36.47 44.35
N ARG D 230 -43.56 36.36 45.36
CA ARG D 230 -44.67 35.43 45.26
C ARG D 230 -45.77 36.02 44.38
N PHE D 231 -46.33 35.21 43.51
CA PHE D 231 -47.33 35.69 42.58
C PHE D 231 -48.66 35.03 42.88
N THR D 232 -49.71 35.81 43.11
CA THR D 232 -50.98 35.29 43.59
C THR D 232 -52.08 35.51 42.58
N CYS D 233 -52.83 34.45 42.30
CA CYS D 233 -54.06 34.54 41.53
C CYS D 233 -55.22 34.66 42.52
N THR D 234 -56.02 35.71 42.34
CA THR D 234 -57.18 35.95 43.19
C THR D 234 -58.43 35.53 42.43
N VAL D 235 -59.36 34.86 43.12
CA VAL D 235 -60.52 34.23 42.53
C VAL D 235 -61.78 34.62 43.31
N THR D 236 -62.75 35.25 42.63
CA THR D 236 -64.06 35.55 43.17
C THR D 236 -65.10 35.22 42.11
N HIS D 237 -66.27 34.73 42.53
CA HIS D 237 -67.26 34.27 41.56
C HIS D 237 -68.66 34.29 42.20
N THR D 238 -69.59 33.54 41.63
CA THR D 238 -70.95 33.49 42.14
C THR D 238 -71.15 32.27 43.04
N ASP D 239 -70.41 31.20 42.82
CA ASP D 239 -70.50 30.06 43.72
C ASP D 239 -69.72 30.31 45.00
N LEU D 240 -68.47 30.74 44.89
CA LEU D 240 -67.61 31.11 46.01
C LEU D 240 -67.28 32.60 45.88
N PRO D 241 -68.15 33.49 46.35
CA PRO D 241 -67.87 34.92 46.24
C PRO D 241 -66.92 35.47 47.30
N SER D 242 -66.20 34.61 48.01
CA SER D 242 -65.15 34.96 48.93
C SER D 242 -63.80 35.00 48.21
N PRO D 243 -62.94 35.96 48.56
CA PRO D 243 -61.63 36.08 47.89
C PRO D 243 -60.69 34.89 48.10
N LEU D 244 -60.39 34.18 47.01
CA LEU D 244 -59.53 33.00 47.04
C LEU D 244 -58.14 33.38 46.54
N LYS D 245 -57.12 32.92 47.25
CA LYS D 245 -55.73 33.24 46.95
C LYS D 245 -55.00 31.95 46.60
N GLN D 246 -54.42 31.89 45.40
CA GLN D 246 -53.56 30.80 44.98
C GLN D 246 -52.17 31.40 44.72
N THR D 247 -51.23 31.11 45.60
CA THR D 247 -49.90 31.70 45.52
C THR D 247 -48.93 30.70 44.89
N ILE D 248 -48.10 31.19 43.98
CA ILE D 248 -47.05 30.34 43.41
C ILE D 248 -45.84 31.21 43.10
N SER D 249 -44.65 30.64 43.26
CA SER D 249 -43.38 31.31 43.07
C SER D 249 -42.36 30.30 42.56
N ARG D 250 -41.07 30.61 42.68
CA ARG D 250 -40.04 29.62 42.45
C ARG D 250 -39.49 29.15 43.79
N PRO D 251 -39.66 27.88 44.16
CA PRO D 251 -39.23 27.41 45.48
C PRO D 251 -37.74 27.21 45.62
N LYS D 252 -37.03 28.27 46.01
CA LYS D 252 -35.61 28.19 46.34
C LYS D 252 -35.38 27.28 47.54
N GLY D 253 -34.14 26.80 47.66
CA GLY D 253 -33.79 25.89 48.73
C GLY D 253 -33.43 24.50 48.23
N VAL D 254 -32.95 24.41 46.99
CA VAL D 254 -32.59 23.15 46.37
C VAL D 254 -31.21 23.32 45.75
N ALA D 255 -30.49 22.21 45.55
CA ALA D 255 -29.15 22.26 45.01
C ALA D 255 -29.19 22.54 43.52
N LEU D 256 -28.03 22.63 42.89
CA LEU D 256 -27.94 22.61 41.42
C LEU D 256 -26.62 22.00 41.00
N HIS D 257 -26.69 20.84 40.33
CA HIS D 257 -25.53 20.21 39.73
C HIS D 257 -25.67 20.28 38.22
N ARG D 258 -24.59 20.12 37.55
CA ARG D 258 -24.49 20.32 36.11
C ARG D 258 -24.71 19.02 35.36
N PRO D 259 -25.57 19.01 34.33
CA PRO D 259 -25.81 17.79 33.57
C PRO D 259 -24.65 17.32 32.72
N ASP D 260 -24.14 16.11 32.91
CA ASP D 260 -23.21 15.54 31.94
C ASP D 260 -24.03 15.11 30.76
N VAL D 261 -23.65 15.47 29.56
CA VAL D 261 -24.39 15.06 28.36
C VAL D 261 -23.53 14.12 27.55
N TYR D 262 -24.07 12.98 27.16
CA TYR D 262 -23.40 12.06 26.25
C TYR D 262 -24.33 11.72 25.11
N LEU D 263 -23.89 11.89 23.89
CA LEU D 263 -24.76 11.64 22.76
C LEU D 263 -24.36 10.30 22.16
N LEU D 264 -25.25 9.31 22.23
CA LEU D 264 -24.78 7.98 21.90
C LEU D 264 -25.13 7.63 20.46
N PRO D 265 -24.21 7.15 19.63
CA PRO D 265 -24.53 6.93 18.23
C PRO D 265 -25.27 5.62 18.06
N PRO D 266 -26.02 5.45 16.97
CA PRO D 266 -26.83 4.26 16.80
C PRO D 266 -26.03 2.97 16.71
N ALA D 267 -26.61 1.91 17.26
CA ALA D 267 -25.91 0.64 17.44
C ALA D 267 -25.84 -0.10 16.13
N ARG D 268 -24.82 -0.97 15.99
CA ARG D 268 -24.62 -1.64 14.71
C ARG D 268 -25.67 -2.70 14.44
N GLU D 269 -26.41 -3.12 15.47
CA GLU D 269 -27.55 -3.99 15.22
C GLU D 269 -28.67 -3.25 14.52
N GLN D 270 -28.81 -1.95 14.80
CA GLN D 270 -29.91 -1.17 14.24
C GLN D 270 -29.63 -0.74 12.81
N LEU D 271 -28.38 -0.40 12.54
CA LEU D 271 -28.03 0.07 11.22
C LEU D 271 -27.97 -1.05 10.21
N ASN D 272 -27.61 -2.26 10.64
CA ASN D 272 -27.43 -3.34 9.67
C ASN D 272 -28.74 -3.86 9.08
N LEU D 273 -29.89 -3.38 9.54
CA LEU D 273 -31.12 -3.52 8.78
C LEU D 273 -31.19 -2.50 7.65
N ARG D 274 -30.59 -1.34 7.87
CA ARG D 274 -30.71 -0.16 7.02
C ARG D 274 -32.16 0.28 6.84
N GLU D 275 -32.84 0.57 7.95
CA GLU D 275 -34.19 1.17 7.90
C GLU D 275 -34.24 2.57 8.47
N SER D 276 -33.91 2.75 9.76
CA SER D 276 -33.88 4.06 10.40
C SER D 276 -33.09 3.92 11.70
N ALA D 277 -32.29 4.93 12.01
CA ALA D 277 -31.44 4.93 13.18
C ALA D 277 -32.02 5.89 14.21
N THR D 278 -31.82 5.64 15.49
CA THR D 278 -32.25 6.59 16.50
C THR D 278 -31.07 6.94 17.37
N ILE D 279 -30.81 8.22 17.52
CA ILE D 279 -29.72 8.75 18.32
C ILE D 279 -30.29 9.24 19.64
N THR D 280 -29.65 8.84 20.74
CA THR D 280 -30.17 9.13 22.07
C THR D 280 -29.24 10.09 22.76
N CYS D 281 -29.72 11.27 23.10
CA CYS D 281 -28.96 12.16 23.94
C CYS D 281 -29.26 11.80 25.36
N LEU D 282 -28.23 11.52 26.16
CA LEU D 282 -28.37 11.10 27.53
C LEU D 282 -27.94 12.24 28.43
N VAL D 283 -28.87 12.80 29.18
CA VAL D 283 -28.61 13.99 29.97
C VAL D 283 -28.54 13.55 31.41
N THR D 284 -27.38 13.14 31.85
CA THR D 284 -27.34 12.50 33.15
C THR D 284 -26.89 13.44 34.23
N GLY D 285 -27.12 13.01 35.47
CA GLY D 285 -26.47 13.53 36.63
C GLY D 285 -27.04 14.79 37.24
N PHE D 286 -28.05 15.40 36.67
CA PHE D 286 -28.30 16.76 37.09
C PHE D 286 -29.32 16.87 38.19
N SER D 287 -29.48 18.09 38.69
CA SER D 287 -30.49 18.48 39.66
C SER D 287 -30.55 19.99 39.63
N PRO D 288 -31.73 20.59 39.78
CA PRO D 288 -33.09 20.10 39.90
C PRO D 288 -33.64 19.59 38.58
N ALA D 289 -34.94 19.41 38.49
CA ALA D 289 -35.54 18.92 37.26
C ALA D 289 -35.65 20.04 36.23
N ASP D 290 -36.55 19.86 35.26
CA ASP D 290 -36.92 20.87 34.28
C ASP D 290 -35.72 21.27 33.41
N VAL D 291 -35.32 20.34 32.57
CA VAL D 291 -34.30 20.57 31.57
C VAL D 291 -35.00 20.67 30.22
N PHE D 292 -34.36 21.34 29.28
CA PHE D 292 -34.91 21.51 27.95
C PHE D 292 -33.96 20.92 26.93
N VAL D 293 -34.30 19.75 26.40
CA VAL D 293 -33.46 19.11 25.41
C VAL D 293 -34.06 19.39 24.05
N GLN D 294 -33.28 19.95 23.14
CA GLN D 294 -33.74 20.05 21.77
C GLN D 294 -32.56 19.86 20.85
N TRP D 295 -32.86 19.66 19.58
CA TRP D 295 -31.93 19.09 18.65
C TRP D 295 -31.78 20.02 17.47
N MET D 296 -30.56 20.19 17.00
CA MET D 296 -30.31 21.02 15.83
C MET D 296 -29.50 20.23 14.82
N GLN D 297 -29.84 20.41 13.55
CA GLN D 297 -29.14 19.79 12.42
C GLN D 297 -28.35 20.93 11.76
N ARG D 298 -27.12 21.13 12.24
CA ARG D 298 -26.20 22.19 11.78
C ARG D 298 -26.83 23.58 11.81
N GLY D 299 -27.09 24.08 13.01
CA GLY D 299 -27.62 25.41 13.17
C GLY D 299 -29.02 25.61 12.66
N GLN D 300 -29.76 24.54 12.51
CA GLN D 300 -31.13 24.65 12.07
C GLN D 300 -31.99 23.68 12.86
N PRO D 301 -32.88 24.19 13.71
CA PRO D 301 -33.60 23.32 14.66
C PRO D 301 -34.58 22.39 13.98
N LEU D 302 -34.46 21.10 14.30
CA LEU D 302 -35.32 20.09 13.74
C LEU D 302 -36.73 20.26 14.23
N SER D 303 -37.66 19.68 13.47
CA SER D 303 -39.05 19.79 13.81
C SER D 303 -39.37 18.92 15.02
N PRO D 304 -40.07 19.47 16.01
CA PRO D 304 -40.35 18.73 17.25
C PRO D 304 -41.34 17.58 17.11
N GLU D 305 -41.83 17.29 15.91
CA GLU D 305 -42.51 16.04 15.65
C GLU D 305 -41.54 14.88 15.53
N LYS D 306 -40.23 15.15 15.49
CA LYS D 306 -39.22 14.15 15.22
C LYS D 306 -38.54 13.62 16.48
N TYR D 307 -38.03 14.47 17.36
CA TYR D 307 -37.46 13.93 18.57
C TYR D 307 -38.52 13.75 19.64
N VAL D 308 -38.16 13.01 20.69
CA VAL D 308 -39.01 12.85 21.87
C VAL D 308 -38.11 12.88 23.09
N THR D 309 -38.40 13.80 24.00
CA THR D 309 -37.69 13.93 25.25
C THR D 309 -38.43 13.09 26.27
N SER D 310 -37.73 12.54 27.24
CA SER D 310 -38.35 11.82 28.32
C SER D 310 -38.89 12.80 29.35
N ALA D 311 -39.12 12.31 30.54
CA ALA D 311 -39.31 13.11 31.73
C ALA D 311 -38.18 12.80 32.70
N PRO D 312 -37.79 13.74 33.54
CA PRO D 312 -36.67 13.48 34.44
C PRO D 312 -37.00 12.48 35.54
N MET D 313 -36.52 11.25 35.36
CA MET D 313 -36.72 10.20 36.33
C MET D 313 -35.51 10.14 37.24
N PRO D 314 -35.65 9.92 38.54
CA PRO D 314 -34.51 10.10 39.44
C PRO D 314 -33.49 8.99 39.32
N GLU D 315 -32.23 9.34 39.53
CA GLU D 315 -31.13 8.46 39.17
C GLU D 315 -31.03 7.31 40.18
N PRO D 316 -30.63 6.10 39.74
CA PRO D 316 -30.64 4.96 40.66
C PRO D 316 -29.64 5.02 41.80
N GLN D 317 -28.38 5.27 41.50
CA GLN D 317 -27.32 5.26 42.51
C GLN D 317 -26.93 6.64 42.97
N ALA D 318 -27.33 7.67 42.24
CA ALA D 318 -27.03 9.03 42.66
C ALA D 318 -28.15 9.55 43.56
N PRO D 319 -27.84 10.31 44.61
CA PRO D 319 -28.84 10.56 45.66
C PRO D 319 -30.02 11.43 45.28
N GLY D 320 -29.80 12.67 44.89
CA GLY D 320 -30.92 13.54 44.70
C GLY D 320 -30.93 14.09 43.30
N ARG D 321 -30.22 13.40 42.44
CA ARG D 321 -29.98 13.83 41.08
C ARG D 321 -31.05 13.25 40.16
N TYR D 322 -30.89 13.46 38.86
CA TYR D 322 -31.87 13.00 37.91
C TYR D 322 -31.14 12.48 36.69
N PHE D 323 -31.91 12.23 35.63
CA PHE D 323 -31.41 12.04 34.28
C PHE D 323 -32.60 12.24 33.38
N ALA D 324 -32.36 12.28 32.09
CA ALA D 324 -33.44 12.26 31.13
C ALA D 324 -32.82 11.77 29.84
N HIS D 325 -33.65 11.51 28.86
CA HIS D 325 -33.18 11.01 27.60
C HIS D 325 -33.89 11.77 26.54
N SER D 326 -33.38 11.70 25.33
CA SER D 326 -34.13 12.28 24.22
C SER D 326 -33.72 11.53 22.98
N ILE D 327 -34.63 10.88 22.33
CA ILE D 327 -34.26 10.10 21.16
C ILE D 327 -34.69 10.85 19.93
N LEU D 328 -33.98 10.63 18.84
CA LEU D 328 -34.26 11.26 17.56
C LEU D 328 -34.15 10.20 16.49
N THR D 329 -35.17 10.05 15.66
CA THR D 329 -35.15 9.03 14.62
C THR D 329 -34.71 9.65 13.31
N VAL D 330 -33.50 9.40 12.95
CA VAL D 330 -33.01 9.80 11.65
C VAL D 330 -33.26 8.67 10.68
N SER D 331 -33.65 9.02 9.45
CA SER D 331 -33.61 8.03 8.40
C SER D 331 -32.15 7.71 8.16
N GLU D 332 -31.81 6.42 8.16
CA GLU D 332 -30.41 6.05 8.17
C GLU D 332 -29.70 6.38 6.87
N GLU D 333 -30.47 6.58 5.79
CA GLU D 333 -29.92 7.13 4.56
C GLU D 333 -29.35 8.52 4.79
N GLU D 334 -29.93 9.28 5.72
CA GLU D 334 -29.32 10.54 6.10
C GLU D 334 -28.15 10.32 7.05
N TRP D 335 -28.07 9.16 7.69
CA TRP D 335 -26.93 8.99 8.56
C TRP D 335 -25.73 8.46 7.81
N ASN D 336 -25.90 7.95 6.59
CA ASN D 336 -24.76 7.51 5.80
C ASN D 336 -23.98 8.68 5.22
N THR D 337 -24.61 9.82 5.05
CA THR D 337 -23.92 11.07 4.82
C THR D 337 -23.47 11.68 6.15
N GLY D 338 -24.23 11.44 7.22
CA GLY D 338 -23.77 11.58 8.59
C GLY D 338 -23.47 12.99 9.06
N GLU D 339 -24.40 13.90 8.85
CA GLU D 339 -24.05 15.31 8.83
C GLU D 339 -23.60 15.93 10.15
N THR D 340 -24.54 16.32 11.00
CA THR D 340 -24.08 17.05 12.16
C THR D 340 -24.67 16.54 13.46
N TYR D 341 -26.00 16.57 13.54
CA TYR D 341 -26.79 16.12 14.68
C TYR D 341 -26.30 16.59 16.04
N THR D 342 -26.46 17.86 16.37
CA THR D 342 -26.11 18.30 17.69
C THR D 342 -27.33 18.33 18.60
N CYS D 343 -27.09 18.03 19.88
CA CYS D 343 -28.06 17.98 20.94
C CYS D 343 -27.75 19.07 21.92
N VAL D 344 -28.65 20.04 22.06
CA VAL D 344 -28.44 21.11 23.01
C VAL D 344 -29.37 20.89 24.19
N VAL D 345 -28.88 21.25 25.36
CA VAL D 345 -29.52 20.92 26.61
C VAL D 345 -29.44 22.16 27.50
N ALA D 346 -30.61 22.71 27.80
CA ALA D 346 -30.73 23.95 28.52
C ALA D 346 -31.08 23.63 29.96
N HIS D 347 -30.16 23.88 30.87
CA HIS D 347 -30.35 23.69 32.29
C HIS D 347 -30.01 25.00 33.00
N GLU D 348 -30.27 25.09 34.29
CA GLU D 348 -29.95 26.26 35.06
C GLU D 348 -28.57 26.20 35.69
N ALA D 349 -27.89 25.06 35.68
CA ALA D 349 -26.66 24.92 36.43
C ALA D 349 -25.45 24.91 35.53
N LEU D 350 -25.64 25.06 34.29
CA LEU D 350 -24.53 25.21 33.38
C LEU D 350 -23.94 26.61 33.54
N PRO D 351 -22.72 26.89 33.08
CA PRO D 351 -22.24 28.27 33.12
C PRO D 351 -23.06 29.20 32.24
N ASN D 352 -23.13 28.91 30.96
CA ASN D 352 -23.85 29.77 30.05
C ASN D 352 -25.25 29.27 29.77
N ARG D 353 -25.71 28.30 30.55
CA ARG D 353 -27.01 27.62 30.48
C ARG D 353 -27.26 26.83 29.20
N VAL D 354 -26.34 26.76 28.26
CA VAL D 354 -26.58 25.91 27.10
C VAL D 354 -25.32 25.11 26.83
N THR D 355 -25.46 23.79 26.75
CA THR D 355 -24.42 22.85 26.36
C THR D 355 -24.83 22.24 25.04
N GLU D 356 -23.87 22.08 24.14
CA GLU D 356 -24.13 21.45 22.86
C GLU D 356 -23.19 20.27 22.75
N ARG D 357 -23.69 19.09 22.44
CA ARG D 357 -22.84 17.99 22.04
C ARG D 357 -23.21 17.56 20.63
N THR D 358 -22.28 16.89 19.96
CA THR D 358 -22.46 16.54 18.56
C THR D 358 -21.91 15.16 18.28
N VAL D 359 -22.53 14.49 17.32
CA VAL D 359 -22.06 13.17 16.92
C VAL D 359 -22.35 13.04 15.43
N ASP D 360 -21.39 12.45 14.72
CA ASP D 360 -21.54 12.19 13.30
C ASP D 360 -21.09 10.78 13.06
N LYS D 361 -21.07 10.39 11.78
CA LYS D 361 -20.88 8.99 11.41
C LYS D 361 -19.53 8.45 11.83
N SER D 362 -18.57 9.32 12.07
CA SER D 362 -17.21 8.93 12.41
C SER D 362 -16.75 9.68 13.64
N THR D 363 -17.14 9.26 14.82
CA THR D 363 -16.78 10.04 15.98
C THR D 363 -16.00 9.24 17.00
N GLY D 364 -16.49 8.08 17.38
CA GLY D 364 -15.73 7.20 18.23
C GLY D 364 -14.93 6.18 17.48
N LYS D 365 -14.80 6.35 16.17
CA LYS D 365 -14.07 5.40 15.37
C LYS D 365 -12.59 5.47 15.73
N PRO D 366 -12.00 4.36 16.14
CA PRO D 366 -10.58 4.37 16.50
C PRO D 366 -9.75 4.25 15.25
N THR D 367 -8.44 4.40 15.40
CA THR D 367 -7.55 4.28 14.25
C THR D 367 -7.14 2.84 14.06
N LEU D 368 -7.36 2.35 12.86
CA LEU D 368 -7.10 0.97 12.50
C LEU D 368 -5.71 0.77 11.93
N TYR D 369 -5.36 1.52 10.89
CA TYR D 369 -4.29 1.19 9.98
C TYR D 369 -2.97 1.79 10.42
N ASN D 370 -2.51 1.38 11.57
CA ASN D 370 -1.26 1.87 12.12
C ASN D 370 0.02 1.50 11.36
N VAL D 371 0.30 2.10 10.20
CA VAL D 371 1.50 1.81 9.38
C VAL D 371 2.76 2.39 9.97
N SER D 372 3.66 1.59 10.48
CA SER D 372 4.85 2.13 11.13
C SER D 372 6.14 1.91 10.36
N LEU D 373 6.34 2.55 9.22
CA LEU D 373 7.57 2.35 8.44
C LEU D 373 8.81 2.95 9.07
N VAL D 374 9.91 2.18 9.03
CA VAL D 374 11.12 2.45 9.79
C VAL D 374 12.32 2.29 8.87
N MET D 375 13.30 3.15 9.06
CA MET D 375 14.48 3.26 8.21
C MET D 375 15.66 3.76 9.04
N ILE E 152 -20.33 71.04 31.20
CA ILE E 152 -21.00 69.88 31.75
C ILE E 152 -21.51 69.02 30.60
N ARG E 153 -20.71 68.02 30.24
CA ARG E 153 -21.07 67.07 29.19
C ARG E 153 -21.70 65.83 29.80
N VAL E 154 -22.63 65.24 29.07
CA VAL E 154 -23.36 64.05 29.50
C VAL E 154 -22.99 62.91 28.56
N PHE E 155 -22.90 61.70 29.10
CA PHE E 155 -22.52 60.52 28.36
C PHE E 155 -23.45 59.37 28.71
N ALA E 156 -24.11 58.85 27.67
CA ALA E 156 -24.92 57.64 27.74
C ALA E 156 -24.03 56.46 27.40
N ILE E 157 -23.92 55.53 28.34
CA ILE E 157 -23.19 54.29 28.11
C ILE E 157 -24.26 53.21 28.20
N PRO E 158 -24.90 52.85 27.10
CA PRO E 158 -25.88 51.79 27.13
C PRO E 158 -25.18 50.45 27.23
N PRO E 159 -25.70 49.54 28.05
CA PRO E 159 -25.20 48.16 28.03
C PRO E 159 -25.31 47.51 26.65
N SER E 160 -24.16 47.06 26.17
CA SER E 160 -24.07 46.30 24.93
C SER E 160 -24.42 44.84 25.23
N PHE E 161 -24.47 44.02 24.18
CA PHE E 161 -24.80 42.62 24.36
C PHE E 161 -23.74 41.88 25.15
N ALA E 162 -22.48 42.31 25.04
CA ALA E 162 -21.43 41.74 25.85
C ALA E 162 -21.69 41.97 27.33
N SER E 163 -22.20 43.16 27.68
CA SER E 163 -22.45 43.54 29.05
C SER E 163 -23.72 42.92 29.63
N ILE E 164 -24.78 42.82 28.84
CA ILE E 164 -25.97 42.12 29.31
C ILE E 164 -25.95 40.64 29.03
N PHE E 165 -24.83 40.11 28.56
CA PHE E 165 -24.62 38.66 28.61
C PHE E 165 -23.67 38.24 29.72
N LEU E 166 -22.59 38.96 29.99
CA LEU E 166 -21.61 38.37 30.90
C LEU E 166 -22.03 38.50 32.36
N THR E 167 -22.97 39.39 32.69
CA THR E 167 -23.49 39.48 34.05
C THR E 167 -24.94 39.05 34.18
N LYS E 168 -25.72 39.09 33.08
CA LYS E 168 -27.13 38.71 33.00
C LYS E 168 -28.02 39.55 33.92
N SER E 169 -27.57 40.76 34.22
CA SER E 169 -28.15 41.67 35.19
C SER E 169 -28.21 43.07 34.61
N THR E 170 -28.93 43.23 33.49
CA THR E 170 -29.04 44.46 32.69
C THR E 170 -29.18 45.73 33.52
N LYS E 171 -28.23 46.64 33.32
CA LYS E 171 -27.87 47.63 34.32
C LYS E 171 -27.41 48.87 33.56
N LEU E 172 -28.33 49.78 33.31
CA LEU E 172 -28.02 50.93 32.50
C LEU E 172 -27.49 52.07 33.37
N THR E 173 -26.55 52.83 32.81
CA THR E 173 -25.75 53.79 33.55
C THR E 173 -25.53 55.03 32.70
N CYS E 174 -25.43 56.18 33.36
CA CYS E 174 -25.07 57.39 32.63
C CYS E 174 -24.21 58.32 33.48
N LEU E 175 -23.27 58.99 32.81
CA LEU E 175 -22.19 59.74 33.44
C LEU E 175 -22.23 61.20 32.97
N VAL E 176 -21.61 62.08 33.74
CA VAL E 176 -21.44 63.48 33.36
C VAL E 176 -20.04 63.93 33.73
N THR E 177 -19.35 64.53 32.78
CA THR E 177 -18.04 65.14 32.95
C THR E 177 -18.16 66.64 32.75
N ASP E 178 -17.00 67.30 32.77
CA ASP E 178 -16.85 68.75 32.60
C ASP E 178 -17.66 69.53 33.66
N LEU E 179 -17.75 68.97 34.86
CA LEU E 179 -18.65 69.45 35.90
C LEU E 179 -17.81 69.99 37.05
N THR E 180 -18.36 70.91 37.81
CA THR E 180 -17.64 71.50 38.93
C THR E 180 -17.55 70.52 40.11
N THR E 181 -16.44 70.58 40.84
CA THR E 181 -16.22 69.65 41.94
C THR E 181 -17.02 70.00 43.21
N TYR E 182 -18.35 69.94 43.11
CA TYR E 182 -19.24 70.21 44.22
C TYR E 182 -20.08 68.96 44.48
N ASP E 183 -20.58 68.83 45.71
CA ASP E 183 -21.39 67.69 46.10
C ASP E 183 -22.83 67.89 45.61
N SER E 184 -23.75 67.10 46.17
CA SER E 184 -25.20 67.15 45.91
C SER E 184 -25.53 66.88 44.44
N VAL E 185 -25.20 65.67 44.01
CA VAL E 185 -25.51 65.20 42.67
C VAL E 185 -26.94 64.68 42.64
N THR E 186 -27.66 64.96 41.54
CA THR E 186 -28.86 64.18 41.21
C THR E 186 -28.76 63.80 39.72
N ILE E 187 -28.73 62.50 39.47
CA ILE E 187 -28.93 61.95 38.12
C ILE E 187 -30.14 61.03 38.19
N SER E 188 -31.20 61.38 37.48
CA SER E 188 -32.48 60.67 37.56
C SER E 188 -32.68 59.88 36.29
N TRP E 189 -32.86 58.56 36.44
CA TRP E 189 -33.34 57.75 35.34
C TRP E 189 -34.87 57.76 35.33
N THR E 190 -35.43 57.66 34.13
CA THR E 190 -36.88 57.51 34.01
C THR E 190 -37.18 56.77 32.73
N ARG E 191 -38.43 56.37 32.60
CA ARG E 191 -38.92 55.64 31.45
C ARG E 191 -39.49 56.63 30.44
N GLN E 192 -40.24 56.11 29.48
CA GLN E 192 -40.93 57.01 28.57
C GLN E 192 -42.20 57.57 29.20
N ASN E 193 -42.81 56.84 30.12
CA ASN E 193 -44.03 57.28 30.77
C ASN E 193 -43.76 58.01 32.08
N GLY E 194 -42.62 57.75 32.72
CA GLY E 194 -42.28 58.45 33.94
C GLY E 194 -42.61 57.74 35.24
N GLU E 195 -42.19 56.49 35.38
CA GLU E 195 -42.26 55.86 36.69
C GLU E 195 -40.99 56.17 37.47
N ALA E 196 -40.81 55.46 38.59
CA ALA E 196 -39.65 55.66 39.44
C ALA E 196 -38.75 54.44 39.37
N VAL E 197 -37.45 54.71 39.40
CA VAL E 197 -36.41 53.73 39.08
C VAL E 197 -35.57 53.48 40.33
N LYS E 198 -34.52 52.69 40.17
CA LYS E 198 -33.55 52.50 41.25
C LYS E 198 -32.73 53.78 41.47
N THR E 199 -32.40 54.02 42.73
CA THR E 199 -31.46 55.05 43.13
C THR E 199 -30.03 54.61 42.81
N HIS E 200 -29.07 55.37 43.33
CA HIS E 200 -27.68 55.19 42.91
C HIS E 200 -26.77 55.80 43.96
N THR E 201 -25.52 55.33 43.97
CA THR E 201 -24.47 55.82 44.85
C THR E 201 -23.15 55.64 44.10
N ASN E 202 -22.03 55.63 44.84
CA ASN E 202 -20.68 55.39 44.33
C ASN E 202 -20.26 56.46 43.33
N ILE E 203 -20.44 57.73 43.73
CA ILE E 203 -20.08 58.86 42.86
C ILE E 203 -18.57 59.09 42.92
N SER E 204 -17.99 59.37 41.76
CA SER E 204 -16.55 59.41 41.57
C SER E 204 -15.95 60.64 42.23
N GLU E 205 -14.65 60.53 42.53
CA GLU E 205 -13.89 61.59 43.17
C GLU E 205 -13.57 62.70 42.17
N SER E 206 -12.83 63.69 42.64
CA SER E 206 -12.61 64.89 41.86
C SER E 206 -11.66 64.62 40.69
N HIS E 207 -11.74 65.47 39.66
CA HIS E 207 -10.71 65.43 38.62
C HIS E 207 -9.49 66.22 39.11
N PRO E 208 -8.29 65.88 38.65
CA PRO E 208 -7.12 66.68 39.02
C PRO E 208 -7.13 68.07 38.44
N ASN E 209 -7.85 68.29 37.34
CA ASN E 209 -7.91 69.56 36.66
C ASN E 209 -9.05 70.45 37.14
N ALA E 210 -9.38 70.37 38.45
CA ALA E 210 -10.45 71.12 39.12
C ALA E 210 -11.81 70.88 38.49
N THR E 211 -12.05 69.67 38.01
CA THR E 211 -13.30 69.29 37.38
C THR E 211 -13.89 68.08 38.14
N PHE E 212 -14.97 67.49 37.62
CA PHE E 212 -15.71 66.49 38.35
C PHE E 212 -16.46 65.62 37.36
N SER E 213 -16.93 64.46 37.84
CA SER E 213 -17.71 63.54 37.02
C SER E 213 -18.63 62.73 37.92
N ALA E 214 -19.92 62.70 37.58
CA ALA E 214 -20.92 62.00 38.38
C ALA E 214 -21.56 60.88 37.58
N VAL E 215 -22.08 59.87 38.30
CA VAL E 215 -22.43 58.59 37.71
C VAL E 215 -23.76 58.09 38.29
N GLY E 216 -24.58 57.50 37.43
CA GLY E 216 -25.83 56.92 37.88
C GLY E 216 -26.06 55.52 37.37
N GLU E 217 -26.42 54.61 38.27
CA GLU E 217 -26.64 53.19 38.00
C GLU E 217 -28.04 52.76 38.42
N ALA E 218 -28.69 51.98 37.55
CA ALA E 218 -30.06 51.50 37.77
C ALA E 218 -30.10 50.04 37.30
N SER E 219 -31.30 49.46 37.26
CA SER E 219 -31.46 48.13 36.68
C SER E 219 -32.88 47.98 36.14
N ILE E 220 -33.00 47.36 34.97
CA ILE E 220 -34.25 47.21 34.24
C ILE E 220 -34.44 45.76 33.81
N CYS E 221 -35.40 45.52 32.93
CA CYS E 221 -35.59 44.20 32.33
C CYS E 221 -35.05 44.15 30.91
N GLU E 222 -34.82 42.93 30.41
CA GLU E 222 -34.24 42.76 29.08
C GLU E 222 -35.25 42.99 27.96
N ASP E 223 -36.50 42.54 28.16
CA ASP E 223 -37.55 42.82 27.18
C ASP E 223 -37.85 44.30 27.10
N ASP E 224 -37.62 45.03 28.20
CA ASP E 224 -37.79 46.48 28.21
C ASP E 224 -36.74 47.16 27.37
N TRP E 225 -35.53 46.60 27.29
CA TRP E 225 -34.57 47.10 26.33
C TRP E 225 -35.00 46.80 24.92
N ASN E 226 -35.37 45.55 24.65
CA ASN E 226 -35.69 45.16 23.28
C ASN E 226 -36.97 45.82 22.77
N SER E 227 -37.80 46.34 23.67
CA SER E 227 -38.96 47.13 23.33
C SER E 227 -38.64 48.60 23.10
N GLY E 228 -37.46 49.06 23.47
CA GLY E 228 -37.02 50.39 23.13
C GLY E 228 -37.69 51.51 23.89
N GLU E 229 -38.15 51.27 25.12
CA GLU E 229 -38.61 52.36 25.98
C GLU E 229 -37.41 53.22 26.30
N ARG E 230 -37.29 54.36 25.64
CA ARG E 230 -36.08 55.17 25.66
C ARG E 230 -35.90 55.79 27.05
N PHE E 231 -35.05 55.17 27.86
CA PHE E 231 -34.86 55.63 29.23
C PHE E 231 -34.03 56.90 29.24
N THR E 232 -34.48 57.85 30.05
CA THR E 232 -34.05 59.24 30.02
C THR E 232 -33.39 59.60 31.34
N CYS E 233 -32.14 60.04 31.28
CA CYS E 233 -31.44 60.42 32.51
C CYS E 233 -31.20 61.92 32.49
N THR E 234 -31.60 62.59 33.57
CA THR E 234 -31.62 64.03 33.69
C THR E 234 -30.77 64.46 34.88
N VAL E 235 -29.99 65.53 34.66
CA VAL E 235 -29.07 66.09 35.65
C VAL E 235 -29.65 67.37 36.23
N THR E 236 -29.71 67.43 37.57
CA THR E 236 -30.17 68.61 38.28
C THR E 236 -29.28 68.79 39.51
N HIS E 237 -28.67 69.97 39.61
CA HIS E 237 -27.56 70.19 40.51
C HIS E 237 -27.59 71.65 40.94
N THR E 238 -26.73 71.99 41.89
CA THR E 238 -26.48 73.36 42.30
C THR E 238 -25.42 74.06 41.45
N ASP E 239 -25.19 73.63 40.20
CA ASP E 239 -24.32 74.36 39.29
C ASP E 239 -24.78 74.34 37.84
N LEU E 240 -25.92 73.77 37.54
CA LEU E 240 -26.44 73.78 36.19
C LEU E 240 -27.34 74.99 35.95
N PRO E 241 -27.35 75.52 34.73
CA PRO E 241 -28.32 76.58 34.40
C PRO E 241 -29.67 76.03 33.97
N SER E 242 -29.69 74.79 33.46
CA SER E 242 -30.83 74.26 32.75
C SER E 242 -30.86 72.74 32.93
N PRO E 243 -31.99 72.08 32.70
CA PRO E 243 -32.00 70.61 32.72
C PRO E 243 -31.23 70.02 31.56
N LEU E 244 -30.45 68.98 31.86
CA LEU E 244 -29.66 68.24 30.86
C LEU E 244 -30.12 66.78 30.82
N LYS E 245 -30.15 66.20 29.62
CA LYS E 245 -30.89 64.98 29.36
C LYS E 245 -30.24 64.14 28.27
N GLN E 246 -30.56 62.84 28.28
CA GLN E 246 -30.21 61.87 27.26
C GLN E 246 -31.25 60.76 27.28
N THR E 247 -31.61 60.29 26.09
CA THR E 247 -32.63 59.25 25.89
C THR E 247 -31.98 58.08 25.16
N ILE E 248 -31.89 56.91 25.81
CA ILE E 248 -31.26 55.75 25.20
C ILE E 248 -32.33 54.71 24.94
N SER E 249 -32.03 53.76 24.07
CA SER E 249 -33.03 52.84 23.54
C SER E 249 -32.32 51.59 23.03
N ARG E 250 -33.04 50.80 22.21
CA ARG E 250 -32.40 49.81 21.34
C ARG E 250 -32.43 50.30 19.91
N PRO E 251 -31.30 50.50 19.27
CA PRO E 251 -31.31 51.02 17.90
C PRO E 251 -31.78 49.99 16.88
N LYS E 252 -33.09 49.84 16.77
CA LYS E 252 -33.69 48.88 15.86
C LYS E 252 -33.65 49.40 14.42
N GLY E 253 -33.85 48.49 13.49
CA GLY E 253 -33.57 48.73 12.10
C GLY E 253 -32.31 48.05 11.60
N VAL E 254 -32.03 46.82 12.04
CA VAL E 254 -30.76 46.15 11.78
C VAL E 254 -31.07 44.74 11.29
N ALA E 255 -30.12 44.14 10.58
CA ALA E 255 -30.22 42.74 10.20
C ALA E 255 -29.82 41.87 11.38
N LEU E 256 -29.87 40.56 11.16
CA LEU E 256 -29.31 39.60 12.08
C LEU E 256 -28.57 38.53 11.28
N HIS E 257 -27.41 38.13 11.77
CA HIS E 257 -26.64 37.13 11.04
C HIS E 257 -25.83 36.28 12.02
N ARG E 258 -25.51 35.07 11.58
CA ARG E 258 -24.92 34.05 12.45
C ARG E 258 -23.40 34.10 12.42
N PRO E 259 -22.75 34.21 13.54
CA PRO E 259 -21.29 34.09 13.55
C PRO E 259 -20.80 32.68 13.36
N ASP E 260 -20.17 32.38 12.24
CA ASP E 260 -19.55 31.06 12.08
C ASP E 260 -18.25 31.08 12.82
N VAL E 261 -18.24 30.60 14.06
CA VAL E 261 -16.99 30.52 14.81
C VAL E 261 -16.09 29.51 14.15
N TYR E 262 -14.80 29.77 14.13
CA TYR E 262 -13.84 28.74 13.73
C TYR E 262 -12.67 28.82 14.66
N LEU E 263 -12.30 27.75 15.28
CA LEU E 263 -11.20 27.77 16.22
C LEU E 263 -9.92 27.36 15.51
N LEU E 264 -8.85 28.09 15.73
CA LEU E 264 -7.67 27.86 14.92
C LEU E 264 -6.50 27.46 15.80
N PRO E 265 -5.84 26.34 15.48
CA PRO E 265 -4.79 25.82 16.32
C PRO E 265 -3.45 26.37 15.91
N PRO E 266 -2.48 26.43 16.82
CA PRO E 266 -1.30 27.27 16.61
C PRO E 266 -0.38 26.77 15.51
N ALA E 267 0.42 27.70 15.00
CA ALA E 267 1.30 27.42 13.88
C ALA E 267 2.39 26.46 14.29
N ARG E 268 2.77 25.56 13.39
CA ARG E 268 3.79 24.57 13.72
C ARG E 268 5.15 25.21 13.94
N GLU E 269 5.36 26.39 13.37
CA GLU E 269 6.51 27.23 13.67
C GLU E 269 6.57 27.58 15.13
N GLN E 270 5.43 27.84 15.76
CA GLN E 270 5.36 28.26 17.15
C GLN E 270 5.38 27.10 18.12
N LEU E 271 4.98 25.91 17.71
CA LEU E 271 5.29 24.73 18.49
C LEU E 271 6.58 24.06 18.01
N ASN E 272 7.58 24.86 17.77
CA ASN E 272 8.96 24.50 17.50
C ASN E 272 9.89 25.35 18.34
N LEU E 273 9.53 26.61 18.58
CA LEU E 273 10.25 27.42 19.54
C LEU E 273 10.07 26.88 20.95
N ARG E 274 8.90 26.25 21.20
CA ARG E 274 8.57 25.54 22.44
C ARG E 274 8.52 26.46 23.65
N GLU E 275 7.80 27.56 23.54
CA GLU E 275 7.41 28.23 24.77
C GLU E 275 5.91 28.48 24.90
N SER E 276 5.25 29.06 23.90
CA SER E 276 3.91 29.57 24.15
C SER E 276 3.12 29.65 22.86
N ALA E 277 2.06 28.87 22.74
CA ALA E 277 1.21 28.87 21.58
C ALA E 277 0.23 30.03 21.64
N THR E 278 -0.61 30.14 20.61
CA THR E 278 -1.68 31.15 20.62
C THR E 278 -2.83 30.62 19.78
N ILE E 279 -3.87 30.19 20.47
CA ILE E 279 -5.06 29.63 19.85
C ILE E 279 -5.99 30.78 19.53
N THR E 280 -6.65 30.74 18.38
CA THR E 280 -7.27 31.98 17.90
C THR E 280 -8.66 31.84 17.31
N CYS E 281 -9.66 32.02 18.15
CA CYS E 281 -11.05 31.87 17.75
C CYS E 281 -11.45 33.01 16.82
N LEU E 282 -11.84 32.69 15.61
CA LEU E 282 -12.24 33.67 14.62
C LEU E 282 -13.75 33.66 14.45
N VAL E 283 -14.39 34.79 14.76
CA VAL E 283 -15.84 34.87 14.90
C VAL E 283 -16.34 35.70 13.73
N THR E 284 -16.73 35.09 12.63
CA THR E 284 -16.94 35.82 11.39
C THR E 284 -18.35 35.74 10.86
N GLY E 285 -18.83 36.85 10.32
CA GLY E 285 -20.03 36.80 9.53
C GLY E 285 -21.22 37.51 10.14
N PHE E 286 -21.10 38.00 11.36
CA PHE E 286 -22.28 38.42 12.05
C PHE E 286 -22.65 39.85 11.72
N SER E 287 -23.84 40.23 12.15
CA SER E 287 -24.33 41.60 12.17
C SER E 287 -25.49 41.63 13.15
N PRO E 288 -25.58 42.61 14.03
CA PRO E 288 -24.81 43.83 14.20
C PRO E 288 -23.48 43.61 14.90
N ALA E 289 -22.90 44.64 15.47
CA ALA E 289 -21.68 44.46 16.25
C ALA E 289 -21.99 43.85 17.61
N ASP E 290 -21.05 44.01 18.55
CA ASP E 290 -21.24 43.66 19.95
C ASP E 290 -21.41 42.16 20.13
N VAL E 291 -20.39 41.38 19.75
CA VAL E 291 -20.36 39.97 20.09
C VAL E 291 -19.57 39.78 21.38
N PHE E 292 -19.79 38.67 22.06
CA PHE E 292 -19.02 38.36 23.26
C PHE E 292 -18.29 37.05 23.02
N VAL E 293 -17.05 36.92 23.47
CA VAL E 293 -16.29 35.69 23.30
C VAL E 293 -15.68 35.34 24.65
N GLN E 294 -15.82 34.10 25.07
CA GLN E 294 -15.24 33.68 26.32
C GLN E 294 -14.61 32.30 26.18
N TRP E 295 -13.52 32.08 26.88
CA TRP E 295 -12.76 30.86 26.73
C TRP E 295 -12.98 30.01 27.97
N MET E 296 -13.30 28.74 27.77
CA MET E 296 -13.53 27.82 28.87
C MET E 296 -12.78 26.52 28.61
N GLN E 297 -11.86 26.18 29.51
CA GLN E 297 -11.10 24.95 29.43
C GLN E 297 -11.66 23.93 30.41
N ARG E 298 -12.23 22.85 29.89
CA ARG E 298 -12.83 21.74 30.65
C ARG E 298 -13.93 22.26 31.57
N GLY E 299 -15.01 22.74 30.96
CA GLY E 299 -16.11 23.33 31.69
C GLY E 299 -15.80 24.67 32.33
N GLN E 300 -14.84 24.69 33.24
CA GLN E 300 -14.56 25.87 34.04
C GLN E 300 -13.88 26.95 33.19
N PRO E 301 -14.24 28.22 33.39
CA PRO E 301 -13.72 29.27 32.53
C PRO E 301 -12.30 29.67 32.87
N LEU E 302 -11.53 30.05 31.86
CA LEU E 302 -10.20 30.58 32.06
C LEU E 302 -10.30 32.02 32.50
N SER E 303 -9.20 32.53 33.02
CA SER E 303 -9.12 33.84 33.62
C SER E 303 -9.44 34.89 32.58
N PRO E 304 -10.30 35.85 32.88
CA PRO E 304 -10.64 36.88 31.90
C PRO E 304 -9.54 37.85 31.53
N GLU E 305 -8.30 37.62 31.94
CA GLU E 305 -7.16 38.24 31.28
C GLU E 305 -6.10 37.22 30.88
N LYS E 306 -6.49 36.13 30.25
CA LYS E 306 -5.61 35.30 29.45
C LYS E 306 -6.04 35.27 27.99
N TYR E 307 -7.01 36.09 27.60
CA TYR E 307 -7.50 36.10 26.23
C TYR E 307 -7.93 37.52 25.87
N VAL E 308 -7.79 37.87 24.59
CA VAL E 308 -8.09 39.23 24.13
C VAL E 308 -9.00 39.20 22.90
N THR E 309 -10.24 39.60 23.06
CA THR E 309 -11.11 39.82 21.91
C THR E 309 -10.77 41.17 21.32
N SER E 310 -10.84 41.29 20.00
CA SER E 310 -10.63 42.56 19.35
C SER E 310 -11.92 43.36 19.38
N ALA E 311 -12.01 44.31 18.54
CA ALA E 311 -13.29 44.93 18.35
C ALA E 311 -13.78 44.59 16.96
N PRO E 312 -15.09 44.42 16.76
CA PRO E 312 -15.58 44.00 15.46
C PRO E 312 -15.34 45.05 14.38
N MET E 313 -14.87 44.58 13.24
CA MET E 313 -14.46 45.41 12.13
C MET E 313 -15.18 44.96 10.88
N PRO E 314 -15.52 45.87 9.97
CA PRO E 314 -16.36 45.50 8.81
C PRO E 314 -15.60 44.64 7.83
N GLU E 315 -16.23 43.55 7.41
CA GLU E 315 -15.56 42.51 6.63
C GLU E 315 -15.29 43.08 5.23
N PRO E 316 -14.23 42.59 4.49
CA PRO E 316 -13.79 43.30 3.28
C PRO E 316 -14.80 43.43 2.14
N GLN E 317 -15.33 42.31 1.67
CA GLN E 317 -16.27 42.34 0.56
C GLN E 317 -17.72 42.43 1.01
N ALA E 318 -18.12 41.62 1.99
CA ALA E 318 -19.51 41.58 2.40
C ALA E 318 -19.84 42.83 3.21
N PRO E 319 -20.87 43.57 2.84
CA PRO E 319 -21.00 44.94 3.35
C PRO E 319 -21.38 45.08 4.81
N GLY E 320 -22.47 44.45 5.23
CA GLY E 320 -23.05 44.79 6.51
C GLY E 320 -22.58 43.91 7.62
N ARG E 321 -21.65 43.03 7.33
CA ARG E 321 -21.22 42.00 8.26
C ARG E 321 -19.97 42.46 9.00
N TYR E 322 -19.49 41.65 9.93
CA TYR E 322 -18.31 42.01 10.70
C TYR E 322 -17.46 40.76 10.90
N PHE E 323 -16.40 40.91 11.69
CA PHE E 323 -15.56 39.80 12.14
C PHE E 323 -14.86 40.22 13.42
N ALA E 324 -14.73 39.37 14.38
CA ALA E 324 -13.84 39.68 15.46
C ALA E 324 -12.92 38.50 15.70
N HIS E 325 -11.87 38.72 16.43
CA HIS E 325 -10.92 37.67 16.73
C HIS E 325 -10.92 37.52 18.22
N SER E 326 -10.33 36.45 18.70
CA SER E 326 -9.96 36.39 20.11
C SER E 326 -8.83 35.43 20.22
N ILE E 327 -7.78 35.78 20.90
CA ILE E 327 -6.65 34.88 21.04
C ILE E 327 -6.50 34.51 22.50
N LEU E 328 -6.12 33.27 22.73
CA LEU E 328 -5.79 32.74 24.05
C LEU E 328 -4.38 32.20 24.02
N THR E 329 -3.56 32.62 24.96
CA THR E 329 -2.20 32.13 25.09
C THR E 329 -2.11 30.93 26.03
N VAL E 330 -1.58 29.83 25.50
CA VAL E 330 -1.23 28.68 26.31
C VAL E 330 0.25 28.45 26.13
N SER E 331 0.88 27.69 27.03
CA SER E 331 2.25 27.28 26.79
C SER E 331 2.25 25.94 26.11
N GLU E 332 3.44 25.52 25.68
CA GLU E 332 3.56 24.37 24.80
C GLU E 332 3.36 23.06 25.57
N GLU E 333 3.36 23.13 26.90
CA GLU E 333 3.08 21.93 27.68
C GLU E 333 1.59 21.75 27.90
N GLU E 334 0.80 22.84 27.89
CA GLU E 334 -0.64 22.69 28.02
C GLU E 334 -1.26 22.23 26.72
N TRP E 335 -0.69 22.66 25.59
CA TRP E 335 -1.23 22.23 24.33
C TRP E 335 -0.92 20.78 24.05
N ASN E 336 0.29 20.30 24.32
CA ASN E 336 0.68 18.94 23.98
C ASN E 336 0.19 17.89 24.99
N THR E 337 -0.91 18.15 25.68
CA THR E 337 -1.65 17.13 26.40
C THR E 337 -3.05 17.09 25.79
N GLY E 338 -3.67 18.26 25.63
CA GLY E 338 -4.75 18.47 24.69
C GLY E 338 -5.96 19.27 25.13
N GLU E 339 -6.52 19.02 26.32
CA GLU E 339 -7.28 20.00 27.14
C GLU E 339 -8.54 20.60 26.49
N THR E 340 -8.74 20.40 25.20
CA THR E 340 -9.95 20.66 24.42
C THR E 340 -10.48 22.10 24.34
N TYR E 341 -10.04 23.03 25.20
CA TYR E 341 -10.08 24.48 25.00
C TYR E 341 -11.29 25.12 24.31
N THR E 342 -12.44 25.16 24.93
CA THR E 342 -13.68 25.64 24.32
C THR E 342 -13.67 27.15 24.15
N CYS E 343 -14.33 27.64 23.09
CA CYS E 343 -14.45 29.07 22.79
C CYS E 343 -15.90 29.44 22.55
N VAL E 344 -16.59 30.03 23.53
CA VAL E 344 -18.02 30.29 23.41
C VAL E 344 -18.23 31.70 22.85
N VAL E 345 -19.24 31.82 22.02
CA VAL E 345 -19.54 33.01 21.29
C VAL E 345 -20.97 33.34 21.58
N ALA E 346 -21.19 34.49 22.17
CA ALA E 346 -22.49 34.93 22.62
C ALA E 346 -22.94 36.05 21.71
N HIS E 347 -24.03 35.82 21.00
CA HIS E 347 -24.46 36.79 20.00
C HIS E 347 -25.97 36.72 19.81
N GLU E 348 -26.56 37.88 19.49
CA GLU E 348 -27.99 38.15 19.43
C GLU E 348 -28.60 37.68 18.10
N ALA E 349 -28.05 36.68 17.47
CA ALA E 349 -28.72 36.17 16.29
C ALA E 349 -28.59 34.68 16.21
N LEU E 350 -28.17 34.07 17.30
CA LEU E 350 -28.00 32.65 17.42
C LEU E 350 -29.19 32.11 18.20
N PRO E 351 -29.63 30.88 17.93
CA PRO E 351 -30.91 30.43 18.48
C PRO E 351 -30.92 30.26 19.98
N ASN E 352 -29.89 29.71 20.58
CA ASN E 352 -29.82 29.71 22.04
C ASN E 352 -28.90 30.80 22.54
N ARG E 353 -28.45 31.68 21.65
CA ARG E 353 -27.57 32.81 21.91
C ARG E 353 -26.18 32.42 22.42
N VAL E 354 -25.80 31.14 22.42
CA VAL E 354 -24.45 30.75 22.82
C VAL E 354 -24.04 29.58 21.95
N THR E 355 -23.01 29.76 21.13
CA THR E 355 -22.45 28.64 20.38
C THR E 355 -21.04 28.40 20.87
N GLU E 356 -20.49 27.24 20.55
CA GLU E 356 -19.14 26.97 21.04
C GLU E 356 -18.45 25.96 20.13
N ARG E 357 -17.14 26.09 20.03
CA ARG E 357 -16.30 25.14 19.35
C ARG E 357 -15.19 24.72 20.30
N THR E 358 -14.45 23.72 19.88
CA THR E 358 -13.40 23.10 20.68
C THR E 358 -12.32 22.54 19.77
N VAL E 359 -11.06 22.75 20.15
CA VAL E 359 -9.95 22.11 19.48
C VAL E 359 -9.01 21.52 20.51
N ASP E 360 -8.28 20.50 20.09
CA ASP E 360 -7.24 19.82 20.83
C ASP E 360 -6.21 19.44 19.80
N LYS E 361 -5.04 19.00 20.26
CA LYS E 361 -3.92 18.84 19.35
C LYS E 361 -4.11 17.66 18.42
N SER E 362 -5.04 16.77 18.74
CA SER E 362 -5.43 15.73 17.82
C SER E 362 -6.62 16.13 16.98
N THR E 363 -6.58 17.30 16.35
CA THR E 363 -7.65 17.70 15.46
C THR E 363 -7.19 17.76 14.02
N GLY E 364 -5.91 18.04 13.79
CA GLY E 364 -5.30 17.98 12.48
C GLY E 364 -4.93 16.57 12.02
N LYS E 365 -5.17 15.60 12.88
CA LYS E 365 -4.82 14.23 12.57
C LYS E 365 -5.83 13.65 11.58
N PRO E 366 -5.51 12.57 10.84
CA PRO E 366 -6.50 11.98 9.95
C PRO E 366 -7.23 10.81 10.56
N THR E 367 -6.81 10.40 11.77
CA THR E 367 -7.49 9.54 12.75
C THR E 367 -8.11 8.25 12.24
N LEU E 368 -7.82 7.87 11.02
CA LEU E 368 -8.01 6.51 10.56
C LEU E 368 -6.69 5.78 10.46
N TYR E 369 -5.70 6.39 9.83
CA TYR E 369 -4.36 5.86 9.74
C TYR E 369 -3.40 6.61 10.63
N ASN E 370 -2.59 5.89 11.36
CA ASN E 370 -1.55 6.51 12.14
C ASN E 370 -0.17 6.25 11.53
N VAL E 371 0.10 6.75 10.32
CA VAL E 371 1.34 6.44 9.60
C VAL E 371 2.51 7.11 10.30
N SER E 372 3.31 6.32 10.97
CA SER E 372 4.42 6.82 11.73
C SER E 372 5.65 6.71 10.87
N LEU E 373 6.81 7.04 11.44
CA LEU E 373 8.10 6.98 10.76
C LEU E 373 9.21 7.12 11.78
N VAL E 374 9.98 6.06 11.97
CA VAL E 374 11.02 5.99 12.99
C VAL E 374 12.35 6.04 12.26
N MET E 375 13.46 6.09 13.01
CA MET E 375 14.78 6.02 12.43
C MET E 375 15.61 4.94 13.13
N ILE F 152 -8.25 76.18 22.63
CA ILE F 152 -7.20 76.70 21.76
C ILE F 152 -6.04 75.71 21.59
N ARG F 153 -6.21 74.72 20.71
CA ARG F 153 -5.20 73.68 20.58
C ARG F 153 -4.85 73.49 19.11
N VAL F 154 -3.68 72.90 18.86
CA VAL F 154 -3.30 72.44 17.52
C VAL F 154 -2.78 71.01 17.67
N PHE F 155 -3.34 70.09 16.89
CA PHE F 155 -2.89 68.70 16.88
C PHE F 155 -2.38 68.38 15.48
N ALA F 156 -1.23 67.72 15.41
CA ALA F 156 -0.68 67.37 14.11
C ALA F 156 -1.05 65.95 13.71
N ILE F 157 -0.84 65.65 12.44
CA ILE F 157 -0.92 64.28 11.94
C ILE F 157 0.50 63.87 11.57
N PRO F 158 1.30 63.38 12.52
CA PRO F 158 2.67 63.03 12.19
C PRO F 158 2.72 61.75 11.39
N PRO F 159 3.78 61.52 10.63
CA PRO F 159 3.92 60.24 9.94
C PRO F 159 4.10 59.07 10.90
N SER F 160 3.31 58.04 10.66
CA SER F 160 3.50 56.74 11.26
C SER F 160 4.46 55.91 10.42
N PHE F 161 4.71 54.68 10.84
CA PHE F 161 5.41 53.75 9.96
C PHE F 161 4.53 53.37 8.78
N ALA F 162 3.22 53.34 8.98
CA ALA F 162 2.34 53.07 7.87
C ALA F 162 2.27 54.24 6.91
N SER F 163 2.57 55.46 7.39
CA SER F 163 2.59 56.64 6.55
C SER F 163 3.89 56.77 5.76
N ILE F 164 5.02 56.38 6.34
CA ILE F 164 6.24 56.27 5.57
C ILE F 164 6.12 55.16 4.54
N PHE F 165 5.98 53.92 5.01
CA PHE F 165 6.27 52.73 4.20
C PHE F 165 5.25 52.51 3.08
N LEU F 166 4.01 52.94 3.25
CA LEU F 166 3.03 52.71 2.20
C LEU F 166 3.31 53.59 0.98
N THR F 167 3.68 54.84 1.23
CA THR F 167 3.83 55.82 0.16
C THR F 167 5.29 56.11 -0.19
N LYS F 168 6.19 56.05 0.80
CA LYS F 168 7.60 56.45 0.72
C LYS F 168 7.75 57.91 0.34
N SER F 169 6.77 58.73 0.72
CA SER F 169 6.67 60.15 0.44
C SER F 169 6.25 60.87 1.70
N THR F 170 6.99 60.60 2.78
CA THR F 170 6.69 61.03 4.15
C THR F 170 6.41 62.52 4.25
N LYS F 171 5.43 62.87 5.08
CA LYS F 171 4.84 64.20 5.09
C LYS F 171 4.44 64.56 6.50
N LEU F 172 4.44 65.86 6.77
CA LEU F 172 3.93 66.40 8.02
C LEU F 172 2.66 67.18 7.73
N THR F 173 1.64 66.92 8.55
CA THR F 173 0.36 67.61 8.44
C THR F 173 -0.12 68.00 9.83
N CYS F 174 -0.67 69.20 9.97
CA CYS F 174 -1.18 69.61 11.28
C CYS F 174 -2.46 70.41 11.15
N LEU F 175 -3.40 70.17 12.06
CA LEU F 175 -4.72 70.77 12.07
C LEU F 175 -4.98 71.49 13.39
N VAL F 176 -5.84 72.50 13.34
CA VAL F 176 -6.15 73.34 14.49
C VAL F 176 -7.55 73.03 14.99
N THR F 177 -7.78 73.17 16.31
CA THR F 177 -9.13 73.02 16.83
C THR F 177 -9.31 73.85 18.10
N ASP F 178 -10.59 73.93 18.52
CA ASP F 178 -11.16 74.77 19.59
C ASP F 178 -11.06 76.27 19.30
N LEU F 179 -10.65 76.62 18.08
CA LEU F 179 -10.63 78.01 17.66
C LEU F 179 -11.91 78.34 16.91
N THR F 180 -12.53 79.45 17.27
CA THR F 180 -13.76 79.90 16.62
C THR F 180 -13.45 80.32 15.17
N THR F 181 -14.45 80.19 14.29
CA THR F 181 -14.25 80.31 12.85
C THR F 181 -13.89 81.73 12.42
N TYR F 182 -12.90 81.82 11.54
CA TYR F 182 -12.42 83.10 11.01
C TYR F 182 -11.88 82.88 9.60
N ASP F 183 -11.07 83.83 9.15
CA ASP F 183 -10.31 83.70 7.90
C ASP F 183 -8.93 84.29 8.18
N SER F 184 -8.13 84.46 7.11
CA SER F 184 -6.84 85.15 7.12
C SER F 184 -5.85 84.54 8.11
N VAL F 185 -5.88 83.22 8.24
CA VAL F 185 -5.05 82.49 9.19
C VAL F 185 -3.74 82.13 8.49
N THR F 186 -2.67 82.00 9.27
CA THR F 186 -1.44 81.45 8.72
C THR F 186 -0.98 80.30 9.62
N ILE F 187 -0.61 79.19 8.99
CA ILE F 187 0.05 78.07 9.65
C ILE F 187 1.47 78.06 9.13
N SER F 188 2.43 77.77 9.99
CA SER F 188 3.83 77.88 9.62
C SER F 188 4.55 76.60 10.07
N TRP F 189 4.82 75.71 9.13
CA TRP F 189 5.68 74.58 9.45
C TRP F 189 7.11 75.06 9.53
N THR F 190 7.79 74.71 10.61
CA THR F 190 9.07 75.28 10.95
C THR F 190 9.89 74.20 11.64
N ARG F 191 11.18 74.15 11.33
CA ARG F 191 12.02 73.12 11.90
C ARG F 191 12.43 73.48 13.32
N GLN F 192 13.25 72.60 13.91
CA GLN F 192 13.74 72.84 15.27
C GLN F 192 14.67 74.04 15.31
N ASN F 193 15.58 74.14 14.34
CA ASN F 193 16.46 75.29 14.28
C ASN F 193 15.92 76.42 13.43
N GLY F 194 14.68 76.31 12.95
CA GLY F 194 13.97 77.45 12.39
C GLY F 194 14.06 77.65 10.89
N GLU F 195 14.73 76.76 10.16
CA GLU F 195 14.87 76.95 8.72
C GLU F 195 13.57 76.62 8.00
N ALA F 196 13.48 77.04 6.74
CA ALA F 196 12.24 76.97 6.00
C ALA F 196 12.04 75.60 5.40
N VAL F 197 10.79 75.32 5.01
CA VAL F 197 10.34 74.00 4.58
C VAL F 197 9.66 74.13 3.22
N LYS F 198 9.07 73.02 2.77
CA LYS F 198 8.16 72.98 1.64
C LYS F 198 7.00 73.91 1.92
N THR F 199 6.54 74.64 0.92
CA THR F 199 5.47 75.61 1.11
C THR F 199 4.13 74.89 1.26
N HIS F 200 3.54 75.00 2.45
CA HIS F 200 2.26 74.39 2.76
C HIS F 200 1.16 75.05 1.94
N THR F 201 0.38 74.23 1.24
CA THR F 201 -0.73 74.73 0.42
C THR F 201 -1.97 73.94 0.79
N ASN F 202 -3.01 74.07 -0.04
CA ASN F 202 -4.31 73.40 0.09
C ASN F 202 -4.97 73.75 1.42
N ILE F 203 -5.31 75.04 1.51
CA ILE F 203 -5.96 75.67 2.67
C ILE F 203 -7.25 74.95 3.08
N SER F 204 -7.48 74.86 4.38
CA SER F 204 -8.60 74.07 4.89
C SER F 204 -9.89 74.90 4.86
N GLU F 205 -10.90 74.36 5.51
CA GLU F 205 -12.24 74.94 5.56
C GLU F 205 -12.59 75.27 7.00
N SER F 206 -13.82 75.71 7.21
CA SER F 206 -14.29 75.88 8.57
C SER F 206 -14.65 74.52 9.17
N HIS F 207 -14.67 74.47 10.49
CA HIS F 207 -15.26 73.32 11.14
C HIS F 207 -16.78 73.36 11.02
N PRO F 208 -17.43 72.19 10.91
CA PRO F 208 -18.89 72.13 10.97
C PRO F 208 -19.47 72.17 12.37
N ASN F 209 -18.70 72.56 13.39
CA ASN F 209 -19.23 72.76 14.74
C ASN F 209 -18.91 74.15 15.28
N ALA F 210 -19.15 75.18 14.45
CA ALA F 210 -19.07 76.61 14.79
C ALA F 210 -17.68 77.03 15.24
N THR F 211 -16.66 76.33 14.77
CA THR F 211 -15.28 76.57 15.18
C THR F 211 -14.43 76.56 13.90
N PHE F 212 -13.11 76.51 14.04
CA PHE F 212 -12.24 76.56 12.87
C PHE F 212 -11.21 75.44 12.93
N SER F 213 -10.70 75.11 11.74
CA SER F 213 -9.58 74.21 11.55
C SER F 213 -8.63 74.80 10.53
N ALA F 214 -7.35 74.47 10.68
CA ALA F 214 -6.38 74.93 9.70
C ALA F 214 -5.28 73.88 9.59
N VAL F 215 -4.75 73.76 8.37
CA VAL F 215 -3.87 72.67 7.95
C VAL F 215 -2.50 73.23 7.58
N GLY F 216 -1.46 72.51 7.96
CA GLY F 216 -0.11 72.79 7.52
C GLY F 216 0.51 71.54 6.94
N GLU F 217 1.09 71.66 5.74
CA GLU F 217 1.71 70.54 5.03
C GLU F 217 3.22 70.75 4.97
N ALA F 218 3.94 69.62 4.86
CA ALA F 218 5.37 69.61 4.66
C ALA F 218 5.78 68.23 4.14
N SER F 219 6.99 68.17 3.57
CA SER F 219 7.57 66.93 3.06
C SER F 219 9.03 66.87 3.47
N ILE F 220 9.34 66.15 4.55
CA ILE F 220 10.69 66.09 5.09
C ILE F 220 11.17 64.63 5.03
N CYS F 221 12.42 64.45 4.58
CA CYS F 221 13.00 63.12 4.47
C CYS F 221 13.42 62.63 5.85
N GLU F 222 13.92 61.39 5.90
CA GLU F 222 13.79 60.62 7.13
C GLU F 222 14.88 60.86 8.15
N ASP F 223 16.03 61.44 7.81
CA ASP F 223 17.15 61.41 8.75
C ASP F 223 16.94 62.35 9.93
N ASP F 224 16.35 63.52 9.67
CA ASP F 224 16.08 64.44 10.77
C ASP F 224 14.81 64.04 11.53
N TRP F 225 13.90 63.30 10.91
CA TRP F 225 12.72 62.85 11.62
C TRP F 225 13.05 61.66 12.53
N ASN F 226 13.95 60.79 12.09
CA ASN F 226 14.29 59.62 12.89
C ASN F 226 15.18 59.98 14.06
N SER F 227 15.83 61.15 14.00
CA SER F 227 16.71 61.63 15.06
C SER F 227 16.01 62.63 15.98
N GLY F 228 14.82 63.09 15.60
CA GLY F 228 14.07 63.98 16.46
C GLY F 228 14.27 65.46 16.18
N GLU F 229 13.97 65.89 14.97
CA GLU F 229 13.84 67.31 14.68
C GLU F 229 12.46 67.74 15.15
N ARG F 230 12.41 68.54 16.21
CA ARG F 230 11.15 68.87 16.86
C ARG F 230 10.33 69.85 16.00
N PHE F 231 9.56 69.32 15.07
CA PHE F 231 8.88 70.11 14.03
C PHE F 231 7.69 70.84 14.64
N THR F 232 7.55 72.12 14.30
CA THR F 232 6.64 73.03 14.98
C THR F 232 5.76 73.75 13.96
N CYS F 233 4.44 73.68 14.13
CA CYS F 233 3.55 74.42 13.22
C CYS F 233 2.88 75.56 13.99
N THR F 234 3.35 76.76 13.67
CA THR F 234 2.86 77.97 14.32
C THR F 234 1.50 78.35 13.76
N VAL F 235 0.56 78.68 14.63
CA VAL F 235 -0.71 79.28 14.23
C VAL F 235 -0.66 80.78 14.53
N THR F 236 -0.95 81.58 13.51
CA THR F 236 -1.22 83.00 13.68
C THR F 236 -2.64 83.26 13.20
N HIS F 237 -3.51 83.64 14.14
CA HIS F 237 -4.95 83.68 13.96
C HIS F 237 -5.40 85.12 14.21
N THR F 238 -6.71 85.31 14.26
CA THR F 238 -7.31 86.58 14.69
C THR F 238 -7.77 86.53 16.14
N ASP F 239 -8.13 85.33 16.65
CA ASP F 239 -8.41 85.17 18.07
C ASP F 239 -7.18 85.42 18.92
N LEU F 240 -6.00 85.12 18.38
CA LEU F 240 -4.76 85.31 19.11
C LEU F 240 -3.89 86.38 18.46
N PRO F 241 -3.64 87.50 19.13
CA PRO F 241 -2.44 88.29 18.81
C PRO F 241 -1.17 87.71 19.40
N SER F 242 -1.28 86.58 20.09
CA SER F 242 -0.14 85.81 20.61
C SER F 242 0.01 84.55 19.79
N PRO F 243 0.90 84.52 18.79
CA PRO F 243 1.07 83.31 17.97
C PRO F 243 1.66 82.15 18.77
N LEU F 244 1.16 80.95 18.49
CA LEU F 244 1.46 79.79 19.31
C LEU F 244 2.19 78.72 18.51
N LYS F 245 3.27 78.21 19.09
CA LYS F 245 4.13 77.21 18.47
C LYS F 245 3.81 75.84 19.07
N GLN F 246 3.29 74.94 18.23
CA GLN F 246 2.94 73.59 18.66
C GLN F 246 3.94 72.62 18.04
N THR F 247 4.82 72.07 18.87
CA THR F 247 5.87 71.19 18.40
C THR F 247 5.41 69.74 18.41
N ILE F 248 5.97 68.94 17.50
CA ILE F 248 5.80 67.49 17.49
C ILE F 248 7.17 66.85 17.32
N SER F 249 7.22 65.55 17.55
CA SER F 249 8.47 64.81 17.57
C SER F 249 8.20 63.41 17.07
N ARG F 250 9.24 62.58 17.09
CA ARG F 250 9.12 61.14 16.91
C ARG F 250 9.87 60.46 18.04
N PRO F 251 9.20 60.04 19.12
CA PRO F 251 9.81 59.66 20.40
C PRO F 251 10.70 58.42 20.37
N ALA F 255 10.94 50.83 23.60
CA ALA F 255 11.74 49.62 23.43
C ALA F 255 11.44 49.00 22.08
N LEU F 256 12.37 48.20 21.56
CA LEU F 256 12.23 47.63 20.24
C LEU F 256 12.30 46.11 20.31
N HIS F 257 11.19 45.47 19.96
CA HIS F 257 11.15 44.03 19.73
C HIS F 257 10.63 43.78 18.33
N ARG F 258 10.91 42.60 17.84
CA ARG F 258 10.57 42.24 16.49
C ARG F 258 9.37 41.31 16.46
N PRO F 259 8.49 41.46 15.47
CA PRO F 259 7.35 40.57 15.37
C PRO F 259 7.78 39.16 14.98
N ASP F 260 6.89 38.22 15.24
CA ASP F 260 7.02 36.86 14.76
C ASP F 260 5.79 36.57 13.93
N VAL F 261 5.82 36.89 12.65
CA VAL F 261 4.67 36.61 11.82
C VAL F 261 4.49 35.12 11.67
N TYR F 262 3.29 34.61 11.93
CA TYR F 262 2.94 33.25 11.60
C TYR F 262 1.68 33.30 10.77
N LEU F 263 1.64 32.66 9.61
CA LEU F 263 0.34 32.60 9.00
C LEU F 263 -0.43 31.42 9.56
N LEU F 264 -1.72 31.42 9.34
CA LEU F 264 -2.52 30.30 9.79
C LEU F 264 -3.44 29.94 8.64
N PRO F 265 -3.40 28.70 8.14
CA PRO F 265 -4.21 28.36 7.00
C PRO F 265 -5.64 28.14 7.45
N PRO F 266 -6.61 28.24 6.54
CA PRO F 266 -8.01 28.19 6.95
C PRO F 266 -8.43 26.86 7.53
N ALA F 267 -9.37 26.94 8.46
CA ALA F 267 -9.83 25.78 9.21
C ALA F 267 -10.57 24.81 8.32
N ARG F 268 -10.44 23.51 8.64
CA ARG F 268 -11.07 22.49 7.83
C ARG F 268 -12.59 22.53 7.94
N GLU F 269 -13.12 23.17 8.98
CA GLU F 269 -14.55 23.48 9.05
C GLU F 269 -14.97 24.44 7.95
N GLN F 270 -14.06 25.30 7.48
CA GLN F 270 -14.35 26.31 6.47
C GLN F 270 -14.14 25.81 5.06
N LEU F 271 -13.28 24.82 4.88
CA LEU F 271 -13.22 24.15 3.60
C LEU F 271 -14.09 22.90 3.61
N ASN F 272 -15.31 23.02 4.11
CA ASN F 272 -16.41 22.14 3.76
C ASN F 272 -17.53 22.90 3.12
N LEU F 273 -17.62 24.20 3.37
CA LEU F 273 -18.59 25.04 2.69
C LEU F 273 -18.16 25.37 1.27
N ARG F 274 -16.85 25.37 1.01
CA ARG F 274 -16.27 25.51 -0.33
C ARG F 274 -16.68 26.81 -1.02
N GLU F 275 -16.85 27.86 -0.24
CA GLU F 275 -17.33 29.10 -0.81
C GLU F 275 -16.56 30.33 -0.32
N SER F 276 -15.83 30.21 0.79
CA SER F 276 -14.97 31.27 1.28
C SER F 276 -13.96 30.67 2.23
N ALA F 277 -12.74 31.20 2.24
CA ALA F 277 -11.71 30.82 3.17
C ALA F 277 -10.94 32.05 3.58
N THR F 278 -10.46 32.07 4.83
CA THR F 278 -9.87 33.27 5.42
C THR F 278 -8.51 32.91 5.99
N ILE F 279 -7.46 33.44 5.38
CA ILE F 279 -6.08 33.23 5.81
C ILE F 279 -5.71 34.38 6.72
N THR F 280 -4.93 34.13 7.76
CA THR F 280 -4.84 35.05 8.89
C THR F 280 -3.48 35.33 9.47
N CYS F 281 -2.78 36.31 8.93
CA CYS F 281 -1.39 36.60 9.21
C CYS F 281 -1.19 37.15 10.60
N LEU F 282 -0.95 36.30 11.58
CA LEU F 282 -0.87 36.75 12.97
C LEU F 282 0.50 37.30 13.29
N VAL F 283 0.56 38.55 13.75
CA VAL F 283 1.80 39.31 13.86
C VAL F 283 2.07 39.58 15.33
N THR F 284 2.66 38.65 16.05
CA THR F 284 2.70 38.78 17.50
C THR F 284 4.08 39.13 18.00
N GLY F 285 4.14 40.05 18.94
CA GLY F 285 5.31 40.23 19.79
C GLY F 285 5.92 41.61 19.79
N PHE F 286 5.46 42.52 18.95
CA PHE F 286 6.30 43.67 18.68
C PHE F 286 6.06 44.82 19.63
N SER F 287 6.84 45.90 19.45
CA SER F 287 6.72 47.19 20.10
C SER F 287 7.61 48.20 19.41
N PRO F 288 7.12 49.39 19.03
CA PRO F 288 5.84 50.05 19.26
C PRO F 288 4.80 49.60 18.29
N ALA F 289 3.71 50.35 18.19
CA ALA F 289 2.57 49.94 17.38
C ALA F 289 2.80 50.21 15.91
N ASP F 290 1.71 50.11 15.16
CA ASP F 290 1.57 50.51 13.76
C ASP F 290 2.58 49.82 12.85
N VAL F 291 2.40 48.52 12.71
CA VAL F 291 3.08 47.82 11.64
C VAL F 291 2.30 48.08 10.39
N PHE F 292 2.90 47.86 9.24
CA PHE F 292 2.15 47.90 8.00
C PHE F 292 2.21 46.52 7.39
N VAL F 293 1.08 45.84 7.35
CA VAL F 293 0.95 44.50 6.85
C VAL F 293 0.32 44.55 5.47
N GLN F 294 0.89 43.84 4.52
CA GLN F 294 0.22 43.72 3.22
C GLN F 294 0.48 42.34 2.66
N TRP F 295 -0.17 42.04 1.53
CA TRP F 295 -0.36 40.68 1.08
C TRP F 295 -0.01 40.57 -0.38
N MET F 296 0.99 39.75 -0.70
CA MET F 296 1.44 39.53 -2.06
C MET F 296 1.08 38.13 -2.53
N GLN F 297 0.46 38.04 -3.70
CA GLN F 297 0.06 36.77 -4.29
C GLN F 297 0.88 36.54 -5.55
N ARG F 298 1.67 35.44 -5.55
CA ARG F 298 2.52 35.04 -6.68
C ARG F 298 3.45 36.17 -7.13
N GLY F 299 3.95 36.94 -6.17
CA GLY F 299 4.79 38.06 -6.46
C GLY F 299 4.09 39.39 -6.65
N GLN F 300 2.89 39.39 -7.22
CA GLN F 300 2.30 40.71 -7.46
C GLN F 300 1.32 41.05 -6.36
N PRO F 301 1.46 42.21 -5.73
CA PRO F 301 0.77 42.46 -4.46
C PRO F 301 -0.73 42.62 -4.63
N LEU F 302 -1.47 42.02 -3.71
CA LEU F 302 -2.91 41.95 -3.83
C LEU F 302 -3.53 43.28 -3.49
N SER F 303 -4.80 43.42 -3.89
CA SER F 303 -5.52 44.67 -3.79
C SER F 303 -5.76 45.02 -2.33
N PRO F 304 -5.87 46.30 -2.01
CA PRO F 304 -6.09 46.68 -0.61
C PRO F 304 -7.52 46.52 -0.15
N GLU F 305 -8.43 46.05 -1.00
CA GLU F 305 -9.78 45.77 -0.60
C GLU F 305 -10.04 44.26 -0.46
N LYS F 306 -9.00 43.45 -0.41
CA LYS F 306 -9.13 42.01 -0.18
C LYS F 306 -8.41 41.54 1.08
N TYR F 307 -8.13 42.45 2.01
CA TYR F 307 -7.66 42.06 3.32
C TYR F 307 -7.99 43.18 4.28
N VAL F 308 -8.05 42.85 5.57
CA VAL F 308 -8.19 43.88 6.60
C VAL F 308 -7.10 43.65 7.63
N THR F 309 -6.93 44.61 8.51
CA THR F 309 -5.92 44.57 9.55
C THR F 309 -6.41 45.39 10.72
N SER F 310 -6.35 44.81 11.92
CA SER F 310 -6.81 45.53 13.10
C SER F 310 -5.83 46.63 13.49
N ALA F 311 -6.04 47.17 14.60
CA ALA F 311 -4.98 47.94 15.17
C ALA F 311 -4.17 47.04 16.05
N PRO F 312 -3.00 47.48 16.50
CA PRO F 312 -2.34 46.78 17.59
C PRO F 312 -3.16 46.80 18.86
N MET F 313 -3.14 45.71 19.57
CA MET F 313 -3.87 45.60 20.81
C MET F 313 -2.97 44.90 21.81
N PRO F 314 -2.79 45.42 23.02
CA PRO F 314 -1.70 44.95 23.86
C PRO F 314 -1.85 43.53 24.36
N GLU F 315 -0.76 42.80 24.25
CA GLU F 315 -0.76 41.34 24.30
C GLU F 315 -1.18 40.89 25.70
N PRO F 316 -1.84 39.71 25.85
CA PRO F 316 -2.37 39.32 27.17
C PRO F 316 -1.35 39.19 28.30
N GLN F 317 -0.30 38.40 28.07
CA GLN F 317 0.63 38.10 29.16
C GLN F 317 1.86 39.01 29.10
N ALA F 318 2.28 39.41 27.90
CA ALA F 318 3.44 40.28 27.78
C ALA F 318 3.11 41.70 28.28
N PRO F 319 4.03 42.34 28.99
CA PRO F 319 3.71 43.65 29.58
C PRO F 319 3.55 44.79 28.58
N GLY F 320 4.58 45.04 27.76
CA GLY F 320 4.54 46.17 26.86
C GLY F 320 4.77 45.80 25.41
N ARG F 321 4.24 44.67 25.01
CA ARG F 321 4.33 44.19 23.64
C ARG F 321 2.94 44.04 23.07
N TYR F 322 2.83 44.08 21.76
CA TYR F 322 1.54 44.16 21.09
C TYR F 322 1.25 42.89 20.30
N PHE F 323 0.16 42.91 19.53
CA PHE F 323 -0.14 41.91 18.52
C PHE F 323 -1.00 42.60 17.48
N ALA F 324 -1.20 41.96 16.34
CA ALA F 324 -2.13 42.46 15.36
C ALA F 324 -2.62 41.27 14.57
N HIS F 325 -3.44 41.51 13.58
CA HIS F 325 -4.05 40.45 12.82
C HIS F 325 -4.25 40.99 11.43
N SER F 326 -4.42 40.12 10.47
CA SER F 326 -4.81 40.58 9.15
C SER F 326 -5.45 39.44 8.42
N ILE F 327 -6.63 39.61 7.91
CA ILE F 327 -7.32 38.51 7.29
C ILE F 327 -7.47 38.77 5.81
N LEU F 328 -7.24 37.74 5.01
CA LEU F 328 -7.33 37.81 3.56
C LEU F 328 -8.29 36.74 3.12
N THR F 329 -9.31 37.14 2.37
CA THR F 329 -10.35 36.21 1.98
C THR F 329 -10.13 35.74 0.56
N VAL F 330 -10.18 34.43 0.36
CA VAL F 330 -10.04 33.83 -0.96
C VAL F 330 -11.18 32.84 -1.17
N SER F 331 -11.50 32.56 -2.42
CA SER F 331 -12.44 31.48 -2.68
C SER F 331 -11.74 30.15 -2.47
N GLU F 332 -12.52 29.09 -2.36
CA GLU F 332 -11.95 27.78 -2.09
C GLU F 332 -11.26 27.22 -3.32
N GLU F 333 -11.72 27.61 -4.50
CA GLU F 333 -11.05 27.28 -5.76
C GLU F 333 -9.70 27.97 -5.88
N GLU F 334 -9.53 29.13 -5.27
CA GLU F 334 -8.20 29.73 -5.20
C GLU F 334 -7.29 28.88 -4.34
N TRP F 335 -7.66 28.68 -3.08
CA TRP F 335 -6.73 28.08 -2.12
C TRP F 335 -6.55 26.59 -2.33
N ASN F 336 -7.42 25.94 -3.10
CA ASN F 336 -7.29 24.50 -3.34
C ASN F 336 -6.54 24.20 -4.62
N THR F 337 -5.88 25.19 -5.22
CA THR F 337 -5.12 25.00 -6.44
C THR F 337 -3.72 25.60 -6.32
N GLY F 338 -3.03 25.38 -5.20
CA GLY F 338 -1.68 25.89 -5.02
C GLY F 338 -1.66 27.21 -4.28
N GLU F 339 -1.33 28.30 -4.98
CA GLU F 339 -1.56 29.67 -4.50
C GLU F 339 -0.81 30.09 -3.24
N THR F 340 0.38 30.64 -3.44
CA THR F 340 1.40 30.78 -2.42
C THR F 340 1.07 31.75 -1.27
N TYR F 341 0.41 32.88 -1.56
CA TYR F 341 -0.17 33.82 -0.55
C TYR F 341 0.81 34.29 0.52
N THR F 342 1.79 35.10 0.14
CA THR F 342 2.75 35.69 1.06
C THR F 342 2.12 36.86 1.83
N CYS F 343 2.35 36.92 3.13
CA CYS F 343 2.01 38.09 3.92
C CYS F 343 3.30 38.72 4.41
N VAL F 344 3.40 40.03 4.27
CA VAL F 344 4.63 40.73 4.56
C VAL F 344 4.36 41.80 5.61
N VAL F 345 5.07 41.70 6.72
CA VAL F 345 5.00 42.67 7.77
C VAL F 345 6.10 43.66 7.49
N ALA F 346 5.83 44.93 7.82
CA ALA F 346 6.73 46.06 7.65
C ALA F 346 6.78 46.76 8.99
N HIS F 347 7.87 46.60 9.72
CA HIS F 347 7.97 47.09 11.10
C HIS F 347 9.41 47.46 11.41
N GLU F 348 9.62 48.58 12.11
CA GLU F 348 10.94 49.19 12.14
C GLU F 348 11.93 48.40 12.99
N ALA F 349 11.47 47.54 13.85
CA ALA F 349 12.49 46.89 14.67
C ALA F 349 13.00 45.66 14.08
N LEU F 350 12.52 45.33 12.90
CA LEU F 350 13.12 44.27 12.12
C LEU F 350 14.47 44.77 11.62
N PRO F 351 15.42 43.87 11.44
CA PRO F 351 16.71 44.29 10.87
C PRO F 351 16.61 44.71 9.43
N ASN F 352 15.98 43.90 8.58
CA ASN F 352 15.86 44.22 7.17
C ASN F 352 14.72 45.20 6.89
N ARG F 353 13.92 45.52 7.91
CA ARG F 353 12.69 46.31 7.96
C ARG F 353 11.49 45.65 7.27
N VAL F 354 11.56 44.41 6.84
CA VAL F 354 10.47 43.70 6.17
C VAL F 354 10.65 42.20 6.41
N THR F 355 9.59 41.51 6.80
CA THR F 355 9.58 40.05 6.91
C THR F 355 8.44 39.53 6.05
N GLU F 356 8.63 38.44 5.33
CA GLU F 356 7.48 37.92 4.61
C GLU F 356 7.45 36.40 4.70
N ARG F 357 6.25 35.85 4.89
CA ARG F 357 6.05 34.41 5.10
C ARG F 357 4.92 33.94 4.22
N THR F 358 4.83 32.63 4.02
CA THR F 358 4.01 32.06 2.96
C THR F 358 3.32 30.76 3.37
N VAL F 359 2.12 30.54 2.84
CA VAL F 359 1.39 29.29 3.01
C VAL F 359 0.67 28.93 1.72
N ASP F 360 0.82 27.68 1.31
CA ASP F 360 -0.08 27.18 0.30
C ASP F 360 -0.83 26.06 0.96
N LYS F 361 -1.61 25.32 0.18
CA LYS F 361 -2.37 24.20 0.73
C LYS F 361 -1.48 23.12 1.30
N SER F 362 -0.28 22.96 0.74
CA SER F 362 0.60 21.87 1.06
C SER F 362 1.71 22.32 2.01
N THR F 363 1.34 22.78 3.18
CA THR F 363 2.33 23.22 4.13
C THR F 363 2.59 22.22 5.22
N GLY F 364 1.80 21.16 5.27
CA GLY F 364 1.85 20.25 6.40
C GLY F 364 2.05 18.78 6.12
N LYS F 365 1.78 18.28 4.91
CA LYS F 365 1.96 16.85 4.65
C LYS F 365 3.45 16.52 4.77
N PRO F 366 3.82 15.41 5.43
CA PRO F 366 5.19 15.31 5.95
C PRO F 366 6.28 14.91 4.97
N THR F 367 5.99 14.92 3.68
CA THR F 367 6.98 14.98 2.59
C THR F 367 7.92 13.78 2.48
N LEU F 368 8.05 12.94 3.49
CA LEU F 368 8.66 11.65 3.25
C LEU F 368 7.59 10.75 2.67
N TYR F 369 6.56 10.47 3.46
CA TYR F 369 5.52 9.53 3.10
C TYR F 369 4.35 10.25 2.49
N ASN F 370 3.43 9.51 1.90
CA ASN F 370 2.29 10.11 1.28
C ASN F 370 1.17 9.08 1.29
N VAL F 371 0.34 9.10 2.33
CA VAL F 371 -0.65 8.05 2.51
C VAL F 371 -1.92 8.34 1.73
N SER F 372 -2.52 7.32 1.16
CA SER F 372 -3.72 7.52 0.41
C SER F 372 -4.72 6.48 0.83
N LEU F 373 -6.00 6.74 0.56
CA LEU F 373 -7.13 5.94 1.02
C LEU F 373 -8.00 5.64 -0.19
N VAL F 374 -7.76 4.50 -0.81
CA VAL F 374 -8.37 4.12 -2.05
C VAL F 374 -9.47 3.12 -1.73
N MET F 375 -10.37 2.89 -2.68
CA MET F 375 -11.36 1.82 -2.56
C MET F 375 -11.07 0.66 -3.52
N ILE G 152 47.81 64.39 -8.79
CA ILE G 152 46.79 65.10 -9.55
C ILE G 152 45.61 64.19 -9.88
N ARG G 153 45.08 63.47 -8.88
CA ARG G 153 43.94 62.57 -9.07
C ARG G 153 42.89 62.88 -8.02
N VAL G 154 41.65 63.04 -8.45
CA VAL G 154 40.50 63.20 -7.57
C VAL G 154 39.48 62.12 -7.93
N PHE G 155 38.87 61.51 -6.92
CA PHE G 155 37.89 60.47 -7.10
C PHE G 155 36.85 60.59 -5.99
N ALA G 156 35.72 59.89 -6.18
CA ALA G 156 34.74 59.73 -5.12
C ALA G 156 34.23 58.30 -5.12
N ILE G 157 33.51 57.95 -4.07
CA ILE G 157 32.84 56.65 -4.04
C ILE G 157 31.34 56.92 -3.98
N PRO G 158 30.67 56.96 -5.12
CA PRO G 158 29.21 57.19 -5.13
C PRO G 158 28.49 56.05 -4.45
N PRO G 159 27.82 56.32 -3.32
CA PRO G 159 27.39 55.25 -2.42
C PRO G 159 26.32 54.35 -3.01
N SER G 160 26.68 53.09 -3.23
CA SER G 160 25.80 52.13 -3.87
C SER G 160 24.89 51.48 -2.84
N PHE G 161 24.20 50.42 -3.28
CA PHE G 161 23.17 49.81 -2.46
C PHE G 161 23.74 49.09 -1.25
N ALA G 162 24.95 48.57 -1.35
CA ALA G 162 25.52 47.95 -0.16
C ALA G 162 25.93 48.96 0.89
N SER G 163 26.11 50.22 0.52
CA SER G 163 26.42 51.27 1.49
C SER G 163 25.20 52.04 1.93
N ILE G 164 24.20 52.19 1.06
CA ILE G 164 22.91 52.70 1.49
C ILE G 164 22.24 51.73 2.45
N PHE G 165 22.30 50.44 2.14
CA PHE G 165 21.40 49.49 2.78
C PHE G 165 22.00 48.84 4.02
N LEU G 166 23.32 48.79 4.15
CA LEU G 166 23.90 48.32 5.40
C LEU G 166 23.65 49.27 6.55
N THR G 167 23.41 50.54 6.26
CA THR G 167 23.51 51.60 7.25
C THR G 167 22.33 52.56 7.28
N LYS G 168 21.54 52.67 6.20
CA LYS G 168 20.48 53.69 6.02
C LYS G 168 21.04 55.10 6.20
N SER G 169 22.27 55.28 5.72
CA SER G 169 23.08 56.46 5.94
C SER G 169 23.82 56.81 4.66
N THR G 170 23.07 57.08 3.59
CA THR G 170 23.64 57.55 2.32
C THR G 170 24.65 58.67 2.51
N LYS G 171 25.80 58.53 1.89
CA LYS G 171 27.01 59.17 2.38
C LYS G 171 28.00 59.28 1.23
N LEU G 172 28.15 60.50 0.71
CA LEU G 172 29.15 60.75 -0.31
C LEU G 172 30.51 60.78 0.37
N THR G 173 31.53 60.30 -0.33
CA THR G 173 32.87 60.17 0.21
C THR G 173 33.91 60.47 -0.85
N CYS G 174 34.61 61.58 -0.67
CA CYS G 174 35.68 62.01 -1.56
C CYS G 174 36.94 61.20 -1.25
N LEU G 175 37.77 61.03 -2.27
CA LEU G 175 38.98 60.24 -2.17
C LEU G 175 40.00 60.80 -3.13
N VAL G 176 41.00 61.48 -2.60
CA VAL G 176 41.95 62.21 -3.40
C VAL G 176 43.32 61.60 -3.15
N THR G 177 43.73 60.69 -4.02
CA THR G 177 45.06 60.08 -3.96
C THR G 177 45.97 60.66 -5.04
N ASP G 178 47.22 60.19 -5.03
CA ASP G 178 48.28 60.59 -5.96
C ASP G 178 48.53 62.10 -5.95
N LEU G 179 48.55 62.66 -4.74
CA LEU G 179 48.98 64.03 -4.51
C LEU G 179 50.18 64.00 -3.56
N THR G 180 50.76 65.17 -3.33
CA THR G 180 52.01 65.30 -2.60
C THR G 180 51.73 65.38 -1.11
N THR G 181 52.65 64.82 -0.33
CA THR G 181 52.53 64.72 1.13
C THR G 181 52.63 66.09 1.75
N TYR G 182 51.49 66.74 1.95
CA TYR G 182 51.42 67.99 2.69
C TYR G 182 50.35 67.88 3.77
N ASP G 183 50.29 68.87 4.66
CA ASP G 183 49.20 68.97 5.61
C ASP G 183 48.51 70.32 5.43
N SER G 184 47.40 70.49 6.15
CA SER G 184 46.45 71.60 6.00
C SER G 184 45.96 71.70 4.55
N VAL G 185 45.32 70.61 4.10
CA VAL G 185 44.77 70.51 2.75
C VAL G 185 43.24 70.55 2.85
N THR G 186 42.62 71.26 1.92
CA THR G 186 41.21 71.64 2.02
C THR G 186 40.34 70.74 1.17
N ILE G 187 39.32 70.15 1.79
CA ILE G 187 38.33 69.30 1.14
C ILE G 187 36.94 69.83 1.47
N SER G 188 36.09 70.00 0.45
CA SER G 188 34.73 70.46 0.67
C SER G 188 33.75 69.80 -0.29
N TRP G 189 32.46 69.95 -0.02
CA TRP G 189 31.37 69.45 -0.88
C TRP G 189 30.44 70.58 -1.26
N THR G 190 29.86 70.50 -2.46
CA THR G 190 28.80 71.39 -2.92
C THR G 190 27.72 70.56 -3.61
N ARG G 191 26.52 71.11 -3.71
CA ARG G 191 25.49 70.49 -4.53
C ARG G 191 25.62 70.95 -5.98
N GLN G 192 24.56 70.68 -6.77
CA GLN G 192 24.57 71.16 -8.14
C GLN G 192 24.30 72.66 -8.22
N ASN G 193 23.33 73.16 -7.45
CA ASN G 193 23.04 74.59 -7.41
C ASN G 193 23.91 75.33 -6.40
N GLY G 194 25.05 74.75 -6.00
CA GLY G 194 26.05 75.43 -5.21
C GLY G 194 25.68 75.70 -3.76
N GLU G 195 24.58 75.14 -3.28
CA GLU G 195 24.17 75.33 -1.89
C GLU G 195 25.16 74.68 -0.94
N ALA G 196 25.41 75.33 0.18
CA ALA G 196 26.34 74.80 1.18
C ALA G 196 25.79 73.50 1.77
N VAL G 197 26.70 72.67 2.26
CA VAL G 197 26.37 71.27 2.54
C VAL G 197 26.53 71.04 4.02
N LYS G 198 26.36 69.79 4.42
CA LYS G 198 26.54 69.41 5.82
C LYS G 198 28.00 69.50 6.20
N THR G 199 28.23 69.63 7.51
CA THR G 199 29.56 69.80 8.08
C THR G 199 30.29 68.47 8.02
N HIS G 200 30.98 68.26 6.90
CA HIS G 200 31.76 67.04 6.70
C HIS G 200 33.03 67.12 7.54
N THR G 201 33.39 66.02 8.17
CA THR G 201 34.55 65.98 9.04
C THR G 201 35.41 64.74 8.81
N ASN G 202 36.46 64.60 9.62
CA ASN G 202 37.41 63.48 9.59
C ASN G 202 38.07 63.33 8.22
N ILE G 203 38.83 64.34 7.84
CA ILE G 203 39.74 64.23 6.72
C ILE G 203 40.84 63.22 7.07
N SER G 204 41.33 62.49 6.07
CA SER G 204 42.33 61.47 6.29
C SER G 204 43.74 62.07 6.25
N GLU G 205 44.73 61.18 6.21
CA GLU G 205 46.16 61.49 6.31
C GLU G 205 46.90 60.88 5.13
N SER G 206 48.23 60.91 5.19
CA SER G 206 49.06 60.51 4.06
C SER G 206 49.44 59.03 4.14
N HIS G 207 50.01 58.53 3.06
CA HIS G 207 50.42 57.14 2.86
C HIS G 207 51.87 56.94 3.31
N PRO G 208 52.31 55.70 3.53
CA PRO G 208 53.75 55.44 3.66
C PRO G 208 54.46 55.31 2.32
N ASN G 209 53.76 55.40 1.20
CA ASN G 209 54.36 55.36 -0.13
C ASN G 209 54.64 56.76 -0.64
N ALA G 210 54.88 57.70 0.30
CA ALA G 210 55.06 59.14 0.05
C ALA G 210 53.88 59.74 -0.71
N THR G 211 52.68 59.22 -0.44
CA THR G 211 51.49 59.62 -1.20
C THR G 211 50.48 60.22 -0.23
N PHE G 212 49.55 61.00 -0.74
CA PHE G 212 48.59 61.69 0.12
C PHE G 212 47.18 61.20 -0.21
N SER G 213 46.33 61.18 0.82
CA SER G 213 45.00 60.59 0.71
C SER G 213 44.01 61.42 1.52
N ALA G 214 43.17 62.18 0.84
CA ALA G 214 42.20 63.05 1.48
C ALA G 214 40.80 62.48 1.34
N VAL G 215 40.08 62.41 2.45
CA VAL G 215 38.75 61.80 2.47
C VAL G 215 37.75 62.82 3.00
N GLY G 216 36.69 63.06 2.23
CA GLY G 216 35.62 63.91 2.71
C GLY G 216 34.28 63.22 2.73
N GLU G 217 33.78 62.89 3.92
CA GLU G 217 32.61 62.04 4.09
C GLU G 217 31.46 62.86 4.62
N ALA G 218 30.35 62.86 3.88
CA ALA G 218 29.22 63.74 4.19
C ALA G 218 27.93 63.05 3.82
N SER G 219 26.97 63.06 4.73
CA SER G 219 25.74 62.31 4.59
C SER G 219 24.62 63.20 4.06
N ILE G 220 23.69 62.59 3.34
CA ILE G 220 22.46 63.23 2.87
C ILE G 220 21.29 62.29 3.19
N CYS G 221 20.11 62.55 2.63
CA CYS G 221 19.02 61.59 2.65
C CYS G 221 18.82 60.97 1.28
N GLU G 222 18.22 59.77 1.25
CA GLU G 222 18.36 58.86 0.11
C GLU G 222 17.61 59.35 -1.12
N ASP G 223 16.55 60.14 -0.92
CA ASP G 223 15.82 60.71 -2.04
C ASP G 223 16.70 61.66 -2.82
N ASP G 224 17.60 62.37 -2.13
CA ASP G 224 18.50 63.29 -2.81
C ASP G 224 19.48 62.56 -3.71
N TRP G 225 19.95 61.39 -3.28
CA TRP G 225 20.92 60.67 -4.09
C TRP G 225 20.24 59.89 -5.22
N ASN G 226 18.94 59.66 -5.12
CA ASN G 226 18.18 59.11 -6.23
C ASN G 226 17.58 60.21 -7.10
N SER G 227 17.66 61.47 -6.65
CA SER G 227 17.07 62.57 -7.40
C SER G 227 17.93 62.93 -8.60
N GLY G 228 19.18 63.32 -8.36
CA GLY G 228 20.08 63.66 -9.46
C GLY G 228 20.73 65.02 -9.32
N GLU G 229 20.79 65.55 -8.11
CA GLU G 229 21.53 66.79 -7.84
C GLU G 229 23.00 66.45 -7.89
N ARG G 230 23.70 66.97 -8.88
CA ARG G 230 25.05 66.51 -9.18
C ARG G 230 26.04 67.13 -8.21
N PHE G 231 26.42 66.37 -7.19
CA PHE G 231 27.29 66.81 -6.12
C PHE G 231 28.70 67.07 -6.66
N THR G 232 29.49 67.84 -5.91
CA THR G 232 30.83 68.21 -6.36
C THR G 232 31.78 68.33 -5.18
N CYS G 233 32.85 67.53 -5.18
CA CYS G 233 33.91 67.61 -4.18
C CYS G 233 34.96 68.60 -4.67
N THR G 234 35.28 69.58 -3.84
CA THR G 234 36.25 70.63 -4.19
C THR G 234 37.49 70.50 -3.31
N VAL G 235 38.64 70.35 -3.97
CA VAL G 235 39.94 70.23 -3.32
C VAL G 235 40.70 71.51 -3.56
N THR G 236 41.24 72.09 -2.49
CA THR G 236 42.06 73.30 -2.58
C THR G 236 43.22 73.23 -1.59
N HIS G 237 44.42 73.44 -2.11
CA HIS G 237 45.63 73.50 -1.29
C HIS G 237 46.59 74.48 -1.94
N THR G 238 47.67 74.81 -1.22
CA THR G 238 48.59 75.87 -1.62
C THR G 238 49.32 75.53 -2.93
N ASP G 239 49.84 74.31 -3.05
CA ASP G 239 50.61 73.98 -4.25
C ASP G 239 49.70 73.70 -5.45
N LEU G 240 48.42 73.44 -5.22
CA LEU G 240 47.48 73.23 -6.32
C LEU G 240 47.24 74.54 -7.07
N PRO G 241 47.43 74.57 -8.39
CA PRO G 241 47.33 75.85 -9.13
C PRO G 241 45.94 76.43 -9.22
N SER G 242 44.96 75.65 -9.67
CA SER G 242 43.60 76.13 -9.87
C SER G 242 42.68 75.29 -8.98
N PRO G 243 41.70 75.90 -8.33
CA PRO G 243 40.69 75.11 -7.61
C PRO G 243 39.88 74.24 -8.56
N LEU G 244 39.96 72.94 -8.35
CA LEU G 244 39.35 71.97 -9.23
C LEU G 244 38.10 71.40 -8.57
N LYS G 245 37.33 70.68 -9.39
CA LYS G 245 36.01 70.18 -9.04
C LYS G 245 35.97 68.69 -9.39
N GLN G 246 35.17 67.94 -8.64
CA GLN G 246 34.84 66.55 -8.98
C GLN G 246 33.33 66.39 -8.87
N THR G 247 32.64 66.32 -10.02
CA THR G 247 31.20 66.11 -10.01
C THR G 247 30.88 64.62 -9.89
N ILE G 248 29.68 64.33 -9.38
CA ILE G 248 29.24 62.97 -9.08
C ILE G 248 27.72 62.97 -8.99
N SER G 249 27.08 61.91 -9.52
CA SER G 249 25.63 61.85 -9.54
C SER G 249 25.17 60.39 -9.52
N ARG G 250 23.88 60.18 -9.86
CA ARG G 250 23.29 58.86 -9.98
C ARG G 250 22.86 58.64 -11.42
N PRO G 251 23.46 57.69 -12.14
CA PRO G 251 23.24 57.59 -13.59
C PRO G 251 21.87 57.06 -13.97
N LYS G 252 20.85 57.93 -13.90
CA LYS G 252 19.53 57.54 -14.32
C LYS G 252 19.48 57.33 -15.83
N GLY G 253 18.66 56.37 -16.24
CA GLY G 253 18.70 55.88 -17.60
C GLY G 253 19.14 54.44 -17.74
N VAL G 254 18.80 53.60 -16.76
CA VAL G 254 19.13 52.18 -16.76
C VAL G 254 17.84 51.39 -16.90
N ALA G 255 17.92 50.07 -16.94
CA ALA G 255 16.71 49.29 -16.84
C ALA G 255 16.38 49.01 -15.38
N LEU G 256 15.35 48.20 -15.15
CA LEU G 256 14.95 47.84 -13.79
C LEU G 256 14.40 46.41 -13.83
N HIS G 257 15.25 45.45 -13.48
CA HIS G 257 14.91 44.04 -13.54
C HIS G 257 15.05 43.43 -12.16
N ARG G 258 14.08 42.62 -11.75
CA ARG G 258 14.11 42.14 -10.38
C ARG G 258 14.80 40.78 -10.29
N PRO G 259 15.64 40.60 -9.28
CA PRO G 259 16.41 39.36 -9.17
C PRO G 259 15.55 38.18 -8.85
N ASP G 260 15.98 37.02 -9.32
CA ASP G 260 15.30 35.76 -9.03
C ASP G 260 16.21 34.98 -8.11
N VAL G 261 16.03 35.07 -6.80
CA VAL G 261 16.93 34.37 -5.88
C VAL G 261 16.53 32.91 -5.85
N TYR G 262 17.48 32.02 -6.14
CA TYR G 262 17.33 30.59 -5.89
C TYR G 262 18.41 30.17 -4.94
N LEU G 263 18.07 29.39 -3.97
CA LEU G 263 18.99 29.06 -2.91
C LEU G 263 19.36 27.59 -3.07
N LEU G 264 20.59 27.30 -3.47
CA LEU G 264 20.99 25.94 -3.79
C LEU G 264 21.54 25.25 -2.55
N PRO G 265 21.12 23.99 -2.30
CA PRO G 265 21.55 23.26 -1.11
C PRO G 265 22.77 22.43 -1.39
N PRO G 266 23.58 22.13 -0.39
CA PRO G 266 24.94 21.65 -0.63
C PRO G 266 25.02 20.27 -1.27
N ALA G 267 26.21 19.94 -1.75
CA ALA G 267 26.39 18.79 -2.61
C ALA G 267 26.25 17.48 -1.87
N ARG G 268 25.94 16.42 -2.61
CA ARG G 268 25.86 15.12 -1.97
C ARG G 268 27.25 14.59 -1.64
N GLU G 269 28.23 14.91 -2.48
CA GLU G 269 29.60 14.54 -2.20
C GLU G 269 30.16 15.29 -1.01
N GLN G 270 29.73 16.53 -0.82
CA GLN G 270 30.20 17.43 0.22
C GLN G 270 29.83 16.95 1.61
N LEU G 271 28.63 16.43 1.76
CA LEU G 271 28.21 15.88 3.04
C LEU G 271 28.52 14.40 3.12
N ASN G 272 29.73 14.04 2.73
CA ASN G 272 30.29 12.72 2.97
C ASN G 272 31.75 12.78 3.32
N LEU G 273 32.41 13.91 3.13
CA LEU G 273 33.65 14.17 3.83
C LEU G 273 33.39 14.53 5.28
N ARG G 274 32.15 14.92 5.59
CA ARG G 274 31.64 15.18 6.94
C ARG G 274 32.42 16.29 7.65
N GLU G 275 32.77 17.31 6.87
CA GLU G 275 33.46 18.48 7.38
C GLU G 275 32.61 19.74 7.25
N SER G 276 32.26 20.12 6.02
CA SER G 276 31.68 21.43 5.76
C SER G 276 30.62 21.29 4.68
N ALA G 277 29.94 22.40 4.40
CA ALA G 277 28.89 22.44 3.39
C ALA G 277 28.66 23.88 2.99
N THR G 278 28.69 24.19 1.70
CA THR G 278 28.58 25.57 1.26
C THR G 278 27.24 25.77 0.56
N ILE G 279 26.27 26.29 1.29
CA ILE G 279 24.99 26.67 0.71
C ILE G 279 25.21 27.88 -0.17
N THR G 280 24.59 27.90 -1.34
CA THR G 280 24.98 28.88 -2.35
C THR G 280 23.86 29.66 -3.02
N CYS G 281 23.61 30.85 -2.51
CA CYS G 281 22.51 31.67 -2.96
C CYS G 281 22.87 32.27 -4.29
N LEU G 282 21.98 32.19 -5.26
CA LEU G 282 22.29 32.48 -6.66
C LEU G 282 21.36 33.55 -7.16
N VAL G 283 21.82 34.79 -7.18
CA VAL G 283 20.96 35.94 -7.45
C VAL G 283 20.98 36.24 -8.93
N THR G 284 20.05 35.72 -9.69
CA THR G 284 20.26 35.74 -11.13
C THR G 284 19.23 36.62 -11.82
N GLY G 285 19.62 37.12 -12.98
CA GLY G 285 18.68 37.74 -13.87
C GLY G 285 18.34 39.18 -13.60
N PHE G 286 19.19 39.94 -12.94
CA PHE G 286 18.78 41.28 -12.55
C PHE G 286 19.63 42.35 -13.22
N SER G 287 19.20 43.61 -13.04
CA SER G 287 19.87 44.85 -13.42
C SER G 287 19.26 45.97 -12.60
N PRO G 288 20.00 47.01 -12.23
CA PRO G 288 21.42 47.33 -12.39
C PRO G 288 22.28 46.57 -11.42
N ALA G 289 23.47 47.08 -11.15
CA ALA G 289 24.44 46.36 -10.34
C ALA G 289 24.13 46.52 -8.86
N ASP G 290 24.95 45.85 -8.06
CA ASP G 290 24.95 45.87 -6.60
C ASP G 290 23.60 45.46 -6.01
N VAL G 291 23.36 44.16 -6.06
CA VAL G 291 22.65 43.49 -4.99
C VAL G 291 23.47 43.57 -3.72
N PHE G 292 22.81 43.39 -2.60
CA PHE G 292 23.50 43.23 -1.33
C PHE G 292 22.86 42.01 -0.71
N VAL G 293 23.57 40.92 -0.57
CA VAL G 293 22.96 39.73 0.00
C VAL G 293 23.62 39.46 1.33
N GLN G 294 22.87 38.87 2.26
CA GLN G 294 23.41 38.53 3.55
C GLN G 294 22.55 37.45 4.16
N TRP G 295 23.07 36.86 5.23
CA TRP G 295 22.60 35.56 5.67
C TRP G 295 22.15 35.63 7.11
N MET G 296 20.90 35.26 7.35
CA MET G 296 20.31 35.31 8.67
C MET G 296 19.87 33.93 9.09
N GLN G 297 20.31 33.49 10.26
CA GLN G 297 19.87 32.25 10.89
C GLN G 297 18.74 32.60 11.85
N ARG G 298 17.51 32.23 11.49
CA ARG G 298 16.32 32.35 12.34
C ARG G 298 16.06 33.77 12.82
N GLY G 299 16.36 34.72 11.95
CA GLY G 299 16.25 36.12 12.32
C GLY G 299 17.51 36.75 12.84
N GLN G 300 18.55 35.97 13.10
CA GLN G 300 19.79 36.49 13.66
C GLN G 300 20.85 36.57 12.57
N PRO G 301 21.17 37.75 12.03
CA PRO G 301 22.07 37.82 10.88
C PRO G 301 23.50 37.50 11.25
N LEU G 302 24.08 36.54 10.51
CA LEU G 302 25.37 35.95 10.78
C LEU G 302 26.49 36.97 10.57
N SER G 303 27.68 36.60 10.98
CA SER G 303 28.81 37.51 10.89
C SER G 303 29.23 37.63 9.45
N PRO G 304 29.82 38.77 9.04
CA PRO G 304 30.30 38.88 7.66
C PRO G 304 31.59 38.13 7.39
N GLU G 305 32.14 37.40 8.35
CA GLU G 305 33.28 36.55 8.09
C GLU G 305 32.88 35.20 7.49
N LYS G 306 31.64 34.78 7.66
CA LYS G 306 31.23 33.46 7.19
C LYS G 306 30.85 33.47 5.71
N TYR G 307 29.90 34.31 5.32
CA TYR G 307 29.47 34.28 3.93
C TYR G 307 30.34 35.16 3.05
N VAL G 308 30.31 34.88 1.76
CA VAL G 308 31.06 35.68 0.78
C VAL G 308 30.14 35.96 -0.40
N THR G 309 30.04 37.24 -0.78
CA THR G 309 29.30 37.65 -1.96
C THR G 309 30.29 37.87 -3.09
N SER G 310 29.88 37.53 -4.31
CA SER G 310 30.69 37.77 -5.49
C SER G 310 30.58 39.22 -5.94
N ALA G 311 30.96 39.48 -7.14
CA ALA G 311 30.67 40.74 -7.77
C ALA G 311 29.68 40.52 -8.90
N PRO G 312 28.90 41.50 -9.25
CA PRO G 312 27.94 41.31 -10.35
C PRO G 312 28.56 41.19 -11.74
N MET G 313 28.95 39.98 -12.12
CA MET G 313 29.44 39.72 -13.47
C MET G 313 28.26 39.51 -14.42
N PRO G 314 28.30 40.03 -15.65
CA PRO G 314 27.10 39.99 -16.50
C PRO G 314 26.81 38.61 -17.08
N GLU G 315 25.53 38.31 -17.21
CA GLU G 315 24.86 37.08 -17.60
C GLU G 315 25.23 36.71 -19.02
N PRO G 316 25.42 35.41 -19.31
CA PRO G 316 25.81 34.98 -20.67
C PRO G 316 24.84 35.33 -21.78
N GLN G 317 23.61 34.81 -21.73
CA GLN G 317 22.67 34.99 -22.82
C GLN G 317 21.80 36.23 -22.68
N ALA G 318 21.57 36.71 -21.46
CA ALA G 318 20.87 37.96 -21.30
C ALA G 318 21.79 39.12 -21.66
N PRO G 319 21.30 40.11 -22.37
CA PRO G 319 22.16 41.20 -22.82
C PRO G 319 22.60 42.15 -21.72
N GLY G 320 21.68 42.56 -20.86
CA GLY G 320 22.05 43.54 -19.88
C GLY G 320 21.75 43.11 -18.47
N ARG G 321 21.33 41.88 -18.28
CA ARG G 321 21.07 41.42 -16.94
C ARG G 321 22.33 40.84 -16.32
N TYR G 322 22.33 40.72 -15.01
CA TYR G 322 23.55 40.37 -14.28
C TYR G 322 23.36 39.08 -13.49
N PHE G 323 24.31 38.71 -12.65
CA PHE G 323 24.09 37.68 -11.64
C PHE G 323 25.08 37.93 -10.52
N ALA G 324 24.97 37.16 -9.45
CA ALA G 324 25.94 37.19 -8.37
C ALA G 324 25.87 35.87 -7.64
N HIS G 325 26.58 35.78 -6.53
CA HIS G 325 26.71 34.52 -5.81
C HIS G 325 26.84 34.85 -4.35
N SER G 326 26.54 33.90 -3.50
CA SER G 326 26.96 34.01 -2.12
C SER G 326 27.15 32.61 -1.59
N ILE G 327 28.26 32.35 -0.98
CA ILE G 327 28.46 31.03 -0.41
C ILE G 327 28.56 31.14 1.10
N LEU G 328 28.03 30.14 1.80
CA LEU G 328 28.01 30.18 3.25
C LEU G 328 28.62 28.89 3.78
N THR G 329 29.82 28.97 4.35
CA THR G 329 30.60 27.78 4.65
C THR G 329 30.26 27.28 6.06
N VAL G 330 29.27 26.39 6.13
CA VAL G 330 28.73 25.96 7.42
C VAL G 330 29.28 24.57 7.76
N SER G 331 29.25 24.19 9.04
CA SER G 331 29.68 22.87 9.47
C SER G 331 28.67 21.82 9.07
N GLU G 332 29.09 20.56 9.12
CA GLU G 332 28.30 19.50 8.51
C GLU G 332 27.10 19.13 9.37
N GLU G 333 27.29 19.04 10.68
CA GLU G 333 26.24 18.59 11.60
C GLU G 333 25.19 19.66 11.84
N GLU G 334 25.58 20.93 11.74
CA GLU G 334 24.65 22.05 11.75
C GLU G 334 23.63 21.94 10.62
N TRP G 335 24.01 21.36 9.50
CA TRP G 335 23.03 21.13 8.45
C TRP G 335 22.37 19.77 8.59
N ASN G 336 22.25 19.23 9.80
CA ASN G 336 21.44 18.04 10.04
C ASN G 336 20.23 18.32 10.92
N THR G 337 20.06 19.56 11.38
CA THR G 337 19.09 19.86 12.41
C THR G 337 18.10 20.96 12.06
N GLY G 338 17.59 21.03 10.83
CA GLY G 338 16.61 22.08 10.55
C GLY G 338 17.21 23.33 9.94
N GLU G 339 17.38 24.40 10.75
CA GLU G 339 18.14 25.60 10.38
C GLU G 339 17.58 26.33 9.17
N THR G 340 16.50 27.09 9.36
CA THR G 340 15.71 27.71 8.29
C THR G 340 16.56 28.45 7.24
N TYR G 341 17.66 29.10 7.67
CA TYR G 341 18.69 29.64 6.77
C TYR G 341 18.22 30.64 5.73
N THR G 342 17.95 31.85 6.16
CA THR G 342 17.59 32.90 5.23
C THR G 342 18.79 33.50 4.53
N CYS G 343 18.62 33.80 3.24
CA CYS G 343 19.57 34.54 2.42
C CYS G 343 18.79 35.70 1.87
N VAL G 344 18.92 36.88 2.46
CA VAL G 344 18.18 38.04 1.98
C VAL G 344 18.99 38.79 0.93
N VAL G 345 18.41 38.95 -0.22
CA VAL G 345 18.88 39.80 -1.26
C VAL G 345 18.31 41.18 -0.95
N ALA G 346 18.83 42.21 -1.60
CA ALA G 346 18.41 43.59 -1.40
C ALA G 346 18.68 44.33 -2.69
N HIS G 347 17.63 44.80 -3.34
CA HIS G 347 17.81 45.36 -4.68
C HIS G 347 16.74 46.42 -4.92
N GLU G 348 16.91 47.20 -5.99
CA GLU G 348 16.00 48.29 -6.33
C GLU G 348 15.11 47.96 -7.50
N ALA G 349 14.57 46.75 -7.54
CA ALA G 349 13.43 46.49 -8.39
C ALA G 349 12.36 45.67 -7.72
N LEU G 350 12.62 45.13 -6.58
CA LEU G 350 11.70 44.31 -5.82
C LEU G 350 10.59 45.19 -5.25
N PRO G 351 9.43 44.60 -4.80
CA PRO G 351 8.36 45.44 -4.22
C PRO G 351 8.72 46.15 -2.93
N ASN G 352 9.13 45.44 -1.89
CA ASN G 352 9.63 46.12 -0.70
C ASN G 352 11.10 46.32 -0.75
N ARG G 353 11.69 46.16 -1.94
CA ARG G 353 13.12 46.21 -2.20
C ARG G 353 13.90 45.13 -1.45
N VAL G 354 13.25 44.07 -0.97
CA VAL G 354 13.87 43.05 -0.13
C VAL G 354 13.13 41.73 -0.32
N THR G 355 13.88 40.65 -0.53
CA THR G 355 13.36 39.29 -0.64
C THR G 355 14.18 38.34 0.23
N GLU G 356 13.50 37.44 0.93
CA GLU G 356 14.18 36.38 1.66
C GLU G 356 13.89 35.04 1.00
N ARG G 357 14.83 34.09 1.14
CA ARG G 357 14.62 32.72 0.73
C ARG G 357 15.18 31.84 1.82
N THR G 358 14.78 30.56 1.82
CA THR G 358 14.97 29.65 2.95
C THR G 358 15.37 28.26 2.46
N VAL G 359 16.31 27.62 3.16
CA VAL G 359 16.59 26.19 2.97
C VAL G 359 16.79 25.51 4.30
N ASP G 360 16.01 24.47 4.56
CA ASP G 360 16.28 23.55 5.65
C ASP G 360 16.88 22.30 5.03
N LYS G 361 17.09 21.26 5.85
CA LYS G 361 17.66 20.01 5.35
C LYS G 361 16.75 19.36 4.34
N SER G 362 15.46 19.35 4.63
CA SER G 362 14.51 18.61 3.82
C SER G 362 13.75 19.53 2.89
N THR G 363 14.43 20.07 1.90
CA THR G 363 13.70 20.89 0.94
C THR G 363 13.63 20.28 -0.44
N GLY G 364 14.77 19.96 -1.04
CA GLY G 364 14.78 19.41 -2.38
C GLY G 364 14.82 17.89 -2.39
N LYS G 365 14.44 17.30 -1.25
CA LYS G 365 14.33 15.87 -1.06
C LYS G 365 12.96 15.42 -1.58
N PRO G 366 12.87 14.26 -2.21
CA PRO G 366 11.59 13.82 -2.78
C PRO G 366 10.84 12.92 -1.83
N THR G 367 9.66 12.43 -2.22
CA THR G 367 8.85 11.59 -1.35
C THR G 367 9.09 10.13 -1.68
N LEU G 368 9.66 9.40 -0.74
CA LEU G 368 10.01 8.00 -1.00
C LEU G 368 8.79 7.11 -0.86
N TYR G 369 8.32 6.96 0.37
CA TYR G 369 7.28 6.04 0.71
C TYR G 369 5.94 6.56 0.24
N ASN G 370 5.15 5.70 -0.34
CA ASN G 370 3.95 6.16 -0.96
C ASN G 370 2.87 5.17 -0.55
N VAL G 371 2.71 4.99 0.78
CA VAL G 371 1.77 4.10 1.44
C VAL G 371 0.38 4.28 0.88
N SER G 372 -0.40 3.23 0.82
CA SER G 372 -1.66 3.31 0.12
C SER G 372 -2.54 2.23 0.70
N LEU G 373 -3.50 2.61 1.53
CA LEU G 373 -4.35 1.68 2.22
C LEU G 373 -5.59 1.39 1.38
N VAL G 374 -5.73 0.15 0.94
CA VAL G 374 -6.88 -0.31 0.19
C VAL G 374 -7.77 -1.02 1.17
N MET G 375 -9.08 -1.01 0.92
CA MET G 375 -10.08 -1.54 1.85
C MET G 375 -11.43 -1.56 1.16
N ILE H 152 57.39 56.21 -18.39
CA ILE H 152 58.22 55.33 -19.20
C ILE H 152 58.42 54.00 -18.47
N ARG H 153 57.45 53.10 -18.66
CA ARG H 153 57.38 51.83 -17.96
C ARG H 153 57.12 50.69 -18.92
N VAL H 154 57.57 49.49 -18.55
CA VAL H 154 57.35 48.28 -19.33
C VAL H 154 56.53 47.31 -18.49
N PHE H 155 55.43 46.81 -19.05
CA PHE H 155 54.66 45.75 -18.43
C PHE H 155 55.19 44.40 -18.91
N ALA H 156 55.15 43.41 -18.01
CA ALA H 156 55.67 42.08 -18.24
C ALA H 156 54.66 41.03 -17.78
N ILE H 157 54.25 40.15 -18.69
CA ILE H 157 53.20 39.16 -18.45
C ILE H 157 53.79 37.75 -18.51
N PRO H 158 53.74 37.01 -17.40
CA PRO H 158 53.98 35.57 -17.45
C PRO H 158 52.77 34.86 -18.01
N PRO H 159 52.95 33.74 -18.72
CA PRO H 159 51.80 33.05 -19.30
C PRO H 159 51.03 32.28 -18.24
N SER H 160 49.74 32.60 -18.14
CA SER H 160 48.86 32.05 -17.12
C SER H 160 48.49 30.63 -17.46
N PHE H 161 48.24 29.84 -16.40
CA PHE H 161 47.93 28.42 -16.56
C PHE H 161 46.65 28.19 -17.35
N ALA H 162 45.72 29.13 -17.31
CA ALA H 162 44.55 29.07 -18.17
C ALA H 162 44.90 29.30 -19.64
N SER H 163 46.09 29.78 -19.95
CA SER H 163 46.54 29.87 -21.34
C SER H 163 47.48 28.73 -21.72
N ILE H 164 48.27 28.24 -20.78
CA ILE H 164 49.10 27.07 -21.02
C ILE H 164 48.22 25.85 -21.22
N PHE H 165 47.05 25.84 -20.58
CA PHE H 165 46.17 24.69 -20.78
C PHE H 165 45.24 24.88 -21.97
N LEU H 166 44.71 26.08 -22.20
CA LEU H 166 43.79 26.24 -23.32
C LEU H 166 44.54 26.29 -24.65
N THR H 167 45.56 27.14 -24.75
CA THR H 167 46.24 27.31 -26.02
C THR H 167 47.34 26.29 -26.23
N LYS H 168 47.88 25.69 -25.15
CA LYS H 168 48.90 24.64 -25.18
C LYS H 168 50.17 25.06 -25.89
N SER H 169 50.41 26.37 -25.93
CA SER H 169 51.44 27.03 -26.70
C SER H 169 52.07 28.15 -25.87
N THR H 170 52.60 27.79 -24.70
CA THR H 170 53.12 28.71 -23.68
C THR H 170 53.98 29.84 -24.25
N LYS H 171 53.64 31.07 -23.84
CA LYS H 171 54.02 32.26 -24.58
C LYS H 171 54.13 33.41 -23.59
N LEU H 172 55.36 33.76 -23.24
CA LEU H 172 55.63 34.79 -22.24
C LEU H 172 55.87 36.10 -22.98
N THR H 173 55.31 37.19 -22.44
CA THR H 173 55.21 38.42 -23.21
C THR H 173 55.66 39.57 -22.32
N CYS H 174 56.23 40.61 -22.93
CA CYS H 174 56.29 41.90 -22.25
C CYS H 174 56.06 42.99 -23.29
N LEU H 175 55.28 44.01 -22.91
CA LEU H 175 54.99 45.12 -23.79
C LEU H 175 55.53 46.40 -23.18
N VAL H 176 56.22 47.17 -24.00
CA VAL H 176 56.63 48.51 -23.63
C VAL H 176 55.44 49.42 -23.77
N THR H 177 55.23 50.26 -22.75
CA THR H 177 54.23 51.29 -22.67
C THR H 177 54.91 52.62 -22.35
N ASP H 178 54.11 53.69 -22.31
CA ASP H 178 54.48 55.01 -21.80
C ASP H 178 55.69 55.63 -22.49
N LEU H 179 55.91 55.30 -23.76
CA LEU H 179 56.97 55.93 -24.53
C LEU H 179 56.36 57.01 -25.42
N THR H 180 57.01 58.16 -25.49
CA THR H 180 56.57 59.20 -26.41
C THR H 180 56.78 58.75 -27.86
N THR H 181 56.01 59.37 -28.76
CA THR H 181 55.63 58.79 -30.05
C THR H 181 56.81 58.72 -31.01
N TYR H 182 57.71 57.78 -30.74
CA TYR H 182 58.96 57.65 -31.50
C TYR H 182 59.08 56.24 -32.07
N ASP H 183 60.29 55.95 -32.56
CA ASP H 183 60.62 54.67 -33.16
C ASP H 183 61.82 54.07 -32.45
N SER H 184 62.41 53.02 -33.07
CA SER H 184 63.59 52.31 -32.57
C SER H 184 63.34 51.74 -31.17
N VAL H 185 62.31 50.89 -31.11
CA VAL H 185 61.92 50.20 -29.89
C VAL H 185 62.30 48.75 -30.03
N THR H 186 63.40 48.35 -29.39
CA THR H 186 63.96 47.01 -29.51
C THR H 186 63.41 46.12 -28.41
N ILE H 187 62.82 44.99 -28.80
CA ILE H 187 62.11 44.12 -27.87
C ILE H 187 62.77 42.74 -27.91
N SER H 188 63.74 42.53 -27.02
CA SER H 188 64.53 41.32 -27.03
C SER H 188 64.26 40.50 -25.77
N TRP H 189 64.62 39.23 -25.82
CA TRP H 189 64.40 38.30 -24.73
C TRP H 189 65.73 37.81 -24.20
N THR H 190 65.76 37.52 -22.90
CA THR H 190 66.88 36.90 -22.23
C THR H 190 66.38 35.91 -21.21
N ARG H 191 67.11 34.82 -21.07
CA ARG H 191 66.84 33.79 -20.07
C ARG H 191 67.38 34.22 -18.71
N GLN H 192 67.55 33.25 -17.81
CA GLN H 192 68.28 33.52 -16.57
C GLN H 192 69.71 33.96 -16.85
N ASN H 193 70.33 33.38 -17.89
CA ASN H 193 71.67 33.77 -18.33
C ASN H 193 71.64 34.58 -19.62
N GLY H 194 70.56 34.49 -20.40
CA GLY H 194 70.42 35.31 -21.59
C GLY H 194 70.93 34.70 -22.87
N GLU H 195 70.68 33.41 -23.05
CA GLU H 195 71.19 32.67 -24.20
C GLU H 195 70.19 32.78 -25.36
N ALA H 196 70.31 31.86 -26.32
CA ALA H 196 69.54 31.88 -27.55
C ALA H 196 68.04 31.73 -27.28
N VAL H 197 67.28 32.69 -27.78
CA VAL H 197 65.86 32.86 -27.49
C VAL H 197 65.15 33.16 -28.79
N LYS H 198 63.85 33.47 -28.71
CA LYS H 198 63.06 33.78 -29.89
C LYS H 198 62.73 35.27 -29.95
N THR H 199 62.77 35.82 -31.16
CA THR H 199 62.45 37.21 -31.45
C THR H 199 60.92 37.35 -31.54
N HIS H 200 60.44 38.59 -31.69
CA HIS H 200 59.03 38.91 -31.57
C HIS H 200 58.25 38.63 -32.84
N THR H 201 56.93 38.76 -32.75
CA THR H 201 56.00 38.83 -33.86
C THR H 201 54.86 39.77 -33.51
N ASN H 202 54.04 40.08 -34.52
CA ASN H 202 52.81 40.87 -34.43
C ASN H 202 53.08 42.27 -33.87
N ILE H 203 53.86 43.03 -34.64
CA ILE H 203 54.23 44.38 -34.24
C ILE H 203 53.00 45.28 -34.27
N SER H 204 52.74 45.94 -33.15
CA SER H 204 51.46 46.58 -32.92
C SER H 204 51.50 48.06 -33.31
N GLU H 205 50.32 48.67 -33.35
CA GLU H 205 50.13 50.05 -33.77
C GLU H 205 50.45 50.97 -32.58
N SER H 206 50.09 52.25 -32.71
CA SER H 206 50.29 53.18 -31.61
C SER H 206 49.29 52.91 -30.49
N HIS H 207 49.60 53.45 -29.31
CA HIS H 207 48.57 53.67 -28.32
C HIS H 207 47.52 54.63 -28.89
N PRO H 208 46.26 54.50 -28.49
CA PRO H 208 45.24 55.47 -28.92
C PRO H 208 45.41 56.84 -28.29
N ASN H 209 46.21 56.97 -27.22
CA ASN H 209 46.41 58.23 -26.52
C ASN H 209 47.83 58.78 -26.71
N ALA H 210 48.37 58.67 -27.93
CA ALA H 210 49.52 59.46 -28.42
C ALA H 210 50.82 59.10 -27.69
N THR H 211 50.90 57.87 -27.21
CA THR H 211 52.16 57.30 -26.76
C THR H 211 52.37 56.01 -27.56
N PHE H 212 53.35 55.20 -27.19
CA PHE H 212 53.63 54.03 -28.02
C PHE H 212 53.82 52.78 -27.16
N SER H 213 53.26 51.65 -27.66
CA SER H 213 53.34 50.35 -27.02
C SER H 213 53.75 49.30 -28.03
N ALA H 214 54.46 48.27 -27.56
CA ALA H 214 54.79 47.16 -28.44
C ALA H 214 54.96 45.88 -27.63
N VAL H 215 54.43 44.78 -28.17
CA VAL H 215 54.42 43.47 -27.52
C VAL H 215 55.57 42.62 -28.07
N GLY H 216 56.40 42.10 -27.17
CA GLY H 216 57.37 41.09 -27.52
C GLY H 216 56.99 39.78 -26.83
N GLU H 217 56.65 38.78 -27.63
CA GLU H 217 56.22 37.49 -27.12
C GLU H 217 57.19 36.41 -27.56
N ALA H 218 57.36 35.40 -26.72
CA ALA H 218 58.30 34.32 -26.99
C ALA H 218 57.69 33.03 -26.48
N SER H 219 58.17 31.92 -27.01
CA SER H 219 57.75 30.62 -26.53
C SER H 219 58.97 29.89 -25.98
N ILE H 220 58.84 29.40 -24.75
CA ILE H 220 59.87 28.60 -24.11
C ILE H 220 59.25 27.26 -23.75
N CYS H 221 60.05 26.39 -23.15
CA CYS H 221 59.50 25.15 -22.65
C CYS H 221 59.15 25.28 -21.17
N GLU H 222 58.14 24.52 -20.77
CA GLU H 222 57.55 24.61 -19.45
C GLU H 222 58.46 24.00 -18.38
N ASP H 223 59.36 23.11 -18.81
CA ASP H 223 60.30 22.48 -17.89
C ASP H 223 61.29 23.49 -17.34
N ASP H 224 61.62 24.51 -18.13
CA ASP H 224 62.37 25.62 -17.58
C ASP H 224 61.47 26.55 -16.78
N TRP H 225 60.17 26.56 -17.10
CA TRP H 225 59.29 27.56 -16.51
C TRP H 225 58.93 27.21 -15.07
N ASN H 226 58.92 25.91 -14.74
CA ASN H 226 58.58 25.57 -13.36
C ASN H 226 59.78 25.68 -12.42
N SER H 227 60.99 25.47 -12.92
CA SER H 227 62.17 25.23 -12.08
C SER H 227 62.78 26.49 -11.51
N GLY H 228 62.14 27.65 -11.65
CA GLY H 228 62.63 28.87 -11.05
C GLY H 228 63.56 29.69 -11.92
N GLU H 229 63.66 29.37 -13.22
CA GLU H 229 64.50 30.13 -14.12
C GLU H 229 63.90 31.52 -14.35
N ARG H 230 64.70 32.58 -14.19
CA ARG H 230 64.16 33.92 -14.36
C ARG H 230 64.21 34.30 -15.83
N PHE H 231 63.28 35.12 -16.27
CA PHE H 231 63.13 35.40 -17.70
C PHE H 231 62.93 36.90 -17.90
N THR H 232 63.95 37.56 -18.43
CA THR H 232 64.00 39.02 -18.46
C THR H 232 64.03 39.51 -19.90
N CYS H 233 63.11 40.39 -20.24
CA CYS H 233 63.12 40.98 -21.57
C CYS H 233 63.89 42.30 -21.51
N THR H 234 64.71 42.51 -22.53
CA THR H 234 65.58 43.69 -22.62
C THR H 234 65.06 44.65 -23.68
N VAL H 235 64.89 45.91 -23.29
CA VAL H 235 64.51 47.01 -24.18
C VAL H 235 65.41 48.21 -23.88
N THR H 236 66.36 48.48 -24.78
CA THR H 236 67.28 49.59 -24.61
C THR H 236 66.70 50.77 -25.38
N HIS H 237 66.17 51.75 -24.67
CA HIS H 237 65.41 52.82 -25.31
C HIS H 237 66.29 54.02 -25.60
N THR H 238 65.85 54.81 -26.59
CA THR H 238 66.61 55.96 -27.06
C THR H 238 66.30 57.21 -26.26
N ASP H 239 65.20 57.22 -25.51
CA ASP H 239 64.92 58.31 -24.57
C ASP H 239 65.57 58.08 -23.21
N LEU H 240 66.31 57.00 -23.04
CA LEU H 240 66.82 56.61 -21.74
C LEU H 240 68.31 56.28 -21.84
N PRO H 241 69.16 56.86 -20.99
CA PRO H 241 70.53 56.33 -20.86
C PRO H 241 70.60 55.09 -19.99
N SER H 242 69.52 54.78 -19.27
CA SER H 242 69.39 53.56 -18.50
C SER H 242 68.33 52.67 -19.15
N PRO H 243 68.69 51.47 -19.61
CA PRO H 243 67.72 50.63 -20.34
C PRO H 243 66.64 49.99 -19.49
N LEU H 244 65.91 49.07 -20.09
CA LEU H 244 64.70 48.48 -19.53
C LEU H 244 64.90 46.96 -19.44
N LYS H 245 64.69 46.42 -18.24
CA LYS H 245 64.81 44.98 -18.00
C LYS H 245 63.73 44.54 -17.02
N GLN H 246 62.75 43.77 -17.49
CA GLN H 246 61.67 43.24 -16.67
C GLN H 246 61.79 41.73 -16.59
N THR H 247 61.58 41.18 -15.40
CA THR H 247 61.77 39.77 -15.11
C THR H 247 60.45 39.11 -14.73
N ILE H 248 60.14 38.01 -15.42
CA ILE H 248 59.03 37.15 -15.05
C ILE H 248 59.59 35.76 -14.75
N SER H 249 59.11 35.18 -13.66
CA SER H 249 59.58 33.89 -13.16
C SER H 249 58.60 33.41 -12.11
N ARG H 250 58.93 32.27 -11.50
CA ARG H 250 58.09 31.62 -10.51
C ARG H 250 58.81 31.48 -9.17
N PRO H 251 58.08 31.45 -8.05
CA PRO H 251 58.72 31.16 -6.76
C PRO H 251 59.06 29.68 -6.60
N VAL H 254 54.91 29.00 -1.78
CA VAL H 254 53.48 28.79 -1.64
C VAL H 254 53.20 27.35 -1.24
N ALA H 255 52.09 27.14 -0.53
CA ALA H 255 51.67 25.79 -0.21
C ALA H 255 50.81 25.28 -1.36
N LEU H 256 50.33 24.04 -1.27
CA LEU H 256 49.58 23.46 -2.36
C LEU H 256 48.40 22.66 -1.83
N HIS H 257 47.22 22.92 -2.42
CA HIS H 257 46.08 22.05 -2.26
C HIS H 257 45.42 21.92 -3.63
N ARG H 258 44.46 20.99 -3.74
CA ARG H 258 43.75 20.65 -4.96
C ARG H 258 42.26 21.02 -4.85
N PRO H 259 41.57 21.25 -5.96
CA PRO H 259 40.15 21.60 -5.89
C PRO H 259 39.27 20.46 -5.38
N ASP H 260 38.05 20.81 -5.03
CA ASP H 260 37.02 19.86 -4.62
C ASP H 260 35.80 20.14 -5.44
N VAL H 261 35.78 19.68 -6.68
CA VAL H 261 34.77 20.11 -7.63
C VAL H 261 33.46 19.39 -7.38
N TYR H 262 32.36 20.13 -7.39
CA TYR H 262 31.02 19.57 -7.34
C TYR H 262 30.24 20.06 -8.54
N LEU H 263 29.09 19.51 -8.77
CA LEU H 263 28.14 20.21 -9.61
C LEU H 263 26.84 20.26 -8.85
N LEU H 264 26.19 21.39 -8.88
CA LEU H 264 24.94 21.51 -8.17
C LEU H 264 23.86 21.67 -9.21
N PRO H 265 22.96 20.71 -9.36
CA PRO H 265 21.99 20.76 -10.42
C PRO H 265 20.95 21.82 -10.11
N PRO H 266 20.20 22.30 -11.10
CA PRO H 266 19.40 23.49 -10.90
C PRO H 266 18.25 23.30 -9.93
N ALA H 267 17.79 24.42 -9.39
CA ALA H 267 16.80 24.42 -8.32
C ALA H 267 15.43 24.05 -8.85
N ARG H 268 14.66 23.33 -8.05
CA ARG H 268 13.36 22.85 -8.47
C ARG H 268 12.36 23.99 -8.60
N GLU H 269 12.61 25.11 -7.94
CA GLU H 269 11.81 26.31 -8.15
C GLU H 269 12.23 27.10 -9.38
N GLN H 270 13.27 26.65 -10.09
CA GLN H 270 13.71 27.26 -11.33
C GLN H 270 13.25 26.47 -12.53
N LEU H 271 13.13 25.16 -12.39
CA LEU H 271 12.59 24.36 -13.46
C LEU H 271 11.08 24.23 -13.33
N ASN H 272 10.43 25.31 -13.05
CA ASN H 272 8.99 25.44 -13.14
C ASN H 272 8.61 26.66 -13.95
N LEU H 273 9.50 27.64 -14.04
CA LEU H 273 9.33 28.73 -14.99
C LEU H 273 9.69 28.28 -16.40
N ARG H 274 10.49 27.22 -16.51
CA ARG H 274 10.77 26.50 -17.76
C ARG H 274 11.41 27.39 -18.82
N GLU H 275 12.35 28.22 -18.41
CA GLU H 275 13.00 29.09 -19.36
C GLU H 275 14.48 28.76 -19.48
N SER H 276 15.15 28.60 -18.34
CA SER H 276 16.59 28.33 -18.32
C SER H 276 16.96 27.70 -16.99
N ALA H 277 18.05 26.95 -16.99
CA ALA H 277 18.54 26.27 -15.81
C ALA H 277 20.04 26.47 -15.70
N THR H 278 20.52 26.92 -14.55
CA THR H 278 21.93 27.25 -14.43
C THR H 278 22.61 26.21 -13.56
N ILE H 279 23.33 25.29 -14.18
CA ILE H 279 24.15 24.34 -13.45
C ILE H 279 25.41 25.05 -13.03
N THR H 280 25.86 24.82 -11.80
CA THR H 280 26.97 25.58 -11.22
C THR H 280 28.06 24.59 -10.89
N CYS H 281 29.30 24.91 -11.23
CA CYS H 281 30.40 24.00 -10.99
C CYS H 281 31.29 24.58 -9.91
N LEU H 282 30.95 24.32 -8.67
CA LEU H 282 31.58 24.97 -7.54
C LEU H 282 32.97 24.42 -7.28
N VAL H 283 33.99 25.10 -7.77
CA VAL H 283 35.38 24.60 -7.69
C VAL H 283 35.97 25.07 -6.37
N THR H 284 35.63 24.39 -5.30
CA THR H 284 35.96 24.96 -4.00
C THR H 284 37.33 24.51 -3.53
N GLY H 285 37.79 25.15 -2.47
CA GLY H 285 38.90 24.74 -1.63
C GLY H 285 40.25 24.45 -2.25
N PHE H 286 40.93 25.44 -2.81
CA PHE H 286 42.21 25.13 -3.44
C PHE H 286 43.17 26.28 -3.34
N SER H 287 44.39 26.02 -3.81
CA SER H 287 45.55 26.88 -3.66
C SER H 287 46.65 26.44 -4.59
N PRO H 288 47.26 27.34 -5.38
CA PRO H 288 47.09 28.77 -5.43
C PRO H 288 45.92 29.16 -6.30
N ALA H 289 45.91 30.38 -6.80
CA ALA H 289 44.83 30.83 -7.67
C ALA H 289 44.99 30.32 -9.09
N ASP H 290 44.16 30.85 -9.99
CA ASP H 290 44.11 30.54 -11.42
C ASP H 290 43.87 29.05 -11.67
N VAL H 291 42.65 28.66 -11.40
CA VAL H 291 42.10 27.47 -12.00
C VAL H 291 41.47 27.86 -13.33
N PHE H 292 41.43 26.93 -14.26
CA PHE H 292 40.67 27.13 -15.49
C PHE H 292 39.48 26.19 -15.41
N VAL H 293 38.35 26.58 -15.98
CA VAL H 293 37.13 25.79 -15.89
C VAL H 293 36.45 25.88 -17.25
N GLN H 294 36.30 24.75 -17.92
CA GLN H 294 35.53 24.71 -19.15
C GLN H 294 34.55 23.57 -19.09
N TRP H 295 33.64 23.53 -20.06
CA TRP H 295 32.42 22.74 -19.91
C TRP H 295 32.22 21.89 -21.15
N MET H 296 32.15 20.59 -20.95
CA MET H 296 31.95 19.64 -22.03
C MET H 296 30.53 19.12 -22.03
N GLN H 297 30.10 18.63 -23.18
CA GLN H 297 28.78 18.01 -23.32
C GLN H 297 28.95 16.84 -24.30
N ARG H 298 29.06 15.63 -23.74
CA ARG H 298 29.28 14.40 -24.48
C ARG H 298 30.52 14.47 -25.37
N GLY H 299 31.66 14.89 -24.84
CA GLY H 299 32.89 14.98 -25.60
C GLY H 299 33.10 16.28 -26.34
N GLN H 300 32.05 17.05 -26.57
CA GLN H 300 32.13 18.26 -27.38
C GLN H 300 32.23 19.47 -26.47
N PRO H 301 33.25 20.30 -26.61
CA PRO H 301 33.34 21.51 -25.78
C PRO H 301 32.33 22.56 -26.19
N LEU H 302 31.61 23.08 -25.22
CA LEU H 302 30.67 24.16 -25.43
C LEU H 302 31.42 25.45 -25.72
N SER H 303 30.70 26.44 -26.22
CA SER H 303 31.39 27.67 -26.52
C SER H 303 31.41 28.55 -25.29
N PRO H 304 32.43 29.41 -25.13
CA PRO H 304 32.46 30.30 -23.96
C PRO H 304 31.53 31.50 -24.06
N GLU H 305 30.67 31.51 -25.06
CA GLU H 305 29.53 32.41 -25.05
C GLU H 305 28.41 31.84 -24.20
N LYS H 306 28.51 30.58 -23.78
CA LYS H 306 27.43 29.97 -23.01
C LYS H 306 27.73 29.86 -21.53
N TYR H 307 28.92 29.47 -21.12
CA TYR H 307 29.23 29.40 -19.71
C TYR H 307 30.02 30.62 -19.27
N VAL H 308 30.01 30.86 -17.97
CA VAL H 308 30.69 32.02 -17.39
C VAL H 308 31.37 31.57 -16.13
N THR H 309 32.65 31.82 -16.00
CA THR H 309 33.30 31.51 -14.74
C THR H 309 33.49 32.79 -13.95
N SER H 310 33.77 32.63 -12.67
CA SER H 310 34.12 33.74 -11.81
C SER H 310 35.63 33.89 -11.83
N ALA H 311 36.16 34.62 -10.87
CA ALA H 311 37.59 34.63 -10.63
C ALA H 311 37.83 34.15 -9.22
N PRO H 312 38.98 33.56 -8.92
CA PRO H 312 39.21 33.03 -7.58
C PRO H 312 39.16 34.05 -6.45
N MET H 313 38.16 33.95 -5.61
CA MET H 313 37.81 34.76 -4.48
C MET H 313 38.26 34.07 -3.20
N PRO H 314 38.88 34.77 -2.26
CA PRO H 314 39.55 34.08 -1.15
C PRO H 314 38.59 33.42 -0.19
N GLU H 315 39.06 32.38 0.47
CA GLU H 315 38.16 31.51 1.19
C GLU H 315 37.74 32.13 2.51
N PRO H 316 36.48 31.98 2.90
CA PRO H 316 36.05 32.45 4.23
C PRO H 316 36.60 31.72 5.44
N GLN H 317 36.40 30.40 5.51
CA GLN H 317 36.63 29.67 6.76
C GLN H 317 38.03 29.05 6.82
N ALA H 318 38.49 28.52 5.71
CA ALA H 318 39.88 28.13 5.64
C ALA H 318 40.76 29.37 5.56
N PRO H 319 41.96 29.33 6.12
CA PRO H 319 42.79 30.55 6.20
C PRO H 319 43.33 31.07 4.88
N GLY H 320 43.99 30.25 4.10
CA GLY H 320 44.65 30.76 2.90
C GLY H 320 44.36 30.02 1.61
N ARG H 321 43.10 29.61 1.42
CA ARG H 321 42.72 28.88 0.23
C ARG H 321 41.76 29.75 -0.57
N TYR H 322 41.22 29.18 -1.66
CA TYR H 322 40.32 29.94 -2.50
C TYR H 322 39.08 29.14 -2.86
N PHE H 323 38.24 29.68 -3.71
CA PHE H 323 37.16 28.96 -4.35
C PHE H 323 36.90 29.66 -5.67
N ALA H 324 35.99 29.16 -6.46
CA ALA H 324 35.58 29.80 -7.69
C ALA H 324 34.21 29.28 -8.02
N HIS H 325 33.75 29.55 -9.21
CA HIS H 325 32.41 29.16 -9.61
C HIS H 325 32.41 29.10 -11.09
N SER H 326 31.34 28.58 -11.66
CA SER H 326 31.04 28.76 -13.07
C SER H 326 29.64 28.29 -13.30
N ILE H 327 28.91 29.04 -14.09
CA ILE H 327 27.53 28.70 -14.35
C ILE H 327 27.37 28.45 -15.84
N LEU H 328 26.41 27.59 -16.17
CA LEU H 328 26.12 27.26 -17.55
C LEU H 328 24.62 27.36 -17.72
N THR H 329 24.16 28.35 -18.45
CA THR H 329 22.72 28.55 -18.57
C THR H 329 22.20 27.70 -19.71
N VAL H 330 21.49 26.62 -19.40
CA VAL H 330 20.92 25.75 -20.40
C VAL H 330 19.46 26.12 -20.59
N SER H 331 18.88 25.64 -21.68
CA SER H 331 17.44 25.74 -21.89
C SER H 331 16.79 24.57 -21.16
N GLU H 332 15.61 24.80 -20.58
CA GLU H 332 15.11 23.93 -19.52
C GLU H 332 14.81 22.55 -20.02
N GLU H 333 14.20 22.47 -21.21
CA GLU H 333 13.91 21.18 -21.82
C GLU H 333 15.16 20.39 -22.16
N GLU H 334 16.28 21.09 -22.44
CA GLU H 334 17.54 20.42 -22.75
C GLU H 334 18.08 19.69 -21.54
N TRP H 335 17.73 20.16 -20.35
CA TRP H 335 18.09 19.42 -19.16
C TRP H 335 17.16 18.25 -18.93
N ASN H 336 16.01 18.22 -19.59
CA ASN H 336 15.02 17.16 -19.43
C ASN H 336 15.13 16.10 -20.51
N THR H 337 16.27 15.95 -21.17
CA THR H 337 16.40 14.90 -22.16
C THR H 337 17.48 13.89 -21.77
N GLY H 338 18.56 14.39 -21.17
CA GLY H 338 19.81 13.67 -21.11
C GLY H 338 20.92 14.61 -20.71
N GLU H 339 21.95 14.70 -21.55
CA GLU H 339 22.99 15.71 -21.51
C GLU H 339 23.87 15.63 -20.28
N THR H 340 24.83 14.72 -20.28
CA THR H 340 25.59 14.43 -19.08
C THR H 340 26.46 15.59 -18.57
N TYR H 341 26.73 16.62 -19.40
CA TYR H 341 27.17 17.96 -18.98
C TYR H 341 28.41 17.95 -18.09
N THR H 342 29.53 17.53 -18.64
CA THR H 342 30.74 17.40 -17.86
C THR H 342 31.34 18.78 -17.61
N CYS H 343 31.89 18.99 -16.43
CA CYS H 343 32.54 20.23 -16.05
C CYS H 343 34.00 19.92 -15.79
N VAL H 344 34.86 20.22 -16.75
CA VAL H 344 36.27 19.88 -16.64
C VAL H 344 37.07 21.08 -16.13
N VAL H 345 37.80 20.82 -15.06
CA VAL H 345 38.44 21.83 -14.24
C VAL H 345 39.94 21.58 -14.25
N ALA H 346 40.67 22.51 -14.80
CA ALA H 346 42.08 22.36 -15.08
C ALA H 346 42.84 23.16 -14.07
N HIS H 347 43.45 22.49 -13.12
CA HIS H 347 44.23 23.14 -12.09
C HIS H 347 45.69 22.76 -12.31
N GLU H 348 46.59 23.45 -11.63
CA GLU H 348 48.00 23.12 -11.67
C GLU H 348 48.44 22.38 -10.40
N ALA H 349 47.50 21.79 -9.66
CA ALA H 349 47.88 20.96 -8.53
C ALA H 349 47.03 19.70 -8.41
N LEU H 350 46.37 19.29 -9.47
CA LEU H 350 45.67 18.02 -9.47
C LEU H 350 46.67 16.89 -9.63
N PRO H 351 46.27 15.62 -9.35
CA PRO H 351 47.19 14.51 -9.57
C PRO H 351 47.70 14.39 -11.00
N ASN H 352 46.81 14.46 -11.98
CA ASN H 352 47.20 14.39 -13.38
C ASN H 352 46.67 15.57 -14.16
N ARG H 353 46.49 16.68 -13.46
CA ARG H 353 46.30 18.06 -13.90
C ARG H 353 44.88 18.37 -14.39
N VAL H 354 43.97 17.41 -14.52
CA VAL H 354 42.61 17.64 -15.03
C VAL H 354 41.68 16.65 -14.36
N THR H 355 40.62 17.14 -13.72
CA THR H 355 39.49 16.28 -13.37
C THR H 355 38.24 16.82 -14.04
N GLU H 356 37.21 15.98 -14.08
CA GLU H 356 35.96 16.40 -14.69
C GLU H 356 34.84 15.57 -14.11
N ARG H 357 33.75 16.25 -13.73
CA ARG H 357 32.60 15.62 -13.09
C ARG H 357 31.35 15.93 -13.87
N THR H 358 30.25 15.28 -13.53
CA THR H 358 29.10 15.26 -14.41
C THR H 358 27.80 15.12 -13.64
N VAL H 359 26.74 15.67 -14.22
CA VAL H 359 25.38 15.45 -13.74
C VAL H 359 24.46 15.40 -14.93
N ASP H 360 23.45 14.56 -14.85
CA ASP H 360 22.21 14.76 -15.59
C ASP H 360 21.11 14.68 -14.57
N LYS H 361 19.86 14.68 -15.05
CA LYS H 361 18.72 14.82 -14.15
C LYS H 361 18.58 13.62 -13.23
N SER H 362 19.12 12.48 -13.62
CA SER H 362 18.98 11.24 -12.88
C SER H 362 20.22 10.90 -12.06
N THR H 363 20.66 11.79 -11.19
CA THR H 363 21.81 11.52 -10.33
C THR H 363 21.43 11.37 -8.87
N GLY H 364 20.14 11.28 -8.58
CA GLY H 364 19.61 11.01 -7.27
C GLY H 364 18.53 9.96 -7.38
N LYS H 365 17.32 10.36 -7.03
CA LYS H 365 16.05 9.66 -7.20
C LYS H 365 16.01 8.38 -6.38
N PRO H 366 16.26 8.44 -5.12
CA PRO H 366 16.76 7.27 -4.40
C PRO H 366 15.75 6.18 -4.05
N THR H 367 15.34 5.38 -5.04
CA THR H 367 14.49 4.20 -4.87
C THR H 367 13.15 4.56 -4.24
N LEU H 368 12.33 5.21 -5.04
CA LEU H 368 10.95 5.45 -4.68
C LEU H 368 10.18 4.14 -4.57
N TYR H 369 9.79 3.73 -3.35
CA TYR H 369 9.00 2.53 -3.18
C TYR H 369 7.63 2.71 -2.56
N ASN H 370 6.58 2.35 -3.31
CA ASN H 370 5.24 2.38 -2.75
C ASN H 370 4.73 1.07 -2.24
N VAL H 371 4.66 0.96 -0.91
CA VAL H 371 3.88 -0.02 -0.19
C VAL H 371 2.42 0.13 -0.54
N SER H 372 1.66 -0.94 -0.40
CA SER H 372 0.24 -0.91 -0.68
C SER H 372 -0.44 -2.01 0.08
N LEU H 373 -0.97 -1.72 1.25
CA LEU H 373 -1.62 -2.74 2.05
C LEU H 373 -3.05 -2.86 1.61
N VAL H 374 -3.47 -4.03 1.19
CA VAL H 374 -4.86 -4.28 0.88
C VAL H 374 -5.38 -5.26 1.89
N MET H 375 -6.35 -4.81 2.67
CA MET H 375 -6.95 -5.56 3.76
C MET H 375 -8.44 -5.52 3.56
N SER H 376 -9.09 -6.61 3.97
CA SER H 376 -10.54 -6.79 4.01
C SER H 376 -11.24 -6.49 2.70
N ASP H 377 -10.53 -6.53 1.57
CA ASP H 377 -11.01 -5.88 0.37
C ASP H 377 -11.53 -6.88 -0.66
N THR H 378 -12.65 -6.52 -1.30
CA THR H 378 -13.23 -7.26 -2.41
C THR H 378 -12.68 -6.71 -3.72
N ALA H 379 -11.94 -7.53 -4.47
CA ALA H 379 -11.65 -7.20 -5.85
C ALA H 379 -12.11 -8.29 -6.80
N GLY H 380 -11.82 -9.55 -6.50
CA GLY H 380 -12.00 -10.63 -7.44
C GLY H 380 -10.87 -10.81 -8.42
N THR H 381 -9.79 -10.03 -8.31
CA THR H 381 -8.63 -10.17 -9.18
C THR H 381 -7.57 -11.02 -8.49
N CYS H 382 -6.75 -11.68 -9.30
CA CYS H 382 -5.93 -12.73 -8.74
C CYS H 382 -4.65 -12.13 -8.21
N TYR H 383 -4.07 -12.80 -7.23
CA TYR H 383 -2.89 -12.27 -6.60
C TYR H 383 -1.73 -13.20 -6.63
N ILE I 152 75.25 -7.20 -32.70
CA ILE I 152 76.09 -6.03 -32.94
C ILE I 152 75.24 -4.77 -33.09
N ARG I 153 74.06 -4.78 -32.49
CA ARG I 153 73.04 -3.76 -32.74
C ARG I 153 72.82 -2.88 -31.51
N VAL I 154 72.14 -1.76 -31.75
CA VAL I 154 71.75 -0.86 -30.67
C VAL I 154 70.24 -0.65 -30.77
N PHE I 155 69.48 -1.18 -29.81
CA PHE I 155 68.06 -0.88 -29.72
C PHE I 155 67.91 0.55 -29.22
N ALA I 156 66.71 1.09 -29.37
CA ALA I 156 66.39 2.39 -28.80
C ALA I 156 64.90 2.45 -28.53
N ILE I 157 64.53 3.06 -27.41
CA ILE I 157 63.15 3.10 -26.96
C ILE I 157 62.62 4.51 -27.22
N PRO I 158 61.69 4.68 -28.15
CA PRO I 158 60.97 5.94 -28.23
C PRO I 158 60.08 6.13 -27.01
N PRO I 159 59.92 7.35 -26.52
CA PRO I 159 59.14 7.57 -25.31
C PRO I 159 57.66 7.34 -25.53
N SER I 160 56.99 6.86 -24.50
CA SER I 160 55.62 6.37 -24.62
C SER I 160 54.67 7.23 -23.79
N PHE I 161 53.40 7.25 -24.21
CA PHE I 161 52.38 7.98 -23.45
C PHE I 161 52.07 7.28 -22.14
N ALA I 162 52.42 6.02 -22.01
CA ALA I 162 52.35 5.42 -20.68
C ALA I 162 53.54 5.79 -19.82
N SER I 163 54.50 6.56 -20.36
CA SER I 163 55.64 7.06 -19.60
C SER I 163 55.72 8.58 -19.59
N ILE I 164 55.50 9.24 -20.73
CA ILE I 164 55.56 10.70 -20.76
C ILE I 164 54.36 11.36 -20.12
N PHE I 165 53.38 10.58 -19.68
CA PHE I 165 52.28 11.09 -18.88
C PHE I 165 52.38 10.72 -17.42
N LEU I 166 52.82 9.50 -17.12
CA LEU I 166 52.89 9.01 -15.75
C LEU I 166 53.87 9.85 -14.92
N THR I 167 55.06 10.07 -15.46
CA THR I 167 56.10 10.81 -14.77
C THR I 167 56.36 12.19 -15.36
N LYS I 168 55.69 12.55 -16.46
CA LYS I 168 55.86 13.83 -17.16
C LYS I 168 57.33 14.08 -17.52
N SER I 169 57.96 13.04 -18.02
CA SER I 169 59.40 12.90 -18.10
C SER I 169 59.81 12.40 -19.47
N THR I 170 59.44 13.14 -20.50
CA THR I 170 59.84 12.79 -21.87
C THR I 170 61.36 12.64 -21.98
N LYS I 171 61.79 11.40 -22.18
CA LYS I 171 63.18 11.03 -22.04
C LYS I 171 63.53 10.07 -23.17
N LEU I 172 64.58 10.39 -23.92
CA LEU I 172 65.03 9.55 -25.02
C LEU I 172 66.16 8.65 -24.56
N THR I 173 66.09 7.37 -24.92
CA THR I 173 66.96 6.34 -24.37
C THR I 173 67.33 5.36 -25.48
N CYS I 174 68.64 5.06 -25.58
CA CYS I 174 69.12 4.03 -26.49
C CYS I 174 69.94 3.00 -25.72
N LEU I 175 69.83 1.74 -26.15
CA LEU I 175 70.37 0.59 -25.45
C LEU I 175 71.33 -0.14 -26.39
N VAL I 176 72.63 -0.02 -26.10
CA VAL I 176 73.70 -0.65 -26.85
C VAL I 176 73.71 -2.12 -26.45
N THR I 177 73.35 -3.02 -27.38
CA THR I 177 73.23 -4.43 -27.06
C THR I 177 74.23 -5.23 -27.89
N ASP I 178 74.34 -6.53 -27.57
CA ASP I 178 74.81 -7.59 -28.47
C ASP I 178 76.24 -7.37 -28.98
N LEU I 179 77.04 -6.58 -28.28
CA LEU I 179 78.41 -6.29 -28.68
C LEU I 179 79.40 -7.15 -27.89
N THR I 180 80.69 -6.83 -27.99
CA THR I 180 81.73 -7.42 -27.17
C THR I 180 82.08 -6.45 -26.06
N THR I 181 82.14 -6.95 -24.82
CA THR I 181 82.28 -6.09 -23.66
C THR I 181 83.73 -5.65 -23.49
N TYR I 182 84.00 -4.39 -23.80
CA TYR I 182 85.31 -3.80 -23.52
C TYR I 182 85.09 -2.36 -23.12
N ASP I 183 86.20 -1.67 -22.83
CA ASP I 183 86.18 -0.27 -22.45
C ASP I 183 86.23 0.58 -23.72
N SER I 184 86.44 1.89 -23.57
CA SER I 184 86.59 2.87 -24.64
C SER I 184 85.38 2.89 -25.57
N VAL I 185 84.20 2.82 -24.97
CA VAL I 185 82.94 2.94 -25.69
C VAL I 185 82.57 4.42 -25.77
N THR I 186 82.05 4.83 -26.92
CA THR I 186 81.90 6.24 -27.24
C THR I 186 80.41 6.55 -27.38
N ILE I 187 79.77 6.81 -26.24
CA ILE I 187 78.33 6.93 -26.18
C ILE I 187 77.94 8.40 -26.01
N SER I 188 76.85 8.79 -26.67
CA SER I 188 76.26 10.13 -26.55
C SER I 188 74.84 10.10 -27.09
N TRP I 189 74.05 11.09 -26.71
CA TRP I 189 72.79 11.41 -27.36
C TRP I 189 72.96 12.67 -28.19
N THR I 190 72.26 12.72 -29.33
CA THR I 190 72.38 13.83 -30.25
C THR I 190 71.02 14.16 -30.85
N ARG I 191 70.88 15.40 -31.28
CA ARG I 191 69.70 15.87 -32.00
C ARG I 191 70.08 15.98 -33.46
N GLN I 192 69.14 15.66 -34.35
CA GLN I 192 69.43 15.69 -35.78
C GLN I 192 69.59 17.12 -36.29
N ASN I 193 68.94 18.11 -35.65
CA ASN I 193 69.05 19.47 -36.14
C ASN I 193 70.41 20.08 -35.82
N GLY I 194 71.06 19.61 -34.76
CA GLY I 194 72.47 19.82 -34.59
C GLY I 194 72.90 20.95 -33.68
N GLU I 195 72.22 21.15 -32.56
CA GLU I 195 72.70 22.04 -31.52
C GLU I 195 73.42 21.22 -30.46
N ALA I 196 73.75 21.84 -29.33
CA ALA I 196 74.39 21.12 -28.24
C ALA I 196 73.36 20.27 -27.50
N VAL I 197 73.70 19.00 -27.29
CA VAL I 197 72.79 18.00 -26.77
C VAL I 197 73.34 17.48 -25.44
N LYS I 198 72.45 17.14 -24.53
CA LYS I 198 72.84 16.70 -23.20
C LYS I 198 73.27 15.23 -23.21
N THR I 199 74.20 14.92 -22.32
CA THR I 199 74.82 13.60 -22.19
C THR I 199 73.91 12.74 -21.29
N HIS I 200 74.38 11.59 -20.79
CA HIS I 200 73.54 10.77 -19.94
C HIS I 200 74.36 10.14 -18.83
N THR I 201 73.75 9.97 -17.67
CA THR I 201 74.28 9.16 -16.58
C THR I 201 73.65 7.76 -16.63
N ASN I 202 73.83 6.99 -15.56
CA ASN I 202 73.22 5.68 -15.32
C ASN I 202 73.60 4.67 -16.41
N ILE I 203 74.89 4.37 -16.46
CA ILE I 203 75.40 3.43 -17.45
C ILE I 203 75.39 2.01 -16.86
N SER I 204 75.06 1.04 -17.71
CA SER I 204 74.67 -0.30 -17.30
C SER I 204 75.88 -1.14 -16.86
N GLU I 205 75.65 -2.45 -16.74
CA GLU I 205 76.66 -3.40 -16.32
C GLU I 205 77.02 -4.35 -17.46
N SER I 206 77.99 -5.23 -17.20
CA SER I 206 78.39 -6.28 -18.11
C SER I 206 77.48 -7.50 -17.96
N HIS I 207 77.46 -8.32 -19.00
CA HIS I 207 76.63 -9.52 -18.90
C HIS I 207 77.50 -10.72 -18.54
N PRO I 208 77.08 -11.54 -17.58
CA PRO I 208 77.84 -12.77 -17.29
C PRO I 208 77.81 -13.80 -18.40
N ASN I 209 76.92 -13.66 -19.38
CA ASN I 209 76.86 -14.51 -20.56
C ASN I 209 77.68 -13.96 -21.72
N ALA I 210 78.74 -13.19 -21.42
CA ALA I 210 79.74 -12.68 -22.35
C ALA I 210 79.15 -11.78 -23.43
N THR I 211 78.20 -10.92 -23.07
CA THR I 211 77.56 -10.00 -24.00
C THR I 211 77.71 -8.57 -23.45
N PHE I 212 77.42 -7.57 -24.29
CA PHE I 212 77.58 -6.18 -23.92
C PHE I 212 76.22 -5.48 -23.90
N SER I 213 76.10 -4.50 -22.99
CA SER I 213 74.83 -3.86 -22.69
C SER I 213 75.08 -2.53 -21.96
N ALA I 214 74.67 -1.43 -22.60
CA ALA I 214 74.80 -0.10 -22.01
C ALA I 214 73.57 0.72 -22.36
N VAL I 215 73.34 1.80 -21.61
CA VAL I 215 72.08 2.54 -21.70
C VAL I 215 72.30 3.96 -21.19
N GLY I 216 71.40 4.88 -21.58
CA GLY I 216 71.44 6.26 -21.13
C GLY I 216 70.29 7.13 -21.61
N GLU I 217 69.87 8.09 -20.79
CA GLU I 217 68.64 8.87 -21.04
C GLU I 217 68.97 10.35 -21.17
N ALA I 218 68.31 11.01 -22.11
CA ALA I 218 68.44 12.44 -22.31
C ALA I 218 67.05 13.08 -22.21
N SER I 219 66.92 14.04 -21.29
CA SER I 219 65.66 14.68 -21.00
C SER I 219 65.46 15.87 -21.93
N ILE I 220 64.27 15.98 -22.50
CA ILE I 220 63.91 17.06 -23.39
C ILE I 220 62.57 17.62 -22.95
N CYS I 221 62.00 18.48 -23.80
CA CYS I 221 60.64 18.97 -23.65
C CYS I 221 59.76 18.17 -24.62
N GLU I 222 58.48 18.04 -24.30
CA GLU I 222 57.64 17.12 -25.06
C GLU I 222 57.23 17.68 -26.41
N ASP I 223 57.33 18.99 -26.61
CA ASP I 223 57.09 19.53 -27.95
C ASP I 223 58.21 19.14 -28.90
N ASP I 224 59.38 18.81 -28.37
CA ASP I 224 60.52 18.44 -29.21
C ASP I 224 60.31 17.05 -29.81
N TRP I 225 59.87 16.09 -28.99
CA TRP I 225 59.49 14.79 -29.50
C TRP I 225 58.20 14.86 -30.30
N ASN I 226 57.33 15.82 -29.98
CA ASN I 226 56.11 16.00 -30.75
C ASN I 226 56.32 16.75 -32.05
N SER I 227 57.52 17.28 -32.29
CA SER I 227 57.73 18.22 -33.38
C SER I 227 57.80 17.53 -34.73
N GLY I 228 58.71 16.58 -34.89
CA GLY I 228 59.00 16.00 -36.19
C GLY I 228 60.50 15.87 -36.34
N GLU I 229 61.22 16.47 -35.38
CA GLU I 229 62.66 16.39 -35.33
C GLU I 229 63.10 15.01 -34.84
N ARG I 230 64.07 14.43 -35.54
CA ARG I 230 64.59 13.12 -35.20
C ARG I 230 65.72 13.20 -34.18
N PHE I 231 65.97 12.08 -33.51
CA PHE I 231 66.89 12.01 -32.38
C PHE I 231 67.84 10.84 -32.58
N THR I 232 69.14 11.09 -32.54
CA THR I 232 70.12 10.09 -32.96
C THR I 232 71.01 9.65 -31.81
N CYS I 233 71.15 8.34 -31.65
CA CYS I 233 72.04 7.74 -30.66
C CYS I 233 73.26 7.19 -31.40
N THR I 234 74.40 7.87 -31.23
CA THR I 234 75.60 7.58 -32.00
C THR I 234 76.68 6.96 -31.12
N VAL I 235 76.93 5.67 -31.29
CA VAL I 235 77.94 4.93 -30.54
C VAL I 235 78.88 4.23 -31.51
N THR I 236 80.18 4.41 -31.27
CA THR I 236 81.20 3.63 -31.97
C THR I 236 81.81 2.69 -30.95
N HIS I 237 82.23 1.51 -31.39
CA HIS I 237 82.93 0.59 -30.50
C HIS I 237 84.38 0.46 -30.95
N THR I 238 85.20 -0.10 -30.06
CA THR I 238 86.61 -0.30 -30.39
C THR I 238 86.77 -1.38 -31.43
N ASP I 239 86.16 -2.55 -31.19
CA ASP I 239 86.23 -3.64 -32.16
C ASP I 239 85.37 -3.34 -33.37
N LEU I 240 84.26 -2.64 -33.17
CA LEU I 240 83.40 -2.23 -34.27
C LEU I 240 83.56 -0.75 -34.52
N PRO I 241 84.44 -0.34 -35.44
CA PRO I 241 84.83 1.09 -35.53
C PRO I 241 83.77 2.01 -36.09
N SER I 242 82.81 1.46 -36.82
CA SER I 242 81.81 2.27 -37.50
C SER I 242 80.80 2.80 -36.49
N PRO I 243 80.36 4.06 -36.62
CA PRO I 243 79.29 4.55 -35.76
C PRO I 243 77.97 3.89 -36.11
N LEU I 244 77.20 3.59 -35.07
CA LEU I 244 75.91 2.91 -35.22
C LEU I 244 74.81 3.93 -34.94
N LYS I 245 74.17 4.40 -36.00
CA LYS I 245 73.18 5.47 -35.92
C LYS I 245 71.82 4.87 -35.64
N GLN I 246 71.22 5.26 -34.52
CA GLN I 246 69.82 4.95 -34.22
C GLN I 246 69.09 6.28 -34.34
N THR I 247 68.39 6.48 -35.44
CA THR I 247 67.63 7.69 -35.68
C THR I 247 66.16 7.40 -35.38
N ILE I 248 65.66 7.98 -34.29
CA ILE I 248 64.35 7.64 -33.73
C ILE I 248 63.46 8.87 -33.80
N SER I 249 62.21 8.66 -34.23
CA SER I 249 61.21 9.71 -34.26
C SER I 249 59.83 9.07 -34.07
N ARG I 250 58.85 9.89 -33.67
CA ARG I 250 57.52 9.31 -33.60
C ARG I 250 56.92 9.25 -35.00
N PRO I 251 56.09 8.24 -35.29
CA PRO I 251 55.56 8.10 -36.66
C PRO I 251 54.52 9.15 -36.99
N LYS I 252 54.97 10.29 -37.49
CA LYS I 252 54.07 11.29 -38.06
C LYS I 252 53.42 10.71 -39.31
N GLY I 253 52.13 10.44 -39.22
CA GLY I 253 51.42 9.81 -40.31
C GLY I 253 51.56 8.30 -40.30
N LEU I 256 43.48 8.26 -36.39
CA LEU I 256 43.34 8.91 -35.10
C LEU I 256 41.89 8.88 -34.63
N HIS I 257 41.63 8.14 -33.56
CA HIS I 257 40.34 8.19 -32.86
C HIS I 257 40.61 8.32 -31.37
N ARG I 258 39.54 8.55 -30.60
CA ARG I 258 39.60 8.73 -29.17
C ARG I 258 38.86 7.61 -28.46
N PRO I 259 39.36 7.15 -27.31
CA PRO I 259 38.72 6.02 -26.62
C PRO I 259 37.40 6.41 -26.00
N ASP I 260 36.60 5.39 -25.70
CA ASP I 260 35.35 5.59 -24.99
C ASP I 260 35.37 4.69 -23.76
N VAL I 261 35.95 5.19 -22.69
CA VAL I 261 36.14 4.42 -21.47
C VAL I 261 34.79 4.09 -20.88
N TYR I 262 34.41 2.82 -20.87
CA TYR I 262 33.27 2.40 -20.08
C TYR I 262 33.78 1.72 -18.85
N LEU I 263 33.06 1.84 -17.76
CA LEU I 263 33.46 1.16 -16.54
C LEU I 263 32.34 0.19 -16.23
N LEU I 264 32.64 -1.06 -16.15
CA LEU I 264 31.73 -2.14 -15.90
C LEU I 264 31.84 -2.60 -14.47
N PRO I 265 30.71 -2.74 -13.77
CA PRO I 265 30.72 -3.00 -12.35
C PRO I 265 30.75 -4.48 -12.07
N PRO I 266 31.07 -4.92 -10.84
CA PRO I 266 31.23 -6.34 -10.59
C PRO I 266 29.92 -7.09 -10.72
N ALA I 267 30.03 -8.38 -11.03
CA ALA I 267 28.85 -9.20 -11.26
C ALA I 267 28.09 -9.42 -9.95
N ARG I 268 26.86 -9.90 -10.05
CA ARG I 268 26.16 -10.27 -8.82
C ARG I 268 26.65 -11.61 -8.30
N GLU I 269 27.05 -12.49 -9.22
CA GLU I 269 27.56 -13.81 -8.86
C GLU I 269 28.84 -13.68 -8.06
N GLN I 270 29.69 -12.73 -8.42
CA GLN I 270 30.97 -12.57 -7.76
C GLN I 270 30.80 -12.02 -6.36
N LEU I 271 29.78 -11.20 -6.13
CA LEU I 271 29.55 -10.72 -4.79
C LEU I 271 28.86 -11.76 -3.91
N ASN I 272 28.07 -12.67 -4.49
CA ASN I 272 27.44 -13.72 -3.68
C ASN I 272 28.43 -14.77 -3.19
N LEU I 273 29.67 -14.75 -3.70
CA LEU I 273 30.73 -15.52 -3.07
C LEU I 273 31.18 -14.94 -1.76
N ARG I 274 30.83 -13.68 -1.48
CA ARG I 274 31.20 -12.96 -0.28
C ARG I 274 32.71 -12.85 -0.08
N GLU I 275 33.47 -12.76 -1.17
CA GLU I 275 34.91 -12.60 -1.03
C GLU I 275 35.47 -11.40 -1.76
N SER I 276 35.12 -11.18 -3.03
CA SER I 276 35.91 -10.25 -3.84
C SER I 276 35.04 -9.64 -4.92
N ALA I 277 35.65 -8.76 -5.71
CA ALA I 277 34.96 -8.04 -6.80
C ALA I 277 36.02 -7.43 -7.71
N THR I 278 36.03 -7.79 -8.98
CA THR I 278 36.96 -7.21 -9.94
C THR I 278 36.20 -6.23 -10.80
N ILE I 279 36.34 -4.95 -10.52
CA ILE I 279 35.69 -3.93 -11.33
C ILE I 279 36.51 -3.76 -12.59
N THR I 280 35.87 -3.72 -13.76
CA THR I 280 36.67 -3.76 -14.97
C THR I 280 36.44 -2.53 -15.82
N CYS I 281 37.48 -2.11 -16.53
CA CYS I 281 37.50 -0.86 -17.28
C CYS I 281 37.76 -1.19 -18.72
N LEU I 282 36.86 -0.77 -19.61
CA LEU I 282 36.83 -1.25 -20.98
C LEU I 282 37.06 -0.06 -21.91
N VAL I 283 38.24 -0.04 -22.54
CA VAL I 283 38.73 1.14 -23.26
C VAL I 283 38.63 0.83 -24.74
N THR I 284 37.53 1.25 -25.36
CA THR I 284 37.27 0.82 -26.72
C THR I 284 37.47 1.93 -27.72
N GLY I 285 37.75 1.52 -28.94
CA GLY I 285 37.51 2.34 -30.09
C GLY I 285 38.60 3.30 -30.50
N PHE I 286 39.82 3.14 -30.01
CA PHE I 286 40.78 4.20 -30.17
C PHE I 286 41.88 3.82 -31.12
N SER I 287 42.60 4.83 -31.57
CA SER I 287 43.78 4.69 -32.40
C SER I 287 44.59 5.97 -32.33
N PRO I 288 45.92 5.91 -32.24
CA PRO I 288 46.78 4.73 -32.13
C PRO I 288 46.86 4.16 -30.74
N ALA I 289 47.86 3.33 -30.51
CA ALA I 289 47.95 2.53 -29.31
C ALA I 289 48.51 3.36 -28.16
N ASP I 290 48.97 2.67 -27.10
CA ASP I 290 49.61 3.26 -25.93
C ASP I 290 48.69 4.21 -25.19
N VAL I 291 47.69 3.62 -24.54
CA VAL I 291 46.89 4.29 -23.54
C VAL I 291 47.47 4.01 -22.17
N PHE I 292 47.28 4.93 -21.24
CA PHE I 292 47.55 4.64 -19.85
C PHE I 292 46.23 4.50 -19.12
N VAL I 293 46.19 3.64 -18.11
CA VAL I 293 44.99 3.50 -17.29
C VAL I 293 45.43 3.45 -15.84
N GLN I 294 44.86 4.30 -14.99
CA GLN I 294 45.15 4.25 -13.57
C GLN I 294 43.89 4.45 -12.76
N TRP I 295 43.95 4.06 -11.49
CA TRP I 295 42.75 3.77 -10.72
C TRP I 295 42.74 4.57 -9.44
N MET I 296 42.14 5.74 -9.47
CA MET I 296 42.14 6.59 -8.29
C MET I 296 41.04 6.16 -7.34
N GLN I 297 41.28 6.33 -6.05
CA GLN I 297 40.24 6.22 -5.04
C GLN I 297 40.13 7.56 -4.34
N ARG I 298 39.01 8.25 -4.53
CA ARG I 298 38.62 9.54 -3.96
C ARG I 298 39.53 10.71 -4.32
N GLY I 299 40.60 10.51 -5.08
CA GLY I 299 41.57 11.56 -5.33
C GLY I 299 43.01 11.13 -5.18
N GLN I 300 43.35 10.22 -4.27
CA GLN I 300 44.71 9.70 -4.22
C GLN I 300 44.79 8.41 -5.01
N PRO I 301 45.67 8.34 -6.00
CA PRO I 301 45.73 7.14 -6.85
C PRO I 301 46.26 5.93 -6.12
N LEU I 302 45.66 4.79 -6.43
CA LEU I 302 45.87 3.55 -5.69
C LEU I 302 47.22 2.95 -6.03
N SER I 303 47.48 1.80 -5.43
CA SER I 303 48.71 1.09 -5.63
C SER I 303 48.69 0.45 -7.01
N PRO I 304 49.85 0.31 -7.65
CA PRO I 304 49.91 -0.39 -8.94
C PRO I 304 49.97 -1.90 -8.84
N GLU I 305 49.81 -2.47 -7.65
CA GLU I 305 49.69 -3.92 -7.53
C GLU I 305 48.28 -4.35 -7.22
N LYS I 306 47.36 -3.41 -7.02
CA LYS I 306 45.94 -3.73 -6.91
C LYS I 306 45.31 -3.93 -8.28
N TYR I 307 45.38 -2.92 -9.14
CA TYR I 307 44.82 -3.08 -10.47
C TYR I 307 45.83 -3.70 -11.42
N VAL I 308 45.31 -4.15 -12.55
CA VAL I 308 46.11 -4.80 -13.59
C VAL I 308 45.56 -4.36 -14.94
N THR I 309 46.43 -3.79 -15.76
CA THR I 309 46.07 -3.38 -17.11
C THR I 309 46.66 -4.41 -18.06
N SER I 310 45.90 -4.72 -19.11
CA SER I 310 46.30 -5.71 -20.09
C SER I 310 47.36 -5.17 -21.04
N ALA I 311 47.44 -5.75 -22.19
CA ALA I 311 48.11 -5.15 -23.30
C ALA I 311 47.10 -4.56 -24.26
N PRO I 312 47.44 -3.54 -25.02
CA PRO I 312 46.59 -3.16 -26.15
C PRO I 312 46.55 -4.26 -27.20
N MET I 313 45.48 -4.26 -27.99
CA MET I 313 45.16 -5.36 -28.86
C MET I 313 44.18 -4.86 -29.89
N PRO I 314 44.25 -5.26 -31.15
CA PRO I 314 43.35 -4.69 -32.15
C PRO I 314 41.94 -5.21 -31.99
N GLU I 315 41.02 -4.47 -32.53
CA GLU I 315 39.61 -4.75 -32.35
C GLU I 315 39.17 -5.81 -33.34
N PRO I 316 38.36 -6.77 -32.92
CA PRO I 316 37.90 -7.81 -33.86
C PRO I 316 36.91 -7.32 -34.89
N GLN I 317 36.02 -6.38 -34.56
CA GLN I 317 35.08 -5.87 -35.55
C GLN I 317 35.73 -4.78 -36.39
N ALA I 318 36.13 -3.69 -35.76
CA ALA I 318 36.58 -2.54 -36.51
C ALA I 318 38.06 -2.65 -36.85
N PRO I 319 38.45 -2.30 -38.07
CA PRO I 319 39.86 -2.45 -38.49
C PRO I 319 40.85 -1.51 -37.83
N GLY I 320 40.60 -0.20 -37.92
CA GLY I 320 41.61 0.76 -37.52
C GLY I 320 41.47 1.25 -36.10
N ARG I 321 41.08 0.35 -35.20
CA ARG I 321 40.89 0.70 -33.80
C ARG I 321 41.71 -0.25 -32.95
N TYR I 322 41.48 -0.21 -31.64
CA TYR I 322 42.09 -1.13 -30.68
C TYR I 322 41.11 -1.34 -29.54
N PHE I 323 41.57 -2.03 -28.50
CA PHE I 323 40.89 -2.07 -27.21
C PHE I 323 41.92 -2.48 -26.18
N ALA I 324 41.81 -1.96 -24.98
CA ALA I 324 42.55 -2.48 -23.87
C ALA I 324 41.58 -2.80 -22.76
N HIS I 325 42.09 -3.02 -21.56
CA HIS I 325 41.25 -3.45 -20.47
C HIS I 325 41.93 -3.08 -19.17
N SER I 326 41.21 -3.19 -18.07
CA SER I 326 41.85 -3.27 -16.77
C SER I 326 40.91 -3.97 -15.81
N ILE I 327 41.47 -4.52 -14.75
CA ILE I 327 40.68 -4.98 -13.63
C ILE I 327 41.24 -4.34 -12.38
N LEU I 328 40.37 -4.16 -11.39
CA LEU I 328 40.77 -3.72 -10.05
C LEU I 328 40.10 -4.64 -9.07
N THR I 329 40.86 -5.29 -8.19
CA THR I 329 40.28 -6.29 -7.30
C THR I 329 40.08 -5.68 -5.91
N VAL I 330 38.82 -5.52 -5.52
CA VAL I 330 38.45 -4.93 -4.25
C VAL I 330 37.66 -5.98 -3.44
N SER I 331 37.57 -5.77 -2.13
CA SER I 331 36.78 -6.65 -1.30
C SER I 331 35.29 -6.45 -1.54
N GLU I 332 34.48 -7.37 -1.04
CA GLU I 332 33.02 -7.23 -1.12
C GLU I 332 32.56 -6.07 -0.26
N GLU I 333 33.19 -5.90 0.91
CA GLU I 333 32.79 -4.87 1.84
C GLU I 333 33.17 -3.47 1.35
N GLU I 334 34.35 -3.32 0.75
CA GLU I 334 34.75 -2.01 0.29
C GLU I 334 33.97 -1.57 -0.95
N TRP I 335 33.23 -2.48 -1.58
CA TRP I 335 32.21 -2.04 -2.52
C TRP I 335 30.86 -1.91 -1.87
N ASN I 336 30.61 -2.67 -0.81
CA ASN I 336 29.34 -2.56 -0.09
C ASN I 336 29.38 -1.51 1.00
N THR I 337 30.25 -0.53 0.88
CA THR I 337 30.34 0.54 1.86
C THR I 337 29.98 1.89 1.28
N GLY I 338 30.15 2.11 -0.03
CA GLY I 338 30.58 3.41 -0.49
C GLY I 338 31.54 3.33 -1.65
N GLU I 339 32.81 3.73 -1.43
CA GLU I 339 33.72 4.58 -2.21
C GLU I 339 33.80 4.25 -3.70
N THR I 340 34.33 5.19 -4.50
CA THR I 340 34.03 5.27 -5.94
C THR I 340 34.89 4.46 -6.92
N TYR I 341 36.21 4.43 -6.78
CA TYR I 341 37.13 3.69 -7.67
C TYR I 341 37.04 4.16 -9.11
N THR I 342 37.54 5.37 -9.37
CA THR I 342 37.46 5.91 -10.71
C THR I 342 38.62 5.50 -11.61
N CYS I 343 38.33 5.35 -12.92
CA CYS I 343 39.23 4.74 -13.91
C CYS I 343 39.66 5.80 -14.89
N VAL I 344 40.83 6.38 -14.70
CA VAL I 344 41.27 7.53 -15.49
C VAL I 344 42.33 7.13 -16.49
N VAL I 345 42.08 7.47 -17.75
CA VAL I 345 42.93 6.99 -18.85
C VAL I 345 43.70 8.15 -19.45
N ALA I 346 44.62 7.83 -20.35
CA ALA I 346 45.51 8.84 -20.92
C ALA I 346 45.82 8.46 -22.35
N HIS I 347 45.43 9.31 -23.28
CA HIS I 347 45.56 8.97 -24.69
C HIS I 347 45.62 10.23 -25.53
N GLU I 348 46.42 10.19 -26.58
CA GLU I 348 46.86 11.38 -27.29
C GLU I 348 45.92 11.80 -28.39
N ALA I 349 44.64 11.53 -28.27
CA ALA I 349 43.68 12.13 -29.18
C ALA I 349 42.47 12.69 -28.48
N LEU I 350 42.35 12.53 -27.19
CA LEU I 350 41.37 13.27 -26.43
C LEU I 350 41.77 14.73 -26.39
N PRO I 351 40.82 15.66 -26.50
CA PRO I 351 41.19 17.08 -26.64
C PRO I 351 41.77 17.70 -25.38
N ASN I 352 41.57 17.07 -24.22
CA ASN I 352 42.19 17.47 -22.97
C ASN I 352 43.19 16.44 -22.47
N ARG I 353 43.27 15.30 -23.15
CA ARG I 353 44.29 14.27 -23.02
C ARG I 353 44.23 13.53 -21.68
N VAL I 354 43.08 13.57 -21.00
CA VAL I 354 42.68 12.72 -19.88
C VAL I 354 41.16 12.73 -19.78
N THR I 355 40.55 11.55 -19.68
CA THR I 355 39.14 11.40 -19.37
C THR I 355 39.02 10.34 -18.28
N GLU I 356 37.88 10.33 -17.59
CA GLU I 356 37.70 9.37 -16.54
C GLU I 356 36.23 9.11 -16.28
N ARG I 357 35.92 7.89 -15.87
CA ARG I 357 34.60 7.51 -15.43
C ARG I 357 34.70 6.92 -14.05
N THR I 358 33.54 6.64 -13.47
CA THR I 358 33.45 6.17 -12.11
C THR I 358 32.30 5.18 -11.94
N VAL I 359 32.40 4.37 -10.89
CA VAL I 359 31.29 3.56 -10.43
C VAL I 359 31.11 3.79 -8.94
N ASP I 360 30.22 2.99 -8.36
CA ASP I 360 29.77 3.05 -7.00
C ASP I 360 28.85 1.85 -6.82
N LYS I 361 28.47 1.58 -5.58
CA LYS I 361 27.44 0.57 -5.34
C LYS I 361 26.11 1.01 -5.90
N SER I 362 25.86 2.31 -5.91
CA SER I 362 24.60 2.92 -6.27
C SER I 362 24.67 3.64 -7.61
N THR I 363 25.36 3.08 -8.58
CA THR I 363 25.58 3.77 -9.83
C THR I 363 24.67 3.31 -10.93
N GLY I 364 23.62 2.57 -10.58
CA GLY I 364 22.81 2.02 -11.64
C GLY I 364 21.71 2.98 -12.03
N LYS I 365 20.51 2.68 -11.60
CA LYS I 365 19.28 3.28 -12.08
C LYS I 365 18.36 3.52 -10.88
N PRO I 366 17.17 4.09 -11.06
CA PRO I 366 16.18 4.14 -9.98
C PRO I 366 15.85 2.88 -9.15
N THR I 367 15.32 1.79 -9.71
CA THR I 367 14.68 0.71 -8.94
C THR I 367 13.60 1.24 -7.99
N LEU I 368 12.42 1.47 -8.55
CA LEU I 368 11.23 1.49 -7.70
C LEU I 368 10.87 0.10 -7.20
N TYR I 369 10.64 -0.04 -5.91
CA TYR I 369 9.99 -1.23 -5.39
C TYR I 369 8.49 -1.01 -5.43
N ASN I 370 7.72 -2.06 -5.19
CA ASN I 370 6.29 -2.00 -5.37
C ASN I 370 5.59 -3.01 -4.47
N VAL I 371 5.98 -3.06 -3.19
CA VAL I 371 5.46 -4.04 -2.24
C VAL I 371 3.96 -3.97 -2.12
N SER I 372 3.31 -5.11 -1.85
CA SER I 372 1.87 -5.12 -1.96
C SER I 372 1.18 -6.02 -1.00
N LEU I 373 1.49 -5.95 0.28
CA LEU I 373 1.01 -6.84 1.33
C LEU I 373 -0.48 -7.08 1.41
N VAL I 374 -0.97 -8.31 1.20
CA VAL I 374 -2.39 -8.62 1.12
C VAL I 374 -2.82 -9.37 2.36
N MET I 375 -3.73 -8.80 3.12
CA MET I 375 -4.15 -9.39 4.37
C MET I 375 -5.60 -9.79 4.36
N SER I 376 -6.30 -9.66 3.25
CA SER I 376 -7.67 -10.13 3.19
C SER I 376 -7.68 -11.64 3.08
N ASP I 377 -8.36 -12.29 4.01
CA ASP I 377 -8.35 -13.73 4.11
C ASP I 377 -9.31 -14.41 3.14
N THR I 378 -9.97 -13.66 2.27
CA THR I 378 -10.83 -14.22 1.25
C THR I 378 -10.29 -14.05 -0.15
N ALA I 379 -9.80 -12.85 -0.48
CA ALA I 379 -9.31 -12.54 -1.82
C ALA I 379 -8.04 -13.36 -2.12
N GLY I 380 -8.19 -14.30 -3.06
CA GLY I 380 -7.25 -15.37 -3.27
C GLY I 380 -6.64 -15.37 -4.65
N THR I 381 -5.81 -16.38 -4.87
CA THR I 381 -4.68 -16.27 -5.79
C THR I 381 -4.98 -16.89 -7.12
N CYS I 382 -3.95 -17.13 -7.93
CA CYS I 382 -4.19 -17.62 -9.27
C CYS I 382 -3.03 -18.53 -9.66
N TYR I 383 -3.34 -19.81 -9.81
CA TYR I 383 -2.46 -20.86 -10.26
C TYR I 383 -1.94 -20.49 -11.59
N ILE J 152 69.65 -19.96 -38.24
CA ILE J 152 69.80 -21.28 -37.64
C ILE J 152 69.01 -21.27 -36.33
N ARG J 153 67.86 -21.94 -36.33
CA ARG J 153 67.03 -22.10 -35.14
C ARG J 153 66.27 -23.42 -35.18
N VAL J 154 66.48 -24.26 -34.18
CA VAL J 154 65.71 -25.47 -33.96
C VAL J 154 64.82 -25.17 -32.76
N PHE J 155 63.62 -24.67 -33.03
CA PHE J 155 62.73 -24.25 -31.96
C PHE J 155 61.57 -25.22 -31.83
N ALA J 156 61.28 -25.57 -30.58
CA ALA J 156 60.33 -26.65 -30.30
C ALA J 156 59.13 -26.13 -29.55
N ILE J 157 57.98 -26.24 -30.20
CA ILE J 157 56.68 -25.85 -29.67
C ILE J 157 55.91 -27.11 -29.28
N PRO J 158 55.67 -27.32 -27.99
CA PRO J 158 54.74 -28.35 -27.56
C PRO J 158 53.31 -27.90 -27.77
N PRO J 159 52.32 -28.80 -27.71
CA PRO J 159 50.94 -28.38 -27.97
C PRO J 159 50.27 -27.69 -26.78
N SER J 160 49.00 -27.36 -26.98
CA SER J 160 48.20 -26.58 -26.04
C SER J 160 46.84 -27.24 -25.76
N PHE J 161 46.18 -26.76 -24.68
CA PHE J 161 44.83 -27.18 -24.32
C PHE J 161 43.82 -26.76 -25.37
N ALA J 162 44.10 -25.68 -26.09
CA ALA J 162 43.29 -25.26 -27.21
C ALA J 162 43.47 -26.14 -28.45
N SER J 163 44.46 -27.03 -28.44
CA SER J 163 44.55 -28.06 -29.47
C SER J 163 44.03 -29.41 -29.01
N ILE J 164 44.23 -29.74 -27.73
CA ILE J 164 43.64 -30.96 -27.16
C ILE J 164 42.12 -30.87 -27.16
N PHE J 165 41.56 -29.72 -26.76
CA PHE J 165 40.11 -29.58 -26.79
C PHE J 165 39.55 -29.49 -28.19
N LEU J 166 40.17 -28.71 -29.07
CA LEU J 166 39.61 -28.52 -30.41
C LEU J 166 39.77 -29.74 -31.30
N THR J 167 40.87 -30.49 -31.18
CA THR J 167 41.10 -31.54 -32.17
C THR J 167 41.36 -32.91 -31.55
N LYS J 168 41.85 -32.98 -30.30
CA LYS J 168 42.33 -34.21 -29.64
C LYS J 168 43.37 -34.91 -30.51
N SER J 169 44.30 -34.11 -31.05
CA SER J 169 45.37 -34.57 -31.91
C SER J 169 46.69 -34.06 -31.41
N THR J 170 46.92 -34.26 -30.10
CA THR J 170 48.05 -33.68 -29.39
C THR J 170 49.38 -34.14 -29.96
N LYS J 171 50.23 -33.16 -30.29
CA LYS J 171 51.35 -33.37 -31.18
C LYS J 171 52.45 -32.37 -30.85
N LEU J 172 53.67 -32.88 -30.68
CA LEU J 172 54.82 -32.09 -30.28
C LEU J 172 55.65 -31.75 -31.52
N THR J 173 55.89 -30.45 -31.73
CA THR J 173 56.41 -29.94 -33.00
C THR J 173 57.72 -29.22 -32.75
N CYS J 174 58.66 -29.28 -33.71
CA CYS J 174 59.81 -28.37 -33.70
C CYS J 174 60.15 -27.94 -35.12
N LEU J 175 60.22 -26.62 -35.30
CA LEU J 175 60.58 -26.01 -36.56
C LEU J 175 62.10 -25.94 -36.64
N VAL J 176 62.68 -26.49 -37.71
CA VAL J 176 64.12 -26.43 -37.91
C VAL J 176 64.35 -25.46 -39.08
N THR J 177 64.35 -24.17 -38.77
CA THR J 177 64.31 -23.16 -39.81
C THR J 177 65.51 -22.25 -39.67
N ASP J 178 65.74 -21.45 -40.72
CA ASP J 178 66.84 -20.50 -40.88
C ASP J 178 68.22 -21.16 -40.86
N LEU J 179 68.30 -22.47 -41.03
CA LEU J 179 69.58 -23.14 -41.17
C LEU J 179 70.04 -23.05 -42.62
N THR J 180 71.10 -23.79 -42.96
CA THR J 180 71.62 -23.74 -44.31
C THR J 180 70.66 -24.46 -45.27
N THR J 181 70.44 -23.85 -46.42
CA THR J 181 69.39 -24.26 -47.35
C THR J 181 69.77 -25.57 -48.03
N TYR J 182 69.54 -26.70 -47.36
CA TYR J 182 69.92 -28.00 -47.90
C TYR J 182 68.91 -29.07 -47.54
N ASP J 183 68.95 -30.15 -48.30
CA ASP J 183 68.12 -31.32 -48.07
C ASP J 183 68.88 -32.31 -47.18
N SER J 184 68.33 -33.52 -47.02
CA SER J 184 68.81 -34.57 -46.10
C SER J 184 68.99 -34.03 -44.67
N VAL J 185 67.97 -33.33 -44.20
CA VAL J 185 67.88 -32.89 -42.81
C VAL J 185 66.74 -33.69 -42.20
N THR J 186 67.08 -34.77 -41.51
CA THR J 186 66.11 -35.78 -41.12
C THR J 186 65.56 -35.48 -39.72
N ILE J 187 64.24 -35.46 -39.61
CA ILE J 187 63.55 -35.22 -38.35
C ILE J 187 63.55 -36.55 -37.58
N SER J 188 63.71 -36.49 -36.26
CA SER J 188 63.32 -37.61 -35.40
C SER J 188 62.87 -37.09 -34.04
N TRP J 189 61.72 -37.57 -33.57
CA TRP J 189 61.21 -37.23 -32.24
C TRP J 189 61.42 -38.40 -31.30
N THR J 190 62.33 -38.24 -30.34
CA THR J 190 62.78 -39.33 -29.48
C THR J 190 62.32 -39.07 -28.05
N ARG J 191 61.74 -40.09 -27.43
CA ARG J 191 61.26 -39.98 -26.06
C ARG J 191 62.42 -40.17 -25.09
N GLN J 192 62.09 -40.37 -23.81
CA GLN J 192 63.13 -40.78 -22.87
C GLN J 192 63.37 -42.28 -22.94
N ASN J 193 62.33 -43.05 -23.30
CA ASN J 193 62.42 -44.51 -23.31
C ASN J 193 62.97 -45.02 -24.63
N GLY J 194 62.59 -44.41 -25.75
CA GLY J 194 63.10 -44.82 -27.04
C GLY J 194 62.05 -45.37 -27.98
N GLU J 195 60.81 -44.89 -27.87
CA GLU J 195 59.78 -45.23 -28.85
C GLU J 195 59.77 -44.22 -29.99
N ALA J 196 59.68 -44.76 -31.21
CA ALA J 196 59.68 -43.96 -32.42
C ALA J 196 58.32 -43.32 -32.66
N VAL J 197 58.25 -42.46 -33.69
CA VAL J 197 57.04 -41.71 -34.00
C VAL J 197 56.56 -41.99 -35.41
N LYS J 198 55.50 -41.29 -35.82
CA LYS J 198 54.73 -41.62 -37.02
C LYS J 198 55.27 -40.89 -38.25
N THR J 199 54.46 -40.91 -39.31
CA THR J 199 54.91 -40.42 -40.63
C THR J 199 54.84 -38.89 -40.68
N HIS J 200 55.95 -38.24 -40.37
CA HIS J 200 56.04 -36.78 -40.42
C HIS J 200 56.45 -36.32 -41.81
N THR J 201 55.60 -35.52 -42.43
CA THR J 201 55.69 -35.02 -43.80
C THR J 201 55.37 -33.53 -43.75
N ASN J 202 54.96 -32.97 -44.89
CA ASN J 202 54.46 -31.61 -45.05
C ASN J 202 55.55 -30.62 -44.70
N ILE J 203 56.68 -30.72 -45.41
CA ILE J 203 57.83 -29.84 -45.21
C ILE J 203 57.50 -28.48 -45.82
N SER J 204 58.32 -27.48 -45.53
CA SER J 204 58.11 -26.16 -46.10
C SER J 204 59.16 -25.84 -47.17
N GLU J 205 58.84 -24.86 -48.01
CA GLU J 205 59.75 -24.40 -49.04
C GLU J 205 60.78 -23.46 -48.43
N SER J 206 61.62 -22.89 -49.28
CA SER J 206 62.66 -21.99 -48.81
C SER J 206 62.07 -20.68 -48.31
N HIS J 207 62.75 -20.06 -47.36
CA HIS J 207 62.40 -18.76 -46.79
C HIS J 207 62.49 -17.69 -47.87
N PRO J 208 61.78 -16.57 -47.74
CA PRO J 208 62.06 -15.43 -48.62
C PRO J 208 63.42 -14.81 -48.37
N ASN J 209 64.03 -15.03 -47.20
CA ASN J 209 65.40 -14.63 -46.92
C ASN J 209 66.40 -15.75 -47.22
N ALA J 210 66.04 -16.68 -48.11
CA ALA J 210 66.93 -17.67 -48.71
C ALA J 210 67.51 -18.64 -47.67
N THR J 211 66.63 -19.20 -46.85
CA THR J 211 67.00 -20.28 -45.93
C THR J 211 65.95 -21.37 -46.00
N PHE J 212 66.30 -22.58 -45.58
CA PHE J 212 65.37 -23.70 -45.65
C PHE J 212 64.51 -23.70 -44.40
N SER J 213 63.23 -24.02 -44.57
CA SER J 213 62.29 -24.14 -43.47
C SER J 213 61.74 -25.56 -43.46
N ALA J 214 61.89 -26.25 -42.33
CA ALA J 214 61.37 -27.61 -42.19
C ALA J 214 60.71 -27.81 -40.83
N VAL J 215 59.79 -28.78 -40.78
CA VAL J 215 58.93 -29.01 -39.63
C VAL J 215 58.79 -30.53 -39.44
N GLY J 216 58.56 -30.97 -38.20
CA GLY J 216 58.30 -32.36 -37.90
C GLY J 216 57.01 -32.55 -37.11
N GLU J 217 56.65 -33.81 -36.90
CA GLU J 217 55.43 -34.16 -36.18
C GLU J 217 55.70 -35.30 -35.21
N ALA J 218 54.91 -35.34 -34.14
CA ALA J 218 54.93 -36.47 -33.20
C ALA J 218 53.59 -36.54 -32.49
N SER J 219 52.67 -37.39 -32.98
CA SER J 219 51.30 -37.43 -32.50
C SER J 219 51.14 -38.55 -31.48
N ILE J 220 51.36 -38.23 -30.21
CA ILE J 220 51.27 -39.22 -29.14
C ILE J 220 50.02 -38.92 -28.35
N CYS J 221 49.65 -39.81 -27.42
CA CYS J 221 48.36 -39.63 -26.74
C CYS J 221 48.49 -38.64 -25.58
N GLU J 222 47.34 -38.36 -24.97
CA GLU J 222 47.21 -37.19 -24.09
C GLU J 222 47.90 -37.43 -22.75
N ASP J 223 47.61 -38.56 -22.10
CA ASP J 223 48.30 -38.86 -20.86
C ASP J 223 49.68 -39.46 -21.10
N ASP J 224 50.05 -39.65 -22.37
CA ASP J 224 51.47 -39.74 -22.70
C ASP J 224 52.13 -38.39 -22.82
N TRP J 225 51.40 -37.31 -22.56
CA TRP J 225 51.95 -35.95 -22.55
C TRP J 225 51.84 -35.29 -21.18
N ASN J 226 50.74 -35.54 -20.47
CA ASN J 226 50.58 -34.99 -19.13
C ASN J 226 51.40 -35.74 -18.08
N SER J 227 51.94 -36.91 -18.41
CA SER J 227 52.71 -37.70 -17.47
C SER J 227 54.21 -37.51 -17.63
N GLY J 228 54.62 -36.31 -18.02
CA GLY J 228 56.02 -35.93 -18.01
C GLY J 228 56.90 -36.63 -19.02
N GLU J 229 56.34 -37.26 -20.04
CA GLU J 229 57.13 -37.94 -21.05
C GLU J 229 57.88 -36.93 -21.89
N ARG J 230 59.17 -36.74 -21.58
CA ARG J 230 59.97 -35.74 -22.26
C ARG J 230 60.22 -36.14 -23.70
N PHE J 231 60.28 -35.16 -24.59
CA PHE J 231 60.57 -35.39 -25.98
C PHE J 231 61.76 -34.56 -26.39
N THR J 232 62.50 -35.09 -27.36
CA THR J 232 63.73 -34.50 -27.86
C THR J 232 63.68 -34.63 -29.37
N CYS J 233 63.60 -33.53 -30.09
CA CYS J 233 63.72 -33.66 -31.52
C CYS J 233 65.17 -33.49 -31.94
N THR J 234 65.62 -34.36 -32.83
CA THR J 234 66.97 -34.42 -33.31
C THR J 234 66.98 -34.34 -34.84
N VAL J 235 67.92 -33.55 -35.36
CA VAL J 235 68.09 -33.33 -36.79
C VAL J 235 69.58 -33.28 -37.09
N THR J 236 69.97 -33.67 -38.31
CA THR J 236 71.36 -33.61 -38.76
C THR J 236 71.44 -32.72 -40.00
N HIS J 237 72.39 -31.78 -39.98
CA HIS J 237 72.51 -30.77 -41.03
C HIS J 237 73.88 -30.82 -41.70
N THR J 238 74.15 -29.84 -42.55
CA THR J 238 75.42 -29.77 -43.27
C THR J 238 76.47 -29.02 -42.46
N ASP J 239 76.06 -27.97 -41.75
CA ASP J 239 76.97 -27.27 -40.84
C ASP J 239 77.10 -27.98 -39.50
N LEU J 240 76.07 -28.72 -39.09
CA LEU J 240 76.03 -29.48 -37.85
C LEU J 240 76.67 -30.86 -38.03
N PRO J 241 77.88 -31.08 -37.48
CA PRO J 241 78.53 -32.38 -37.66
C PRO J 241 77.90 -33.47 -36.81
N SER J 242 77.23 -33.05 -35.73
CA SER J 242 76.40 -33.76 -34.78
C SER J 242 74.93 -33.39 -35.00
N PRO J 243 74.01 -34.30 -34.70
CA PRO J 243 72.59 -33.92 -34.69
C PRO J 243 72.30 -33.04 -33.48
N LEU J 244 71.45 -32.04 -33.68
CA LEU J 244 71.10 -31.14 -32.59
C LEU J 244 69.79 -31.58 -31.93
N LYS J 245 69.83 -31.72 -30.61
CA LYS J 245 68.71 -32.19 -29.83
C LYS J 245 68.05 -31.03 -29.08
N GLN J 246 66.71 -31.02 -29.07
CA GLN J 246 65.96 -30.01 -28.36
C GLN J 246 64.79 -30.66 -27.64
N THR J 247 64.72 -30.47 -26.33
CA THR J 247 63.74 -31.17 -25.49
C THR J 247 62.61 -30.23 -25.10
N ILE J 248 61.41 -30.80 -25.02
CA ILE J 248 60.20 -30.17 -24.48
C ILE J 248 59.42 -31.23 -23.71
N SER J 249 58.79 -30.81 -22.63
CA SER J 249 58.11 -31.73 -21.72
C SER J 249 57.05 -30.95 -20.94
N ARG J 250 56.52 -31.58 -19.89
CA ARG J 250 55.55 -30.93 -19.01
C ARG J 250 56.22 -30.55 -17.69
N PRO J 251 56.07 -29.30 -17.20
CA PRO J 251 56.54 -28.81 -15.89
C PRO J 251 56.07 -29.65 -14.69
N LEU J 256 46.55 -27.43 -9.04
CA LEU J 256 45.63 -26.80 -9.97
C LEU J 256 44.48 -26.09 -9.24
N HIS J 257 43.84 -25.14 -9.92
CA HIS J 257 42.69 -24.42 -9.42
C HIS J 257 41.63 -24.37 -10.50
N ARG J 258 40.39 -24.09 -10.08
CA ARG J 258 39.26 -24.01 -11.01
C ARG J 258 39.05 -22.56 -11.45
N PRO J 259 38.51 -22.33 -12.64
CA PRO J 259 38.15 -20.96 -13.03
C PRO J 259 36.74 -20.60 -12.55
N ASP J 260 36.62 -19.43 -11.93
CA ASP J 260 35.32 -18.79 -11.74
C ASP J 260 34.99 -17.96 -12.96
N VAL J 261 34.03 -18.38 -13.76
CA VAL J 261 33.63 -17.64 -14.95
C VAL J 261 32.47 -16.75 -14.55
N TYR J 262 32.58 -15.45 -14.83
CA TYR J 262 31.47 -14.51 -14.80
C TYR J 262 31.32 -13.90 -16.17
N LEU J 263 30.11 -13.58 -16.52
CA LEU J 263 29.86 -12.92 -17.78
C LEU J 263 29.11 -11.64 -17.47
N LEU J 264 29.59 -10.52 -17.99
CA LEU J 264 29.31 -9.10 -17.88
C LEU J 264 28.60 -8.59 -19.13
N PRO J 265 27.45 -7.94 -18.99
CA PRO J 265 26.71 -7.48 -20.15
C PRO J 265 27.25 -6.16 -20.64
N PRO J 266 26.71 -5.57 -21.69
CA PRO J 266 27.12 -4.22 -22.08
C PRO J 266 26.63 -3.12 -21.15
N ALA J 267 27.46 -2.11 -20.96
CA ALA J 267 27.11 -1.04 -20.05
C ALA J 267 26.16 -0.05 -20.69
N ARG J 268 25.40 0.67 -19.84
CA ARG J 268 24.32 1.52 -20.32
C ARG J 268 24.84 2.74 -21.05
N GLU J 269 26.08 3.17 -20.77
CA GLU J 269 26.67 4.26 -21.52
C GLU J 269 26.96 3.81 -22.95
N GLN J 270 27.30 2.53 -23.13
CA GLN J 270 27.60 2.00 -24.44
C GLN J 270 26.33 1.75 -25.24
N LEU J 271 25.24 1.43 -24.55
CA LEU J 271 23.98 1.27 -25.25
C LEU J 271 23.21 2.58 -25.29
N ASN J 272 23.85 3.64 -25.72
CA ASN J 272 23.14 4.82 -26.19
C ASN J 272 23.79 5.43 -27.43
N LEU J 273 25.00 5.01 -27.79
CA LEU J 273 25.56 5.33 -29.08
C LEU J 273 24.92 4.52 -30.20
N ARG J 274 24.11 3.52 -29.84
CA ARG J 274 23.29 2.73 -30.74
C ARG J 274 24.10 2.00 -31.79
N GLU J 275 25.34 1.64 -31.49
CA GLU J 275 26.22 1.10 -32.50
C GLU J 275 26.69 -0.33 -32.22
N SER J 276 27.33 -0.59 -31.08
CA SER J 276 27.98 -1.87 -30.90
C SER J 276 28.09 -2.20 -29.43
N ALA J 277 27.62 -3.38 -29.05
CA ALA J 277 27.66 -3.82 -27.67
C ALA J 277 28.70 -4.91 -27.52
N THR J 278 29.58 -4.76 -26.53
CA THR J 278 30.67 -5.71 -26.35
C THR J 278 30.43 -6.48 -25.07
N ILE J 279 30.10 -7.76 -25.22
CA ILE J 279 29.82 -8.64 -24.10
C ILE J 279 31.13 -9.24 -23.63
N THR J 280 31.37 -9.23 -22.33
CA THR J 280 32.68 -9.53 -21.76
C THR J 280 32.65 -10.82 -20.95
N CYS J 281 33.30 -11.87 -21.44
CA CYS J 281 33.51 -13.06 -20.63
C CYS J 281 34.62 -12.73 -19.65
N LEU J 282 34.76 -13.48 -18.58
CA LEU J 282 35.80 -13.17 -17.60
C LEU J 282 36.16 -14.39 -16.80
N VAL J 283 37.38 -14.88 -16.93
CA VAL J 283 37.75 -16.20 -16.46
C VAL J 283 38.80 -16.01 -15.38
N THR J 284 38.38 -15.90 -14.14
CA THR J 284 39.31 -15.50 -13.08
C THR J 284 39.75 -16.66 -12.25
N GLY J 285 40.75 -16.38 -11.42
CA GLY J 285 41.13 -17.21 -10.30
C GLY J 285 41.55 -18.63 -10.62
N PHE J 286 42.14 -18.88 -11.78
CA PHE J 286 42.54 -20.23 -12.09
C PHE J 286 44.03 -20.31 -12.28
N SER J 287 44.52 -21.55 -12.20
CA SER J 287 45.94 -21.89 -12.33
C SER J 287 46.02 -23.33 -12.77
N PRO J 288 46.93 -23.65 -13.68
CA PRO J 288 47.80 -22.73 -14.41
C PRO J 288 47.20 -22.29 -15.73
N ALA J 289 48.03 -21.70 -16.58
CA ALA J 289 47.58 -20.96 -17.75
C ALA J 289 47.09 -21.89 -18.85
N ASP J 290 46.87 -21.30 -20.04
CA ASP J 290 46.34 -21.93 -21.25
C ASP J 290 44.97 -22.55 -21.02
N VAL J 291 44.01 -21.67 -20.78
CA VAL J 291 42.62 -22.02 -20.82
C VAL J 291 42.17 -21.85 -22.26
N PHE J 292 40.98 -22.35 -22.59
CA PHE J 292 40.36 -22.06 -23.87
C PHE J 292 39.03 -21.36 -23.62
N VAL J 293 38.62 -20.46 -24.52
CA VAL J 293 37.34 -19.76 -24.41
C VAL J 293 36.74 -19.67 -25.80
N GLN J 294 35.48 -20.11 -25.95
CA GLN J 294 34.82 -19.98 -27.24
C GLN J 294 33.38 -19.55 -27.05
N TRP J 295 32.85 -18.90 -28.08
CA TRP J 295 31.64 -18.11 -27.98
C TRP J 295 30.57 -18.67 -28.90
N MET J 296 29.44 -19.05 -28.33
CA MET J 296 28.39 -19.70 -29.08
C MET J 296 27.09 -18.96 -28.91
N GLN J 297 26.33 -18.85 -30.00
CA GLN J 297 25.02 -18.19 -30.02
C GLN J 297 23.99 -19.18 -30.51
N ARG J 298 23.08 -19.59 -29.62
CA ARG J 298 22.12 -20.68 -29.84
C ARG J 298 22.80 -21.95 -30.33
N GLY J 299 23.69 -22.48 -29.48
CA GLY J 299 24.36 -23.75 -29.71
C GLY J 299 25.22 -23.83 -30.95
N GLN J 300 25.72 -22.69 -31.42
CA GLN J 300 26.43 -22.60 -32.68
C GLN J 300 27.71 -21.81 -32.46
N PRO J 301 28.88 -22.46 -32.57
CA PRO J 301 30.18 -21.75 -32.62
C PRO J 301 30.22 -20.56 -33.57
N LEU J 302 30.45 -19.38 -33.01
CA LEU J 302 30.45 -18.15 -33.77
C LEU J 302 31.74 -17.98 -34.54
N SER J 303 31.77 -16.94 -35.37
CA SER J 303 32.93 -16.66 -36.19
C SER J 303 34.10 -16.20 -35.32
N PRO J 304 35.28 -16.81 -35.44
CA PRO J 304 36.38 -16.48 -34.51
C PRO J 304 37.00 -15.13 -34.74
N GLU J 305 36.73 -14.47 -35.86
CA GLU J 305 37.14 -13.08 -36.01
C GLU J 305 36.18 -12.10 -35.35
N LYS J 306 35.06 -12.58 -34.80
CA LYS J 306 34.11 -11.66 -34.18
C LYS J 306 34.44 -11.45 -32.71
N TYR J 307 35.10 -12.41 -32.08
CA TYR J 307 35.50 -12.26 -30.70
C TYR J 307 37.02 -12.23 -30.58
N VAL J 308 37.53 -11.85 -29.41
CA VAL J 308 38.95 -11.94 -29.11
C VAL J 308 39.11 -12.48 -27.69
N THR J 309 40.09 -13.34 -27.47
CA THR J 309 40.46 -13.81 -26.14
C THR J 309 41.78 -13.16 -25.76
N SER J 310 41.91 -12.78 -24.50
CA SER J 310 43.17 -12.27 -23.98
C SER J 310 44.12 -13.42 -23.66
N ALA J 311 45.19 -13.12 -22.96
CA ALA J 311 46.16 -14.09 -22.52
C ALA J 311 46.19 -14.15 -20.99
N PRO J 312 46.46 -15.32 -20.41
CA PRO J 312 46.36 -15.46 -18.97
C PRO J 312 47.41 -14.71 -18.16
N MET J 313 47.21 -13.41 -18.03
CA MET J 313 48.06 -12.57 -17.21
C MET J 313 47.87 -12.91 -15.72
N PRO J 314 48.93 -12.87 -14.92
CA PRO J 314 48.80 -13.26 -13.50
C PRO J 314 47.95 -12.31 -12.69
N GLU J 315 47.34 -12.86 -11.67
CA GLU J 315 46.36 -12.27 -10.77
C GLU J 315 47.03 -11.36 -9.78
N PRO J 316 46.47 -10.18 -9.54
CA PRO J 316 47.12 -9.24 -8.60
C PRO J 316 47.03 -9.66 -7.15
N GLN J 317 45.96 -10.34 -6.76
CA GLN J 317 45.75 -10.67 -5.36
C GLN J 317 46.19 -12.09 -5.03
N ALA J 318 45.56 -13.08 -5.67
CA ALA J 318 45.93 -14.47 -5.49
C ALA J 318 47.33 -14.70 -6.07
N PRO J 319 48.15 -15.58 -5.43
CA PRO J 319 49.60 -15.63 -5.73
C PRO J 319 49.99 -15.96 -7.15
N GLY J 320 49.59 -17.12 -7.64
CA GLY J 320 50.04 -17.58 -8.93
C GLY J 320 48.87 -17.98 -9.80
N ARG J 321 47.66 -17.58 -9.39
CA ARG J 321 46.52 -17.79 -10.23
C ARG J 321 46.57 -16.85 -11.43
N TYR J 322 45.92 -17.24 -12.51
CA TYR J 322 45.97 -16.51 -13.76
C TYR J 322 44.58 -16.24 -14.25
N PHE J 323 44.25 -14.97 -14.50
CA PHE J 323 42.94 -14.59 -15.01
C PHE J 323 43.05 -14.27 -16.49
N ALA J 324 41.94 -14.38 -17.19
CA ALA J 324 41.92 -14.04 -18.60
C ALA J 324 40.59 -13.37 -18.93
N HIS J 325 40.54 -12.78 -20.09
CA HIS J 325 39.35 -12.11 -20.57
C HIS J 325 38.95 -12.78 -21.85
N SER J 326 37.89 -12.22 -22.44
CA SER J 326 37.52 -12.33 -23.84
C SER J 326 36.36 -11.40 -24.05
N ILE J 327 36.29 -10.78 -25.20
CA ILE J 327 35.12 -9.95 -25.51
C ILE J 327 34.56 -10.37 -26.84
N LEU J 328 33.28 -10.09 -27.02
CA LEU J 328 32.58 -10.36 -28.27
C LEU J 328 31.76 -9.14 -28.63
N THR J 329 32.05 -8.57 -29.79
CA THR J 329 31.37 -7.37 -30.24
C THR J 329 30.21 -7.69 -31.18
N VAL J 330 29.00 -7.33 -30.76
CA VAL J 330 27.78 -7.59 -31.48
C VAL J 330 27.16 -6.25 -31.83
N SER J 331 26.10 -6.27 -32.62
CA SER J 331 25.34 -5.07 -32.89
C SER J 331 24.56 -4.67 -31.65
N GLU J 332 24.45 -3.36 -31.44
CA GLU J 332 23.56 -2.86 -30.40
C GLU J 332 22.11 -3.21 -30.72
N GLU J 333 21.79 -3.28 -32.01
CA GLU J 333 20.44 -3.59 -32.46
C GLU J 333 20.04 -5.02 -32.13
N GLU J 334 21.02 -5.86 -31.77
CA GLU J 334 20.73 -7.20 -31.28
C GLU J 334 20.08 -7.17 -29.90
N TRP J 335 20.25 -6.07 -29.16
CA TRP J 335 19.82 -6.04 -27.77
C TRP J 335 18.46 -5.40 -27.58
N ASN J 336 17.57 -5.65 -28.54
CA ASN J 336 16.15 -5.73 -28.28
C ASN J 336 15.67 -7.17 -28.41
N THR J 337 16.38 -8.00 -29.18
CA THR J 337 15.99 -9.36 -29.48
C THR J 337 16.82 -10.43 -28.78
N GLY J 338 18.01 -10.09 -28.29
CA GLY J 338 18.77 -10.92 -27.38
C GLY J 338 19.70 -12.02 -27.87
N GLU J 339 19.16 -13.18 -28.24
CA GLU J 339 19.91 -14.32 -28.81
C GLU J 339 20.96 -14.94 -27.86
N THR J 340 20.93 -14.51 -26.60
CA THR J 340 21.36 -15.13 -25.33
C THR J 340 22.84 -15.47 -25.11
N TYR J 341 23.68 -15.52 -26.15
CA TYR J 341 25.13 -15.34 -26.10
C TYR J 341 25.84 -16.18 -25.03
N THR J 342 25.94 -17.48 -25.28
CA THR J 342 26.71 -18.36 -24.40
C THR J 342 28.21 -18.16 -24.61
N CYS J 343 28.98 -18.20 -23.52
CA CYS J 343 30.45 -18.16 -23.56
C CYS J 343 30.97 -19.31 -22.73
N VAL J 344 31.53 -20.33 -23.39
CA VAL J 344 31.95 -21.58 -22.75
C VAL J 344 33.46 -21.62 -22.62
N VAL J 345 33.93 -21.86 -21.40
CA VAL J 345 35.34 -21.91 -21.08
C VAL J 345 35.75 -23.36 -21.12
N ALA J 346 37.06 -23.63 -21.12
CA ALA J 346 37.60 -24.98 -21.22
C ALA J 346 38.91 -25.05 -20.46
N HIS J 347 38.86 -25.59 -19.23
CA HIS J 347 40.01 -25.70 -18.34
C HIS J 347 40.19 -27.15 -17.89
N GLU J 348 41.33 -27.43 -17.25
CA GLU J 348 41.75 -28.76 -16.86
C GLU J 348 41.25 -29.17 -15.49
N ALA J 349 40.80 -28.24 -14.66
CA ALA J 349 40.23 -28.58 -13.37
C ALA J 349 38.72 -28.62 -13.44
N LEU J 350 38.16 -29.33 -14.40
CA LEU J 350 36.72 -29.42 -14.54
C LEU J 350 36.30 -30.83 -14.94
N PRO J 351 35.09 -31.26 -14.56
CA PRO J 351 34.57 -32.55 -15.04
C PRO J 351 34.38 -32.67 -16.53
N ASN J 352 33.58 -31.79 -17.11
CA ASN J 352 33.34 -31.80 -18.54
C ASN J 352 34.46 -31.11 -19.31
N ARG J 353 35.30 -30.37 -18.59
CA ARG J 353 36.14 -29.29 -19.12
C ARG J 353 35.32 -28.25 -19.87
N VAL J 354 34.13 -27.96 -19.36
CA VAL J 354 33.20 -26.99 -19.91
C VAL J 354 32.41 -26.41 -18.75
N THR J 355 32.44 -25.07 -18.61
CA THR J 355 31.70 -24.34 -17.59
C THR J 355 30.91 -23.23 -18.26
N GLU J 356 30.13 -23.61 -19.27
CA GLU J 356 29.37 -22.68 -20.08
C GLU J 356 28.46 -21.81 -19.24
N ARG J 357 28.45 -20.52 -19.54
CA ARG J 357 27.52 -19.56 -18.96
C ARG J 357 26.90 -18.74 -20.06
N THR J 358 25.84 -18.03 -19.70
CA THR J 358 25.16 -17.18 -20.66
C THR J 358 24.48 -16.05 -19.91
N VAL J 359 24.43 -14.88 -20.55
CA VAL J 359 23.68 -13.72 -20.08
C VAL J 359 23.05 -13.06 -21.29
N ASP J 360 21.76 -12.77 -21.20
CA ASP J 360 21.01 -12.01 -22.18
C ASP J 360 20.49 -10.73 -21.52
N LYS J 361 19.70 -9.96 -22.29
CA LYS J 361 19.00 -8.81 -21.77
C LYS J 361 17.99 -9.21 -20.73
N SER J 362 17.43 -10.42 -20.86
CA SER J 362 16.47 -10.95 -19.92
C SER J 362 17.04 -11.23 -18.56
N THR J 363 18.35 -11.48 -18.47
CA THR J 363 19.08 -11.64 -17.22
C THR J 363 19.39 -10.24 -16.73
N GLY J 364 20.23 -10.07 -15.74
CA GLY J 364 20.73 -8.77 -15.41
C GLY J 364 19.77 -8.10 -14.49
N LYS J 365 19.97 -6.82 -14.26
CA LYS J 365 19.30 -6.20 -13.16
C LYS J 365 17.86 -5.90 -13.50
N PRO J 366 16.95 -6.20 -12.59
CA PRO J 366 15.64 -5.58 -12.66
C PRO J 366 15.72 -4.13 -12.22
N THR J 367 14.93 -3.29 -12.82
CA THR J 367 14.81 -1.94 -12.34
C THR J 367 13.36 -1.61 -12.05
N LEU J 368 12.61 -2.64 -11.68
CA LEU J 368 11.22 -2.52 -11.23
C LEU J 368 10.95 -3.83 -10.50
N TYR J 369 10.94 -3.80 -9.20
CA TYR J 369 10.50 -4.95 -8.47
C TYR J 369 8.98 -4.93 -8.40
N ASN J 370 8.38 -6.04 -7.98
CA ASN J 370 7.19 -5.96 -7.16
C ASN J 370 6.85 -7.19 -6.38
N VAL J 371 7.31 -7.22 -5.14
CA VAL J 371 6.84 -8.15 -4.15
C VAL J 371 5.32 -8.08 -4.04
N SER J 372 4.69 -9.21 -3.82
CA SER J 372 3.24 -9.22 -3.81
C SER J 372 2.72 -10.17 -2.83
N LEU J 373 3.25 -10.18 -1.64
CA LEU J 373 3.03 -11.30 -0.77
C LEU J 373 1.66 -11.30 -0.12
N VAL J 374 0.89 -12.42 -0.28
CA VAL J 374 -0.48 -12.50 0.22
C VAL J 374 -0.43 -13.34 1.48
N MET J 375 -1.40 -13.17 2.36
CA MET J 375 -1.42 -13.83 3.65
C MET J 375 -2.81 -14.29 3.95
N SER J 376 -2.91 -15.45 4.55
CA SER J 376 -4.18 -16.13 4.58
C SER J 376 -4.09 -17.21 5.62
N ASP J 377 -5.05 -17.21 6.51
CA ASP J 377 -5.21 -18.17 7.58
C ASP J 377 -5.28 -19.58 7.01
N THR J 378 -6.20 -19.82 6.10
CA THR J 378 -6.31 -21.11 5.46
C THR J 378 -5.69 -21.07 4.05
N ALA J 379 -4.38 -21.09 4.09
CA ALA J 379 -3.51 -21.52 3.03
C ALA J 379 -2.72 -22.68 3.57
N GLY J 380 -1.75 -23.10 2.82
CA GLY J 380 -0.99 -24.23 3.28
C GLY J 380 -1.20 -25.35 2.33
N THR J 381 -1.45 -25.05 1.10
CA THR J 381 -1.39 -26.20 0.23
C THR J 381 -0.53 -25.95 -0.99
N CYS J 382 -0.37 -24.71 -1.39
CA CYS J 382 0.54 -24.31 -2.44
C CYS J 382 0.24 -25.01 -3.76
N TYR J 383 -0.87 -24.63 -4.35
CA TYR J 383 -1.36 -25.20 -5.58
C TYR J 383 -0.41 -25.00 -6.71
N GLU K 3 3.88 -14.22 -21.59
CA GLU K 3 4.92 -13.27 -21.96
C GLU K 3 6.10 -13.33 -21.02
N ARG K 4 5.89 -13.82 -19.80
CA ARG K 4 6.89 -13.82 -18.74
C ARG K 4 7.49 -15.21 -18.57
N ILE K 5 8.65 -15.30 -17.94
CA ILE K 5 9.40 -16.55 -17.83
C ILE K 5 9.56 -16.91 -16.36
N VAL K 6 9.12 -18.10 -15.97
CA VAL K 6 9.14 -18.43 -14.55
C VAL K 6 10.55 -18.82 -14.15
N LEU K 7 11.13 -18.04 -13.27
CA LEU K 7 12.48 -18.32 -12.81
C LEU K 7 12.47 -19.34 -11.70
N VAL K 8 11.48 -19.29 -10.84
CA VAL K 8 11.38 -20.11 -9.64
C VAL K 8 9.91 -20.38 -9.44
N ASP K 9 9.55 -21.61 -9.15
CA ASP K 9 8.19 -21.96 -8.84
C ASP K 9 8.14 -22.79 -7.58
N ASN K 10 8.90 -22.39 -6.57
CA ASN K 10 9.11 -23.20 -5.39
C ASN K 10 7.81 -23.45 -4.67
N LYS K 11 7.56 -24.71 -4.31
CA LYS K 11 6.26 -25.08 -3.75
C LYS K 11 6.35 -25.63 -2.36
N CYS K 12 7.49 -25.56 -1.72
CA CYS K 12 7.42 -25.78 -0.30
C CYS K 12 7.69 -24.51 0.48
N LYS K 13 7.96 -23.38 -0.14
CA LYS K 13 7.81 -22.12 0.57
C LYS K 13 6.73 -21.24 -0.02
N CYS K 14 6.33 -21.57 -1.24
CA CYS K 14 5.27 -21.12 -2.12
C CYS K 14 5.70 -19.84 -2.80
N ALA K 15 6.99 -19.54 -2.85
CA ALA K 15 7.53 -18.40 -3.56
C ALA K 15 7.39 -18.63 -5.05
N ARG K 16 7.28 -17.58 -5.81
CA ARG K 16 7.16 -17.77 -7.23
C ARG K 16 7.78 -16.61 -8.01
N ILE K 17 9.08 -16.38 -7.91
CA ILE K 17 9.79 -15.36 -8.66
C ILE K 17 9.70 -15.53 -10.14
N THR K 18 9.10 -14.63 -10.85
CA THR K 18 9.19 -14.65 -12.29
C THR K 18 9.91 -13.39 -12.76
N SER K 19 9.84 -13.07 -14.05
CA SER K 19 10.51 -11.93 -14.65
C SER K 19 9.93 -11.64 -16.01
N ARG K 20 10.11 -10.40 -16.48
CA ARG K 20 9.47 -9.97 -17.72
C ARG K 20 10.06 -8.65 -18.17
N ILE K 21 10.42 -8.54 -19.45
CA ILE K 21 10.93 -7.29 -20.01
C ILE K 21 9.78 -6.50 -20.58
N ILE K 22 9.63 -5.26 -20.14
CA ILE K 22 8.50 -4.42 -20.53
C ILE K 22 8.92 -3.61 -21.75
N ARG K 23 8.42 -4.00 -22.92
CA ARG K 23 8.69 -3.27 -24.16
C ARG K 23 7.89 -1.98 -24.09
N SER K 24 8.59 -0.89 -23.81
CA SER K 24 7.97 0.36 -23.41
C SER K 24 7.38 1.11 -24.59
N SER K 25 6.98 2.37 -24.34
CA SER K 25 6.71 3.32 -25.39
C SER K 25 7.93 3.45 -26.29
N GLU K 26 7.70 3.51 -27.60
CA GLU K 26 8.76 3.25 -28.57
C GLU K 26 9.73 4.43 -28.70
N ASP K 27 10.42 4.68 -27.58
CA ASP K 27 11.58 5.51 -27.38
C ASP K 27 12.79 4.57 -27.51
N PRO K 28 14.02 5.02 -27.28
CA PRO K 28 15.17 4.10 -27.16
C PRO K 28 15.01 3.01 -26.09
N ASN K 29 16.09 2.25 -25.91
CA ASN K 29 16.06 1.12 -24.99
C ASN K 29 15.96 1.53 -23.52
N GLU K 30 14.88 2.21 -23.17
CA GLU K 30 14.47 2.41 -21.79
C GLU K 30 13.45 1.36 -21.38
N ASP K 31 13.78 0.11 -21.67
CA ASP K 31 12.95 -1.02 -21.29
C ASP K 31 13.34 -1.45 -19.88
N ILE K 32 12.35 -1.93 -19.14
CA ILE K 32 12.51 -2.25 -17.74
C ILE K 32 12.44 -3.76 -17.64
N VAL K 33 13.00 -4.32 -16.56
CA VAL K 33 12.97 -5.76 -16.31
C VAL K 33 12.42 -5.95 -14.91
N GLU K 34 11.57 -6.98 -14.68
CA GLU K 34 10.91 -7.13 -13.39
C GLU K 34 11.35 -8.31 -12.55
N ARG K 35 10.85 -8.31 -11.32
CA ARG K 35 11.21 -9.31 -10.37
C ARG K 35 9.97 -9.73 -9.58
N ASN K 36 8.92 -10.16 -10.27
CA ASN K 36 7.63 -10.33 -9.64
C ASN K 36 7.57 -11.42 -8.61
N ILE K 37 8.17 -11.25 -7.45
CA ILE K 37 8.03 -12.19 -6.35
C ILE K 37 6.57 -12.33 -5.92
N ARG K 38 6.14 -13.53 -5.52
CA ARG K 38 4.78 -13.77 -5.05
C ARG K 38 4.70 -14.77 -3.92
N ILE K 39 5.30 -14.49 -2.81
CA ILE K 39 5.14 -15.29 -1.61
C ILE K 39 3.68 -15.48 -1.21
N ILE K 40 3.29 -16.61 -0.64
CA ILE K 40 1.97 -16.79 0.01
C ILE K 40 2.20 -17.41 1.37
N VAL K 41 1.86 -16.67 2.43
CA VAL K 41 2.37 -16.97 3.76
C VAL K 41 1.36 -17.86 4.47
N PRO K 42 1.75 -19.03 4.95
CA PRO K 42 0.83 -19.97 5.57
C PRO K 42 -0.01 -19.53 6.73
N LEU K 43 0.57 -19.09 7.83
CA LEU K 43 -0.10 -18.41 8.95
C LEU K 43 -0.98 -19.33 9.82
N ASN K 44 -1.22 -20.57 9.42
CA ASN K 44 -1.65 -21.54 10.41
C ASN K 44 -0.93 -22.86 10.34
N ASN K 45 0.10 -23.02 9.53
CA ASN K 45 0.87 -24.24 9.50
C ASN K 45 1.90 -24.22 10.61
N ARG K 46 2.28 -25.40 11.08
CA ARG K 46 3.17 -25.48 12.21
C ARG K 46 4.63 -25.27 11.78
N GLU K 47 5.56 -25.40 12.70
CA GLU K 47 6.96 -25.29 12.32
C GLU K 47 7.44 -26.56 11.65
N ASN K 48 7.48 -27.67 12.37
CA ASN K 48 7.61 -28.96 11.73
C ASN K 48 6.31 -29.16 11.01
N ILE K 49 6.33 -29.24 9.68
CA ILE K 49 5.09 -29.28 8.93
C ILE K 49 4.42 -30.63 9.11
N SER K 50 5.21 -31.67 9.40
CA SER K 50 4.70 -33.03 9.45
C SER K 50 4.33 -33.44 10.86
N ASP K 51 4.98 -32.87 11.84
CA ASP K 51 4.59 -33.11 13.21
C ASP K 51 3.60 -32.07 13.64
N PRO K 52 2.32 -32.35 13.68
CA PRO K 52 1.38 -31.30 14.09
C PRO K 52 1.20 -31.25 15.59
N THR K 53 2.27 -31.24 16.37
CA THR K 53 2.17 -30.91 17.78
C THR K 53 3.18 -29.83 18.14
N SER K 54 3.65 -29.09 17.17
CA SER K 54 4.73 -28.12 17.17
C SER K 54 4.19 -26.72 17.42
N PRO K 55 5.03 -25.74 17.68
CA PRO K 55 4.51 -24.37 17.79
C PRO K 55 4.13 -23.80 16.45
N LEU K 56 3.47 -22.64 16.40
CA LEU K 56 2.81 -22.25 15.17
C LEU K 56 3.75 -21.83 14.04
N ARG K 57 4.16 -20.58 13.98
CA ARG K 57 5.22 -20.00 13.17
C ARG K 57 5.21 -18.53 13.52
N THR K 58 6.34 -17.92 13.62
CA THR K 58 6.33 -16.49 13.49
C THR K 58 7.20 -16.08 12.32
N ARG K 59 8.46 -16.48 12.31
CA ARG K 59 9.38 -16.00 11.29
C ARG K 59 9.12 -16.77 10.04
N PHE K 60 8.92 -16.07 8.94
CA PHE K 60 8.90 -16.66 7.61
C PHE K 60 10.04 -15.98 6.88
N VAL K 61 11.15 -16.67 6.68
CA VAL K 61 12.35 -16.10 6.08
C VAL K 61 12.51 -16.57 4.65
N TYR K 62 12.53 -15.66 3.69
CA TYR K 62 12.68 -16.03 2.29
C TYR K 62 13.96 -15.46 1.70
N HIS K 63 15.07 -16.17 1.81
CA HIS K 63 16.25 -15.80 1.05
C HIS K 63 16.06 -16.22 -0.37
N LEU K 64 15.93 -15.26 -1.28
CA LEU K 64 15.60 -15.59 -2.65
C LEU K 64 16.81 -15.84 -3.51
N SER K 65 17.97 -16.08 -2.91
CA SER K 65 19.01 -16.80 -3.63
C SER K 65 18.85 -18.30 -3.35
N ASP K 66 18.74 -18.68 -2.08
CA ASP K 66 18.60 -20.05 -1.62
C ASP K 66 17.34 -20.64 -1.97
N LEU K 67 16.47 -20.05 -2.77
CA LEU K 67 15.41 -20.79 -3.43
C LEU K 67 15.40 -20.46 -4.91
N CYS K 68 16.49 -19.91 -5.44
CA CYS K 68 16.67 -19.80 -6.87
C CYS K 68 17.60 -20.87 -7.42
N LYS K 69 18.43 -21.47 -6.58
CA LYS K 69 19.44 -22.41 -7.02
C LYS K 69 18.81 -23.73 -7.45
N GLU K 98 14.82 -29.11 3.00
CA GLU K 98 14.83 -27.81 3.68
C GLU K 98 13.72 -27.77 4.71
N THR K 99 13.53 -26.62 5.35
CA THR K 99 12.32 -26.36 6.12
C THR K 99 11.30 -25.76 5.19
N CYS K 100 10.34 -26.57 4.76
CA CYS K 100 9.17 -26.09 4.09
C CYS K 100 8.12 -25.52 5.00
N TYR K 101 7.42 -24.53 4.47
CA TYR K 101 6.39 -23.77 5.16
C TYR K 101 5.00 -24.26 4.81
N THR K 102 4.75 -24.61 3.56
CA THR K 102 3.48 -25.14 3.15
C THR K 102 3.62 -26.60 2.75
N TYR K 103 2.55 -27.36 2.88
CA TYR K 103 2.48 -28.65 2.24
C TYR K 103 2.54 -28.47 0.74
N ASP K 104 3.22 -29.34 0.03
CA ASP K 104 2.99 -29.34 -1.40
C ASP K 104 1.70 -30.10 -1.66
N ARG K 105 1.00 -29.72 -2.73
CA ARG K 105 -0.28 -30.32 -2.98
C ARG K 105 -0.17 -31.75 -3.49
N ASN K 106 0.78 -32.03 -4.39
CA ASN K 106 0.86 -33.35 -4.99
C ASN K 106 1.58 -34.34 -4.10
N LYS K 107 2.64 -33.90 -3.44
CA LYS K 107 3.35 -34.76 -2.50
C LYS K 107 2.51 -34.96 -1.25
N CYS K 108 2.48 -36.18 -0.70
CA CYS K 108 1.55 -36.44 0.39
C CYS K 108 2.26 -36.79 1.69
N TYR K 109 1.70 -36.33 2.80
CA TYR K 109 2.35 -36.23 4.10
C TYR K 109 1.67 -37.17 5.08
N THR K 110 2.42 -37.70 6.03
CA THR K 110 1.87 -38.66 6.97
C THR K 110 2.46 -38.42 8.34
N ALA K 111 1.86 -39.06 9.34
CA ALA K 111 2.43 -39.16 10.66
C ALA K 111 1.88 -40.43 11.28
N VAL K 112 2.38 -40.81 12.44
CA VAL K 112 2.00 -42.09 13.02
C VAL K 112 1.57 -41.85 14.46
N VAL K 113 0.35 -42.28 14.78
CA VAL K 113 -0.28 -42.00 16.07
C VAL K 113 -0.57 -43.28 16.83
N PRO K 114 -0.65 -43.26 18.14
CA PRO K 114 -0.80 -44.51 18.91
C PRO K 114 -2.20 -45.03 19.20
N LEU K 115 -3.20 -44.82 18.35
CA LEU K 115 -4.59 -45.15 18.68
C LEU K 115 -4.81 -46.61 19.08
N VAL K 116 -5.81 -46.85 19.94
CA VAL K 116 -5.81 -47.98 20.86
C VAL K 116 -6.83 -49.07 20.50
N TYR K 117 -8.12 -48.81 20.70
CA TYR K 117 -9.22 -49.78 20.53
C TYR K 117 -9.01 -51.04 21.36
N GLY K 118 -9.21 -50.90 22.66
CA GLY K 118 -9.30 -52.06 23.52
C GLY K 118 -8.01 -52.36 24.24
N GLY K 119 -7.42 -53.51 23.95
CA GLY K 119 -6.15 -53.82 24.56
C GLY K 119 -5.01 -53.02 23.98
N GLU K 120 -4.67 -53.32 22.74
CA GLU K 120 -3.41 -52.93 22.12
C GLU K 120 -3.37 -51.44 21.85
N THR K 121 -2.16 -50.91 21.66
CA THR K 121 -1.95 -49.56 21.16
C THR K 121 -1.38 -49.73 19.76
N LYS K 122 -2.26 -49.91 18.79
CA LYS K 122 -1.85 -50.20 17.43
C LYS K 122 -1.46 -48.91 16.73
N MET K 123 -0.16 -48.68 16.57
CA MET K 123 0.30 -47.45 15.95
C MET K 123 0.13 -47.54 14.44
N VAL K 124 -0.91 -46.91 13.93
CA VAL K 124 -1.24 -46.96 12.52
C VAL K 124 -0.90 -45.62 11.91
N GLU K 125 -1.01 -45.53 10.59
CA GLU K 125 -0.39 -44.45 9.82
C GLU K 125 -1.46 -43.55 9.25
N THR K 126 -1.48 -42.31 9.70
CA THR K 126 -2.56 -41.40 9.36
C THR K 126 -2.29 -40.71 8.04
N ALA K 127 -2.96 -39.61 7.83
CA ALA K 127 -2.85 -38.87 6.59
C ALA K 127 -3.11 -37.43 6.97
N LEU K 128 -2.02 -36.67 7.13
CA LEU K 128 -2.10 -35.25 7.37
C LEU K 128 -2.89 -34.54 6.31
N THR K 129 -2.40 -34.57 5.08
CA THR K 129 -3.23 -34.05 4.00
C THR K 129 -3.86 -35.20 3.22
N PRO K 130 -5.18 -35.32 3.21
CA PRO K 130 -5.82 -36.42 2.49
C PRO K 130 -6.02 -35.99 1.08
N ASP K 131 -6.75 -36.77 0.27
CA ASP K 131 -6.94 -36.63 -1.18
C ASP K 131 -5.65 -36.53 -1.94
N ALA K 132 -4.54 -36.92 -1.34
CA ALA K 132 -3.26 -37.04 -1.99
C ALA K 132 -2.57 -38.33 -1.61
N CYS K 133 -2.90 -38.91 -0.46
CA CYS K 133 -2.36 -40.19 -0.01
C CYS K 133 -3.26 -41.36 -0.36
N TYR K 134 -4.00 -41.26 -1.43
CA TYR K 134 -4.76 -42.40 -1.88
C TYR K 134 -3.85 -43.30 -2.68
N PRO K 135 -3.63 -44.54 -2.28
CA PRO K 135 -2.73 -45.41 -3.05
C PRO K 135 -3.43 -45.97 -4.27
N ASP K 136 -2.63 -46.21 -5.30
CA ASP K 136 -3.14 -46.72 -6.57
C ASP K 136 -3.20 -48.25 -6.56
N LYS L 1 -0.08 -21.14 -15.76
CA LYS L 1 -1.33 -21.49 -16.39
C LYS L 1 -1.89 -22.73 -15.74
N SER L 2 -3.22 -22.81 -15.70
CA SER L 2 -3.96 -23.83 -14.98
C SER L 2 -4.43 -24.86 -15.97
N PRO L 3 -4.16 -26.14 -15.77
CA PRO L 3 -4.31 -27.12 -16.83
C PRO L 3 -5.71 -27.66 -17.06
N ILE L 4 -6.76 -27.19 -16.39
CA ILE L 4 -8.12 -27.61 -16.70
C ILE L 4 -8.50 -27.03 -18.04
N PHE L 5 -9.41 -27.69 -18.75
CA PHE L 5 -9.76 -27.20 -20.07
C PHE L 5 -11.17 -27.63 -20.37
N GLY L 6 -12.08 -26.70 -20.53
CA GLY L 6 -13.45 -27.06 -20.73
C GLY L 6 -13.99 -26.64 -22.07
N PRO L 7 -15.26 -26.26 -22.15
CA PRO L 7 -15.74 -25.54 -23.32
C PRO L 7 -15.78 -24.05 -23.06
N GLU L 8 -15.14 -23.26 -23.91
CA GLU L 8 -14.99 -21.84 -23.64
C GLU L 8 -16.28 -21.06 -23.80
N GLU L 9 -17.23 -21.57 -24.58
CA GLU L 9 -18.46 -20.87 -24.96
C GLU L 9 -19.58 -21.88 -25.19
N VAL L 10 -20.65 -21.80 -24.41
CA VAL L 10 -21.75 -22.76 -24.48
C VAL L 10 -23.03 -22.02 -24.79
N ASN L 11 -23.82 -22.54 -25.72
CA ASN L 11 -25.07 -21.93 -26.16
C ASN L 11 -26.19 -22.93 -26.04
N SER L 12 -27.26 -22.60 -25.29
CA SER L 12 -28.43 -23.49 -25.27
C SER L 12 -29.73 -22.81 -24.85
N VAL L 13 -30.81 -23.17 -25.53
CA VAL L 13 -32.12 -22.52 -25.44
C VAL L 13 -32.77 -22.88 -24.11
N GLU L 14 -33.60 -21.99 -23.57
CA GLU L 14 -34.30 -22.22 -22.30
C GLU L 14 -35.17 -23.45 -22.36
N GLY L 15 -35.20 -24.19 -21.26
CA GLY L 15 -35.86 -25.47 -21.22
C GLY L 15 -35.00 -26.64 -21.61
N ASN L 16 -34.02 -26.44 -22.48
CA ASN L 16 -33.14 -27.53 -22.89
C ASN L 16 -32.03 -27.73 -21.87
N SER L 17 -31.22 -28.76 -22.08
CA SER L 17 -30.24 -29.17 -21.10
C SER L 17 -28.84 -28.98 -21.64
N VAL L 18 -27.89 -28.93 -20.71
CA VAL L 18 -26.49 -28.64 -20.98
C VAL L 18 -25.66 -29.78 -20.42
N SER L 19 -24.65 -30.21 -21.17
CA SER L 19 -23.62 -31.10 -20.65
C SER L 19 -22.28 -30.42 -20.88
N ILE L 20 -21.55 -30.16 -19.80
CA ILE L 20 -20.31 -29.40 -19.85
C ILE L 20 -19.22 -30.29 -19.29
N THR L 21 -18.28 -30.71 -20.13
CA THR L 21 -17.20 -31.54 -19.63
C THR L 21 -16.01 -30.67 -19.34
N CYS L 22 -15.29 -30.97 -18.28
CA CYS L 22 -14.05 -30.29 -18.05
C CYS L 22 -13.01 -31.33 -17.71
N TYR L 23 -11.81 -31.19 -18.26
CA TYR L 23 -10.75 -32.17 -18.25
C TYR L 23 -9.71 -31.81 -17.20
N TYR L 24 -8.96 -32.74 -16.67
CA TYR L 24 -7.92 -32.40 -15.73
C TYR L 24 -6.76 -33.37 -15.94
N PRO L 25 -5.54 -33.01 -15.55
CA PRO L 25 -4.45 -33.94 -15.73
C PRO L 25 -4.56 -35.10 -14.78
N PRO L 26 -4.80 -36.31 -15.25
CA PRO L 26 -5.24 -37.38 -14.35
C PRO L 26 -4.23 -37.86 -13.34
N THR L 27 -3.88 -37.05 -12.37
CA THR L 27 -2.88 -37.39 -11.37
C THR L 27 -3.57 -38.26 -10.33
N SER L 28 -2.97 -38.50 -9.17
CA SER L 28 -3.73 -39.16 -8.13
C SER L 28 -4.28 -38.18 -7.11
N VAL L 29 -3.84 -36.94 -7.14
CA VAL L 29 -4.56 -35.89 -6.45
C VAL L 29 -5.78 -35.51 -7.24
N ASN L 30 -5.61 -35.18 -8.51
CA ASN L 30 -6.70 -34.69 -9.33
C ASN L 30 -7.78 -35.71 -9.55
N ARG L 31 -7.53 -36.99 -9.38
CA ARG L 31 -8.62 -37.94 -9.44
C ARG L 31 -9.55 -37.81 -8.26
N HIS L 32 -9.01 -37.50 -7.08
CA HIS L 32 -9.71 -37.61 -5.82
C HIS L 32 -9.99 -36.29 -5.14
N THR L 33 -9.51 -35.18 -5.64
CA THR L 33 -9.71 -33.90 -5.00
C THR L 33 -11.07 -33.36 -5.40
N ARG L 34 -11.55 -32.37 -4.68
CA ARG L 34 -12.91 -31.87 -4.84
C ARG L 34 -13.08 -31.12 -6.13
N LYS L 35 -14.15 -31.39 -6.88
CA LYS L 35 -14.39 -30.79 -8.18
C LYS L 35 -15.63 -29.94 -8.17
N TYR L 36 -15.51 -28.66 -8.46
CA TYR L 36 -16.63 -27.76 -8.28
C TYR L 36 -17.12 -27.21 -9.58
N TRP L 37 -18.20 -26.47 -9.52
CA TRP L 37 -18.68 -25.71 -10.66
C TRP L 37 -19.32 -24.48 -10.05
N CYS L 38 -18.57 -23.41 -10.01
CA CYS L 38 -18.99 -22.25 -9.25
C CYS L 38 -19.42 -21.17 -10.18
N ARG L 39 -20.28 -20.30 -9.69
CA ARG L 39 -20.79 -19.19 -10.47
C ARG L 39 -20.06 -17.93 -10.08
N GLN L 40 -19.17 -17.47 -10.95
CA GLN L 40 -18.45 -16.23 -10.73
C GLN L 40 -19.43 -15.12 -10.93
N GLY L 41 -19.92 -14.54 -9.85
CA GLY L 41 -20.85 -13.47 -9.93
C GLY L 41 -20.13 -12.15 -10.09
N ALA L 42 -20.88 -11.08 -9.96
CA ALA L 42 -20.32 -9.75 -9.83
C ALA L 42 -20.24 -9.40 -8.36
N ARG L 43 -19.24 -8.57 -8.03
CA ARG L 43 -18.79 -8.06 -6.73
C ARG L 43 -18.01 -9.13 -5.97
N GLY L 44 -18.05 -10.37 -6.42
CA GLY L 44 -17.09 -11.29 -5.86
C GLY L 44 -17.32 -12.78 -5.96
N GLY L 45 -16.24 -13.46 -6.34
CA GLY L 45 -15.98 -14.82 -5.97
C GLY L 45 -16.88 -15.90 -6.52
N CYS L 46 -16.48 -17.13 -6.27
CA CYS L 46 -17.31 -18.25 -6.63
C CYS L 46 -18.29 -18.51 -5.53
N ILE L 47 -19.49 -18.88 -5.93
CA ILE L 47 -20.52 -19.37 -5.03
C ILE L 47 -20.79 -20.78 -5.51
N THR L 48 -20.35 -21.81 -4.80
CA THR L 48 -20.33 -23.14 -5.36
C THR L 48 -21.72 -23.67 -5.62
N LEU L 49 -22.11 -23.77 -6.87
CA LEU L 49 -23.45 -24.22 -7.16
C LEU L 49 -23.58 -25.72 -7.02
N ILE L 50 -22.62 -26.49 -7.49
CA ILE L 50 -22.72 -27.91 -7.31
C ILE L 50 -21.35 -28.52 -7.14
N SER L 51 -20.97 -28.88 -5.94
CA SER L 51 -19.69 -29.50 -5.78
C SER L 51 -19.77 -30.97 -6.12
N SER L 52 -18.66 -31.66 -6.04
CA SER L 52 -18.67 -33.08 -6.37
C SER L 52 -18.67 -33.97 -5.17
N GLU L 53 -18.33 -33.45 -4.00
CA GLU L 53 -18.46 -34.21 -2.78
C GLU L 53 -19.91 -34.56 -2.50
N GLY L 54 -20.81 -33.66 -2.83
CA GLY L 54 -22.21 -33.99 -2.70
C GLY L 54 -23.07 -32.80 -2.39
N TYR L 55 -22.47 -31.64 -2.20
CA TYR L 55 -23.24 -30.43 -2.11
C TYR L 55 -23.90 -30.15 -3.44
N VAL L 56 -25.13 -29.67 -3.41
CA VAL L 56 -25.87 -29.18 -4.57
C VAL L 56 -26.70 -28.03 -4.05
N SER L 57 -26.60 -26.86 -4.69
CA SER L 57 -27.02 -25.64 -4.02
C SER L 57 -28.52 -25.54 -3.90
N SER L 58 -28.98 -24.42 -3.37
CA SER L 58 -30.41 -24.18 -3.27
C SER L 58 -31.02 -23.94 -4.64
N LYS L 59 -30.29 -23.22 -5.49
CA LYS L 59 -30.73 -22.98 -6.86
C LYS L 59 -30.75 -24.25 -7.68
N TYR L 60 -29.63 -24.96 -7.77
CA TYR L 60 -29.51 -26.08 -8.69
C TYR L 60 -30.02 -27.38 -8.11
N ALA L 61 -31.00 -27.34 -7.22
CA ALA L 61 -31.47 -28.56 -6.58
C ALA L 61 -32.56 -29.19 -7.42
N GLY L 62 -32.34 -30.43 -7.82
CA GLY L 62 -33.27 -31.15 -8.67
C GLY L 62 -32.99 -31.06 -10.14
N ARG L 63 -32.14 -30.13 -10.56
CA ARG L 63 -31.88 -29.90 -11.96
C ARG L 63 -30.42 -30.10 -12.39
N ALA L 64 -29.50 -30.36 -11.48
CA ALA L 64 -28.10 -30.50 -11.83
C ALA L 64 -27.54 -31.77 -11.23
N ASN L 65 -26.64 -32.42 -11.95
CA ASN L 65 -25.75 -33.38 -11.32
C ASN L 65 -24.37 -33.30 -11.93
N LEU L 66 -23.34 -33.37 -11.07
CA LEU L 66 -21.94 -33.38 -11.45
C LEU L 66 -21.42 -34.77 -11.22
N THR L 67 -20.94 -35.43 -12.26
CA THR L 67 -20.29 -36.72 -12.08
C THR L 67 -18.82 -36.60 -12.43
N ASN L 68 -18.07 -37.65 -12.18
CA ASN L 68 -16.62 -37.60 -12.24
C ASN L 68 -16.11 -38.90 -12.82
N PHE L 69 -15.48 -38.86 -13.99
CA PHE L 69 -14.87 -40.04 -14.60
C PHE L 69 -13.37 -39.91 -14.42
N PRO L 70 -12.76 -40.51 -13.41
CA PRO L 70 -11.35 -40.25 -13.18
C PRO L 70 -10.43 -41.01 -14.10
N GLU L 71 -10.85 -42.14 -14.65
CA GLU L 71 -10.00 -42.84 -15.59
C GLU L 71 -10.02 -42.19 -16.96
N ASN L 72 -11.20 -41.76 -17.42
CA ASN L 72 -11.33 -40.94 -18.62
C ASN L 72 -10.61 -39.62 -18.47
N GLY L 73 -10.35 -39.19 -17.24
CA GLY L 73 -9.70 -37.95 -16.92
C GLY L 73 -10.56 -36.73 -17.13
N THR L 74 -11.80 -36.70 -16.65
CA THR L 74 -12.71 -35.60 -16.89
C THR L 74 -13.87 -35.65 -15.91
N PHE L 75 -14.60 -34.55 -15.77
CA PHE L 75 -15.81 -34.52 -14.96
C PHE L 75 -16.88 -33.74 -15.67
N VAL L 76 -18.12 -34.18 -15.59
CA VAL L 76 -19.16 -33.66 -16.46
C VAL L 76 -20.32 -33.12 -15.66
N VAL L 77 -20.81 -31.95 -16.04
CA VAL L 77 -21.87 -31.27 -15.33
C VAL L 77 -23.10 -31.25 -16.23
N ASN L 78 -24.16 -31.93 -15.81
CA ASN L 78 -25.42 -31.93 -16.54
C ASN L 78 -26.36 -30.96 -15.84
N ILE L 79 -26.95 -30.04 -16.59
CA ILE L 79 -27.86 -29.05 -16.02
C ILE L 79 -29.11 -29.04 -16.88
N ALA L 80 -30.24 -29.46 -16.34
CA ALA L 80 -31.50 -29.37 -17.06
C ALA L 80 -32.29 -28.17 -16.56
N GLN L 81 -33.34 -27.83 -17.29
CA GLN L 81 -34.24 -26.71 -16.98
C GLN L 81 -33.49 -25.39 -16.88
N LEU L 82 -32.94 -24.97 -18.01
CA LEU L 82 -32.28 -23.68 -18.07
C LEU L 82 -33.30 -22.57 -18.02
N SER L 83 -32.84 -21.38 -17.73
CA SER L 83 -33.69 -20.20 -17.78
C SER L 83 -32.75 -19.09 -18.14
N GLN L 84 -33.22 -17.86 -18.08
CA GLN L 84 -32.28 -16.81 -18.40
C GLN L 84 -31.60 -16.24 -17.18
N ASP L 85 -31.80 -16.81 -16.01
CA ASP L 85 -30.88 -16.52 -14.92
C ASP L 85 -29.70 -17.46 -14.91
N ASP L 86 -29.70 -18.47 -15.78
CA ASP L 86 -28.58 -19.37 -15.96
C ASP L 86 -27.57 -18.84 -16.96
N SER L 87 -27.62 -17.56 -17.28
CA SER L 87 -26.65 -16.96 -18.18
C SER L 87 -25.65 -16.17 -17.38
N GLY L 88 -24.46 -16.02 -17.94
CA GLY L 88 -23.38 -15.41 -17.21
C GLY L 88 -22.07 -16.16 -17.24
N ARG L 89 -21.34 -16.14 -16.12
CA ARG L 89 -19.93 -16.49 -16.09
C ARG L 89 -19.64 -17.51 -15.01
N TYR L 90 -19.20 -18.71 -15.42
CA TYR L 90 -19.05 -19.90 -14.60
C TYR L 90 -17.62 -20.40 -14.64
N LYS L 91 -17.22 -21.20 -13.65
CA LYS L 91 -15.91 -21.83 -13.63
C LYS L 91 -16.06 -23.30 -13.31
N CYS L 92 -15.36 -24.16 -14.01
CA CYS L 92 -15.29 -25.57 -13.63
C CYS L 92 -13.91 -25.88 -13.11
N GLY L 93 -13.80 -26.52 -11.96
CA GLY L 93 -12.47 -26.53 -11.41
C GLY L 93 -12.25 -27.59 -10.36
N LEU L 94 -11.12 -27.54 -9.71
CA LEU L 94 -10.74 -28.53 -8.75
C LEU L 94 -10.19 -27.87 -7.50
N GLY L 95 -10.25 -28.56 -6.39
CA GLY L 95 -9.70 -28.01 -5.19
C GLY L 95 -10.57 -26.89 -4.65
N ILE L 96 -9.94 -25.95 -3.97
CA ILE L 96 -10.59 -24.81 -3.34
C ILE L 96 -11.02 -23.83 -4.40
N ASN L 97 -12.04 -23.01 -4.12
CA ASN L 97 -12.59 -22.07 -5.07
C ASN L 97 -11.63 -20.95 -5.41
N SER L 98 -10.85 -20.50 -4.45
CA SER L 98 -10.05 -19.31 -4.65
C SER L 98 -8.84 -19.61 -5.49
N ARG L 99 -8.19 -20.75 -5.28
CA ARG L 99 -6.84 -20.92 -5.75
C ARG L 99 -6.64 -21.25 -7.21
N GLY L 100 -7.38 -20.69 -8.14
CA GLY L 100 -7.20 -21.08 -9.52
C GLY L 100 -7.52 -22.54 -9.71
N LEU L 101 -6.74 -23.27 -10.51
CA LEU L 101 -7.08 -24.60 -10.98
C LEU L 101 -8.51 -24.62 -11.51
N SER L 102 -8.74 -23.92 -12.59
CA SER L 102 -10.10 -23.76 -13.00
C SER L 102 -10.15 -23.47 -14.45
N PHE L 103 -11.35 -23.35 -14.96
CA PHE L 103 -11.53 -22.92 -16.33
C PHE L 103 -12.80 -22.10 -16.36
N ASP L 104 -12.91 -21.22 -17.31
CA ASP L 104 -13.94 -20.21 -17.34
C ASP L 104 -14.90 -20.48 -18.47
N VAL L 105 -16.03 -21.07 -18.16
CA VAL L 105 -17.11 -21.31 -19.09
C VAL L 105 -17.99 -20.08 -19.07
N SER L 106 -18.52 -19.70 -20.21
CA SER L 106 -19.41 -18.55 -20.30
C SER L 106 -20.73 -19.09 -20.79
N LEU L 107 -21.68 -19.25 -19.88
CA LEU L 107 -22.94 -19.85 -20.26
C LEU L 107 -23.83 -18.76 -20.81
N GLU L 108 -24.49 -19.04 -21.93
CA GLU L 108 -25.24 -18.00 -22.64
C GLU L 108 -26.51 -18.59 -23.24
N VAL L 109 -27.66 -18.34 -22.58
CA VAL L 109 -28.93 -18.95 -22.92
C VAL L 109 -29.69 -18.05 -23.87
N SER L 110 -30.47 -18.67 -24.75
CA SER L 110 -31.15 -17.97 -25.80
C SER L 110 -32.64 -18.29 -25.71
N GLN L 111 -33.46 -17.42 -26.27
CA GLN L 111 -34.89 -17.57 -26.18
C GLN L 111 -35.45 -18.20 -27.46
N GLY L 112 -36.39 -19.10 -27.29
CA GLY L 112 -37.03 -19.75 -28.42
C GLY L 112 -37.97 -18.84 -29.18
N LYS L 120 -41.44 -21.27 -43.33
CA LYS L 120 -40.73 -22.44 -42.81
C LYS L 120 -39.51 -22.02 -42.01
N VAL L 121 -38.56 -22.95 -41.91
CA VAL L 121 -37.32 -22.73 -41.16
C VAL L 121 -36.30 -23.73 -41.69
N TYR L 122 -35.02 -23.35 -41.66
CA TYR L 122 -33.93 -24.22 -42.09
C TYR L 122 -32.74 -23.98 -41.19
N THR L 123 -31.94 -25.01 -40.95
CA THR L 123 -30.73 -24.85 -40.13
C THR L 123 -29.64 -25.78 -40.66
N VAL L 124 -28.64 -25.17 -41.31
CA VAL L 124 -27.66 -25.90 -42.09
C VAL L 124 -26.30 -25.60 -41.48
N ASP L 125 -25.31 -26.43 -41.80
CA ASP L 125 -23.91 -26.07 -41.59
C ASP L 125 -23.32 -25.55 -42.91
N LEU L 126 -22.13 -24.94 -42.80
CA LEU L 126 -21.52 -24.12 -43.85
C LEU L 126 -21.31 -24.91 -45.12
N GLY L 127 -21.47 -24.23 -46.24
CA GLY L 127 -21.11 -24.78 -47.55
C GLY L 127 -21.97 -25.89 -48.11
N ARG L 128 -22.98 -26.33 -47.38
CA ARG L 128 -23.77 -27.48 -47.78
C ARG L 128 -24.78 -27.07 -48.85
N THR L 129 -25.79 -27.91 -49.03
CA THR L 129 -26.96 -27.56 -49.80
C THR L 129 -28.03 -27.05 -48.82
N VAL L 130 -29.06 -26.38 -49.34
CA VAL L 130 -30.36 -26.39 -48.69
C VAL L 130 -31.44 -26.24 -49.77
N THR L 131 -32.63 -26.74 -49.48
CA THR L 131 -33.79 -26.69 -50.38
C THR L 131 -34.87 -25.79 -49.77
N ILE L 132 -34.87 -24.52 -50.17
CA ILE L 132 -35.88 -23.56 -49.75
C ILE L 132 -37.19 -23.91 -50.42
N ASN L 133 -38.17 -24.40 -49.65
CA ASN L 133 -39.42 -24.84 -50.24
C ASN L 133 -40.54 -23.85 -49.95
N CYS L 134 -41.40 -23.63 -50.95
CA CYS L 134 -42.48 -22.62 -50.87
C CYS L 134 -43.72 -23.03 -51.66
N PRO L 135 -44.89 -23.08 -51.01
CA PRO L 135 -46.12 -23.48 -51.70
C PRO L 135 -46.76 -22.35 -52.49
N PHE L 136 -47.48 -22.73 -53.54
CA PHE L 136 -48.11 -21.77 -54.44
C PHE L 136 -49.50 -22.30 -54.83
N LYS L 137 -50.23 -21.51 -55.61
CA LYS L 137 -51.59 -21.86 -55.99
C LYS L 137 -51.64 -22.08 -57.49
N THR L 138 -52.76 -22.64 -57.94
CA THR L 138 -52.86 -23.15 -59.31
C THR L 138 -53.03 -22.02 -60.32
N GLU L 139 -53.57 -20.88 -59.87
CA GLU L 139 -53.82 -19.75 -60.77
C GLU L 139 -52.53 -19.06 -61.22
N ASN L 140 -51.41 -19.33 -60.57
CA ASN L 140 -50.12 -18.75 -60.93
C ASN L 140 -49.12 -19.79 -61.41
N ALA L 141 -49.57 -20.90 -62.01
CA ALA L 141 -48.70 -22.05 -62.24
C ALA L 141 -47.70 -21.84 -63.39
N GLN L 142 -47.68 -20.67 -64.01
CA GLN L 142 -46.68 -20.31 -65.01
C GLN L 142 -46.03 -18.96 -64.76
N LYS L 143 -46.27 -18.35 -63.60
CA LYS L 143 -45.84 -16.98 -63.40
C LYS L 143 -44.37 -16.91 -63.02
N ARG L 144 -43.88 -15.68 -62.94
CA ARG L 144 -42.48 -15.39 -62.64
C ARG L 144 -42.23 -15.67 -61.17
N LYS L 145 -41.98 -16.94 -60.85
CA LYS L 145 -41.71 -17.29 -59.47
C LYS L 145 -40.34 -16.76 -59.06
N SER L 146 -40.18 -16.49 -57.77
CA SER L 146 -38.95 -15.83 -57.38
C SER L 146 -38.67 -15.99 -55.90
N LEU L 147 -37.40 -15.75 -55.57
CA LEU L 147 -36.94 -15.70 -54.18
C LEU L 147 -36.19 -14.40 -53.96
N TYR L 148 -36.59 -13.63 -52.96
CA TYR L 148 -35.94 -12.38 -52.61
C TYR L 148 -35.45 -12.42 -51.17
N LYS L 149 -34.51 -11.54 -50.85
CA LYS L 149 -33.93 -11.52 -49.52
C LYS L 149 -34.28 -10.23 -48.79
N GLN L 150 -34.67 -10.38 -47.53
CA GLN L 150 -35.12 -9.26 -46.72
C GLN L 150 -33.91 -8.64 -46.03
N ILE L 151 -33.34 -7.62 -46.66
CA ILE L 151 -32.34 -6.78 -46.03
C ILE L 151 -32.70 -5.32 -46.27
N GLY L 152 -32.75 -4.54 -45.19
CA GLY L 152 -32.99 -3.11 -45.31
C GLY L 152 -34.44 -2.77 -45.53
N LEU L 153 -35.35 -3.55 -44.93
CA LEU L 153 -36.81 -3.38 -44.97
C LEU L 153 -37.34 -3.36 -46.40
N TYR L 154 -36.69 -4.08 -47.30
CA TYR L 154 -37.08 -4.16 -48.70
C TYR L 154 -36.50 -5.43 -49.29
N PRO L 155 -37.33 -6.27 -49.93
CA PRO L 155 -36.79 -7.40 -50.70
C PRO L 155 -35.88 -6.98 -51.85
N VAL L 156 -34.60 -7.31 -51.73
CA VAL L 156 -33.63 -7.13 -52.79
C VAL L 156 -33.77 -8.36 -53.68
N LEU L 157 -33.45 -8.24 -54.95
CA LEU L 157 -33.55 -9.37 -55.86
C LEU L 157 -32.39 -10.36 -55.62
N VAL L 158 -32.73 -11.64 -55.46
CA VAL L 158 -31.71 -12.70 -55.49
C VAL L 158 -31.96 -13.62 -56.67
N ILE L 159 -33.10 -14.31 -56.71
CA ILE L 159 -33.37 -15.25 -57.79
C ILE L 159 -34.64 -14.84 -58.52
N ASP L 160 -34.49 -14.55 -59.80
CA ASP L 160 -35.58 -14.36 -60.73
C ASP L 160 -35.69 -15.59 -61.62
N SER L 161 -36.74 -15.61 -62.44
CA SER L 161 -37.03 -16.79 -63.23
C SER L 161 -36.26 -16.80 -64.53
N SER L 162 -36.06 -15.63 -65.13
CA SER L 162 -35.58 -15.54 -66.51
C SER L 162 -34.10 -15.88 -66.66
N GLY L 163 -33.39 -16.09 -65.58
CA GLY L 163 -31.99 -16.43 -65.62
C GLY L 163 -31.08 -15.45 -64.93
N TYR L 164 -31.60 -14.58 -64.08
CA TYR L 164 -30.78 -13.68 -63.29
C TYR L 164 -30.47 -14.32 -61.94
N VAL L 165 -29.20 -14.26 -61.55
CA VAL L 165 -28.75 -14.57 -60.20
C VAL L 165 -27.86 -13.42 -59.74
N ASN L 166 -27.83 -13.19 -58.44
CA ASN L 166 -27.24 -11.96 -57.92
C ASN L 166 -25.72 -12.03 -57.95
N PRO L 167 -25.04 -10.90 -58.06
CA PRO L 167 -23.59 -10.87 -57.76
C PRO L 167 -23.23 -11.33 -56.36
N ASN L 168 -24.13 -11.20 -55.38
CA ASN L 168 -23.84 -11.79 -54.09
C ASN L 168 -24.08 -13.29 -54.07
N TYR L 169 -24.78 -13.84 -55.08
CA TYR L 169 -25.18 -15.25 -55.10
C TYR L 169 -24.94 -15.89 -56.46
N THR L 170 -23.75 -15.70 -57.04
CA THR L 170 -23.54 -16.00 -58.45
C THR L 170 -23.48 -17.50 -58.74
N GLY L 171 -24.42 -17.95 -59.56
CA GLY L 171 -24.36 -19.29 -60.15
C GLY L 171 -24.63 -20.47 -59.24
N ARG L 172 -24.47 -20.30 -57.93
CA ARG L 172 -24.41 -21.41 -57.00
C ARG L 172 -25.77 -21.94 -56.59
N ILE L 173 -26.82 -21.61 -57.33
CA ILE L 173 -28.19 -21.90 -56.91
C ILE L 173 -29.04 -22.22 -58.13
N ARG L 174 -29.86 -23.26 -58.03
CA ARG L 174 -30.79 -23.64 -59.08
C ARG L 174 -32.21 -23.70 -58.50
N LEU L 175 -33.18 -23.97 -59.37
CA LEU L 175 -34.59 -23.72 -59.08
C LEU L 175 -35.42 -24.96 -59.37
N ASP L 176 -36.08 -25.48 -58.34
CA ASP L 176 -36.99 -26.59 -58.51
C ASP L 176 -38.36 -26.10 -59.01
N PHE L 185 -43.50 -25.43 -55.92
CA PHE L 185 -42.13 -25.21 -56.38
C PHE L 185 -41.18 -25.03 -55.22
N SER L 186 -39.88 -24.96 -55.52
CA SER L 186 -38.83 -24.79 -54.52
C SER L 186 -37.59 -24.23 -55.20
N VAL L 187 -36.54 -24.06 -54.43
CA VAL L 187 -35.30 -23.53 -54.95
C VAL L 187 -34.14 -24.07 -54.11
N VAL L 188 -33.13 -24.64 -54.76
CA VAL L 188 -32.00 -25.24 -54.06
C VAL L 188 -30.79 -24.30 -54.14
N ILE L 189 -30.25 -23.93 -52.99
CA ILE L 189 -29.02 -23.16 -52.96
C ILE L 189 -27.90 -24.11 -52.54
N ASN L 190 -26.70 -23.82 -53.03
CA ASN L 190 -25.51 -24.60 -52.71
C ASN L 190 -24.39 -23.67 -52.27
N GLN L 191 -23.50 -24.23 -51.47
CA GLN L 191 -22.38 -23.53 -50.85
C GLN L 191 -22.87 -22.35 -50.02
N LEU L 192 -23.57 -22.67 -48.94
CA LEU L 192 -23.99 -21.63 -48.01
C LEU L 192 -22.80 -21.12 -47.21
N ARG L 193 -22.53 -19.82 -47.31
CA ARG L 193 -21.56 -19.15 -46.47
C ARG L 193 -22.27 -18.30 -45.44
N LEU L 194 -21.56 -18.03 -44.35
CA LEU L 194 -22.17 -17.55 -43.11
C LEU L 194 -22.79 -16.18 -43.26
N SER L 195 -22.29 -15.39 -44.21
CA SER L 195 -22.89 -14.09 -44.52
C SER L 195 -24.24 -14.26 -45.19
N ASP L 196 -24.46 -15.40 -45.84
CA ASP L 196 -25.72 -15.58 -46.54
C ASP L 196 -26.75 -16.24 -45.72
N ALA L 197 -26.63 -16.26 -44.40
CA ALA L 197 -27.61 -16.92 -43.53
C ALA L 197 -28.79 -15.99 -43.29
N GLY L 198 -29.57 -15.78 -44.35
CA GLY L 198 -30.59 -14.76 -44.29
C GLY L 198 -32.00 -15.29 -44.15
N GLN L 199 -32.93 -14.38 -43.81
CA GLN L 199 -34.34 -14.68 -43.60
C GLN L 199 -35.11 -14.21 -44.84
N TYR L 200 -35.30 -15.12 -45.77
CA TYR L 200 -35.67 -14.74 -47.13
C TYR L 200 -37.18 -14.66 -47.25
N LEU L 201 -37.67 -14.61 -48.50
CA LEU L 201 -39.09 -14.56 -48.80
C LEU L 201 -39.31 -15.07 -50.21
N CYS L 202 -40.42 -15.74 -50.43
CA CYS L 202 -40.70 -16.29 -51.75
C CYS L 202 -42.05 -15.83 -52.26
N GLN L 203 -42.10 -15.54 -53.55
CA GLN L 203 -43.29 -14.99 -54.17
C GLN L 203 -43.52 -15.65 -55.52
N ALA L 204 -44.78 -15.94 -55.83
CA ALA L 204 -45.16 -16.40 -57.16
C ALA L 204 -45.32 -15.25 -58.13
N SER L 210 -51.07 -14.33 -56.31
CA SER L 210 -50.29 -13.21 -55.83
C SER L 210 -49.69 -13.51 -54.46
N ASN L 211 -49.65 -14.79 -54.10
CA ASN L 211 -49.38 -15.17 -52.72
C ASN L 211 -47.89 -15.04 -52.40
N LYS L 212 -47.59 -15.25 -51.11
CA LYS L 212 -46.23 -15.14 -50.59
C LYS L 212 -46.02 -16.22 -49.54
N LYS L 213 -44.76 -16.35 -49.11
CA LYS L 213 -44.45 -17.02 -47.85
C LYS L 213 -43.11 -16.49 -47.36
N ASN L 214 -42.87 -16.56 -46.05
CA ASN L 214 -41.54 -16.25 -45.55
C ASN L 214 -40.61 -17.45 -45.77
N ALA L 215 -39.32 -17.26 -45.45
CA ALA L 215 -38.33 -18.31 -45.54
C ALA L 215 -37.17 -17.93 -44.63
N ASP L 216 -36.73 -18.86 -43.79
CA ASP L 216 -35.77 -18.58 -42.74
C ASP L 216 -34.62 -19.59 -42.79
N LEU L 217 -33.37 -19.11 -42.79
CA LEU L 217 -32.18 -19.94 -43.00
C LEU L 217 -31.09 -19.60 -42.00
N GLN L 218 -30.95 -20.37 -40.94
CA GLN L 218 -29.78 -20.18 -40.08
C GLN L 218 -28.66 -21.12 -40.52
N VAL L 219 -27.43 -20.64 -40.52
CA VAL L 219 -26.25 -21.43 -40.88
C VAL L 219 -25.28 -21.40 -39.72
N LEU L 220 -25.17 -22.52 -38.98
CA LEU L 220 -24.38 -22.54 -37.76
C LEU L 220 -22.88 -22.61 -38.07
N LYS L 221 -22.07 -22.11 -37.15
CA LYS L 221 -20.62 -22.25 -37.25
C LYS L 221 -20.23 -23.52 -36.52
N PRO L 222 -19.47 -24.43 -37.14
CA PRO L 222 -19.31 -25.78 -36.58
C PRO L 222 -18.47 -25.78 -35.33
N GLU L 223 -19.01 -26.37 -34.31
CA GLU L 223 -18.60 -26.20 -32.94
C GLU L 223 -17.30 -26.91 -32.64
N PRO L 224 -16.55 -26.43 -31.67
CA PRO L 224 -15.36 -27.13 -31.22
C PRO L 224 -15.61 -28.55 -30.76
N GLU L 225 -14.57 -29.38 -30.83
CA GLU L 225 -14.62 -30.80 -30.56
C GLU L 225 -13.48 -31.18 -29.66
N LEU L 226 -13.41 -30.50 -28.51
CA LEU L 226 -12.28 -30.35 -27.59
C LEU L 226 -11.40 -31.59 -27.43
N VAL L 227 -10.10 -31.37 -27.54
CA VAL L 227 -9.06 -32.39 -27.66
C VAL L 227 -8.00 -32.02 -26.65
N TYR L 228 -8.00 -32.61 -25.51
CA TYR L 228 -7.03 -32.24 -24.49
C TYR L 228 -5.85 -33.17 -24.61
N GLU L 229 -4.78 -32.74 -25.24
CA GLU L 229 -3.61 -33.59 -25.37
C GLU L 229 -2.46 -33.08 -24.54
N ASP L 230 -1.33 -33.73 -24.72
CA ASP L 230 -0.25 -33.65 -23.76
C ASP L 230 0.97 -32.99 -24.37
N LEU L 231 1.83 -32.50 -23.50
CA LEU L 231 3.07 -31.91 -23.98
C LEU L 231 4.00 -33.06 -24.31
N ARG L 232 4.64 -32.99 -25.47
CA ARG L 232 5.41 -34.09 -26.05
C ARG L 232 4.59 -35.36 -26.19
N GLY L 233 3.34 -35.24 -26.58
CA GLY L 233 2.52 -36.38 -26.89
C GLY L 233 2.14 -36.25 -28.34
N SER L 234 0.96 -36.68 -28.71
CA SER L 234 0.59 -36.59 -30.10
C SER L 234 -0.91 -36.52 -30.19
N VAL L 235 -1.41 -36.21 -31.38
CA VAL L 235 -2.83 -35.98 -31.54
C VAL L 235 -3.24 -36.49 -32.92
N THR L 236 -4.46 -37.00 -33.01
CA THR L 236 -5.00 -37.54 -34.24
C THR L 236 -6.32 -36.86 -34.54
N PHE L 237 -6.32 -36.01 -35.54
CA PHE L 237 -7.51 -35.32 -36.01
C PHE L 237 -8.25 -36.23 -36.98
N HIS L 238 -9.47 -36.62 -36.64
CA HIS L 238 -10.23 -37.57 -37.45
C HIS L 238 -11.19 -36.80 -38.34
N CYS L 239 -10.75 -36.39 -39.52
CA CYS L 239 -11.55 -35.54 -40.39
C CYS L 239 -12.47 -36.42 -41.24
N ALA L 240 -13.76 -36.39 -40.93
CA ALA L 240 -14.78 -37.20 -41.61
C ALA L 240 -15.71 -36.29 -42.38
N LEU L 241 -15.73 -36.43 -43.71
CA LEU L 241 -16.59 -35.56 -44.51
C LEU L 241 -17.42 -36.38 -45.49
N GLY L 242 -18.09 -35.71 -46.43
CA GLY L 242 -19.17 -36.33 -47.15
C GLY L 242 -18.90 -36.65 -48.60
N PRO L 243 -19.85 -37.33 -49.26
CA PRO L 243 -19.64 -37.73 -50.65
C PRO L 243 -19.78 -36.59 -51.63
N GLU L 244 -20.19 -35.42 -51.18
CA GLU L 244 -20.07 -34.23 -52.00
C GLU L 244 -18.65 -33.70 -52.03
N VAL L 245 -17.88 -33.95 -50.98
CA VAL L 245 -16.55 -33.36 -50.83
C VAL L 245 -15.45 -34.41 -50.79
N ALA L 246 -15.62 -35.52 -51.51
CA ALA L 246 -14.62 -36.56 -51.51
C ALA L 246 -13.38 -36.13 -52.29
N ASN L 247 -13.59 -35.64 -53.51
CA ASN L 247 -12.49 -35.31 -54.41
C ASN L 247 -12.04 -33.87 -54.29
N VAL L 248 -12.62 -33.12 -53.39
CA VAL L 248 -12.18 -31.76 -53.16
C VAL L 248 -10.89 -31.81 -52.36
N ALA L 249 -10.01 -30.86 -52.61
CA ALA L 249 -8.67 -30.93 -52.04
C ALA L 249 -8.63 -30.56 -50.56
N LYS L 250 -8.66 -31.57 -49.70
CA LYS L 250 -8.84 -31.37 -48.27
C LYS L 250 -7.64 -30.67 -47.64
N PHE L 251 -7.88 -29.99 -46.53
CA PHE L 251 -6.79 -29.31 -45.86
C PHE L 251 -7.02 -29.27 -44.37
N LEU L 252 -6.07 -28.66 -43.67
CA LEU L 252 -6.15 -28.44 -42.23
C LEU L 252 -5.57 -27.06 -41.94
N CYS L 253 -6.39 -26.01 -41.85
CA CYS L 253 -5.80 -24.72 -41.48
C CYS L 253 -5.71 -24.64 -39.98
N ARG L 254 -5.38 -23.47 -39.48
CA ARG L 254 -5.25 -23.28 -38.04
C ARG L 254 -5.61 -21.83 -37.75
N GLN L 255 -6.88 -21.58 -37.43
CA GLN L 255 -7.42 -20.22 -37.40
C GLN L 255 -6.78 -19.38 -36.31
N SER L 256 -5.83 -18.55 -36.70
CA SER L 256 -5.05 -17.75 -35.76
C SER L 256 -5.68 -16.37 -35.58
N SER L 257 -4.94 -15.47 -34.92
CA SER L 257 -5.45 -14.36 -34.12
C SER L 257 -6.28 -13.35 -34.90
N GLY L 258 -6.17 -13.31 -36.22
CA GLY L 258 -7.05 -12.49 -37.03
C GLY L 258 -8.16 -13.33 -37.62
N GLU L 259 -8.36 -13.22 -38.93
CA GLU L 259 -9.30 -14.08 -39.62
C GLU L 259 -8.62 -15.13 -40.47
N ASN L 260 -7.31 -14.99 -40.70
CA ASN L 260 -6.65 -15.86 -41.65
C ASN L 260 -6.32 -17.23 -41.05
N CYS L 261 -6.28 -18.22 -41.93
CA CYS L 261 -5.84 -19.57 -41.61
C CYS L 261 -4.45 -19.83 -42.18
N ASP L 262 -3.43 -19.82 -41.33
CA ASP L 262 -2.12 -20.27 -41.77
C ASP L 262 -2.12 -21.79 -41.90
N VAL L 263 -2.31 -22.26 -43.14
CA VAL L 263 -2.54 -23.65 -43.48
C VAL L 263 -1.40 -24.54 -42.99
N VAL L 264 -1.69 -25.80 -42.70
CA VAL L 264 -0.68 -26.65 -42.07
C VAL L 264 -0.39 -27.87 -42.93
N VAL L 265 -1.40 -28.47 -43.52
CA VAL L 265 -1.18 -29.53 -44.48
C VAL L 265 -1.92 -29.11 -45.74
N ASN L 266 -1.99 -30.02 -46.69
CA ASN L 266 -2.87 -29.91 -47.84
C ASN L 266 -3.04 -31.32 -48.37
N THR L 267 -3.69 -31.45 -49.50
CA THR L 267 -3.53 -32.68 -50.26
C THR L 267 -2.85 -32.42 -51.59
N LEU L 268 -2.76 -31.17 -52.00
CA LEU L 268 -2.07 -30.80 -53.23
C LEU L 268 -0.61 -30.43 -53.02
N GLY L 269 -0.11 -30.58 -51.80
CA GLY L 269 1.33 -30.47 -51.64
C GLY L 269 1.87 -29.85 -50.38
N LYS L 270 1.27 -28.76 -49.90
CA LYS L 270 1.90 -27.84 -48.97
C LYS L 270 2.11 -28.51 -47.61
N ARG L 271 2.96 -27.88 -46.80
CA ARG L 271 3.01 -28.11 -45.37
C ARG L 271 3.61 -26.88 -44.74
N ALA L 272 4.09 -27.02 -43.52
CA ALA L 272 4.54 -25.84 -42.84
C ALA L 272 6.05 -25.87 -42.67
N PRO L 273 6.70 -24.73 -42.51
CA PRO L 273 8.09 -24.74 -42.06
C PRO L 273 8.21 -25.19 -40.62
N ALA L 274 7.12 -25.07 -39.86
CA ALA L 274 7.11 -25.51 -38.48
C ALA L 274 7.00 -27.02 -38.38
N PHE L 275 5.94 -27.59 -38.92
CA PHE L 275 5.66 -29.01 -38.76
C PHE L 275 6.48 -29.77 -39.76
N GLU L 276 7.79 -29.87 -39.52
CA GLU L 276 8.65 -30.70 -40.34
C GLU L 276 8.88 -32.02 -39.62
N GLY L 277 8.62 -33.12 -40.32
CA GLY L 277 8.84 -34.44 -39.74
C GLY L 277 7.67 -35.02 -38.99
N ARG L 278 6.64 -34.23 -38.71
CA ARG L 278 5.60 -34.55 -37.73
C ARG L 278 4.22 -34.77 -38.32
N ILE L 279 3.78 -33.99 -39.30
CA ILE L 279 2.45 -34.19 -39.85
C ILE L 279 2.39 -35.44 -40.72
N LEU L 280 1.41 -36.29 -40.47
CA LEU L 280 1.19 -37.45 -41.33
C LEU L 280 -0.24 -37.38 -41.83
N LEU L 281 -0.45 -36.89 -43.04
CA LEU L 281 -1.79 -36.95 -43.61
C LEU L 281 -2.02 -38.32 -44.17
N ASN L 282 -2.88 -39.09 -43.51
CA ASN L 282 -3.16 -40.46 -43.89
C ASN L 282 -3.95 -40.50 -45.21
N PRO L 283 -3.91 -41.64 -45.92
CA PRO L 283 -4.67 -41.73 -47.18
C PRO L 283 -6.16 -41.68 -46.95
N GLN L 284 -6.86 -41.30 -48.01
CA GLN L 284 -8.31 -41.20 -48.03
C GLN L 284 -8.92 -42.58 -47.84
N ASP L 285 -10.15 -42.62 -47.35
CA ASP L 285 -10.92 -43.86 -47.34
C ASP L 285 -11.85 -43.84 -48.54
N LYS L 286 -12.81 -44.75 -48.58
CA LYS L 286 -13.86 -44.62 -49.58
C LYS L 286 -14.93 -43.62 -49.14
N ASP L 287 -14.95 -43.29 -47.85
CA ASP L 287 -15.84 -42.29 -47.29
C ASP L 287 -15.23 -40.92 -47.24
N GLY L 288 -13.99 -40.77 -47.67
CA GLY L 288 -13.31 -39.51 -47.55
C GLY L 288 -12.93 -39.15 -46.15
N SER L 289 -12.72 -40.12 -45.27
CA SER L 289 -12.47 -39.86 -43.86
C SER L 289 -10.99 -39.92 -43.52
N PHE L 290 -10.20 -39.09 -44.20
CA PHE L 290 -8.76 -39.06 -43.96
C PHE L 290 -8.47 -38.52 -42.57
N SER L 291 -7.39 -39.00 -41.98
CA SER L 291 -7.01 -38.60 -40.65
C SER L 291 -5.64 -37.96 -40.66
N VAL L 292 -5.34 -37.15 -39.65
CA VAL L 292 -4.10 -36.42 -39.59
C VAL L 292 -3.46 -36.67 -38.24
N VAL L 293 -2.18 -37.04 -38.23
CA VAL L 293 -1.43 -37.18 -37.00
C VAL L 293 -0.51 -36.00 -36.88
N ILE L 294 -0.52 -35.33 -35.75
CA ILE L 294 0.55 -34.43 -35.37
C ILE L 294 1.26 -35.09 -34.22
N THR L 295 2.57 -34.94 -34.15
CA THR L 295 3.30 -35.44 -33.00
C THR L 295 4.21 -34.38 -32.45
N GLY L 296 4.78 -34.70 -31.30
CA GLY L 296 5.66 -33.81 -30.57
C GLY L 296 5.08 -32.44 -30.34
N LEU L 297 3.85 -32.38 -29.85
CA LEU L 297 3.16 -31.11 -29.68
C LEU L 297 3.84 -30.27 -28.64
N ARG L 298 4.07 -29.02 -28.97
CA ARG L 298 4.69 -28.09 -28.07
C ARG L 298 3.64 -27.06 -27.69
N LYS L 299 3.99 -26.17 -26.77
CA LYS L 299 3.01 -25.28 -26.15
C LYS L 299 2.34 -24.32 -27.11
N GLU L 300 2.86 -24.13 -28.31
CA GLU L 300 2.33 -23.16 -29.25
C GLU L 300 1.40 -23.79 -30.27
N ASP L 301 0.86 -24.97 -29.99
CA ASP L 301 -0.10 -25.61 -30.87
C ASP L 301 -1.50 -25.56 -30.31
N ALA L 302 -1.69 -24.82 -29.23
CA ALA L 302 -2.85 -24.99 -28.37
C ALA L 302 -4.06 -24.17 -28.82
N GLY L 303 -4.53 -24.35 -30.04
CA GLY L 303 -5.64 -23.54 -30.47
C GLY L 303 -6.50 -24.21 -31.50
N ARG L 304 -7.37 -23.47 -32.17
CA ARG L 304 -8.36 -24.06 -33.03
C ARG L 304 -7.75 -24.55 -34.31
N TYR L 305 -8.12 -25.73 -34.73
CA TYR L 305 -7.62 -26.29 -35.98
C TYR L 305 -8.83 -26.49 -36.85
N LEU L 306 -8.66 -26.56 -38.15
CA LEU L 306 -9.87 -26.67 -38.96
C LEU L 306 -9.64 -27.51 -40.20
N CYS L 307 -10.12 -28.73 -40.24
CA CYS L 307 -10.05 -29.45 -41.50
C CYS L 307 -11.16 -28.98 -42.39
N GLY L 308 -10.94 -29.10 -43.69
CA GLY L 308 -11.95 -28.56 -44.59
C GLY L 308 -11.74 -29.10 -45.98
N ALA L 309 -12.63 -28.74 -46.88
CA ALA L 309 -12.51 -29.22 -48.25
C ALA L 309 -12.85 -28.14 -49.26
N HIS L 310 -11.89 -27.30 -49.63
CA HIS L 310 -12.04 -26.37 -50.74
C HIS L 310 -11.01 -26.74 -51.81
N SER L 311 -11.14 -26.15 -52.99
CA SER L 311 -10.28 -26.53 -54.12
C SER L 311 -8.84 -26.08 -53.88
N ASP L 312 -8.60 -24.79 -53.79
CA ASP L 312 -7.22 -24.30 -53.79
C ASP L 312 -6.59 -24.28 -52.40
N GLY L 313 -7.01 -25.16 -51.47
CA GLY L 313 -6.23 -25.49 -50.30
C GLY L 313 -5.96 -24.38 -49.32
N GLN L 314 -6.72 -23.31 -49.45
CA GLN L 314 -6.75 -22.21 -48.50
C GLN L 314 -8.17 -22.13 -47.98
N LEU L 315 -8.35 -21.47 -46.83
CA LEU L 315 -9.69 -21.43 -46.24
C LEU L 315 -10.51 -20.41 -46.99
N GLN L 316 -11.53 -20.90 -47.71
CA GLN L 316 -12.43 -20.00 -48.41
C GLN L 316 -13.88 -20.31 -48.05
N GLU L 317 -14.80 -19.43 -48.43
CA GLU L 317 -16.19 -19.57 -48.07
C GLU L 317 -16.92 -20.38 -49.13
N GLY L 318 -17.74 -21.32 -48.66
CA GLY L 318 -18.26 -22.38 -49.49
C GLY L 318 -17.63 -23.72 -49.21
N SER L 319 -16.84 -23.82 -48.16
CA SER L 319 -16.04 -24.99 -47.90
C SER L 319 -16.52 -25.69 -46.66
N PRO L 320 -16.91 -26.95 -46.74
CA PRO L 320 -17.48 -27.64 -45.60
C PRO L 320 -16.54 -27.93 -44.45
N ILE L 321 -16.14 -26.91 -43.70
CA ILE L 321 -15.13 -27.05 -42.67
C ILE L 321 -15.69 -27.82 -41.48
N GLN L 322 -14.82 -28.20 -40.55
CA GLN L 322 -15.23 -28.98 -39.39
C GLN L 322 -14.15 -28.81 -38.32
N ALA L 323 -14.34 -27.91 -37.39
CA ALA L 323 -13.21 -27.49 -36.60
C ALA L 323 -12.87 -28.48 -35.50
N TRP L 324 -11.87 -28.14 -34.70
CA TRP L 324 -11.47 -28.85 -33.51
C TRP L 324 -11.11 -27.81 -32.49
N GLN L 325 -10.42 -28.23 -31.43
CA GLN L 325 -9.82 -27.31 -30.47
C GLN L 325 -8.83 -28.10 -29.65
N LEU L 326 -7.56 -27.77 -29.74
CA LEU L 326 -6.58 -28.51 -28.97
C LEU L 326 -6.45 -27.89 -27.60
N PHE L 327 -5.71 -28.54 -26.71
CA PHE L 327 -5.15 -27.92 -25.52
C PHE L 327 -3.98 -28.79 -25.15
N VAL L 328 -2.81 -28.21 -25.03
CA VAL L 328 -1.61 -28.98 -24.83
C VAL L 328 -1.18 -28.72 -23.40
N ASN L 329 -1.51 -29.62 -22.49
CA ASN L 329 -1.31 -29.27 -21.09
C ASN L 329 0.14 -29.38 -20.71
N GLU L 330 0.56 -28.62 -19.73
CA GLU L 330 1.98 -28.55 -19.44
C GLU L 330 2.36 -29.40 -18.28
N GLU L 331 1.43 -30.17 -17.73
CA GLU L 331 1.62 -30.95 -16.51
C GLU L 331 1.83 -32.42 -16.82
N SER L 332 2.66 -32.69 -17.82
CA SER L 332 2.73 -33.99 -18.46
C SER L 332 3.28 -35.06 -17.52
N THR L 333 2.89 -36.30 -17.80
CA THR L 333 3.60 -37.43 -17.25
C THR L 333 4.55 -38.06 -18.26
N ILE L 334 4.60 -37.53 -19.47
CA ILE L 334 5.42 -38.02 -20.55
C ILE L 334 6.87 -37.64 -20.26
N PRO L 335 7.84 -38.55 -20.37
CA PRO L 335 9.21 -38.21 -20.01
C PRO L 335 9.90 -37.52 -21.18
N ARG L 336 11.01 -36.87 -20.85
CA ARG L 336 11.67 -35.95 -21.76
C ARG L 336 12.84 -36.67 -22.45
N SER L 337 12.56 -37.35 -23.53
CA SER L 337 13.58 -38.02 -24.30
C SER L 337 14.29 -37.00 -25.18
N PRO L 338 15.55 -37.24 -25.56
CA PRO L 338 16.24 -36.25 -26.41
C PRO L 338 15.72 -36.30 -27.84
N THR L 339 15.46 -35.14 -28.41
CA THR L 339 14.88 -35.11 -29.75
C THR L 339 15.93 -35.24 -30.84
N VAL L 340 17.15 -34.82 -30.58
CA VAL L 340 18.20 -34.79 -31.60
C VAL L 340 19.28 -35.80 -31.20
N VAL L 341 19.41 -36.86 -31.99
CA VAL L 341 20.51 -37.81 -31.86
C VAL L 341 21.53 -37.48 -32.94
N LYS L 342 22.77 -37.27 -32.52
CA LYS L 342 23.83 -36.90 -33.45
C LYS L 342 24.75 -38.08 -33.66
N GLY L 343 24.78 -38.56 -34.90
CA GLY L 343 25.61 -39.70 -35.24
C GLY L 343 26.58 -39.33 -36.32
N VAL L 344 27.80 -39.87 -36.21
CA VAL L 344 28.81 -39.65 -37.23
C VAL L 344 28.68 -40.70 -38.33
N ALA L 345 29.13 -40.35 -39.53
CA ALA L 345 28.89 -41.17 -40.71
C ALA L 345 29.68 -42.47 -40.64
N GLY L 346 28.99 -43.59 -40.84
CA GLY L 346 29.58 -44.88 -40.58
C GLY L 346 29.87 -45.11 -39.13
N GLY L 347 29.08 -44.54 -38.23
CA GLY L 347 29.31 -44.62 -36.80
C GLY L 347 28.32 -45.48 -36.05
N SER L 348 27.49 -44.85 -35.22
CA SER L 348 26.51 -45.54 -34.38
C SER L 348 25.55 -44.50 -33.81
N VAL L 349 24.27 -44.88 -33.71
CA VAL L 349 23.29 -44.19 -32.88
C VAL L 349 22.56 -45.25 -32.08
N ALA L 350 22.08 -44.87 -30.90
CA ALA L 350 21.38 -45.78 -29.99
C ALA L 350 20.33 -44.97 -29.24
N VAL L 351 19.10 -45.00 -29.73
CA VAL L 351 18.08 -44.14 -29.20
C VAL L 351 17.11 -44.95 -28.35
N LEU L 352 16.47 -44.29 -27.40
CA LEU L 352 15.48 -44.91 -26.54
C LEU L 352 14.15 -44.26 -26.85
N CYS L 353 13.14 -45.07 -27.11
CA CYS L 353 11.82 -44.51 -27.25
C CYS L 353 11.01 -44.87 -26.04
N PRO L 354 10.39 -43.90 -25.38
CA PRO L 354 9.59 -44.22 -24.22
C PRO L 354 8.17 -44.55 -24.66
N TYR L 355 7.49 -45.29 -23.81
CA TYR L 355 6.20 -45.82 -24.12
C TYR L 355 5.50 -46.05 -22.79
N ASN L 356 4.19 -46.25 -22.87
CA ASN L 356 3.39 -46.27 -21.65
C ASN L 356 3.68 -47.51 -20.83
N ARG L 357 4.07 -47.30 -19.58
CA ARG L 357 4.58 -48.37 -18.73
C ARG L 357 3.53 -49.42 -18.44
N LYS L 358 2.24 -49.03 -18.50
CA LYS L 358 1.17 -50.00 -18.46
C LYS L 358 1.17 -50.88 -19.70
N GLU L 359 1.52 -50.31 -20.84
CA GLU L 359 1.41 -51.04 -22.11
C GLU L 359 2.75 -51.65 -22.51
N SER L 360 3.29 -52.46 -21.60
CA SER L 360 4.58 -53.10 -21.82
C SER L 360 4.54 -54.24 -22.82
N LYS L 361 3.46 -55.00 -22.85
CA LYS L 361 3.38 -56.19 -23.68
C LYS L 361 2.64 -55.84 -24.97
N SER L 362 3.39 -55.28 -25.92
CA SER L 362 2.81 -54.85 -27.17
C SER L 362 3.88 -54.86 -28.23
N ILE L 363 3.48 -54.67 -29.47
CA ILE L 363 4.34 -54.89 -30.63
C ILE L 363 4.87 -53.53 -31.03
N LYS L 364 6.16 -53.30 -30.78
CA LYS L 364 6.82 -52.07 -31.16
C LYS L 364 6.98 -52.01 -32.67
N TYR L 365 7.23 -50.82 -33.19
CA TYR L 365 7.49 -50.63 -34.61
C TYR L 365 8.40 -49.43 -34.74
N TRP L 366 8.92 -49.21 -35.94
CA TRP L 366 9.70 -48.01 -36.24
C TRP L 366 9.35 -47.52 -37.63
N CYS L 367 9.98 -46.42 -38.03
CA CYS L 367 9.47 -45.64 -39.14
C CYS L 367 10.54 -44.80 -39.79
N LEU L 368 10.21 -44.30 -40.99
CA LEU L 368 10.94 -43.26 -41.69
C LEU L 368 10.07 -42.00 -41.75
N TRP L 369 10.51 -41.01 -42.49
CA TRP L 369 9.75 -39.80 -42.76
C TRP L 369 9.75 -39.47 -44.24
N GLU L 370 8.58 -39.10 -44.80
CA GLU L 370 8.48 -38.95 -46.25
C GLU L 370 7.62 -37.77 -46.71
N GLY L 371 7.55 -36.69 -45.94
CA GLY L 371 6.69 -35.58 -46.31
C GLY L 371 5.30 -35.67 -45.70
N ALA L 372 4.52 -34.60 -45.89
CA ALA L 372 3.15 -34.58 -45.36
C ALA L 372 2.11 -34.85 -46.44
N GLN L 373 2.30 -34.29 -47.63
CA GLN L 373 1.35 -34.52 -48.71
C GLN L 373 1.36 -35.98 -49.14
N ASN L 374 2.54 -36.60 -49.11
CA ASN L 374 2.59 -38.04 -49.03
C ASN L 374 2.02 -38.50 -47.71
N GLY L 375 2.59 -38.00 -46.61
CA GLY L 375 2.19 -38.38 -45.27
C GLY L 375 2.42 -39.84 -45.02
N ARG L 376 3.65 -40.29 -45.17
CA ARG L 376 3.94 -41.72 -45.08
C ARG L 376 4.82 -41.99 -43.87
N CYS L 377 4.81 -43.26 -43.46
CA CYS L 377 5.65 -43.74 -42.38
C CYS L 377 5.75 -45.25 -42.49
N PRO L 378 6.55 -45.75 -43.42
CA PRO L 378 6.65 -47.20 -43.58
C PRO L 378 7.55 -47.80 -42.51
N LEU L 379 7.29 -49.07 -42.24
CA LEU L 379 7.78 -49.76 -41.07
C LEU L 379 9.19 -50.25 -41.33
N LEU L 380 10.16 -49.81 -40.53
CA LEU L 380 11.46 -50.43 -40.66
C LEU L 380 11.51 -51.78 -39.93
N VAL L 381 11.42 -51.75 -38.61
CA VAL L 381 11.60 -52.95 -37.80
C VAL L 381 10.32 -53.15 -37.00
N ASP L 382 10.31 -54.17 -36.15
CA ASP L 382 9.28 -54.33 -35.14
C ASP L 382 9.85 -55.11 -33.98
N SER L 383 8.97 -55.67 -33.15
CA SER L 383 9.41 -56.54 -32.07
C SER L 383 9.09 -57.99 -32.35
N GLU L 384 8.19 -58.27 -33.29
CA GLU L 384 8.01 -59.65 -33.72
C GLU L 384 9.21 -60.13 -34.53
N GLY L 385 9.79 -59.24 -35.33
CA GLY L 385 11.06 -59.56 -35.96
C GLY L 385 11.33 -58.98 -37.32
N TRP L 386 10.30 -58.60 -38.07
CA TRP L 386 10.49 -58.32 -39.49
C TRP L 386 11.19 -56.99 -39.73
N VAL L 387 12.42 -57.07 -40.24
CA VAL L 387 13.20 -55.91 -40.62
C VAL L 387 13.13 -55.78 -42.13
N LYS L 388 13.17 -54.54 -42.61
CA LYS L 388 13.30 -54.27 -44.03
C LYS L 388 14.64 -54.80 -44.53
N ALA L 389 14.65 -55.24 -45.79
CA ALA L 389 15.84 -55.92 -46.32
C ALA L 389 17.00 -54.95 -46.53
N GLN L 390 16.71 -53.70 -46.76
CA GLN L 390 17.75 -52.72 -47.03
C GLN L 390 18.36 -52.14 -45.78
N TYR L 391 17.93 -52.63 -44.63
CA TYR L 391 18.50 -52.24 -43.35
C TYR L 391 19.11 -53.42 -42.60
N GLU L 392 19.12 -54.61 -43.18
CA GLU L 392 19.57 -55.80 -42.48
C GLU L 392 21.08 -55.79 -42.28
N GLY L 393 21.48 -56.19 -41.09
CA GLY L 393 22.89 -56.14 -40.74
C GLY L 393 23.28 -54.94 -39.94
N ARG L 394 22.61 -53.82 -40.14
CA ARG L 394 22.98 -52.62 -39.41
C ARG L 394 21.95 -52.19 -38.39
N LEU L 395 20.94 -52.99 -38.11
CA LEU L 395 19.78 -52.50 -37.37
C LEU L 395 19.29 -53.52 -36.35
N SER L 396 19.06 -53.08 -35.12
CA SER L 396 18.45 -53.99 -34.16
C SER L 396 17.57 -53.23 -33.19
N LEU L 397 16.33 -53.67 -33.08
CA LEU L 397 15.43 -53.23 -32.02
C LEU L 397 15.70 -54.04 -30.78
N LEU L 398 15.76 -53.37 -29.64
CA LEU L 398 16.08 -54.02 -28.39
C LEU L 398 14.87 -53.96 -27.48
N GLU L 399 15.06 -54.43 -26.25
CA GLU L 399 14.05 -54.30 -25.21
C GLU L 399 14.66 -53.81 -23.91
N GLU L 400 15.98 -53.89 -23.76
CA GLU L 400 16.64 -53.53 -22.52
C GLU L 400 17.12 -52.10 -22.63
N PRO L 401 16.73 -51.19 -21.72
CA PRO L 401 16.01 -51.47 -20.48
C PRO L 401 14.51 -51.53 -20.65
N GLY L 402 13.88 -52.40 -19.86
CA GLY L 402 12.44 -52.46 -19.81
C GLY L 402 11.96 -51.46 -18.78
N ASN L 403 10.79 -51.73 -18.17
CA ASN L 403 10.23 -50.91 -17.09
C ASN L 403 9.98 -49.48 -17.57
N GLY L 404 9.66 -49.32 -18.85
CA GLY L 404 9.43 -47.99 -19.37
C GLY L 404 9.96 -47.60 -20.73
N THR L 405 11.03 -48.21 -21.25
CA THR L 405 11.66 -47.78 -22.51
C THR L 405 11.78 -48.95 -23.47
N PHE L 406 12.13 -48.65 -24.72
CA PHE L 406 12.71 -49.69 -25.57
C PHE L 406 13.72 -49.05 -26.51
N THR L 407 14.87 -49.71 -26.67
CA THR L 407 16.04 -49.14 -27.32
C THR L 407 16.13 -49.66 -28.75
N VAL L 408 16.58 -48.81 -29.66
CA VAL L 408 16.90 -49.23 -31.02
C VAL L 408 18.29 -48.73 -31.37
N ILE L 409 19.13 -49.64 -31.86
CA ILE L 409 20.50 -49.33 -32.26
C ILE L 409 20.63 -49.43 -33.76
N LEU L 410 21.20 -48.39 -34.35
CA LEU L 410 21.39 -48.31 -35.79
C LEU L 410 22.82 -47.84 -36.03
N ASN L 411 23.58 -48.59 -36.82
CA ASN L 411 24.93 -48.19 -37.17
C ASN L 411 25.09 -48.30 -38.67
N GLN L 412 26.34 -48.16 -39.13
CA GLN L 412 26.71 -48.06 -40.54
C GLN L 412 25.89 -46.96 -41.21
N LEU L 413 26.16 -45.74 -40.78
CA LEU L 413 25.35 -44.60 -41.17
C LEU L 413 25.70 -44.14 -42.58
N THR L 414 25.01 -43.10 -43.04
CA THR L 414 25.02 -42.63 -44.42
C THR L 414 24.55 -41.17 -44.37
N SER L 415 24.98 -40.37 -45.35
CA SER L 415 24.58 -38.97 -45.45
C SER L 415 23.08 -38.78 -45.63
N ARG L 416 22.40 -39.71 -46.30
CA ARG L 416 20.99 -39.55 -46.63
C ARG L 416 20.06 -40.30 -45.68
N ASP L 417 20.59 -41.00 -44.68
CA ASP L 417 19.72 -41.64 -43.70
C ASP L 417 19.57 -40.81 -42.43
N ALA L 418 19.96 -39.55 -42.45
CA ALA L 418 19.49 -38.58 -41.47
C ALA L 418 18.02 -38.32 -41.72
N GLY L 419 17.27 -38.02 -40.68
CA GLY L 419 15.87 -37.69 -40.87
C GLY L 419 15.05 -37.69 -39.60
N PHE L 420 13.77 -38.03 -39.73
CA PHE L 420 12.82 -37.98 -38.63
C PHE L 420 12.26 -39.38 -38.44
N TYR L 421 12.38 -39.92 -37.24
CA TYR L 421 12.23 -41.34 -37.02
C TYR L 421 11.29 -41.59 -35.84
N TRP L 422 10.17 -42.28 -36.11
CA TRP L 422 8.99 -42.33 -35.24
C TRP L 422 8.93 -43.64 -34.48
N CYS L 423 8.77 -43.56 -33.16
CA CYS L 423 8.77 -44.75 -32.31
C CYS L 423 7.36 -45.25 -32.01
N LEU L 424 6.76 -45.88 -33.00
CA LEU L 424 5.41 -46.42 -32.83
C LEU L 424 5.35 -47.58 -31.84
N THR L 425 4.15 -47.97 -31.44
CA THR L 425 3.89 -49.12 -30.59
C THR L 425 2.45 -49.55 -30.94
N ASN L 426 2.10 -50.80 -30.68
CA ASN L 426 0.73 -51.27 -30.89
C ASN L 426 -0.16 -51.05 -29.68
N GLY L 427 0.11 -50.05 -28.86
CA GLY L 427 -0.66 -49.81 -27.66
C GLY L 427 -1.96 -49.08 -27.93
N ASP L 428 -2.65 -48.76 -26.84
CA ASP L 428 -3.96 -48.12 -26.95
C ASP L 428 -3.83 -46.61 -27.06
N THR L 429 -3.18 -45.98 -26.07
CA THR L 429 -2.87 -44.56 -26.13
C THR L 429 -1.40 -44.40 -26.44
N LEU L 430 -1.12 -43.66 -27.50
CA LEU L 430 0.18 -43.72 -28.16
C LEU L 430 0.87 -42.36 -28.11
N TRP L 431 2.15 -42.38 -27.77
CA TRP L 431 2.99 -41.19 -27.84
C TRP L 431 3.94 -41.47 -28.99
N ARG L 432 3.60 -41.04 -30.19
CA ARG L 432 4.49 -41.34 -31.29
C ARG L 432 5.70 -40.45 -31.21
N THR L 433 6.69 -40.86 -30.43
CA THR L 433 7.88 -40.06 -30.24
C THR L 433 8.67 -39.98 -31.53
N THR L 434 8.98 -38.77 -31.97
CA THR L 434 9.83 -38.55 -33.12
C THR L 434 11.21 -38.12 -32.66
N VAL L 435 12.23 -38.83 -33.13
CA VAL L 435 13.61 -38.51 -32.82
C VAL L 435 14.32 -38.19 -34.13
N GLU L 436 15.26 -37.25 -34.05
CA GLU L 436 15.86 -36.68 -35.25
C GLU L 436 17.34 -37.05 -35.33
N ILE L 437 17.70 -37.76 -36.38
CA ILE L 437 19.06 -38.19 -36.63
C ILE L 437 19.75 -37.10 -37.44
N LYS L 438 20.82 -36.55 -36.89
CA LYS L 438 21.66 -35.57 -37.58
C LYS L 438 22.94 -36.26 -38.01
N ILE L 439 23.06 -36.54 -39.30
CA ILE L 439 24.29 -37.16 -39.82
C ILE L 439 25.26 -36.02 -40.09
N ILE L 440 26.14 -35.80 -39.13
CA ILE L 440 27.25 -34.87 -39.31
C ILE L 440 28.35 -35.57 -40.10
N GLU L 441 29.35 -34.78 -40.50
CA GLU L 441 30.63 -35.34 -40.86
C GLU L 441 31.30 -35.88 -39.60
N GLY L 442 32.14 -36.88 -39.76
CA GLY L 442 32.89 -37.35 -38.61
C GLY L 442 33.78 -38.54 -38.96
N GLU L 443 34.46 -39.01 -37.93
CA GLU L 443 35.25 -40.21 -37.91
C GLU L 443 34.54 -41.24 -37.03
N PRO L 444 34.73 -42.53 -37.27
CA PRO L 444 34.08 -43.51 -36.41
C PRO L 444 34.71 -43.55 -35.04
N ASN L 445 33.86 -43.68 -34.02
CA ASN L 445 34.38 -43.84 -32.66
C ASN L 445 34.92 -45.25 -32.43
N LEU L 446 34.70 -46.16 -33.38
CA LEU L 446 35.09 -47.55 -33.24
C LEU L 446 35.76 -48.02 -34.52
N LYS L 447 36.82 -48.80 -34.38
CA LYS L 447 37.61 -49.27 -35.50
C LYS L 447 37.50 -50.79 -35.58
N VAL L 448 37.17 -51.26 -36.78
CA VAL L 448 36.79 -52.64 -37.08
C VAL L 448 37.41 -52.88 -38.46
N PRO L 449 37.79 -54.12 -38.83
CA PRO L 449 38.14 -54.42 -40.23
C PRO L 449 37.02 -54.08 -41.20
N GLY L 450 37.41 -53.99 -42.47
CA GLY L 450 36.54 -53.53 -43.53
C GLY L 450 35.37 -54.45 -43.83
N ASN L 451 35.65 -55.64 -44.37
CA ASN L 451 34.65 -56.67 -44.64
C ASN L 451 35.36 -58.02 -44.60
N VAL L 452 35.30 -58.70 -43.46
CA VAL L 452 35.88 -60.04 -43.34
C VAL L 452 34.81 -61.11 -43.52
N LEU L 460 40.02 -68.58 -36.69
CA LEU L 460 39.26 -67.43 -37.18
C LEU L 460 38.99 -66.42 -36.06
N LYS L 461 39.68 -65.29 -36.12
CA LYS L 461 39.61 -64.29 -35.07
C LYS L 461 39.46 -62.92 -35.70
N VAL L 462 38.46 -62.17 -35.23
CA VAL L 462 38.20 -60.82 -35.73
C VAL L 462 38.38 -59.86 -34.58
N PRO L 463 39.11 -58.77 -34.74
CA PRO L 463 39.33 -57.83 -33.65
C PRO L 463 38.37 -56.65 -33.68
N CYS L 464 38.25 -55.99 -32.52
CA CYS L 464 37.43 -54.78 -32.40
C CYS L 464 38.11 -53.83 -31.43
N HIS L 465 38.34 -52.59 -31.88
CA HIS L 465 39.25 -51.67 -31.21
C HIS L 465 38.49 -50.49 -30.60
N PHE L 466 38.38 -50.49 -29.27
CA PHE L 466 37.56 -49.59 -28.46
C PHE L 466 38.39 -48.46 -27.86
N PRO L 467 37.88 -47.24 -27.86
CA PRO L 467 38.60 -46.14 -27.22
C PRO L 467 38.52 -46.22 -25.71
N CYS L 468 39.40 -45.45 -25.06
CA CYS L 468 39.51 -45.49 -23.61
C CYS L 468 38.35 -44.78 -22.92
N LYS L 469 37.48 -44.08 -23.64
CA LYS L 469 36.30 -43.50 -23.02
C LYS L 469 35.31 -44.57 -22.58
N PHE L 470 35.34 -45.74 -23.21
CA PHE L 470 34.39 -46.81 -22.88
C PHE L 470 34.90 -47.72 -21.78
N SER L 471 35.63 -47.15 -20.82
CA SER L 471 36.37 -47.95 -19.83
C SER L 471 35.43 -48.70 -18.91
N SER L 472 34.36 -48.04 -18.49
CA SER L 472 33.36 -48.70 -17.66
C SER L 472 32.46 -49.62 -18.48
N TYR L 473 32.41 -49.41 -19.79
CA TYR L 473 31.45 -50.09 -20.64
C TYR L 473 31.93 -51.52 -20.90
N GLU L 474 30.96 -52.43 -21.02
CA GLU L 474 31.22 -53.86 -21.15
C GLU L 474 31.29 -54.20 -22.63
N LYS L 475 32.41 -54.76 -23.04
CA LYS L 475 32.68 -55.00 -24.45
C LYS L 475 32.25 -56.40 -24.84
N TYR L 476 31.47 -56.49 -25.92
CA TYR L 476 30.75 -57.71 -26.25
C TYR L 476 30.47 -57.74 -27.75
N TRP L 477 30.36 -58.94 -28.31
CA TRP L 477 30.02 -59.13 -29.72
C TRP L 477 28.60 -59.69 -29.83
N CYS L 478 27.98 -59.52 -31.00
CA CYS L 478 26.66 -60.07 -31.26
C CYS L 478 26.68 -60.97 -32.48
N LYS L 479 25.68 -61.83 -32.55
CA LYS L 479 25.30 -62.51 -33.78
C LYS L 479 23.96 -61.94 -34.22
N TRP L 480 24.00 -61.07 -35.23
CA TRP L 480 22.80 -60.39 -35.68
C TRP L 480 21.93 -61.34 -36.50
N ASN L 481 20.62 -61.18 -36.33
CA ASN L 481 19.62 -61.86 -37.13
C ASN L 481 18.39 -60.97 -37.05
N ASN L 482 17.22 -61.54 -37.37
CA ASN L 482 15.97 -60.86 -37.09
C ASN L 482 15.62 -60.98 -35.62
N THR L 483 16.35 -61.78 -34.85
CA THR L 483 16.08 -61.97 -33.44
C THR L 483 16.95 -61.11 -32.53
N GLY L 484 17.87 -60.34 -33.08
CA GLY L 484 18.68 -59.44 -32.30
C GLY L 484 20.02 -60.03 -31.95
N CYS L 485 20.48 -59.75 -30.74
CA CYS L 485 21.81 -60.10 -30.29
C CYS L 485 21.76 -61.31 -29.37
N GLN L 486 22.57 -62.32 -29.70
CA GLN L 486 22.91 -63.40 -28.78
C GLN L 486 24.40 -63.35 -28.54
N ALA L 487 24.79 -63.78 -27.35
CA ALA L 487 26.13 -63.51 -26.84
C ALA L 487 27.14 -64.46 -27.44
N LEU L 488 28.38 -63.97 -27.60
CA LEU L 488 29.50 -64.71 -28.14
C LEU L 488 30.75 -64.36 -27.34
N PRO L 489 31.47 -65.36 -26.85
CA PRO L 489 32.52 -65.09 -25.86
C PRO L 489 33.80 -64.55 -26.50
N SER L 490 34.63 -63.97 -25.64
CA SER L 490 35.94 -63.45 -26.01
C SER L 490 36.75 -63.28 -24.71
N GLN L 491 38.03 -62.97 -24.88
CA GLN L 491 38.96 -62.81 -23.77
C GLN L 491 39.58 -61.43 -23.85
N ASP L 492 39.85 -60.85 -22.69
CA ASP L 492 40.30 -59.46 -22.63
C ASP L 492 41.82 -59.38 -22.47
N GLU L 493 42.38 -58.32 -23.03
CA GLU L 493 43.80 -58.00 -22.99
C GLU L 493 44.06 -56.92 -21.93
N GLY L 494 45.27 -56.36 -21.95
CA GLY L 494 45.58 -55.20 -21.15
C GLY L 494 45.50 -53.92 -21.97
N PRO L 495 46.43 -53.00 -21.75
CA PRO L 495 46.48 -51.77 -22.57
C PRO L 495 46.82 -52.07 -24.02
N SER L 496 45.96 -51.58 -24.93
CA SER L 496 46.13 -51.81 -26.36
C SER L 496 45.71 -50.57 -27.11
N LYS L 497 46.67 -49.91 -27.77
CA LYS L 497 46.39 -48.73 -28.59
C LYS L 497 45.71 -49.08 -29.90
N SER L 506 43.03 -47.35 -24.03
CA SER L 506 42.09 -47.90 -24.99
C SER L 506 41.94 -49.41 -24.81
N ARG L 507 41.43 -50.10 -25.83
CA ARG L 507 40.97 -51.47 -25.63
C ARG L 507 40.89 -52.19 -26.97
N LEU L 508 41.07 -53.52 -26.92
CA LEU L 508 40.98 -54.40 -28.08
C LEU L 508 40.38 -55.72 -27.64
N VAL L 509 39.41 -56.22 -28.41
CA VAL L 509 38.78 -57.50 -28.09
C VAL L 509 38.86 -58.37 -29.35
N SER L 510 38.61 -59.67 -29.16
CA SER L 510 38.77 -60.67 -30.20
C SER L 510 37.42 -61.29 -30.55
N LEU L 511 37.36 -61.99 -31.68
CA LEU L 511 36.21 -62.80 -32.07
C LEU L 511 36.71 -64.18 -32.51
N THR L 512 37.39 -64.86 -31.59
CA THR L 512 37.79 -66.24 -31.78
C THR L 512 36.58 -67.11 -32.13
N LEU L 513 36.78 -68.02 -33.08
CA LEU L 513 35.71 -68.85 -33.59
C LEU L 513 36.25 -70.16 -34.14
N GLY L 522 26.84 -64.11 -41.31
CA GLY L 522 26.08 -63.06 -41.95
C GLY L 522 26.66 -61.70 -41.65
N TRP L 523 26.02 -60.96 -40.74
CA TRP L 523 26.55 -59.70 -40.22
C TRP L 523 26.62 -59.77 -38.70
N TYR L 524 27.65 -59.17 -38.13
CA TYR L 524 27.94 -59.23 -36.70
C TYR L 524 28.51 -57.89 -36.26
N TRP L 525 28.29 -57.53 -35.00
CA TRP L 525 28.71 -56.25 -34.45
C TRP L 525 29.49 -56.48 -33.17
N CYS L 526 30.15 -55.43 -32.68
CA CYS L 526 30.93 -55.49 -31.45
C CYS L 526 30.66 -54.30 -30.55
N GLY L 527 29.41 -54.05 -30.22
CA GLY L 527 29.06 -52.90 -29.41
C GLY L 527 29.54 -52.83 -27.96
N VAL L 528 29.06 -51.84 -27.23
CA VAL L 528 29.38 -51.66 -25.81
C VAL L 528 28.07 -51.62 -25.04
N LYS L 529 28.15 -51.82 -23.73
CA LYS L 529 26.99 -51.80 -22.86
C LYS L 529 27.33 -51.10 -21.56
N GLN L 530 26.48 -50.16 -21.16
CA GLN L 530 26.69 -49.40 -19.93
C GLN L 530 25.61 -49.77 -18.92
N GLY L 531 25.86 -50.84 -18.17
CA GLY L 531 24.96 -51.22 -17.11
C GLY L 531 23.68 -51.83 -17.61
N HIS L 532 22.80 -51.01 -18.19
CA HIS L 532 21.55 -51.45 -18.76
C HIS L 532 21.24 -50.83 -20.11
N PHE L 533 21.88 -49.72 -20.46
CA PHE L 533 21.65 -49.05 -21.73
C PHE L 533 22.70 -49.51 -22.73
N TYR L 534 22.60 -49.01 -23.96
CA TYR L 534 23.48 -49.45 -25.02
C TYR L 534 24.09 -48.25 -25.74
N GLY L 535 25.25 -48.45 -26.32
CA GLY L 535 26.01 -47.39 -26.96
C GLY L 535 26.52 -47.77 -28.33
N GLU L 536 27.82 -47.54 -28.52
CA GLU L 536 28.40 -47.54 -29.85
C GLU L 536 28.66 -48.94 -30.36
N THR L 537 28.03 -49.26 -31.50
CA THR L 537 28.24 -50.54 -32.17
C THR L 537 28.75 -50.29 -33.57
N ALA L 538 29.62 -51.16 -34.07
CA ALA L 538 30.07 -51.14 -35.45
C ALA L 538 29.98 -52.54 -36.05
N ALA L 539 29.55 -52.59 -37.32
CA ALA L 539 29.18 -53.83 -38.00
C ALA L 539 30.33 -54.35 -38.86
N VAL L 540 30.30 -55.66 -39.12
CA VAL L 540 31.27 -56.28 -40.00
C VAL L 540 30.55 -57.45 -40.69
N TYR L 541 31.08 -57.87 -41.83
CA TYR L 541 30.41 -58.83 -42.70
C TYR L 541 30.57 -60.26 -42.16
C1 NAG M . 9.64 -33.40 13.09
C2 NAG M . 8.82 -34.74 12.82
C3 NAG M . 9.66 -35.82 12.14
C4 NAG M . 10.89 -35.38 11.37
C5 NAG M . 11.55 -34.23 12.09
C6 NAG M . 12.73 -33.64 11.37
C7 NAG M . 7.38 -36.25 14.18
C8 NAG M . 6.99 -36.63 15.58
N2 NAG M . 8.28 -35.26 14.07
O3 NAG M . 8.79 -36.53 11.25
O4 NAG M . 11.76 -36.50 11.27
O5 NAG M . 10.57 -33.21 12.12
O6 NAG M . 12.71 -32.22 11.54
O7 NAG M . 6.86 -36.80 13.21
C1 NAG M . 11.88 -37.87 11.36
C2 NAG M . 11.52 -38.85 12.49
C3 NAG M . 11.51 -40.27 11.97
C4 NAG M . 10.50 -40.38 10.84
C5 NAG M . 10.87 -39.41 9.73
C6 NAG M . 9.86 -39.38 8.60
C7 NAG M . 12.00 -38.67 14.87
C8 NAG M . 13.05 -38.53 15.93
N2 NAG M . 12.43 -38.72 13.61
O3 NAG M . 11.17 -41.15 13.03
O4 NAG M . 10.49 -41.71 10.34
O5 NAG M . 10.96 -38.08 10.24
O6 NAG M . 8.53 -39.65 9.03
O7 NAG M . 10.81 -38.75 15.15
C1 NAG N . 4.99 -11.57 18.36
C2 NAG N . 5.21 -11.76 19.86
C3 NAG N . 6.53 -11.13 20.28
C4 NAG N . 7.67 -11.76 19.48
C5 NAG N . 7.42 -11.54 17.99
C6 NAG N . 8.45 -12.21 17.12
C7 NAG N . 3.64 -11.88 21.72
C8 NAG N . 2.54 -11.20 22.49
N2 NAG N . 4.13 -11.22 20.67
O3 NAG N . 6.75 -11.31 21.67
O4 NAG N . 8.91 -11.17 19.87
O5 NAG N . 6.15 -12.12 17.62
O6 NAG N . 8.48 -13.61 17.37
O7 NAG N . 4.07 -12.98 22.05
C1 NAG O . 3.31 -7.14 16.90
C2 NAG O . 3.80 -7.87 18.12
C3 NAG O . 5.05 -7.21 18.67
C4 NAG O . 6.12 -7.14 17.59
C5 NAG O . 5.55 -6.37 16.41
C6 NAG O . 6.51 -6.24 15.24
C7 NAG O . 1.94 -8.95 19.30
C8 NAG O . 0.88 -8.79 20.34
N2 NAG O . 2.75 -7.91 19.11
O3 NAG O . 5.52 -7.92 19.79
O4 NAG O . 7.28 -6.50 18.09
O5 NAG O . 4.38 -7.03 15.94
O6 NAG O . 7.21 -7.44 14.97
O7 NAG O . 2.07 -9.99 18.66
C1 NAG P . 2.08 -2.53 16.75
C2 NAG P . 2.31 -3.15 18.13
C3 NAG P . 3.55 -2.56 18.80
C4 NAG P . 4.75 -2.59 17.86
C5 NAG P . 4.37 -1.83 16.62
C6 NAG P . 5.49 -1.72 15.63
C7 NAG P . 0.52 -3.76 19.74
C8 NAG P . 1.09 -5.12 19.80
N2 NAG P . 1.15 -2.88 18.95
O3 NAG P . 3.85 -3.30 19.96
O4 NAG P . 5.89 -1.98 18.46
O5 NAG P . 3.30 -2.54 16.00
O6 NAG P . 5.64 -2.94 14.92
O7 NAG P . -0.48 -3.45 20.38
C1 NAG Q . 0.72 2.17 16.55
C2 NAG Q . 0.65 1.42 17.89
C3 NAG Q . 1.80 1.82 18.82
C4 NAG Q . 3.15 1.90 18.11
C5 NAG Q . 2.98 2.77 16.88
C6 NAG Q . 4.25 2.92 16.06
C7 NAG Q . -1.62 0.82 18.61
C8 NAG Q . -2.84 1.30 19.34
N2 NAG Q . -0.61 1.69 18.55
O3 NAG Q . 1.87 0.83 19.85
O4 NAG Q . 4.13 2.45 18.98
O5 NAG Q . 2.02 2.12 16.04
O6 NAG Q . 5.34 2.25 16.67
O7 NAG Q . -1.56 -0.30 18.14
C1 NAG R . -0.08 7.00 16.73
C2 NAG R . -0.08 6.04 17.94
C3 NAG R . 0.96 6.47 18.99
C4 NAG R . 2.32 6.75 18.34
C5 NAG R . 2.12 7.79 17.27
C6 NAG R . 3.40 8.18 16.56
C7 NAG R . -2.44 5.29 18.06
C8 NAG R . -3.70 5.35 18.87
N2 NAG R . -1.39 5.96 18.55
O3 NAG R . 1.09 5.45 19.97
O4 NAG R . 3.25 7.22 19.32
O5 NAG R . 1.26 7.22 16.28
O6 NAG R . 4.52 7.57 17.18
O7 NAG R . -2.38 4.68 17.00
C1 NAG S . 0.50 10.71 -3.27
C2 NAG S . -0.80 11.52 -3.27
C3 NAG S . -1.69 11.03 -4.40
C4 NAG S . -0.96 11.09 -5.73
C5 NAG S . 0.43 10.45 -5.64
C6 NAG S . 1.28 10.72 -6.86
C7 NAG S . -2.40 12.33 -1.57
C8 NAG S . -3.00 12.09 -0.22
N2 NAG S . -1.50 11.43 -1.98
O3 NAG S . -2.86 11.84 -4.50
O4 NAG S . -1.72 10.40 -6.71
O5 NAG S . 1.17 10.94 -4.51
O6 NAG S . 2.23 11.75 -6.61
O7 NAG S . -2.75 13.26 -2.28
C1 NAG T . 2.46 6.65 -5.77
C2 NAG T . 0.97 6.76 -6.12
C3 NAG T . 0.78 6.32 -7.57
C4 NAG T . 1.74 7.05 -8.50
C5 NAG T . 3.17 7.08 -7.95
C6 NAG T . 4.09 8.01 -8.71
C7 NAG T . -1.18 6.16 -5.12
C8 NAG T . -1.90 5.26 -4.18
N2 NAG T . 0.14 5.97 -5.22
O3 NAG T . -0.55 6.58 -8.01
O4 NAG T . 1.74 6.38 -9.76
O5 NAG T . 3.17 7.52 -6.58
O6 NAG T . 4.30 9.23 -8.01
O7 NAG T . -1.77 6.99 -5.78
C1 NAG U . 3.15 2.09 -7.11
C2 NAG U . 1.71 2.18 -7.60
C3 NAG U . 1.67 2.06 -9.10
C4 NAG U . 2.59 3.08 -9.76
C5 NAG U . 3.98 3.02 -9.14
C6 NAG U . 4.83 4.19 -9.58
C7 NAG U . 0.30 1.26 -5.79
C8 NAG U . -0.65 0.19 -5.44
N2 NAG U . 0.83 1.20 -7.01
O3 NAG U . 0.33 2.22 -9.53
O4 NAG U . 2.71 2.79 -11.15
O5 NAG U . 3.91 3.08 -7.72
O6 NAG U . 5.51 4.80 -8.48
O7 NAG U . 0.60 2.15 -4.99
C1 NAG V . 3.19 -2.62 -9.25
C2 NAG V . 1.71 -2.86 -8.84
C3 NAG V . 0.82 -2.96 -10.08
C4 NAG V . 1.15 -1.88 -11.12
C5 NAG V . 2.64 -1.91 -11.36
C6 NAG V . 3.13 -0.90 -12.36
C7 NAG V . 0.86 -4.33 -7.00
C8 NAG V . 0.03 -3.21 -6.52
N2 NAG V . 1.62 -4.10 -8.08
O3 NAG V . -0.56 -2.93 -9.73
O4 NAG V . 0.48 -2.14 -12.35
O5 NAG V . 3.27 -1.59 -10.12
O6 NAG V . 4.29 -0.27 -11.82
O7 NAG V . 0.86 -5.41 -6.46
C1 NAG W . 4.39 -6.49 -11.03
C2 NAG W . 2.86 -6.57 -10.90
C3 NAG W . 2.20 -6.73 -12.27
C4 NAG W . 2.72 -5.67 -13.24
C5 NAG W . 4.24 -5.73 -13.28
C6 NAG W . 4.85 -4.66 -14.15
C7 NAG W . 1.34 -7.75 -9.36
C8 NAG W . 1.17 -8.96 -8.49
N2 NAG W . 2.49 -7.66 -10.02
O3 NAG W . 0.79 -6.61 -12.15
O4 NAG W . 2.20 -5.88 -14.54
O5 NAG W . 4.74 -5.50 -11.96
O6 NAG W . 4.92 -3.42 -13.48
O7 NAG W . 0.47 -6.89 -9.46
#